data_3EI4
#
_entry.id   3EI4
#
_cell.length_a   268.500
_cell.length_b   268.500
_cell.length_c   471.000
_cell.angle_alpha   90.00
_cell.angle_beta   90.00
_cell.angle_gamma   120.00
#
_symmetry.space_group_name_H-M   'H 3 2'
#
loop_
_entity.id
_entity.type
_entity.pdbx_description
1 polymer 'DNA damage-binding protein 1'
2 polymer 'DNA damage-binding protein 2'
#
loop_
_entity_poly.entity_id
_entity_poly.type
_entity_poly.pdbx_seq_one_letter_code
_entity_poly.pdbx_strand_id
1 'polypeptide(L)'
;MHHHHHHRRLVPRGSGGRMSYNYVVTAQKPTAVNGCVTGHFTSAEDLNLLIAKNTRLEIYVVTAEGLRPVKEVGMYGKIA
VMELFRPKGESKDLLFILTAKYNACILEYKQSGESIDIITRAHGNVQDRIGRPSETGIIGIIDPECRMIGLRLYDGLFKV
IPLDRDNKELKAFNIRLEELHVIDVKFLYGCQAPTICFVYQDPQGRHVKTYEVSLREKEFNKGPWKQENVEAEASMVIAV
PEPFGGAIIIGQESITYHNGDKYLAIAPPIIKQSTIVCHNRVDPNGSRYLLGDMEGRLFMLLLEKEEQMDGTVTLKDLRV
ELLGETSIAECLTYLDNGVVFVGSRLGDSQLVKLNVDSNEQGSYVVAMETFTNLGPIVDMCVVDLERQGQGQLVTCSGAF
KEGSLRIIRNGIGIHEHASIDLPGIKGLWPLRSDPNRETYDTLVLSFVGQTRVLMLNGEEVEETELMGFVDDQQTFFCGN
VAHQQLIQITSASVRLVSQEPKALVSEWKEPQAKNISVASCNSSQVVVAVGRALYYLQIHPQELRQISHTEMEHEVACLD
ITPLGDSNGLSPLCAIGLWTDISARILKLPSFELLHKEMLGGEIIPRSILMTTFESSHYLLCALGDGALFYFGLNIETGL
LSDRKKVTLGTQPTVLRTFRSLSTTNVFACSDRPTVIYSSNHKLVFSNVNLKEVNYMCPLNSDGYPDSLALANNSTLTIG
TIDEIQKLHIRTVPLYESPRKICYQEVSQCFGVLSSRIEVQDTSGGTTALRPSASTQALSSSVSSSKLFSSSTAPHETSF
GEEVEVHNLLIIDQHTFEVLHAHQFLQNEYALSLVSCKLGKDPNTYFIVGTAMVYPEEAEPKQGRIVVFQYSDGKLQTVA
EKEVKGAVYSMVEFNGKLLASINSTVRLYEWTTEKDVRTECNHYNNIMALYLKTKGDFILVGDLMRSVLLLAYKPMEGNF
EEIARDFNPNWMSAVEILDDDNFLGAENAFNLFVCQKDSAATTDEERQHLQEVGLFHLGEFVNVFCHGSLVMQNLGETST
PTQGSVLFGTVNGMIGLVTSLSESWYNLLLDMQNRLNKVIKSVGKIEHSFWRSFHTERKTEPATGFIDGDLIESFLDISR
PKMQEVVANLQYDDGSGMKREATADDLIKVVEELTRIH
;
A,C,E
2 'polypeptide(L)'
;MHHHHHHRRLVPRGSGGRQKTSEIVLRPRNKRSRSPLELEPEAKKLCAKGSGPSRRCDSDCLWVGLAGPQILPPCRSIVR
TLHQHKLGRASWPSVQQGLQQSFLHTLDSYRILQKAAPFDRRATSLAWHPTHPSTVAVGSKGGDIMLWNFGIKDKPTFIK
GIGAGGSITGLKFNPLNTNQFYASSMEGTTRLQDFKGNILRVFASSDTINIWFCSLDVSASSRMVVTGDNVGNVILLNMD
GKELWNLRMHKKKVTHVALNPCCDWFLATASVDQTVKIWDLRQVRGKASFLYSLPHRHPVNAACFSPDGARLLTTDQKSE
IRVYSASQWDCPLGLIPHPHRHFQHLTPIKAAWHPRYNLIVVGRYPDPNFKSCTPYELRTIDVFDGNSGKMMCQLYDPES
SGISSLNEFNPMGDTLASAMGYHILIWSQEEARTRK
;
B,D,F
#
# COMPACT_ATOMS: atom_id res chain seq x y z
N MET A 19 -38.81 -29.54 30.95
CA MET A 19 -39.48 -29.17 32.23
C MET A 19 -39.23 -27.71 32.65
N SER A 20 -39.92 -27.31 33.72
CA SER A 20 -39.94 -25.93 34.26
C SER A 20 -41.10 -25.05 33.75
N TYR A 21 -42.33 -25.44 34.09
CA TYR A 21 -43.48 -24.68 33.65
C TYR A 21 -44.25 -24.12 34.81
N ASN A 22 -44.63 -22.89 34.65
CA ASN A 22 -45.15 -22.13 35.77
C ASN A 22 -46.52 -21.49 35.54
N TYR A 23 -47.23 -21.31 36.64
CA TYR A 23 -48.57 -20.79 36.59
C TYR A 23 -48.65 -19.63 37.60
N VAL A 24 -49.05 -18.45 37.13
CA VAL A 24 -49.24 -17.31 38.01
C VAL A 24 -50.70 -16.91 38.04
N VAL A 25 -51.26 -16.88 39.24
CA VAL A 25 -52.68 -16.58 39.41
C VAL A 25 -52.85 -15.66 40.61
N THR A 26 -53.62 -14.59 40.41
CA THR A 26 -53.86 -13.60 41.45
C THR A 26 -54.82 -14.13 42.51
N ALA A 27 -54.28 -14.52 43.66
CA ALA A 27 -55.08 -14.57 44.87
C ALA A 27 -55.00 -13.17 45.40
N GLN A 28 -56.08 -12.72 46.02
CA GLN A 28 -56.27 -11.29 46.27
C GLN A 28 -56.27 -10.45 44.95
N LYS A 29 -55.64 -9.28 44.97
CA LYS A 29 -55.74 -8.29 43.91
C LYS A 29 -55.26 -7.08 44.61
N PRO A 30 -54.48 -6.23 43.92
CA PRO A 30 -53.93 -5.05 44.59
C PRO A 30 -55.02 -4.29 45.36
N THR A 31 -54.68 -3.83 46.55
CA THR A 31 -55.68 -3.14 47.36
C THR A 31 -55.32 -1.66 47.53
N ALA A 32 -54.10 -1.31 47.11
CA ALA A 32 -53.62 0.06 47.20
C ALA A 32 -54.17 0.96 46.08
N VAL A 33 -54.50 2.20 46.43
CA VAL A 33 -54.98 3.19 45.46
C VAL A 33 -53.78 3.92 44.86
N ASN A 34 -53.64 3.84 43.54
CA ASN A 34 -52.53 4.49 42.84
C ASN A 34 -52.96 5.80 42.19
N GLY A 35 -54.11 6.29 42.62
CA GLY A 35 -54.71 7.50 42.07
C GLY A 35 -56.21 7.34 41.93
N CYS A 36 -56.95 8.38 42.29
CA CYS A 36 -58.40 8.39 42.10
C CYS A 36 -58.87 9.71 41.50
N VAL A 37 -59.73 9.60 40.50
CA VAL A 37 -60.24 10.76 39.80
C VAL A 37 -61.78 10.79 39.88
N THR A 38 -62.31 12.01 39.81
CA THR A 38 -63.74 12.24 39.90
C THR A 38 -64.29 12.93 38.64
N GLY A 39 -65.58 12.75 38.36
CA GLY A 39 -66.20 13.33 37.16
C GLY A 39 -67.46 12.61 36.68
N HIS A 40 -67.83 12.84 35.43
CA HIS A 40 -69.09 12.31 34.91
C HIS A 40 -68.86 11.30 33.78
N PHE A 41 -68.27 10.17 34.17
CA PHE A 41 -67.89 9.13 33.22
C PHE A 41 -69.09 8.29 32.73
N THR A 42 -69.85 7.74 33.68
CA THR A 42 -71.00 6.89 33.41
C THR A 42 -72.13 7.63 32.72
N SER A 43 -72.65 8.67 33.35
CA SER A 43 -73.81 9.36 32.82
C SER A 43 -73.48 10.79 32.40
N ALA A 44 -73.78 11.73 33.29
CA ALA A 44 -73.65 13.16 33.07
C ALA A 44 -74.39 13.75 34.26
N GLU A 45 -75.55 13.15 34.55
CA GLU A 45 -76.29 13.42 35.78
C GLU A 45 -75.62 12.70 36.95
N ASP A 46 -74.85 11.67 36.63
CA ASP A 46 -74.07 10.93 37.63
C ASP A 46 -72.81 11.66 38.02
N LEU A 47 -72.49 11.59 39.31
CA LEU A 47 -71.14 11.89 39.78
C LEU A 47 -70.42 10.55 40.00
N ASN A 48 -69.36 10.33 39.24
CA ASN A 48 -68.59 9.11 39.33
C ASN A 48 -67.31 9.30 40.09
N LEU A 49 -66.89 8.23 40.76
CA LEU A 49 -65.54 8.15 41.29
C LEU A 49 -64.84 6.98 40.61
N LEU A 50 -63.62 7.24 40.12
CA LEU A 50 -62.80 6.20 39.50
C LEU A 50 -61.52 5.95 40.29
N ILE A 51 -61.38 4.72 40.79
CA ILE A 51 -60.19 4.34 41.52
C ILE A 51 -59.31 3.47 40.65
N ALA A 52 -58.02 3.79 40.61
CA ALA A 52 -57.01 2.90 39.98
C ALA A 52 -56.27 2.07 41.03
N LYS A 53 -56.32 0.74 40.90
CA LYS A 53 -55.66 -0.12 41.88
C LYS A 53 -54.28 -0.54 41.45
N ASN A 54 -54.15 -0.93 40.19
CA ASN A 54 -52.84 -1.05 39.57
C ASN A 54 -53.08 -1.41 38.13
N THR A 55 -53.71 -2.56 37.96
CA THR A 55 -54.15 -3.02 36.66
C THR A 55 -55.67 -2.93 36.67
N ARG A 56 -56.22 -2.48 37.80
CA ARG A 56 -57.66 -2.49 38.01
C ARG A 56 -58.26 -1.11 38.02
N LEU A 57 -59.35 -0.96 37.27
CA LEU A 57 -60.12 0.26 37.24
C LEU A 57 -61.50 0.03 37.83
N GLU A 58 -61.78 0.72 38.95
CA GLU A 58 -63.06 0.60 39.64
C GLU A 58 -63.88 1.86 39.47
N ILE A 59 -65.06 1.70 38.85
CA ILE A 59 -65.95 2.82 38.60
C ILE A 59 -67.13 2.77 39.58
N TYR A 60 -67.44 3.93 40.16
CA TYR A 60 -68.49 4.04 41.16
C TYR A 60 -69.42 5.19 40.86
N VAL A 61 -70.60 5.16 41.47
CA VAL A 61 -71.51 6.30 41.52
C VAL A 61 -71.68 6.71 42.97
N VAL A 62 -71.68 8.02 43.21
CA VAL A 62 -71.83 8.58 44.54
C VAL A 62 -73.29 8.76 44.91
N THR A 63 -73.78 7.92 45.81
CA THR A 63 -75.13 8.04 46.30
C THR A 63 -75.11 8.90 47.54
N ALA A 64 -76.30 9.34 47.98
CA ALA A 64 -76.48 10.14 49.18
C ALA A 64 -75.72 9.61 50.42
N GLU A 65 -75.59 8.29 50.51
CA GLU A 65 -74.99 7.64 51.68
C GLU A 65 -73.57 7.09 51.49
N GLY A 66 -73.20 6.75 50.25
CA GLY A 66 -71.86 6.21 49.98
C GLY A 66 -71.52 6.06 48.50
N LEU A 67 -70.88 4.94 48.16
CA LEU A 67 -70.56 4.59 46.79
C LEU A 67 -71.37 3.39 46.31
N ARG A 68 -71.80 3.40 45.06
CA ARG A 68 -72.45 2.24 44.46
C ARG A 68 -71.61 1.75 43.27
N PRO A 69 -71.06 0.53 43.37
CA PRO A 69 -70.14 -0.03 42.38
C PRO A 69 -70.84 -0.42 41.10
N VAL A 70 -70.41 0.14 39.98
CA VAL A 70 -71.06 -0.18 38.71
C VAL A 70 -70.26 -1.18 37.89
N LYS A 71 -68.93 -0.98 37.81
CA LYS A 71 -68.04 -1.84 37.04
C LYS A 71 -66.58 -1.78 37.51
N GLU A 72 -65.98 -2.96 37.69
CA GLU A 72 -64.52 -3.07 37.84
C GLU A 72 -63.92 -3.74 36.63
N VAL A 73 -62.94 -3.08 36.04
CA VAL A 73 -62.30 -3.57 34.85
C VAL A 73 -60.83 -3.84 35.13
N GLY A 74 -60.31 -4.91 34.52
CA GLY A 74 -58.89 -5.19 34.58
C GLY A 74 -58.25 -4.78 33.26
N MET A 75 -57.08 -4.16 33.36
CA MET A 75 -56.33 -3.72 32.20
C MET A 75 -54.99 -4.44 32.03
N TYR A 76 -54.61 -4.72 30.79
CA TYR A 76 -53.32 -5.30 30.51
C TYR A 76 -52.28 -4.19 30.58
N GLY A 77 -52.06 -3.65 31.78
CA GLY A 77 -51.10 -2.58 31.98
C GLY A 77 -51.15 -2.05 33.38
N LYS A 78 -50.09 -1.37 33.82
CA LYS A 78 -50.11 -0.66 35.10
C LYS A 78 -50.57 0.75 34.81
N ILE A 79 -51.67 1.15 35.44
CA ILE A 79 -52.30 2.42 35.11
C ILE A 79 -51.41 3.53 35.63
N ALA A 80 -50.91 4.35 34.73
CA ALA A 80 -49.97 5.41 35.09
C ALA A 80 -50.65 6.77 35.14
N VAL A 81 -51.36 7.12 34.06
CA VAL A 81 -52.18 8.32 34.06
C VAL A 81 -53.65 7.97 33.83
N MET A 82 -54.51 8.53 34.68
CA MET A 82 -55.95 8.28 34.60
C MET A 82 -56.68 9.58 34.74
N GLU A 83 -57.12 10.14 33.62
CA GLU A 83 -57.77 11.45 33.61
C GLU A 83 -59.09 11.51 32.87
N LEU A 84 -60.06 12.20 33.47
CA LEU A 84 -61.36 12.40 32.83
C LEU A 84 -61.37 13.74 32.11
N PHE A 85 -62.01 13.78 30.95
CA PHE A 85 -62.08 14.99 30.14
C PHE A 85 -63.33 15.00 29.25
N ARG A 86 -63.83 16.20 28.93
CA ARG A 86 -65.04 16.34 28.13
C ARG A 86 -64.74 17.15 26.88
N PRO A 87 -64.66 16.47 25.71
CA PRO A 87 -64.55 17.21 24.45
C PRO A 87 -65.89 17.85 24.08
N LYS A 88 -65.87 18.95 23.34
CA LYS A 88 -67.11 19.56 22.88
C LYS A 88 -67.89 18.60 21.98
N GLY A 89 -69.20 18.53 22.19
CA GLY A 89 -70.07 17.62 21.42
C GLY A 89 -70.00 16.20 21.94
N GLU A 90 -69.81 16.06 23.25
CA GLU A 90 -69.87 14.78 23.93
C GLU A 90 -70.80 14.92 25.15
N SER A 91 -71.79 14.05 25.21
CA SER A 91 -72.81 14.10 26.26
C SER A 91 -72.28 13.71 27.65
N LYS A 92 -71.08 13.12 27.69
CA LYS A 92 -70.45 12.69 28.94
C LYS A 92 -68.92 12.80 28.91
N ASP A 93 -68.29 12.70 30.08
CA ASP A 93 -66.82 12.67 30.21
C ASP A 93 -66.25 11.36 29.68
N LEU A 94 -65.18 11.49 28.92
CA LEU A 94 -64.38 10.33 28.49
C LEU A 94 -63.19 10.09 29.42
N LEU A 95 -62.62 8.88 29.33
CA LEU A 95 -61.47 8.52 30.14
C LEU A 95 -60.20 8.41 29.31
N PHE A 96 -59.10 8.95 29.80
CA PHE A 96 -57.79 8.76 29.20
C PHE A 96 -56.86 7.95 30.10
N ILE A 97 -56.34 6.86 29.57
CA ILE A 97 -55.44 6.01 30.34
C ILE A 97 -54.10 5.91 29.66
N LEU A 98 -53.05 6.05 30.47
CA LEU A 98 -51.69 5.72 30.05
C LEU A 98 -51.09 4.61 30.94
N THR A 99 -50.56 3.58 30.31
CA THR A 99 -49.94 2.47 31.00
C THR A 99 -48.53 2.87 31.23
N ALA A 100 -47.92 2.31 32.28
CA ALA A 100 -46.47 2.45 32.54
C ALA A 100 -45.58 1.82 31.44
N LYS A 101 -46.18 1.00 30.57
CA LYS A 101 -45.51 0.47 29.38
C LYS A 101 -45.83 1.34 28.17
N TYR A 102 -46.39 2.52 28.48
CA TYR A 102 -46.76 3.56 27.51
C TYR A 102 -47.94 3.22 26.56
N ASN A 103 -48.93 2.49 27.05
CA ASN A 103 -50.11 2.22 26.27
C ASN A 103 -51.10 3.32 26.57
N ALA A 104 -51.48 4.09 25.55
CA ALA A 104 -52.44 5.17 25.70
C ALA A 104 -53.76 4.76 25.11
N CYS A 105 -54.86 5.27 25.67
CA CYS A 105 -56.18 5.00 25.13
C CYS A 105 -57.22 5.96 25.68
N ILE A 106 -58.22 6.26 24.85
CA ILE A 106 -59.42 6.96 25.29
C ILE A 106 -60.54 5.94 25.46
N LEU A 107 -61.23 6.02 26.59
CA LEU A 107 -62.26 5.03 26.89
C LEU A 107 -63.62 5.67 27.17
N GLU A 108 -64.68 4.94 26.84
CA GLU A 108 -66.06 5.42 26.98
C GLU A 108 -67.00 4.38 27.62
N TYR A 109 -67.77 4.84 28.61
CA TYR A 109 -68.78 4.02 29.26
C TYR A 109 -69.98 3.85 28.33
N LYS A 110 -70.38 2.60 28.11
CA LYS A 110 -71.58 2.30 27.33
C LYS A 110 -72.40 1.20 27.99
N GLN A 111 -73.69 1.45 28.17
CA GLN A 111 -74.60 0.45 28.72
C GLN A 111 -75.68 0.07 27.70
N SER A 112 -75.60 -1.16 27.19
CA SER A 112 -76.59 -1.69 26.22
C SER A 112 -77.81 -2.27 26.94
N GLY A 113 -78.63 -1.39 27.49
CA GLY A 113 -79.73 -1.79 28.36
C GLY A 113 -79.17 -2.30 29.67
N GLU A 114 -78.70 -3.54 29.65
CA GLU A 114 -78.18 -4.21 30.85
C GLU A 114 -76.70 -4.63 30.74
N SER A 115 -76.13 -4.48 29.54
CA SER A 115 -74.72 -4.85 29.29
C SER A 115 -73.78 -3.65 29.47
N ILE A 116 -72.84 -3.77 30.41
CA ILE A 116 -71.84 -2.72 30.64
C ILE A 116 -70.64 -2.93 29.72
N ASP A 117 -70.23 -1.89 29.03
CA ASP A 117 -69.13 -2.00 28.08
C ASP A 117 -68.25 -0.78 28.12
N ILE A 118 -66.94 -1.01 28.20
CA ILE A 118 -65.97 0.05 28.05
C ILE A 118 -65.39 -0.11 26.65
N ILE A 119 -65.58 0.90 25.82
CA ILE A 119 -65.16 0.82 24.43
C ILE A 119 -63.93 1.67 24.18
N THR A 120 -63.00 1.13 23.40
CA THR A 120 -61.74 1.82 23.07
C THR A 120 -61.94 2.81 21.92
N ARG A 121 -62.10 4.09 22.26
CA ARG A 121 -62.27 5.11 21.25
C ARG A 121 -61.01 5.31 20.43
N ALA A 122 -59.93 5.70 21.10
CA ALA A 122 -58.63 5.82 20.45
C ALA A 122 -57.59 5.10 21.30
N HIS A 123 -56.60 4.52 20.64
CA HIS A 123 -55.55 3.78 21.36
C HIS A 123 -54.26 3.66 20.56
N GLY A 124 -53.14 3.68 21.27
CA GLY A 124 -51.81 3.49 20.69
C GLY A 124 -50.73 3.43 21.74
N ASN A 125 -49.54 2.97 21.35
CA ASN A 125 -48.38 2.95 22.24
C ASN A 125 -47.50 4.15 21.99
N VAL A 126 -47.62 5.13 22.87
CA VAL A 126 -47.06 6.46 22.61
C VAL A 126 -45.58 6.61 22.95
N GLN A 127 -44.92 5.50 23.29
CA GLN A 127 -43.50 5.53 23.67
C GLN A 127 -42.60 6.04 22.56
N ASP A 128 -41.53 6.75 22.93
CA ASP A 128 -40.49 7.10 21.99
C ASP A 128 -39.69 5.87 21.67
N ARG A 129 -38.90 5.93 20.62
CA ARG A 129 -38.12 4.75 20.25
C ARG A 129 -36.76 4.74 20.97
N ILE A 130 -36.61 5.67 21.92
CA ILE A 130 -35.40 5.84 22.74
C ILE A 130 -35.77 6.69 23.91
N GLY A 131 -34.95 6.67 24.95
CA GLY A 131 -35.16 7.61 26.04
C GLY A 131 -35.47 7.01 27.40
N ARG A 132 -34.79 7.54 28.40
CA ARG A 132 -34.86 7.05 29.77
C ARG A 132 -35.93 7.82 30.53
N PRO A 133 -36.80 7.09 31.22
CA PRO A 133 -37.85 7.67 32.04
C PRO A 133 -37.28 8.61 33.07
N SER A 134 -38.00 9.69 33.35
CA SER A 134 -37.58 10.67 34.34
C SER A 134 -37.67 10.08 35.72
N GLU A 135 -36.76 10.49 36.60
CA GLU A 135 -36.73 9.98 37.97
C GLU A 135 -38.07 10.24 38.68
N THR A 136 -38.71 11.33 38.28
CA THR A 136 -39.96 11.76 38.90
C THR A 136 -41.16 11.04 38.29
N GLY A 137 -40.92 10.22 37.27
CA GLY A 137 -41.95 9.37 36.69
C GLY A 137 -42.75 10.06 35.62
N ILE A 138 -43.75 9.36 35.09
CA ILE A 138 -44.61 9.88 34.01
C ILE A 138 -45.52 10.96 34.57
N ILE A 139 -45.61 12.09 33.88
CA ILE A 139 -46.63 13.08 34.20
C ILE A 139 -47.59 13.31 33.02
N GLY A 140 -48.88 13.12 33.28
CA GLY A 140 -49.91 13.33 32.25
C GLY A 140 -50.85 14.45 32.65
N ILE A 141 -51.09 15.36 31.71
CA ILE A 141 -52.05 16.44 31.90
C ILE A 141 -52.91 16.65 30.65
N ILE A 142 -54.16 17.06 30.86
CA ILE A 142 -55.07 17.34 29.75
C ILE A 142 -55.46 18.82 29.68
N ASP A 143 -55.39 19.38 28.48
CA ASP A 143 -55.78 20.76 28.24
C ASP A 143 -57.15 21.03 28.85
N PRO A 144 -57.30 22.16 29.59
CA PRO A 144 -58.58 22.52 30.18
C PRO A 144 -59.69 22.71 29.15
N GLU A 145 -59.34 22.74 27.88
CA GLU A 145 -60.31 22.83 26.80
C GLU A 145 -60.27 21.59 25.93
N CYS A 146 -59.71 20.50 26.47
CA CYS A 146 -59.56 19.22 25.78
C CYS A 146 -59.00 19.33 24.37
N ARG A 147 -58.23 20.38 24.13
CA ARG A 147 -57.63 20.57 22.82
C ARG A 147 -56.54 19.52 22.59
N MET A 148 -55.70 19.29 23.60
CA MET A 148 -54.63 18.27 23.49
C MET A 148 -54.25 17.56 24.78
N ILE A 149 -53.51 16.46 24.65
CA ILE A 149 -52.88 15.76 25.77
C ILE A 149 -51.37 16.05 25.81
N GLY A 150 -50.87 16.39 26.99
CA GLY A 150 -49.45 16.67 27.16
C GLY A 150 -48.86 15.76 28.20
N LEU A 151 -47.76 15.10 27.86
CA LEU A 151 -47.06 14.21 28.79
C LEU A 151 -45.56 14.46 28.88
N ARG A 152 -45.02 14.19 30.06
CA ARG A 152 -43.59 14.21 30.30
C ARG A 152 -43.14 12.78 30.54
N LEU A 153 -42.52 12.17 29.53
CA LEU A 153 -42.10 10.77 29.65
C LEU A 153 -40.65 10.70 30.00
N TYR A 154 -39.85 11.53 29.34
CA TYR A 154 -38.42 11.53 29.51
C TYR A 154 -37.93 12.94 29.77
N ASP A 155 -36.71 13.08 30.26
CA ASP A 155 -36.17 14.38 30.56
C ASP A 155 -35.84 15.19 29.33
N GLY A 156 -36.28 16.44 29.32
CA GLY A 156 -35.98 17.34 28.22
C GLY A 156 -36.83 17.14 26.97
N LEU A 157 -37.94 16.43 27.10
CA LEU A 157 -38.91 16.38 26.03
C LEU A 157 -40.30 16.53 26.61
N PHE A 158 -41.15 17.28 25.90
CA PHE A 158 -42.57 17.30 26.20
C PHE A 158 -43.33 16.63 25.06
N LYS A 159 -44.14 15.64 25.43
CA LYS A 159 -44.90 14.84 24.48
C LYS A 159 -46.29 15.43 24.33
N VAL A 160 -46.71 15.64 23.09
CA VAL A 160 -48.05 16.16 22.83
C VAL A 160 -48.82 15.22 21.90
N ILE A 161 -49.99 14.78 22.36
CA ILE A 161 -50.93 14.07 21.52
C ILE A 161 -51.99 15.06 21.07
N PRO A 162 -52.06 15.32 19.75
CA PRO A 162 -53.15 16.13 19.23
C PRO A 162 -54.46 15.37 19.49
N LEU A 163 -55.18 15.81 20.52
CA LEU A 163 -56.44 15.20 20.90
C LEU A 163 -57.57 15.76 20.03
N ASP A 164 -57.48 17.06 19.75
CA ASP A 164 -58.45 17.75 18.89
C ASP A 164 -58.66 17.05 17.55
N ARG A 165 -59.93 16.95 17.16
CA ARG A 165 -60.35 16.27 15.94
C ARG A 165 -60.00 14.77 15.91
N ASP A 166 -60.37 14.12 14.82
CA ASP A 166 -60.22 12.69 14.69
C ASP A 166 -58.76 12.30 14.49
N ASN A 167 -58.17 11.80 15.58
CA ASN A 167 -56.85 11.19 15.58
C ASN A 167 -56.95 9.92 16.44
N LYS A 168 -57.07 8.78 15.77
CA LYS A 168 -57.52 7.54 16.44
C LYS A 168 -56.44 6.55 16.86
N GLU A 169 -55.24 6.64 16.27
CA GLU A 169 -54.09 5.83 16.72
C GLU A 169 -53.26 6.57 17.78
N LEU A 170 -53.71 7.77 18.13
CA LEU A 170 -53.08 8.65 19.14
C LEU A 170 -51.64 9.05 18.80
N LYS A 171 -51.36 9.17 17.51
CA LYS A 171 -50.10 9.67 17.00
C LYS A 171 -49.71 10.91 17.78
N ALA A 172 -48.43 11.07 18.07
CA ALA A 172 -47.98 12.18 18.92
C ALA A 172 -46.63 12.74 18.50
N PHE A 173 -46.45 14.04 18.71
CA PHE A 173 -45.16 14.70 18.44
C PHE A 173 -44.51 15.13 19.75
N ASN A 174 -43.24 15.49 19.66
CA ASN A 174 -42.44 15.93 20.81
C ASN A 174 -41.96 17.37 20.69
N ILE A 175 -41.87 18.07 21.82
CA ILE A 175 -41.27 19.39 21.83
C ILE A 175 -40.02 19.34 22.72
N ARG A 176 -38.92 19.95 22.26
CA ARG A 176 -37.71 20.06 23.06
C ARG A 176 -37.95 21.00 24.23
N LEU A 177 -37.47 20.61 25.40
CA LEU A 177 -37.78 21.28 26.64
C LEU A 177 -36.51 21.65 27.37
N GLU A 178 -35.89 22.77 26.99
CA GLU A 178 -34.64 23.23 27.60
C GLU A 178 -34.55 23.08 29.12
N GLU A 179 -35.69 23.18 29.81
CA GLU A 179 -35.74 22.86 31.23
C GLU A 179 -35.74 21.36 31.41
N LEU A 180 -34.55 20.82 31.64
CA LEU A 180 -34.31 19.38 31.73
C LEU A 180 -35.09 18.72 32.89
N HIS A 181 -34.84 19.20 34.11
CA HIS A 181 -35.42 18.61 35.32
C HIS A 181 -36.74 19.25 35.76
N VAL A 182 -37.84 18.66 35.29
CA VAL A 182 -39.18 19.16 35.56
C VAL A 182 -39.75 18.51 36.81
N ILE A 183 -40.24 19.34 37.74
CA ILE A 183 -40.78 18.81 38.97
C ILE A 183 -42.28 18.50 38.87
N ASP A 184 -43.05 19.42 38.29
CA ASP A 184 -44.48 19.20 38.08
C ASP A 184 -45.08 20.12 37.00
N VAL A 185 -45.85 19.55 36.09
CA VAL A 185 -46.59 20.36 35.12
C VAL A 185 -48.07 20.27 35.33
N LYS A 186 -48.74 21.36 34.95
CA LYS A 186 -50.20 21.43 34.87
C LYS A 186 -50.56 22.50 33.83
N PHE A 187 -51.67 22.28 33.13
CA PHE A 187 -52.18 23.25 32.18
C PHE A 187 -52.95 24.34 32.90
N LEU A 188 -52.65 25.59 32.57
CA LEU A 188 -53.33 26.73 33.17
C LEU A 188 -54.73 26.95 32.58
N TYR A 189 -55.60 27.52 33.40
CA TYR A 189 -56.96 27.81 32.99
C TYR A 189 -57.08 29.21 32.40
N GLY A 190 -57.84 29.33 31.32
CA GLY A 190 -58.21 30.64 30.79
C GLY A 190 -57.06 31.45 30.22
N CYS A 191 -56.50 30.96 29.12
CA CYS A 191 -55.51 31.71 28.35
C CYS A 191 -55.81 31.49 26.89
N GLN A 192 -55.49 32.48 26.05
CA GLN A 192 -55.86 32.44 24.63
C GLN A 192 -55.17 31.34 23.83
N ALA A 193 -54.30 30.58 24.47
CA ALA A 193 -53.67 29.39 23.89
C ALA A 193 -53.43 28.38 24.99
N PRO A 194 -53.32 27.07 24.64
CA PRO A 194 -52.95 26.11 25.67
C PRO A 194 -51.68 26.58 26.35
N THR A 195 -51.79 26.84 27.64
CA THR A 195 -50.70 27.43 28.38
C THR A 195 -50.31 26.53 29.54
N ILE A 196 -49.06 26.06 29.46
CA ILE A 196 -48.51 25.09 30.41
C ILE A 196 -47.64 25.77 31.44
N CYS A 197 -47.75 25.30 32.69
CA CYS A 197 -47.05 25.89 33.81
C CYS A 197 -46.34 24.80 34.60
N PHE A 198 -45.07 25.03 34.91
CA PHE A 198 -44.27 24.02 35.60
C PHE A 198 -43.19 24.57 36.52
N VAL A 199 -42.91 23.83 37.58
CA VAL A 199 -41.74 24.05 38.40
C VAL A 199 -40.66 23.13 37.87
N TYR A 200 -39.46 23.67 37.73
CA TYR A 200 -38.30 22.91 37.27
C TYR A 200 -37.12 23.04 38.21
N GLN A 201 -36.00 22.43 37.87
CA GLN A 201 -34.80 22.56 38.68
C GLN A 201 -33.54 22.67 37.85
N ASP A 202 -32.71 23.64 38.23
CA ASP A 202 -31.40 23.91 37.65
C ASP A 202 -30.40 24.15 38.80
N PRO A 203 -29.12 24.46 38.48
CA PRO A 203 -28.13 24.76 39.53
C PRO A 203 -28.53 25.93 40.43
N GLN A 204 -29.45 26.77 39.98
CA GLN A 204 -29.88 27.96 40.73
C GLN A 204 -30.90 27.66 41.82
N GLY A 205 -31.61 26.54 41.69
CA GLY A 205 -32.66 26.15 42.62
C GLY A 205 -33.85 25.65 41.84
N ARG A 206 -35.05 25.98 42.32
CA ARG A 206 -36.27 25.63 41.62
C ARG A 206 -37.03 26.87 41.23
N HIS A 207 -37.57 26.88 40.02
CA HIS A 207 -38.26 28.06 39.52
C HIS A 207 -39.52 27.64 38.80
N VAL A 208 -40.52 28.53 38.78
CA VAL A 208 -41.70 28.33 37.97
C VAL A 208 -41.54 29.07 36.66
N LYS A 209 -41.80 28.37 35.56
CA LYS A 209 -41.77 28.94 34.22
C LYS A 209 -43.04 28.51 33.48
N THR A 210 -43.38 29.22 32.39
CA THR A 210 -44.56 28.92 31.60
C THR A 210 -44.31 29.03 30.09
N TYR A 211 -44.99 28.19 29.32
CA TYR A 211 -44.92 28.24 27.85
C TYR A 211 -46.31 28.13 27.22
N GLU A 212 -46.37 28.38 25.91
CA GLU A 212 -47.58 28.12 25.19
C GLU A 212 -47.35 27.02 24.17
N VAL A 213 -48.30 26.11 24.08
CA VAL A 213 -48.22 24.98 23.18
C VAL A 213 -49.07 25.25 21.94
N SER A 214 -48.44 25.30 20.78
CA SER A 214 -49.18 25.42 19.54
C SER A 214 -49.04 24.15 18.71
N LEU A 215 -50.10 23.35 18.73
CA LEU A 215 -50.28 22.20 17.84
C LEU A 215 -50.03 22.62 16.39
N ARG A 216 -50.29 23.90 16.12
CA ARG A 216 -50.16 24.52 14.80
C ARG A 216 -48.75 24.41 14.25
N GLU A 217 -47.78 24.90 15.02
CA GLU A 217 -46.38 24.93 14.61
C GLU A 217 -45.52 23.86 15.31
N LYS A 218 -46.05 23.28 16.39
CA LYS A 218 -45.39 22.19 17.14
C LYS A 218 -44.16 22.65 17.90
N GLU A 219 -44.36 23.55 18.86
CA GLU A 219 -43.27 24.11 19.66
C GLU A 219 -43.87 24.97 20.76
N PHE A 220 -43.03 25.32 21.74
CA PHE A 220 -43.47 26.24 22.79
C PHE A 220 -43.45 27.65 22.26
N ASN A 221 -44.10 28.58 22.94
CA ASN A 221 -44.09 29.96 22.46
C ASN A 221 -43.78 31.03 23.51
N LYS A 222 -44.18 30.78 24.75
CA LYS A 222 -43.90 31.66 25.91
C LYS A 222 -45.17 32.06 26.61
N GLY A 223 -45.18 31.83 27.93
CA GLY A 223 -46.37 32.04 28.73
C GLY A 223 -46.63 33.49 29.05
N PRO A 224 -47.63 33.73 29.91
CA PRO A 224 -48.08 35.06 30.31
C PRO A 224 -47.12 35.75 31.29
N TRP A 225 -46.07 35.06 31.72
CA TRP A 225 -45.00 35.69 32.52
C TRP A 225 -43.68 34.93 32.47
N LYS A 226 -42.57 35.67 32.42
CA LYS A 226 -41.25 35.07 32.15
C LYS A 226 -40.84 33.96 33.12
N GLN A 227 -40.85 34.26 34.43
CA GLN A 227 -40.58 33.26 35.48
C GLN A 227 -40.37 33.86 36.88
N GLU A 228 -40.33 32.98 37.86
CA GLU A 228 -40.16 33.37 39.26
C GLU A 228 -39.24 32.38 39.98
N ASN A 229 -38.53 32.85 40.99
CA ASN A 229 -37.88 31.96 41.94
C ASN A 229 -38.94 31.30 42.78
N VAL A 230 -38.75 30.05 43.11
CA VAL A 230 -39.76 29.32 43.86
C VAL A 230 -39.16 28.68 45.09
N GLU A 231 -39.93 28.73 46.18
CA GLU A 231 -39.59 28.07 47.42
C GLU A 231 -38.76 26.82 47.13
N ALA A 232 -37.62 26.71 47.82
CA ALA A 232 -36.61 25.68 47.59
C ALA A 232 -37.09 24.24 47.31
N GLU A 233 -38.22 23.84 47.89
CA GLU A 233 -38.71 22.47 47.78
C GLU A 233 -40.16 22.35 47.25
N ALA A 234 -40.41 23.03 46.13
CA ALA A 234 -41.74 23.14 45.56
C ALA A 234 -42.15 21.94 44.74
N SER A 235 -43.08 21.14 45.23
CA SER A 235 -43.43 19.88 44.55
C SER A 235 -44.74 19.87 43.75
N MET A 236 -45.72 20.64 44.17
CA MET A 236 -47.05 20.62 43.56
C MET A 236 -47.32 21.86 42.71
N VAL A 237 -48.12 21.68 41.65
CA VAL A 237 -48.56 22.79 40.80
C VAL A 237 -50.06 22.68 40.56
N ILE A 238 -50.83 23.51 41.25
CA ILE A 238 -52.28 23.44 41.11
C ILE A 238 -52.82 24.48 40.16
N ALA A 239 -53.54 24.03 39.15
CA ALA A 239 -54.23 24.91 38.22
C ALA A 239 -55.53 25.42 38.87
N VAL A 240 -55.63 26.72 39.05
CA VAL A 240 -56.84 27.30 39.64
C VAL A 240 -57.82 27.64 38.51
N PRO A 241 -59.12 27.27 38.66
CA PRO A 241 -60.19 27.48 37.67
C PRO A 241 -60.53 28.94 37.35
N GLU A 242 -61.57 29.12 36.53
CA GLU A 242 -61.86 30.40 35.87
C GLU A 242 -61.94 31.67 36.74
N PRO A 243 -62.69 31.64 37.86
CA PRO A 243 -62.89 32.87 38.66
C PRO A 243 -61.61 33.55 39.16
N PHE A 244 -60.54 32.76 39.28
CA PHE A 244 -59.24 33.31 39.62
C PHE A 244 -58.35 33.09 38.39
N GLY A 245 -57.85 31.87 38.24
CA GLY A 245 -57.13 31.51 37.03
C GLY A 245 -55.64 31.33 37.20
N GLY A 246 -55.15 31.50 38.42
CA GLY A 246 -53.73 31.36 38.70
C GLY A 246 -53.24 29.93 38.90
N ALA A 247 -52.14 29.82 39.64
CA ALA A 247 -51.58 28.54 40.03
C ALA A 247 -51.15 28.56 41.48
N ILE A 248 -51.44 27.49 42.19
CA ILE A 248 -50.95 27.32 43.54
C ILE A 248 -49.72 26.42 43.46
N ILE A 249 -48.68 26.82 44.18
CA ILE A 249 -47.44 26.03 44.27
C ILE A 249 -47.14 25.62 45.71
N ILE A 250 -47.23 24.33 46.01
CA ILE A 250 -47.04 23.87 47.38
C ILE A 250 -45.65 23.32 47.55
N GLY A 251 -45.08 23.49 48.75
CA GLY A 251 -43.83 22.84 49.12
C GLY A 251 -43.80 22.38 50.56
N GLN A 252 -42.63 22.45 51.17
CA GLN A 252 -42.54 22.33 52.60
C GLN A 252 -42.56 23.76 53.05
N GLU A 253 -43.11 24.00 54.23
CA GLU A 253 -43.14 25.34 54.86
C GLU A 253 -43.69 26.54 54.06
N SER A 254 -44.22 26.32 52.85
CA SER A 254 -44.73 27.43 52.06
C SER A 254 -45.77 27.07 50.99
N ILE A 255 -46.78 27.93 50.88
CA ILE A 255 -47.78 27.87 49.82
C ILE A 255 -47.84 29.23 49.14
N THR A 256 -47.79 29.21 47.81
CA THR A 256 -47.78 30.44 47.03
C THR A 256 -48.86 30.45 45.96
N TYR A 257 -49.37 31.64 45.66
CA TYR A 257 -50.26 31.85 44.53
C TYR A 257 -49.52 32.66 43.48
N HIS A 258 -49.54 32.17 42.23
CA HIS A 258 -49.02 32.94 41.11
C HIS A 258 -50.09 33.04 40.02
N ASN A 259 -50.55 34.27 39.74
CA ASN A 259 -51.53 34.49 38.67
C ASN A 259 -50.86 34.99 37.40
N GLY A 260 -49.70 35.63 37.57
CA GLY A 260 -48.97 36.18 36.46
C GLY A 260 -48.98 37.67 36.55
N ASP A 261 -48.08 38.18 37.38
CA ASP A 261 -48.05 39.59 37.82
C ASP A 261 -48.43 39.55 39.30
N LYS A 262 -49.53 38.87 39.61
CA LYS A 262 -49.95 38.71 40.98
C LYS A 262 -49.21 37.56 41.63
N TYR A 263 -48.62 37.86 42.78
CA TYR A 263 -47.91 36.90 43.61
C TYR A 263 -48.29 37.13 45.07
N LEU A 264 -48.63 36.06 45.78
CA LEU A 264 -49.01 36.13 47.18
C LEU A 264 -48.67 34.81 47.81
N ALA A 265 -47.98 34.85 48.95
CA ALA A 265 -47.49 33.63 49.58
C ALA A 265 -47.65 33.63 51.09
N ILE A 266 -47.80 32.44 51.66
CA ILE A 266 -47.80 32.27 53.11
C ILE A 266 -46.99 31.06 53.54
N ALA A 267 -46.54 31.08 54.79
CA ALA A 267 -45.71 30.01 55.32
C ALA A 267 -46.21 29.49 56.67
N PRO A 268 -47.44 28.98 56.71
CA PRO A 268 -48.03 28.58 57.99
C PRO A 268 -47.14 27.59 58.74
N PRO A 269 -46.99 27.78 60.06
CA PRO A 269 -46.13 26.94 60.91
C PRO A 269 -46.53 25.45 60.86
N ILE A 270 -47.82 25.18 60.70
CA ILE A 270 -48.29 23.80 60.71
C ILE A 270 -48.16 23.19 59.32
N ILE A 271 -46.94 23.19 58.80
CA ILE A 271 -46.61 22.43 57.60
C ILE A 271 -45.24 21.83 57.84
N LYS A 272 -44.48 22.50 58.68
CA LYS A 272 -43.13 22.10 59.03
C LYS A 272 -43.01 20.70 59.66
N GLN A 273 -44.13 20.02 59.90
CA GLN A 273 -44.05 18.68 60.49
C GLN A 273 -43.87 17.60 59.43
N SER A 274 -44.67 17.62 58.37
CA SER A 274 -44.38 16.80 57.20
C SER A 274 -44.79 17.43 55.87
N THR A 275 -44.21 16.91 54.80
CA THR A 275 -44.43 17.37 53.44
C THR A 275 -45.86 17.11 52.97
N ILE A 276 -46.33 17.94 52.07
CA ILE A 276 -47.64 17.79 51.51
C ILE A 276 -47.53 16.93 50.25
N VAL A 277 -48.12 15.74 50.32
CA VAL A 277 -48.09 14.79 49.22
C VAL A 277 -49.16 15.11 48.17
N CYS A 278 -50.39 15.39 48.61
CA CYS A 278 -51.52 15.54 47.67
C CYS A 278 -52.49 16.66 47.97
N HIS A 279 -53.06 17.19 46.89
CA HIS A 279 -54.04 18.24 46.96
C HIS A 279 -55.30 17.75 46.25
N ASN A 280 -56.35 18.57 46.29
CA ASN A 280 -57.59 18.31 45.58
C ASN A 280 -58.50 19.51 45.71
N ARG A 281 -59.09 19.92 44.60
CA ARG A 281 -60.07 21.00 44.60
C ARG A 281 -61.43 20.61 45.21
N VAL A 282 -61.96 21.46 46.08
CA VAL A 282 -63.27 21.21 46.68
C VAL A 282 -64.38 21.89 45.89
N ASP A 283 -64.15 23.15 45.53
CA ASP A 283 -65.17 23.99 44.93
C ASP A 283 -64.90 24.21 43.46
N PRO A 284 -65.90 23.95 42.60
CA PRO A 284 -65.72 24.07 41.15
C PRO A 284 -65.09 25.39 40.70
N ASN A 285 -65.35 26.47 41.44
CA ASN A 285 -64.78 27.78 41.16
C ASN A 285 -63.31 27.85 41.57
N GLY A 286 -62.95 27.08 42.58
CA GLY A 286 -61.58 27.02 43.06
C GLY A 286 -61.44 27.80 44.35
N SER A 287 -62.51 27.82 45.13
CA SER A 287 -62.51 28.58 46.36
C SER A 287 -61.60 27.88 47.38
N ARG A 288 -61.79 26.58 47.55
CA ARG A 288 -61.12 25.80 48.59
C ARG A 288 -60.44 24.55 48.03
N TYR A 289 -59.38 24.14 48.71
CA TYR A 289 -58.60 22.95 48.33
C TYR A 289 -58.29 22.08 49.51
N LEU A 290 -58.28 20.78 49.28
CA LEU A 290 -57.95 19.81 50.31
C LEU A 290 -56.46 19.44 50.25
N LEU A 291 -55.80 19.39 51.40
CA LEU A 291 -54.38 19.09 51.42
C LEU A 291 -54.04 17.93 52.32
N GLY A 292 -53.65 16.84 51.71
CA GLY A 292 -53.28 15.61 52.40
C GLY A 292 -51.82 15.75 52.72
N ASP A 293 -51.44 15.14 53.84
CA ASP A 293 -50.13 15.36 54.42
C ASP A 293 -49.13 14.30 54.03
N MET A 294 -48.60 13.62 55.03
CA MET A 294 -47.66 12.52 54.91
C MET A 294 -47.67 11.89 56.29
N GLU A 295 -47.92 12.73 57.29
CA GLU A 295 -48.21 12.27 58.62
C GLU A 295 -49.62 11.70 58.67
N GLY A 296 -50.39 11.99 57.63
CA GLY A 296 -51.79 11.58 57.57
C GLY A 296 -52.70 12.67 58.08
N ARG A 297 -52.34 13.91 57.77
CA ARG A 297 -53.17 15.05 58.11
C ARG A 297 -54.06 15.46 56.96
N LEU A 298 -55.03 16.30 57.29
CA LEU A 298 -55.88 16.87 56.28
C LEU A 298 -56.10 18.33 56.58
N PHE A 299 -55.72 19.16 55.61
CA PHE A 299 -55.84 20.61 55.71
C PHE A 299 -56.86 21.13 54.74
N MET A 300 -57.49 22.24 55.09
CA MET A 300 -58.29 22.97 54.13
C MET A 300 -57.55 24.22 53.73
N LEU A 301 -57.36 24.37 52.43
CA LEU A 301 -56.80 25.57 51.87
C LEU A 301 -57.96 26.50 51.50
N LEU A 302 -57.82 27.77 51.84
CA LEU A 302 -58.86 28.77 51.62
C LEU A 302 -58.31 29.93 50.82
N LEU A 303 -58.90 30.18 49.67
CA LEU A 303 -58.54 31.33 48.86
C LEU A 303 -59.47 32.52 49.12
N GLU A 304 -58.92 33.55 49.76
CA GLU A 304 -59.70 34.71 50.19
C GLU A 304 -60.19 35.56 49.02
N LYS A 305 -61.47 35.41 48.68
CA LYS A 305 -62.09 36.23 47.65
C LYS A 305 -62.28 37.66 48.14
N GLU A 306 -61.81 38.61 47.35
CA GLU A 306 -61.98 40.03 47.63
C GLU A 306 -62.65 40.71 46.44
N GLU A 307 -63.96 40.92 46.55
CA GLU A 307 -64.68 41.68 45.55
C GLU A 307 -64.40 43.16 45.80
N GLN A 308 -64.03 43.89 44.78
CA GLN A 308 -63.23 45.08 44.95
C GLN A 308 -64.15 46.20 44.70
N MET A 309 -64.56 46.38 43.47
CA MET A 309 -65.66 47.26 43.27
C MET A 309 -66.25 47.44 41.94
N ASP A 310 -65.46 47.86 40.97
CA ASP A 310 -65.66 47.44 39.59
C ASP A 310 -64.70 46.29 39.36
N GLY A 311 -63.40 46.56 39.38
CA GLY A 311 -62.57 45.59 38.70
C GLY A 311 -62.49 44.33 39.52
N THR A 312 -63.49 44.09 40.34
CA THR A 312 -64.13 42.80 40.42
C THR A 312 -63.12 41.79 40.90
N VAL A 313 -63.51 40.54 40.99
CA VAL A 313 -62.87 39.60 41.92
C VAL A 313 -61.34 39.59 41.90
N THR A 314 -60.74 39.80 43.07
CA THR A 314 -59.28 39.75 43.24
C THR A 314 -58.90 38.89 44.47
N LEU A 315 -57.75 38.22 44.44
CA LEU A 315 -57.35 37.40 45.60
C LEU A 315 -56.75 38.24 46.71
N LYS A 316 -57.35 38.16 47.90
CA LYS A 316 -56.91 38.91 49.06
C LYS A 316 -55.78 38.19 49.80
N ASP A 317 -55.97 36.90 50.06
CA ASP A 317 -55.10 36.17 50.97
C ASP A 317 -55.26 34.66 50.83
N LEU A 318 -54.38 33.93 51.51
CA LEU A 318 -54.39 32.48 51.60
C LEU A 318 -54.43 32.12 53.08
N ARG A 319 -55.24 31.15 53.46
CA ARG A 319 -55.22 30.64 54.84
C ARG A 319 -55.47 29.15 54.85
N VAL A 320 -54.77 28.46 55.74
CA VAL A 320 -54.86 27.01 55.86
C VAL A 320 -55.29 26.63 57.26
N GLU A 321 -56.12 25.60 57.38
CA GLU A 321 -56.60 25.16 58.67
C GLU A 321 -56.62 23.64 58.72
N LEU A 322 -55.98 23.10 59.75
CA LEU A 322 -56.01 21.67 60.00
C LEU A 322 -57.42 21.21 60.31
N LEU A 323 -57.89 20.20 59.58
CA LEU A 323 -59.22 19.66 59.78
C LEU A 323 -59.17 18.42 60.69
N GLY A 324 -58.03 17.73 60.64
CA GLY A 324 -57.82 16.55 61.46
C GLY A 324 -57.04 15.52 60.70
N GLU A 325 -56.96 14.31 61.26
CA GLU A 325 -56.14 13.26 60.69
C GLU A 325 -56.92 12.15 59.98
N THR A 326 -56.50 11.90 58.75
CA THR A 326 -56.97 10.80 57.94
C THR A 326 -55.92 9.68 58.01
N SER A 327 -56.07 8.63 57.21
CA SER A 327 -55.00 7.67 57.02
C SER A 327 -54.10 8.25 55.93
N ILE A 328 -52.84 7.85 55.92
CA ILE A 328 -51.83 8.39 55.01
C ILE A 328 -52.23 8.34 53.53
N ALA A 329 -52.51 9.52 52.97
CA ALA A 329 -53.20 9.63 51.66
C ALA A 329 -52.30 9.72 50.41
N GLU A 330 -52.49 8.80 49.46
CA GLU A 330 -51.75 8.85 48.21
C GLU A 330 -52.38 9.81 47.25
N CYS A 331 -53.64 10.10 47.50
CA CYS A 331 -54.39 11.08 46.74
C CYS A 331 -55.73 11.15 47.43
N LEU A 332 -56.46 12.22 47.16
CA LEU A 332 -57.83 12.30 47.66
C LEU A 332 -58.68 13.11 46.72
N THR A 333 -59.96 12.76 46.68
CA THR A 333 -60.98 13.58 46.04
C THR A 333 -62.18 13.76 46.98
N TYR A 334 -62.57 15.01 47.15
CA TYR A 334 -63.81 15.37 47.79
C TYR A 334 -64.93 14.97 46.84
N LEU A 335 -66.01 14.47 47.38
CA LEU A 335 -67.11 13.98 46.58
C LEU A 335 -68.25 14.99 46.56
N ASP A 336 -69.06 15.01 47.62
CA ASP A 336 -70.01 16.09 47.88
C ASP A 336 -70.65 15.88 49.24
N ASN A 337 -71.27 16.94 49.75
CA ASN A 337 -71.89 16.95 51.08
C ASN A 337 -70.88 16.70 52.21
N GLY A 338 -69.63 17.09 51.98
CA GLY A 338 -68.57 16.95 52.96
C GLY A 338 -68.02 15.54 53.07
N VAL A 339 -68.29 14.74 52.04
CA VAL A 339 -67.79 13.37 51.96
C VAL A 339 -66.51 13.37 51.11
N VAL A 340 -65.44 12.77 51.63
CA VAL A 340 -64.18 12.69 50.90
C VAL A 340 -63.64 11.28 50.79
N PHE A 341 -63.08 10.97 49.63
CA PHE A 341 -62.43 9.70 49.47
C PHE A 341 -60.94 9.78 49.60
N VAL A 342 -60.40 8.99 50.52
CA VAL A 342 -58.98 8.99 50.82
C VAL A 342 -58.32 7.80 50.15
N GLY A 343 -57.53 8.07 49.12
CA GLY A 343 -56.81 7.02 48.40
C GLY A 343 -55.46 6.73 49.06
N SER A 344 -55.43 5.72 49.91
CA SER A 344 -54.22 5.38 50.66
C SER A 344 -53.51 4.18 50.08
N ARG A 345 -52.18 4.23 50.14
CA ARG A 345 -51.36 3.15 49.63
C ARG A 345 -50.58 2.52 50.75
N LEU A 346 -50.50 3.25 51.85
CA LEU A 346 -49.74 2.77 53.01
C LEU A 346 -50.61 2.09 54.05
N GLY A 347 -51.90 2.42 54.04
CA GLY A 347 -52.87 1.80 54.92
C GLY A 347 -54.23 1.73 54.25
N ASP A 348 -55.27 1.47 55.04
CA ASP A 348 -56.63 1.31 54.52
C ASP A 348 -57.10 2.61 53.93
N SER A 349 -57.53 2.57 52.68
CA SER A 349 -58.18 3.73 52.08
C SER A 349 -59.51 3.89 52.78
N GLN A 350 -60.08 5.09 52.69
CA GLN A 350 -61.31 5.35 53.42
C GLN A 350 -62.25 6.40 52.80
N LEU A 351 -63.40 6.57 53.45
CA LEU A 351 -64.39 7.52 53.06
C LEU A 351 -64.74 8.30 54.32
N VAL A 352 -64.63 9.63 54.26
CA VAL A 352 -64.77 10.46 55.47
C VAL A 352 -65.77 11.61 55.37
N LYS A 353 -66.35 11.99 56.51
CA LYS A 353 -67.21 13.15 56.59
C LYS A 353 -66.45 14.31 57.21
N LEU A 354 -66.67 15.51 56.67
CA LEU A 354 -66.08 16.74 57.19
C LEU A 354 -67.10 17.59 57.95
N ASN A 355 -66.62 18.38 58.90
CA ASN A 355 -67.49 19.17 59.75
C ASN A 355 -67.37 20.67 59.57
N VAL A 356 -68.48 21.37 59.78
CA VAL A 356 -68.50 22.85 59.90
C VAL A 356 -67.97 23.30 61.27
N ASP A 357 -68.45 22.64 62.34
CA ASP A 357 -67.99 22.88 63.71
C ASP A 357 -67.38 21.58 64.26
N SER A 358 -66.12 21.66 64.69
CA SER A 358 -65.37 20.48 65.17
C SER A 358 -65.76 20.08 66.60
N ASN A 359 -65.93 18.78 66.80
CA ASN A 359 -66.36 18.20 68.08
C ASN A 359 -65.24 18.10 69.12
N GLU A 360 -65.24 17.00 69.89
CA GLU A 360 -64.18 16.69 70.85
C GLU A 360 -62.83 16.44 70.14
N GLN A 361 -61.76 16.97 70.72
CA GLN A 361 -60.39 16.87 70.19
C GLN A 361 -60.20 17.59 68.83
N GLY A 362 -61.01 18.61 68.56
CA GLY A 362 -60.92 19.42 67.34
C GLY A 362 -61.00 18.70 66.02
N SER A 363 -61.79 17.64 65.96
CA SER A 363 -61.90 16.79 64.77
C SER A 363 -63.08 17.19 63.89
N TYR A 364 -62.77 17.68 62.70
CA TYR A 364 -63.80 17.91 61.69
C TYR A 364 -63.97 16.64 60.86
N VAL A 365 -63.06 15.69 61.04
CA VAL A 365 -63.01 14.48 60.20
C VAL A 365 -63.46 13.25 60.94
N VAL A 366 -64.38 12.51 60.34
CA VAL A 366 -64.83 11.24 60.90
C VAL A 366 -64.88 10.17 59.81
N ALA A 367 -64.24 9.03 60.10
CA ALA A 367 -64.24 7.89 59.20
C ALA A 367 -65.64 7.35 59.07
N MET A 368 -66.15 7.32 57.85
CA MET A 368 -67.44 6.69 57.59
C MET A 368 -67.22 5.23 57.22
N GLU A 369 -66.44 5.01 56.17
CA GLU A 369 -66.15 3.68 55.71
C GLU A 369 -64.67 3.47 55.55
N THR A 370 -64.21 2.29 55.96
CA THR A 370 -62.81 1.94 55.89
C THR A 370 -62.67 0.81 54.87
N PHE A 371 -62.06 1.12 53.73
CA PHE A 371 -61.82 0.12 52.68
C PHE A 371 -60.44 -0.50 52.86
N THR A 372 -60.45 -1.79 53.19
CA THR A 372 -59.27 -2.48 53.63
C THR A 372 -58.21 -2.57 52.53
N ASN A 373 -56.96 -2.34 52.93
CA ASN A 373 -55.79 -2.42 52.05
C ASN A 373 -54.62 -3.10 52.74
N LEU A 374 -54.07 -4.09 52.05
CA LEU A 374 -53.05 -5.00 52.61
C LEU A 374 -51.67 -4.43 52.43
N GLY A 375 -51.52 -3.60 51.40
CA GLY A 375 -50.24 -3.01 50.99
C GLY A 375 -49.66 -2.08 52.04
N PRO A 376 -48.33 -2.00 52.10
CA PRO A 376 -47.34 -2.70 51.28
C PRO A 376 -47.23 -4.23 51.44
N ILE A 377 -47.33 -4.80 52.65
CA ILE A 377 -46.93 -6.23 52.85
C ILE A 377 -45.41 -6.38 52.73
N VAL A 378 -44.72 -6.20 53.84
CA VAL A 378 -43.24 -6.19 53.83
C VAL A 378 -42.75 -7.64 53.99
N ASP A 379 -43.52 -8.38 54.78
CA ASP A 379 -43.24 -9.77 55.04
C ASP A 379 -44.55 -10.46 55.29
N MET A 380 -44.52 -11.79 55.17
CA MET A 380 -45.71 -12.58 55.47
C MET A 380 -45.28 -13.98 55.82
N CYS A 381 -46.10 -14.68 56.62
CA CYS A 381 -45.92 -16.11 56.78
C CYS A 381 -47.22 -16.86 56.72
N VAL A 382 -47.11 -18.15 56.45
CA VAL A 382 -48.26 -19.04 56.34
C VAL A 382 -48.37 -19.81 57.65
N VAL A 383 -49.59 -20.03 58.12
CA VAL A 383 -49.83 -20.69 59.39
C VAL A 383 -51.13 -21.51 59.33
N ASP A 384 -51.11 -22.68 59.97
CA ASP A 384 -52.31 -23.51 60.22
C ASP A 384 -52.87 -23.26 61.61
N LEU A 385 -53.95 -22.51 61.68
CA LEU A 385 -54.44 -22.06 62.98
C LEU A 385 -55.82 -22.61 63.29
N GLU A 386 -56.77 -22.43 62.36
CA GLU A 386 -58.14 -22.89 62.54
C GLU A 386 -58.29 -24.40 62.31
N ARG A 387 -58.41 -25.15 63.40
CA ARG A 387 -58.54 -26.64 63.41
C ARG A 387 -57.30 -27.44 62.96
N GLN A 388 -56.24 -26.72 62.56
CA GLN A 388 -54.96 -27.28 62.08
C GLN A 388 -55.02 -28.14 60.81
N GLY A 389 -56.20 -28.67 60.49
CA GLY A 389 -56.43 -29.34 59.21
C GLY A 389 -56.10 -28.36 58.12
N GLN A 390 -55.14 -28.73 57.25
CA GLN A 390 -54.61 -27.87 56.18
C GLN A 390 -55.65 -26.98 55.49
N GLY A 391 -55.51 -25.67 55.60
CA GLY A 391 -54.37 -25.08 56.30
C GLY A 391 -54.75 -24.12 57.41
N GLN A 392 -54.80 -22.82 57.09
CA GLN A 392 -54.61 -22.31 55.72
C GLN A 392 -54.32 -20.79 55.67
N LEU A 393 -54.04 -20.18 56.83
CA LEU A 393 -54.00 -18.70 56.91
C LEU A 393 -52.65 -18.05 56.70
N VAL A 394 -52.67 -16.89 56.07
CA VAL A 394 -51.50 -16.03 55.87
C VAL A 394 -51.62 -14.84 56.81
N THR A 395 -50.51 -14.55 57.52
CA THR A 395 -50.35 -13.30 58.32
C THR A 395 -49.32 -12.45 57.63
N CYS A 396 -49.61 -11.15 57.45
CA CYS A 396 -48.68 -10.32 56.68
C CYS A 396 -48.39 -9.02 57.41
N SER A 397 -48.19 -7.93 56.66
CA SER A 397 -47.81 -6.61 57.18
C SER A 397 -48.43 -5.36 56.53
N GLY A 398 -47.75 -4.23 56.51
CA GLY A 398 -48.08 -3.03 57.29
C GLY A 398 -48.10 -1.71 56.56
N ALA A 399 -47.99 -0.54 57.22
CA ALA A 399 -46.76 0.21 57.54
C ALA A 399 -46.76 1.74 57.31
N PHE A 400 -47.19 2.60 58.23
CA PHE A 400 -46.40 3.43 59.15
C PHE A 400 -47.15 3.52 60.51
N LYS A 401 -47.84 4.63 60.78
CA LYS A 401 -48.98 4.64 61.75
C LYS A 401 -50.15 3.76 61.20
N GLU A 402 -50.20 3.62 59.87
CA GLU A 402 -51.03 2.64 59.19
C GLU A 402 -50.56 1.20 59.43
N GLY A 403 -49.39 1.08 60.07
CA GLY A 403 -48.79 -0.22 60.37
C GLY A 403 -49.76 -1.20 61.01
N SER A 404 -49.87 -2.38 60.40
CA SER A 404 -50.84 -3.37 60.82
C SER A 404 -50.32 -4.74 60.51
N LEU A 405 -50.86 -5.71 61.25
CA LEU A 405 -50.85 -7.16 60.93
C LEU A 405 -52.16 -7.59 60.28
N ARG A 406 -52.05 -8.17 59.07
CA ARG A 406 -53.25 -8.72 58.44
C ARG A 406 -53.28 -10.23 58.47
N ILE A 407 -54.37 -10.77 59.01
CA ILE A 407 -54.59 -12.20 59.06
C ILE A 407 -55.62 -12.56 57.98
N ILE A 408 -55.17 -13.31 56.98
CA ILE A 408 -55.98 -13.62 55.82
C ILE A 408 -56.19 -15.13 55.72
N ARG A 409 -57.44 -15.58 55.78
CA ARG A 409 -57.76 -17.01 55.50
C ARG A 409 -58.88 -17.25 54.40
N ASN A 410 -58.91 -18.43 53.63
CA ASN A 410 -59.83 -18.83 52.45
C ASN A 410 -61.00 -19.68 52.87
N GLY A 411 -62.20 -19.31 52.44
CA GLY A 411 -63.40 -20.03 52.82
C GLY A 411 -64.70 -19.35 52.44
N ILE A 412 -65.81 -20.04 52.69
CA ILE A 412 -67.12 -19.51 52.40
C ILE A 412 -67.57 -18.72 53.61
N GLY A 413 -67.67 -17.39 53.47
CA GLY A 413 -68.15 -16.52 54.55
C GLY A 413 -69.67 -16.47 54.69
N ILE A 414 -70.14 -16.20 55.90
CA ILE A 414 -71.57 -16.03 56.19
C ILE A 414 -71.78 -14.56 56.54
N HIS A 415 -72.83 -13.95 56.01
CA HIS A 415 -73.17 -12.60 56.42
C HIS A 415 -74.34 -12.59 57.37
N GLU A 416 -74.07 -12.31 58.64
CA GLU A 416 -75.07 -12.38 59.70
C GLU A 416 -76.12 -11.31 59.53
N HIS A 417 -77.40 -11.66 59.66
CA HIS A 417 -78.39 -10.61 59.70
C HIS A 417 -79.13 -10.52 61.02
N ALA A 418 -79.06 -11.57 61.80
CA ALA A 418 -79.55 -11.55 63.16
C ALA A 418 -78.71 -12.57 63.88
N SER A 419 -78.54 -12.34 65.18
CA SER A 419 -77.73 -13.21 66.04
C SER A 419 -78.14 -13.09 67.49
N ILE A 420 -78.60 -14.20 68.05
CA ILE A 420 -79.09 -14.19 69.41
C ILE A 420 -78.19 -15.02 70.28
N ASP A 421 -77.91 -14.49 71.47
CA ASP A 421 -77.24 -15.22 72.54
C ASP A 421 -78.20 -16.21 73.18
N LEU A 422 -78.09 -17.45 72.75
CA LEU A 422 -79.08 -18.44 73.10
C LEU A 422 -78.28 -19.74 73.10
N PRO A 423 -77.75 -20.10 74.28
CA PRO A 423 -76.73 -21.14 74.37
C PRO A 423 -77.27 -22.55 74.53
N GLY A 424 -76.54 -23.50 73.97
CA GLY A 424 -76.84 -24.94 74.13
C GLY A 424 -77.91 -25.52 73.23
N ILE A 425 -78.07 -24.90 72.06
CA ILE A 425 -79.05 -25.36 71.10
C ILE A 425 -78.71 -26.79 70.73
N LYS A 426 -79.72 -27.65 70.62
CA LYS A 426 -79.52 -29.05 70.29
C LYS A 426 -80.22 -29.45 69.00
N GLY A 427 -80.64 -28.46 68.20
CA GLY A 427 -81.26 -28.70 66.89
C GLY A 427 -82.18 -27.58 66.40
N LEU A 428 -82.27 -27.48 65.08
CA LEU A 428 -83.03 -26.39 64.41
C LEU A 428 -83.93 -26.86 63.28
N TRP A 429 -85.13 -26.30 63.20
CA TRP A 429 -85.99 -26.70 62.11
C TRP A 429 -86.75 -25.48 61.66
N PRO A 430 -86.77 -25.26 60.34
CA PRO A 430 -87.63 -24.27 59.72
C PRO A 430 -89.06 -24.80 59.70
N LEU A 431 -90.02 -23.93 59.45
CA LEU A 431 -91.41 -24.34 59.51
C LEU A 431 -92.32 -23.33 58.83
N ARG A 432 -93.33 -23.83 58.09
CA ARG A 432 -94.38 -22.97 57.55
C ARG A 432 -95.66 -23.21 58.35
N SER A 433 -95.95 -22.31 59.28
CA SER A 433 -97.11 -22.49 60.12
C SER A 433 -98.35 -22.30 59.28
N ASP A 434 -98.27 -21.33 58.36
CA ASP A 434 -99.35 -20.94 57.45
C ASP A 434 -99.24 -21.77 56.17
N PRO A 435 -100.24 -22.62 55.89
CA PRO A 435 -100.21 -23.49 54.71
C PRO A 435 -100.32 -22.69 53.41
N ASN A 436 -101.09 -21.59 53.45
CA ASN A 436 -101.19 -20.64 52.35
C ASN A 436 -99.89 -19.90 52.03
N ARG A 437 -98.92 -19.92 52.95
CA ARG A 437 -97.64 -19.26 52.73
C ARG A 437 -96.59 -20.16 52.08
N GLU A 438 -95.88 -19.58 51.12
CA GLU A 438 -94.77 -20.20 50.41
C GLU A 438 -93.58 -20.33 51.36
N THR A 439 -93.27 -19.22 52.03
CA THR A 439 -92.08 -19.06 52.89
C THR A 439 -92.19 -19.73 54.27
N TYR A 440 -91.06 -19.95 54.92
CA TYR A 440 -91.03 -20.29 56.34
C TYR A 440 -91.47 -19.11 57.18
N ASP A 441 -92.05 -19.39 58.33
CA ASP A 441 -92.43 -18.36 59.27
C ASP A 441 -92.13 -18.74 60.72
N THR A 442 -91.71 -19.97 60.92
CA THR A 442 -91.42 -20.41 62.26
C THR A 442 -90.10 -21.14 62.34
N LEU A 443 -89.32 -20.81 63.35
CA LEU A 443 -88.07 -21.51 63.60
C LEU A 443 -88.16 -22.22 64.95
N VAL A 444 -87.95 -23.52 64.94
CA VAL A 444 -88.07 -24.32 66.16
C VAL A 444 -86.70 -24.78 66.59
N LEU A 445 -86.37 -24.60 67.87
CA LEU A 445 -85.07 -25.00 68.40
C LEU A 445 -85.28 -25.86 69.58
N SER A 446 -84.34 -26.76 69.82
CA SER A 446 -84.46 -27.70 70.92
C SER A 446 -83.25 -27.58 71.83
N PHE A 447 -83.48 -27.67 73.12
CA PHE A 447 -82.43 -27.64 74.12
C PHE A 447 -82.50 -28.95 74.88
N VAL A 448 -81.61 -29.12 75.87
CA VAL A 448 -81.59 -30.35 76.65
C VAL A 448 -82.97 -30.56 77.30
N GLY A 449 -83.37 -29.58 78.12
CA GLY A 449 -84.72 -29.54 78.72
C GLY A 449 -85.86 -29.70 77.72
N GLN A 450 -86.04 -28.72 76.83
CA GLN A 450 -87.16 -28.82 75.89
C GLN A 450 -86.97 -28.11 74.57
N THR A 451 -88.09 -27.97 73.87
CA THR A 451 -88.20 -27.25 72.62
C THR A 451 -88.76 -25.85 72.89
N ARG A 452 -88.22 -24.85 72.19
CA ARG A 452 -88.88 -23.54 72.11
C ARG A 452 -89.22 -23.20 70.65
N VAL A 453 -90.29 -22.43 70.49
CA VAL A 453 -90.78 -22.10 69.17
C VAL A 453 -90.55 -20.64 68.89
N LEU A 454 -89.91 -20.34 67.78
CA LEU A 454 -89.69 -18.95 67.38
C LEU A 454 -90.48 -18.54 66.13
N MET A 455 -91.47 -17.68 66.34
CA MET A 455 -92.29 -17.12 65.27
C MET A 455 -91.49 -15.99 64.63
N LEU A 456 -91.32 -16.04 63.31
CA LEU A 456 -90.64 -14.98 62.57
C LEU A 456 -91.66 -14.04 61.97
N ASN A 457 -91.70 -12.81 62.49
CA ASN A 457 -92.59 -11.78 61.93
C ASN A 457 -91.90 -11.06 60.82
N GLY A 458 -91.43 -9.84 61.06
CA GLY A 458 -90.62 -9.17 60.05
C GLY A 458 -89.26 -9.82 60.02
N GLU A 459 -88.26 -9.02 60.36
CA GLU A 459 -86.95 -9.53 60.71
C GLU A 459 -86.98 -9.84 62.22
N GLU A 460 -88.17 -9.78 62.82
CA GLU A 460 -88.34 -9.93 64.26
C GLU A 460 -88.63 -11.37 64.59
N VAL A 461 -87.85 -11.95 65.50
CA VAL A 461 -88.14 -13.31 66.03
C VAL A 461 -88.93 -13.23 67.35
N GLU A 462 -89.73 -14.25 67.66
CA GLU A 462 -90.73 -14.16 68.72
C GLU A 462 -91.04 -15.50 69.32
N GLU A 463 -90.75 -15.64 70.59
CA GLU A 463 -91.04 -16.89 71.26
C GLU A 463 -92.54 -17.04 71.52
N THR A 464 -93.17 -17.92 70.73
CA THR A 464 -94.56 -18.31 70.96
C THR A 464 -94.63 -19.81 71.20
N GLU A 465 -95.80 -20.39 70.95
CA GLU A 465 -95.96 -21.83 70.87
C GLU A 465 -96.96 -22.07 69.80
N LEU A 466 -96.85 -23.24 69.16
CA LEU A 466 -97.95 -23.68 68.32
C LEU A 466 -98.66 -24.84 69.00
N MET A 467 -99.98 -24.83 68.91
CA MET A 467 -100.77 -25.86 69.51
C MET A 467 -100.47 -27.20 68.85
N GLY A 468 -100.35 -28.22 69.68
CA GLY A 468 -100.08 -29.58 69.22
C GLY A 468 -98.64 -29.92 69.41
N PHE A 469 -97.81 -28.91 69.59
CA PHE A 469 -96.41 -29.10 69.93
C PHE A 469 -96.19 -29.01 71.43
N VAL A 470 -95.57 -30.03 72.00
CA VAL A 470 -95.20 -30.00 73.40
C VAL A 470 -93.86 -29.33 73.49
N ASP A 471 -93.56 -28.76 74.65
CA ASP A 471 -92.18 -28.31 74.97
C ASP A 471 -91.78 -28.72 76.39
N ASP A 472 -92.09 -29.96 76.75
CA ASP A 472 -91.68 -30.56 78.02
C ASP A 472 -90.28 -31.09 77.83
N GLN A 473 -90.08 -31.80 76.72
CA GLN A 473 -88.78 -32.42 76.43
C GLN A 473 -88.22 -32.01 75.06
N GLN A 474 -87.08 -32.59 74.72
CA GLN A 474 -86.37 -32.23 73.51
C GLN A 474 -87.03 -32.75 72.25
N THR A 475 -86.98 -31.94 71.19
CA THR A 475 -87.46 -32.34 69.86
C THR A 475 -86.28 -32.94 69.12
N PHE A 476 -86.51 -34.05 68.43
CA PHE A 476 -85.48 -34.65 67.58
C PHE A 476 -85.72 -34.26 66.14
N PHE A 477 -86.97 -33.99 65.80
CA PHE A 477 -87.29 -33.47 64.47
C PHE A 477 -88.67 -32.85 64.47
N CYS A 478 -88.82 -31.77 63.71
CA CYS A 478 -90.15 -31.30 63.35
C CYS A 478 -90.10 -30.58 62.01
N GLY A 479 -91.25 -30.52 61.33
CA GLY A 479 -91.32 -29.95 60.00
C GLY A 479 -92.68 -30.09 59.34
N ASN A 480 -92.86 -29.35 58.24
CA ASN A 480 -94.07 -29.48 57.44
C ASN A 480 -94.14 -30.90 56.94
N VAL A 481 -95.34 -31.41 56.74
CA VAL A 481 -95.51 -32.83 56.45
C VAL A 481 -96.66 -33.07 55.44
N ALA A 482 -96.86 -34.33 55.07
CA ALA A 482 -97.80 -34.74 54.03
C ALA A 482 -99.14 -33.99 53.90
N HIS A 483 -100.15 -34.44 54.64
CA HIS A 483 -101.53 -34.01 54.31
C HIS A 483 -101.90 -32.67 54.95
N GLN A 484 -101.17 -31.64 54.53
CA GLN A 484 -101.24 -30.31 55.12
C GLN A 484 -101.19 -30.42 56.62
N GLN A 485 -100.04 -30.86 57.11
CA GLN A 485 -99.86 -31.15 58.52
C GLN A 485 -98.45 -30.80 58.99
N LEU A 486 -98.30 -30.69 60.31
CA LEU A 486 -96.99 -30.53 60.96
C LEU A 486 -96.72 -31.78 61.75
N ILE A 487 -95.45 -32.17 61.82
CA ILE A 487 -95.06 -33.30 62.65
C ILE A 487 -94.07 -32.84 63.69
N GLN A 488 -94.15 -33.41 64.89
CA GLN A 488 -93.11 -33.18 65.89
C GLN A 488 -92.76 -34.51 66.53
N ILE A 489 -91.55 -34.96 66.20
CA ILE A 489 -91.00 -36.16 66.81
C ILE A 489 -90.17 -35.73 68.00
N THR A 490 -90.78 -35.82 69.18
CA THR A 490 -90.10 -35.60 70.44
C THR A 490 -89.41 -36.90 70.90
N SER A 491 -88.70 -36.82 72.03
CA SER A 491 -88.08 -38.01 72.65
C SER A 491 -89.18 -38.95 73.12
N ALA A 492 -90.22 -38.37 73.71
CA ALA A 492 -91.32 -39.14 74.28
C ALA A 492 -92.24 -39.79 73.22
N SER A 493 -92.54 -39.06 72.14
CA SER A 493 -93.59 -39.49 71.19
C SER A 493 -93.39 -38.96 69.76
N VAL A 494 -94.36 -39.21 68.89
CA VAL A 494 -94.42 -38.60 67.57
C VAL A 494 -95.76 -37.89 67.46
N ARG A 495 -95.71 -36.56 67.41
CA ARG A 495 -96.93 -35.78 67.36
C ARG A 495 -97.25 -35.27 65.95
N LEU A 496 -98.49 -35.47 65.50
CA LEU A 496 -98.93 -35.01 64.19
C LEU A 496 -99.99 -33.93 64.34
N VAL A 497 -99.61 -32.71 63.97
CA VAL A 497 -100.46 -31.55 64.11
C VAL A 497 -101.09 -31.15 62.80
N SER A 498 -102.28 -30.55 62.89
CA SER A 498 -103.08 -30.17 61.74
C SER A 498 -102.86 -28.70 61.51
N GLN A 499 -102.55 -28.36 60.26
CA GLN A 499 -102.31 -26.98 59.84
C GLN A 499 -103.47 -26.02 60.17
N GLU A 500 -104.61 -26.21 59.50
CA GLU A 500 -105.83 -25.53 59.87
C GLU A 500 -106.33 -26.10 61.20
N PRO A 501 -106.96 -25.26 62.06
CA PRO A 501 -106.92 -25.45 63.49
C PRO A 501 -105.72 -26.25 64.00
N LYS A 502 -104.66 -25.54 64.36
CA LYS A 502 -103.50 -26.16 65.00
C LYS A 502 -103.98 -27.03 66.14
N ALA A 503 -103.91 -28.34 65.93
CA ALA A 503 -104.36 -29.30 66.94
C ALA A 503 -103.59 -30.59 66.79
N LEU A 504 -103.31 -31.25 67.91
CA LEU A 504 -102.75 -32.59 67.84
C LEU A 504 -103.80 -33.50 67.21
N VAL A 505 -103.42 -34.13 66.10
CA VAL A 505 -104.38 -34.84 65.30
C VAL A 505 -104.18 -36.36 65.38
N SER A 506 -102.94 -36.78 65.66
CA SER A 506 -102.60 -38.19 65.94
C SER A 506 -101.27 -38.27 66.66
N GLU A 507 -101.14 -39.23 67.56
CA GLU A 507 -99.93 -39.37 68.36
C GLU A 507 -99.49 -40.81 68.48
N TRP A 508 -98.25 -41.05 68.11
CA TRP A 508 -97.68 -42.37 68.21
C TRP A 508 -96.74 -42.41 69.40
N LYS A 509 -96.81 -43.48 70.17
CA LYS A 509 -95.84 -43.73 71.24
C LYS A 509 -95.35 -45.17 71.10
N GLU A 510 -94.18 -45.45 71.66
CA GLU A 510 -93.67 -46.79 71.66
C GLU A 510 -94.61 -47.61 72.55
N PRO A 511 -95.24 -48.68 71.99
CA PRO A 511 -96.33 -49.39 72.68
C PRO A 511 -96.10 -49.61 74.18
N GLN A 512 -94.90 -50.02 74.56
CA GLN A 512 -94.57 -50.26 75.97
C GLN A 512 -94.04 -49.01 76.69
N ALA A 513 -94.52 -47.84 76.28
CA ALA A 513 -94.21 -46.55 76.91
C ALA A 513 -92.72 -46.17 77.03
N LYS A 514 -91.88 -46.64 76.12
CA LYS A 514 -90.43 -46.32 76.12
C LYS A 514 -90.13 -45.06 75.31
N ASN A 515 -88.97 -44.46 75.56
CA ASN A 515 -88.53 -43.27 74.84
C ASN A 515 -87.93 -43.57 73.48
N ILE A 516 -88.23 -42.70 72.51
CA ILE A 516 -87.56 -42.68 71.22
C ILE A 516 -86.13 -42.20 71.45
N SER A 517 -85.17 -42.88 70.84
CA SER A 517 -83.75 -42.56 70.98
C SER A 517 -83.15 -41.96 69.71
N VAL A 518 -83.77 -42.25 68.55
CA VAL A 518 -83.35 -41.72 67.24
C VAL A 518 -84.56 -41.48 66.34
N ALA A 519 -84.54 -40.38 65.56
CA ALA A 519 -85.65 -40.10 64.64
C ALA A 519 -85.18 -39.94 63.18
N SER A 520 -86.13 -39.86 62.25
CA SER A 520 -85.91 -39.41 60.87
C SER A 520 -87.26 -39.31 60.15
N CYS A 521 -87.33 -38.43 59.16
CA CYS A 521 -88.62 -38.05 58.63
C CYS A 521 -88.48 -37.29 57.32
N ASN A 522 -89.31 -37.66 56.34
CA ASN A 522 -89.48 -36.88 55.11
C ASN A 522 -90.88 -36.32 55.10
N SER A 523 -91.44 -36.04 53.93
CA SER A 523 -92.78 -35.44 53.88
C SER A 523 -93.88 -36.43 54.29
N SER A 524 -93.67 -37.71 54.02
CA SER A 524 -94.74 -38.68 54.22
C SER A 524 -94.40 -39.97 54.98
N GLN A 525 -93.12 -40.14 55.33
CA GLN A 525 -92.68 -41.34 56.04
C GLN A 525 -91.91 -40.96 57.30
N VAL A 526 -92.01 -41.79 58.33
CA VAL A 526 -91.26 -41.61 59.59
C VAL A 526 -90.53 -42.89 59.94
N VAL A 527 -89.30 -42.78 60.46
CA VAL A 527 -88.59 -43.94 60.99
C VAL A 527 -87.93 -43.59 62.30
N VAL A 528 -88.57 -43.93 63.39
CA VAL A 528 -87.99 -43.70 64.71
C VAL A 528 -87.29 -44.96 65.17
N ALA A 529 -86.56 -44.87 66.27
CA ALA A 529 -85.78 -45.99 66.78
C ALA A 529 -85.71 -45.93 68.30
N VAL A 530 -86.03 -47.05 68.93
CA VAL A 530 -85.95 -47.18 70.39
C VAL A 530 -84.94 -48.27 70.75
N GLY A 531 -83.83 -47.87 71.38
CA GLY A 531 -82.73 -48.79 71.72
C GLY A 531 -82.21 -49.53 70.50
N ARG A 532 -82.78 -50.71 70.27
CA ARG A 532 -82.50 -51.52 69.09
C ARG A 532 -83.65 -51.45 68.08
N ALA A 533 -84.84 -51.15 68.57
CA ALA A 533 -86.08 -51.24 67.79
C ALA A 533 -86.21 -50.17 66.71
N LEU A 534 -86.88 -50.51 65.62
CA LEU A 534 -87.18 -49.57 64.57
C LEU A 534 -88.65 -49.65 64.18
N TYR A 535 -89.32 -48.51 64.13
CA TYR A 535 -90.69 -48.50 63.66
C TYR A 535 -90.78 -47.62 62.44
N TYR A 536 -91.45 -48.11 61.41
CA TYR A 536 -91.69 -47.31 60.22
C TYR A 536 -93.15 -46.87 60.19
N LEU A 537 -93.38 -45.58 60.37
CA LEU A 537 -94.72 -45.03 60.37
C LEU A 537 -95.00 -44.28 59.08
N GLN A 538 -96.28 -44.07 58.81
CA GLN A 538 -96.68 -43.34 57.63
C GLN A 538 -97.62 -42.20 57.95
N ILE A 539 -97.45 -41.09 57.25
CA ILE A 539 -98.27 -39.93 57.48
C ILE A 539 -99.48 -39.87 56.53
N HIS A 540 -100.67 -39.94 57.13
CA HIS A 540 -101.92 -39.87 56.41
C HIS A 540 -102.81 -38.82 57.07
N PRO A 541 -103.90 -38.38 56.36
CA PRO A 541 -104.74 -37.38 57.02
C PRO A 541 -105.17 -37.87 58.40
N GLN A 542 -104.89 -37.05 59.42
CA GLN A 542 -105.18 -37.37 60.84
C GLN A 542 -104.55 -38.67 61.35
N GLU A 543 -103.67 -39.28 60.55
CA GLU A 543 -103.28 -40.66 60.82
C GLU A 543 -101.79 -40.96 60.76
N LEU A 544 -101.27 -41.36 61.91
CA LEU A 544 -99.89 -41.79 62.06
C LEU A 544 -99.82 -43.32 62.04
N ARG A 545 -100.06 -43.87 60.84
CA ARG A 545 -100.22 -45.32 60.63
C ARG A 545 -98.90 -46.09 60.69
N GLN A 546 -98.70 -46.84 61.78
CA GLN A 546 -97.49 -47.67 61.92
C GLN A 546 -97.59 -48.84 60.97
N ILE A 547 -96.58 -49.02 60.13
CA ILE A 547 -96.67 -50.07 59.11
C ILE A 547 -95.56 -51.13 59.16
N SER A 548 -94.61 -50.98 60.10
CA SER A 548 -93.46 -51.90 60.16
C SER A 548 -92.70 -51.79 61.48
N HIS A 549 -92.24 -52.92 62.00
CA HIS A 549 -91.53 -52.97 63.28
C HIS A 549 -90.47 -54.04 63.27
N THR A 550 -89.22 -53.65 63.46
CA THR A 550 -88.09 -54.60 63.44
C THR A 550 -87.20 -54.40 64.65
N GLU A 551 -86.14 -55.19 64.71
CA GLU A 551 -85.08 -55.03 65.68
C GLU A 551 -83.76 -55.08 64.94
N MET A 552 -82.76 -54.38 65.48
CA MET A 552 -81.43 -54.33 64.87
C MET A 552 -80.43 -55.13 65.69
N GLU A 553 -79.33 -55.51 65.03
CA GLU A 553 -78.22 -56.24 65.67
C GLU A 553 -77.68 -55.52 66.91
N HIS A 554 -77.37 -54.23 66.76
CA HIS A 554 -77.01 -53.38 67.90
C HIS A 554 -77.85 -52.12 67.95
N GLU A 555 -77.45 -51.18 68.80
CA GLU A 555 -78.18 -49.92 68.99
C GLU A 555 -78.20 -49.05 67.74
N VAL A 556 -79.26 -48.26 67.58
CA VAL A 556 -79.36 -47.39 66.43
C VAL A 556 -78.62 -46.08 66.71
N ALA A 557 -77.63 -45.79 65.88
CA ALA A 557 -76.82 -44.58 66.01
C ALA A 557 -77.49 -43.38 65.37
N CYS A 558 -77.96 -43.56 64.13
CA CYS A 558 -78.55 -42.50 63.32
C CYS A 558 -79.36 -43.03 62.14
N LEU A 559 -80.23 -42.18 61.59
CA LEU A 559 -81.13 -42.60 60.55
C LEU A 559 -81.24 -41.57 59.44
N ASP A 560 -81.62 -42.04 58.25
CA ASP A 560 -82.04 -41.13 57.19
C ASP A 560 -82.99 -41.86 56.27
N ILE A 561 -84.02 -41.16 55.82
CA ILE A 561 -84.96 -41.70 54.86
C ILE A 561 -85.26 -40.71 53.74
N THR A 562 -84.24 -39.94 53.33
CA THR A 562 -84.40 -38.93 52.29
C THR A 562 -84.77 -39.53 50.94
N PRO A 563 -85.90 -39.10 50.35
CA PRO A 563 -86.29 -39.58 49.03
C PRO A 563 -85.28 -39.11 48.00
N LEU A 564 -84.89 -40.00 47.10
CA LEU A 564 -83.90 -39.67 46.09
C LEU A 564 -84.49 -39.65 44.69
N GLY A 565 -84.27 -38.54 43.98
CA GLY A 565 -84.69 -38.36 42.57
C GLY A 565 -86.17 -38.49 42.26
N ASP A 566 -86.49 -39.47 41.40
CA ASP A 566 -87.85 -39.74 40.90
C ASP A 566 -88.78 -40.35 41.97
N SER A 567 -88.36 -40.26 43.23
CA SER A 567 -89.15 -40.73 44.36
C SER A 567 -90.24 -39.71 44.70
N ASN A 568 -91.47 -40.18 44.80
CA ASN A 568 -92.63 -39.33 45.10
C ASN A 568 -92.71 -38.92 46.58
N GLY A 569 -91.62 -38.33 47.09
CA GLY A 569 -91.47 -37.99 48.51
C GLY A 569 -91.56 -39.24 49.38
N LEU A 570 -91.52 -40.41 48.74
CA LEU A 570 -91.71 -41.71 49.38
C LEU A 570 -90.48 -42.55 49.09
N SER A 571 -89.60 -42.68 50.08
CA SER A 571 -88.29 -43.32 49.87
C SER A 571 -88.36 -44.83 49.91
N PRO A 572 -87.85 -45.50 48.86
CA PRO A 572 -87.83 -46.97 48.79
C PRO A 572 -86.81 -47.57 49.74
N LEU A 573 -85.89 -46.72 50.21
CA LEU A 573 -84.76 -47.16 51.02
C LEU A 573 -84.73 -46.43 52.35
N CYS A 574 -83.94 -46.97 53.27
CA CYS A 574 -83.72 -46.33 54.56
C CYS A 574 -82.29 -46.57 55.01
N ALA A 575 -81.55 -45.48 55.22
CA ALA A 575 -80.16 -45.55 55.63
C ALA A 575 -80.03 -45.42 57.15
N ILE A 576 -79.14 -46.23 57.72
CA ILE A 576 -79.01 -46.32 59.17
C ILE A 576 -77.61 -46.70 59.61
N GLY A 577 -77.16 -46.09 60.72
CA GLY A 577 -75.90 -46.45 61.34
C GLY A 577 -76.13 -47.20 62.63
N LEU A 578 -75.28 -48.20 62.89
CA LEU A 578 -75.42 -49.06 64.07
C LEU A 578 -74.33 -48.84 65.09
N TRP A 579 -74.64 -49.13 66.35
CA TRP A 579 -73.87 -48.63 67.48
C TRP A 579 -72.57 -49.39 67.76
N THR A 580 -72.65 -50.66 68.16
CA THR A 580 -71.44 -51.36 68.60
C THR A 580 -70.65 -51.98 67.44
N ASP A 581 -71.35 -52.50 66.42
CA ASP A 581 -70.66 -53.07 65.26
C ASP A 581 -70.11 -52.00 64.32
N ILE A 582 -70.60 -50.77 64.48
CA ILE A 582 -70.16 -49.60 63.70
C ILE A 582 -70.29 -49.85 62.19
N SER A 583 -71.54 -49.83 61.73
CA SER A 583 -71.84 -50.10 60.35
C SER A 583 -72.88 -49.13 59.82
N ALA A 584 -72.79 -48.84 58.55
CA ALA A 584 -73.77 -48.00 57.89
C ALA A 584 -74.44 -48.86 56.84
N ARG A 585 -75.67 -49.25 57.10
CA ARG A 585 -76.36 -50.16 56.22
C ARG A 585 -77.61 -49.57 55.59
N ILE A 586 -77.87 -50.01 54.38
CA ILE A 586 -79.06 -49.62 53.66
C ILE A 586 -80.11 -50.69 53.87
N LEU A 587 -81.29 -50.27 54.31
CA LEU A 587 -82.41 -51.19 54.45
C LEU A 587 -83.48 -50.84 53.42
N LYS A 588 -84.06 -51.88 52.81
CA LYS A 588 -85.23 -51.71 51.96
C LYS A 588 -86.32 -51.23 52.89
N LEU A 589 -86.86 -50.05 52.60
CA LEU A 589 -87.76 -49.41 53.55
C LEU A 589 -89.00 -50.26 53.78
N PRO A 590 -89.84 -50.46 52.75
CA PRO A 590 -91.11 -51.17 53.00
C PRO A 590 -90.99 -52.23 54.10
N SER A 591 -90.02 -53.15 53.93
CA SER A 591 -89.87 -54.35 54.76
C SER A 591 -88.75 -54.33 55.81
N PHE A 592 -87.77 -53.46 55.63
CA PHE A 592 -86.54 -53.43 56.44
C PHE A 592 -85.50 -54.47 55.98
N GLU A 593 -85.73 -55.04 54.80
CA GLU A 593 -84.83 -55.99 54.14
C GLU A 593 -83.43 -55.38 53.95
N LEU A 594 -82.46 -55.86 54.74
CA LEU A 594 -81.07 -55.36 54.71
C LEU A 594 -80.37 -55.51 53.35
N LEU A 595 -80.41 -54.45 52.53
CA LEU A 595 -79.92 -54.49 51.14
C LEU A 595 -78.41 -54.37 50.92
N HIS A 596 -77.66 -54.09 51.99
CA HIS A 596 -76.21 -53.83 51.90
C HIS A 596 -75.71 -53.40 53.28
N LYS A 597 -74.78 -54.16 53.82
CA LYS A 597 -74.08 -53.78 55.05
C LYS A 597 -72.73 -53.20 54.66
N GLU A 598 -72.20 -52.32 55.49
CA GLU A 598 -70.90 -51.68 55.27
C GLU A 598 -70.16 -51.43 56.56
N MET A 599 -69.04 -52.12 56.74
CA MET A 599 -68.19 -51.93 57.90
C MET A 599 -67.43 -50.63 57.75
N LEU A 600 -67.41 -49.82 58.81
CA LEU A 600 -66.80 -48.50 58.73
C LEU A 600 -65.39 -48.44 59.33
N GLY A 601 -65.30 -48.40 60.65
CA GLY A 601 -64.04 -48.32 61.37
C GLY A 601 -64.22 -48.96 62.72
N GLY A 602 -63.22 -48.83 63.59
CA GLY A 602 -63.31 -49.42 64.92
C GLY A 602 -63.70 -48.40 65.98
N GLU A 603 -64.35 -48.89 67.03
CA GLU A 603 -64.65 -48.11 68.26
C GLU A 603 -65.59 -46.91 68.17
N ILE A 604 -65.26 -45.94 67.32
CA ILE A 604 -66.00 -44.66 67.25
C ILE A 604 -67.40 -44.79 66.62
N ILE A 605 -68.40 -44.40 67.40
CA ILE A 605 -69.81 -44.52 67.03
C ILE A 605 -70.19 -43.50 65.95
N PRO A 606 -70.79 -43.96 64.83
CA PRO A 606 -71.31 -43.05 63.78
C PRO A 606 -72.32 -42.04 64.33
N ARG A 607 -72.25 -40.80 63.88
CA ARG A 607 -73.06 -39.73 64.48
C ARG A 607 -74.07 -39.07 63.55
N SER A 608 -73.83 -39.15 62.25
CA SER A 608 -74.78 -38.63 61.28
C SER A 608 -74.69 -39.38 59.95
N ILE A 609 -75.83 -39.75 59.40
CA ILE A 609 -75.88 -40.46 58.14
C ILE A 609 -76.90 -39.79 57.22
N LEU A 610 -76.55 -39.59 55.95
CA LEU A 610 -77.56 -39.11 55.01
C LEU A 610 -77.35 -39.54 53.56
N MET A 611 -78.45 -39.89 52.88
CA MET A 611 -78.45 -40.15 51.45
C MET A 611 -78.69 -38.83 50.74
N THR A 612 -78.14 -38.67 49.54
CA THR A 612 -78.36 -37.45 48.79
C THR A 612 -77.99 -37.53 47.32
N THR A 613 -78.59 -36.65 46.52
CA THR A 613 -78.36 -36.62 45.08
C THR A 613 -77.47 -35.43 44.72
N PHE A 614 -76.29 -35.72 44.17
CA PHE A 614 -75.40 -34.70 43.62
C PHE A 614 -75.35 -34.80 42.09
N GLU A 615 -75.83 -33.76 41.41
CA GLU A 615 -75.79 -33.69 39.95
C GLU A 615 -76.34 -34.98 39.32
N SER A 616 -77.53 -35.36 39.78
CA SER A 616 -78.26 -36.60 39.43
C SER A 616 -77.54 -37.95 39.67
N SER A 617 -76.46 -37.91 40.45
CA SER A 617 -75.81 -39.13 40.93
C SER A 617 -76.10 -39.24 42.42
N HIS A 618 -76.31 -40.46 42.93
CA HIS A 618 -76.77 -40.63 44.30
C HIS A 618 -75.67 -41.12 45.24
N TYR A 619 -75.60 -40.52 46.42
CA TYR A 619 -74.54 -40.80 47.39
C TYR A 619 -75.06 -41.14 48.76
N LEU A 620 -74.22 -41.80 49.56
CA LEU A 620 -74.50 -42.03 50.97
C LEU A 620 -73.34 -41.51 51.77
N LEU A 621 -73.54 -40.40 52.46
CA LEU A 621 -72.51 -39.86 53.31
C LEU A 621 -72.73 -40.38 54.73
N CYS A 622 -71.64 -40.48 55.49
CA CYS A 622 -71.71 -41.03 56.83
C CYS A 622 -70.57 -40.53 57.73
N ALA A 623 -70.91 -39.79 58.78
CA ALA A 623 -69.91 -39.16 59.64
C ALA A 623 -69.88 -39.73 61.06
N LEU A 624 -68.67 -39.82 61.62
CA LEU A 624 -68.41 -40.45 62.91
C LEU A 624 -68.08 -39.44 63.99
N GLY A 625 -68.06 -39.90 65.24
CA GLY A 625 -67.84 -39.06 66.42
C GLY A 625 -66.45 -38.47 66.58
N ASP A 626 -65.51 -38.89 65.73
CA ASP A 626 -64.16 -38.31 65.70
C ASP A 626 -64.01 -37.32 64.54
N GLY A 627 -65.09 -37.15 63.78
CA GLY A 627 -65.14 -36.20 62.67
C GLY A 627 -64.58 -36.74 61.36
N ALA A 628 -64.65 -38.05 61.20
CA ALA A 628 -64.21 -38.70 59.98
C ALA A 628 -65.44 -38.99 59.12
N LEU A 629 -65.43 -38.50 57.88
CA LEU A 629 -66.57 -38.70 56.99
C LEU A 629 -66.28 -39.67 55.85
N PHE A 630 -67.12 -40.69 55.71
CA PHE A 630 -67.06 -41.60 54.57
C PHE A 630 -68.17 -41.21 53.60
N TYR A 631 -68.02 -41.62 52.35
CA TYR A 631 -69.12 -41.48 51.40
C TYR A 631 -69.02 -42.45 50.24
N PHE A 632 -70.18 -42.91 49.77
CA PHE A 632 -70.26 -43.95 48.77
C PHE A 632 -71.21 -43.55 47.65
N GLY A 633 -71.05 -44.21 46.50
CA GLY A 633 -71.97 -44.07 45.39
C GLY A 633 -73.09 -45.07 45.59
N LEU A 634 -74.23 -44.58 46.04
CA LEU A 634 -75.37 -45.44 46.32
C LEU A 634 -76.21 -45.65 45.07
N ASN A 635 -76.43 -46.92 44.72
CA ASN A 635 -77.40 -47.26 43.69
C ASN A 635 -78.81 -47.34 44.30
N ILE A 636 -79.71 -46.53 43.75
CA ILE A 636 -81.11 -46.48 44.19
C ILE A 636 -81.85 -47.81 44.02
N GLU A 637 -81.49 -48.57 42.98
CA GLU A 637 -82.09 -49.86 42.70
C GLU A 637 -81.64 -50.93 43.69
N THR A 638 -80.36 -51.28 43.66
CA THR A 638 -79.83 -52.39 44.44
C THR A 638 -79.43 -52.01 45.87
N GLY A 639 -79.51 -50.73 46.19
CA GLY A 639 -79.05 -50.23 47.48
C GLY A 639 -77.56 -50.49 47.64
N LEU A 640 -76.85 -50.41 46.52
CA LEU A 640 -75.46 -50.78 46.44
C LEU A 640 -74.56 -49.59 46.71
N LEU A 641 -73.68 -49.73 47.69
CA LEU A 641 -72.66 -48.73 47.99
C LEU A 641 -71.35 -49.08 47.29
N SER A 642 -70.72 -48.08 46.69
CA SER A 642 -69.45 -48.29 45.99
C SER A 642 -68.52 -47.09 46.15
N ASP A 643 -67.21 -47.33 46.02
CA ASP A 643 -66.16 -46.29 46.11
C ASP A 643 -66.04 -45.66 47.48
N ARG A 644 -65.77 -46.46 48.51
CA ARG A 644 -65.58 -45.91 49.85
C ARG A 644 -64.41 -44.92 49.87
N LYS A 645 -64.74 -43.65 49.92
CA LYS A 645 -63.74 -42.60 50.07
C LYS A 645 -63.86 -42.01 51.48
N LYS A 646 -62.74 -41.63 52.09
CA LYS A 646 -62.73 -41.12 53.47
C LYS A 646 -61.98 -39.79 53.65
N VAL A 647 -62.63 -38.85 54.34
CA VAL A 647 -62.09 -37.53 54.64
C VAL A 647 -62.20 -37.28 56.15
N THR A 648 -61.17 -36.70 56.75
CA THR A 648 -61.30 -36.13 58.09
C THR A 648 -61.55 -34.64 57.99
N LEU A 649 -62.47 -34.13 58.80
CA LEU A 649 -62.74 -32.70 58.85
C LEU A 649 -63.16 -32.28 60.26
N GLY A 650 -62.15 -32.02 61.08
CA GLY A 650 -62.35 -31.53 62.44
C GLY A 650 -62.82 -32.59 63.42
N THR A 651 -62.36 -32.49 64.67
CA THR A 651 -62.56 -33.56 65.64
C THR A 651 -63.94 -33.62 66.29
N GLN A 652 -64.86 -32.78 65.87
CA GLN A 652 -66.23 -32.88 66.36
C GLN A 652 -67.03 -33.90 65.57
N PRO A 653 -67.93 -34.60 66.25
CA PRO A 653 -68.88 -35.41 65.52
C PRO A 653 -69.56 -34.51 64.50
N THR A 654 -69.34 -34.79 63.23
CA THR A 654 -69.93 -33.97 62.17
C THR A 654 -71.41 -34.34 61.95
N VAL A 655 -72.28 -33.35 62.16
CA VAL A 655 -73.70 -33.47 61.88
C VAL A 655 -73.94 -33.03 60.45
N LEU A 656 -74.74 -33.81 59.71
CA LEU A 656 -75.01 -33.50 58.31
C LEU A 656 -76.36 -32.81 58.10
N ARG A 657 -76.44 -32.03 57.02
CA ARG A 657 -77.64 -31.23 56.72
C ARG A 657 -77.66 -30.78 55.26
N THR A 658 -78.67 -30.10 54.80
CA THR A 658 -78.78 -29.89 53.39
C THR A 658 -79.12 -28.45 53.23
N PHE A 659 -78.64 -27.84 52.17
CA PHE A 659 -79.37 -26.74 51.61
C PHE A 659 -79.29 -26.72 50.15
N ARG A 660 -79.80 -25.67 49.56
CA ARG A 660 -79.95 -25.63 48.14
C ARG A 660 -79.29 -24.39 47.64
N SER A 661 -78.31 -24.54 46.77
CA SER A 661 -77.45 -23.43 46.49
C SER A 661 -77.97 -22.57 45.37
N LEU A 662 -78.21 -23.15 44.21
CA LEU A 662 -78.98 -22.44 43.18
C LEU A 662 -80.28 -23.21 42.96
N SER A 663 -80.29 -24.07 41.94
CA SER A 663 -81.25 -25.17 41.91
C SER A 663 -80.53 -26.36 42.58
N THR A 664 -79.21 -26.38 42.37
CA THR A 664 -78.28 -27.37 42.90
C THR A 664 -78.34 -27.45 44.43
N THR A 665 -78.20 -28.67 44.97
CA THR A 665 -78.32 -28.90 46.41
C THR A 665 -77.01 -29.38 47.04
N ASN A 666 -76.57 -28.68 48.10
CA ASN A 666 -75.32 -29.00 48.79
C ASN A 666 -75.54 -29.51 50.20
N VAL A 667 -74.46 -29.94 50.84
CA VAL A 667 -74.50 -30.49 52.20
C VAL A 667 -73.65 -29.66 53.15
N PHE A 668 -74.24 -29.17 54.22
CA PHE A 668 -73.50 -28.49 55.28
C PHE A 668 -72.99 -29.49 56.35
N ALA A 669 -71.69 -29.45 56.59
CA ALA A 669 -71.08 -30.34 57.55
C ALA A 669 -70.81 -29.67 58.90
N CYS A 670 -71.80 -29.71 59.78
CA CYS A 670 -71.70 -29.05 61.10
C CYS A 670 -70.73 -29.72 62.09
N SER A 671 -69.52 -29.17 62.19
CA SER A 671 -68.57 -29.58 63.22
C SER A 671 -67.74 -28.39 63.68
N ASP A 672 -66.74 -28.62 64.51
CA ASP A 672 -65.80 -27.57 64.89
C ASP A 672 -65.08 -26.96 63.68
N ARG A 673 -64.93 -27.75 62.61
CA ARG A 673 -64.39 -27.28 61.35
C ARG A 673 -65.44 -27.41 60.23
N PRO A 674 -66.38 -26.44 60.14
CA PRO A 674 -67.56 -26.51 59.29
C PRO A 674 -67.17 -26.50 57.83
N THR A 675 -67.88 -27.30 57.04
CA THR A 675 -67.56 -27.47 55.63
C THR A 675 -68.83 -27.60 54.83
N VAL A 676 -68.83 -27.10 53.60
CA VAL A 676 -69.94 -27.28 52.69
C VAL A 676 -69.49 -28.14 51.51
N ILE A 677 -70.19 -29.25 51.25
CA ILE A 677 -69.85 -30.18 50.18
C ILE A 677 -70.81 -30.01 49.01
N TYR A 678 -70.25 -29.98 47.80
CA TYR A 678 -71.03 -29.96 46.56
C TYR A 678 -70.25 -30.73 45.48
N SER A 679 -70.89 -30.99 44.34
CA SER A 679 -70.20 -31.59 43.18
C SER A 679 -70.04 -30.56 42.08
N SER A 680 -69.00 -30.71 41.25
CA SER A 680 -68.74 -29.80 40.13
C SER A 680 -68.89 -30.48 38.76
N ASN A 681 -68.19 -31.60 38.58
CA ASN A 681 -68.39 -32.42 37.39
C ASN A 681 -69.20 -33.66 37.77
N HIS A 682 -68.55 -34.56 38.50
CA HIS A 682 -69.17 -35.76 39.07
C HIS A 682 -68.38 -36.20 40.29
N LYS A 683 -67.37 -35.41 40.63
CA LYS A 683 -66.62 -35.60 41.86
C LYS A 683 -66.94 -34.46 42.81
N LEU A 684 -66.96 -34.75 44.11
CA LEU A 684 -67.43 -33.78 45.09
C LEU A 684 -66.32 -33.00 45.76
N VAL A 685 -66.63 -31.73 46.03
CA VAL A 685 -65.68 -30.71 46.45
C VAL A 685 -66.05 -30.18 47.83
N PHE A 686 -65.03 -29.95 48.64
CA PHE A 686 -65.20 -29.53 50.01
C PHE A 686 -64.74 -28.08 50.22
N SER A 687 -65.68 -27.14 50.09
CA SER A 687 -65.41 -25.73 50.41
C SER A 687 -65.47 -25.52 51.93
N ASN A 688 -64.39 -24.99 52.46
CA ASN A 688 -64.25 -24.73 53.87
C ASN A 688 -65.08 -23.50 54.33
N VAL A 689 -65.99 -23.71 55.29
CA VAL A 689 -66.87 -22.62 55.77
C VAL A 689 -66.15 -21.74 56.77
N ASN A 690 -66.17 -20.44 56.50
CA ASN A 690 -65.42 -19.45 57.30
C ASN A 690 -66.02 -19.14 58.66
N LEU A 691 -65.87 -20.08 59.58
CA LEU A 691 -66.46 -19.93 60.89
C LEU A 691 -65.78 -20.73 62.00
N LYS A 692 -65.89 -20.17 63.20
CA LYS A 692 -65.80 -20.85 64.48
C LYS A 692 -66.62 -22.18 64.42
N GLU A 693 -66.80 -22.87 65.54
CA GLU A 693 -67.70 -24.01 65.56
C GLU A 693 -69.09 -23.72 64.95
N VAL A 694 -69.68 -24.71 64.32
CA VAL A 694 -71.11 -24.70 64.05
C VAL A 694 -71.65 -26.05 64.46
N ASN A 695 -72.50 -26.09 65.49
CA ASN A 695 -73.09 -27.39 65.96
C ASN A 695 -74.25 -27.91 65.10
N TYR A 696 -75.21 -27.03 64.84
CA TYR A 696 -76.35 -27.37 64.01
C TYR A 696 -76.71 -26.26 63.00
N MET A 697 -77.61 -26.58 62.07
CA MET A 697 -77.91 -25.68 60.95
C MET A 697 -79.15 -26.10 60.17
N CYS A 698 -79.83 -25.11 59.60
CA CYS A 698 -80.94 -25.40 58.69
C CYS A 698 -81.25 -24.22 57.80
N PRO A 699 -81.65 -24.50 56.57
CA PRO A 699 -82.07 -23.40 55.72
C PRO A 699 -83.34 -22.72 56.24
N LEU A 700 -83.30 -21.40 56.27
CA LEU A 700 -84.44 -20.62 56.65
C LEU A 700 -84.73 -19.66 55.51
N ASN A 701 -85.87 -19.86 54.84
CA ASN A 701 -86.40 -18.90 53.88
C ASN A 701 -87.63 -18.19 54.46
N SER A 702 -87.35 -17.20 55.30
CA SER A 702 -88.33 -16.39 55.98
C SER A 702 -88.70 -15.20 55.08
N ASP A 703 -89.83 -14.55 55.37
CA ASP A 703 -90.16 -13.27 54.77
C ASP A 703 -89.01 -12.31 55.02
N GLY A 704 -88.66 -12.19 56.30
CA GLY A 704 -87.63 -11.25 56.74
C GLY A 704 -86.23 -11.76 56.48
N TYR A 705 -86.10 -13.08 56.29
CA TYR A 705 -84.80 -13.68 55.99
C TYR A 705 -84.95 -14.58 54.80
N PRO A 706 -84.70 -14.05 53.59
CA PRO A 706 -84.91 -14.85 52.41
C PRO A 706 -83.65 -15.64 52.07
N ASP A 707 -83.84 -16.90 51.72
CA ASP A 707 -82.74 -17.80 51.28
C ASP A 707 -81.59 -17.79 52.28
N SER A 708 -81.91 -17.92 53.55
CA SER A 708 -80.90 -17.73 54.58
C SER A 708 -80.57 -19.05 55.28
N LEU A 709 -79.65 -18.98 56.24
CA LEU A 709 -79.28 -20.10 57.09
C LEU A 709 -79.44 -19.77 58.57
N ALA A 710 -79.99 -20.75 59.30
CA ALA A 710 -79.96 -20.75 60.76
C ALA A 710 -78.76 -21.60 61.18
N LEU A 711 -77.86 -20.97 61.91
CA LEU A 711 -76.66 -21.63 62.37
C LEU A 711 -76.52 -21.51 63.88
N ALA A 712 -76.43 -22.65 64.54
CA ALA A 712 -76.24 -22.61 66.00
C ALA A 712 -74.91 -23.20 66.45
N ASN A 713 -74.17 -22.42 67.22
CA ASN A 713 -72.98 -22.89 67.90
C ASN A 713 -73.35 -23.04 69.36
N ASN A 714 -72.32 -23.18 70.21
CA ASN A 714 -72.54 -23.51 71.61
C ASN A 714 -73.20 -22.42 72.42
N SER A 715 -73.22 -21.19 71.86
CA SER A 715 -73.68 -20.03 72.60
C SER A 715 -74.69 -19.18 71.86
N THR A 716 -74.72 -19.35 70.54
CA THR A 716 -75.42 -18.38 69.70
C THR A 716 -76.23 -18.87 68.49
N LEU A 717 -77.49 -18.48 68.44
CA LEU A 717 -78.26 -18.65 67.21
C LEU A 717 -77.84 -17.56 66.21
N THR A 718 -77.84 -17.91 64.93
CA THR A 718 -77.48 -16.96 63.91
C THR A 718 -78.30 -17.16 62.64
N ILE A 719 -78.94 -16.09 62.19
CA ILE A 719 -79.61 -16.13 60.89
C ILE A 719 -78.73 -15.34 59.97
N GLY A 720 -78.54 -15.86 58.76
CA GLY A 720 -77.64 -15.20 57.82
C GLY A 720 -77.71 -15.74 56.41
N THR A 721 -76.91 -15.13 55.55
CA THR A 721 -76.84 -15.52 54.17
C THR A 721 -75.45 -16.11 53.87
N ILE A 722 -75.43 -17.21 53.13
CA ILE A 722 -74.19 -17.90 52.80
C ILE A 722 -73.61 -17.49 51.45
N ASP A 723 -72.31 -17.22 51.43
CA ASP A 723 -71.58 -16.87 50.21
C ASP A 723 -71.84 -17.87 49.12
N GLU A 724 -71.98 -17.36 47.89
CA GLU A 724 -72.28 -18.23 46.76
C GLU A 724 -71.12 -19.18 46.42
N ILE A 725 -69.90 -18.66 46.56
CA ILE A 725 -68.69 -19.36 46.19
C ILE A 725 -67.61 -19.09 47.24
N GLN A 726 -66.64 -19.98 47.35
CA GLN A 726 -65.50 -19.77 48.23
C GLN A 726 -64.76 -18.48 47.86
N LYS A 727 -64.38 -17.69 48.87
CA LYS A 727 -64.06 -16.27 48.64
C LYS A 727 -62.68 -15.72 49.03
N LEU A 728 -62.18 -15.92 50.25
CA LEU A 728 -60.99 -15.16 50.76
C LEU A 728 -61.16 -13.91 51.66
N HIS A 729 -60.70 -13.99 52.91
CA HIS A 729 -61.23 -13.15 54.02
C HIS A 729 -60.23 -12.72 55.06
N ILE A 730 -60.33 -11.50 55.55
CA ILE A 730 -59.26 -10.76 56.25
C ILE A 730 -59.54 -10.18 57.64
N ARG A 731 -58.57 -10.26 58.54
CA ARG A 731 -58.65 -9.55 59.82
C ARG A 731 -57.48 -8.60 60.05
N THR A 732 -57.73 -7.42 60.60
CA THR A 732 -56.72 -6.38 60.85
C THR A 732 -56.29 -6.34 62.32
N VAL A 733 -55.00 -6.15 62.54
CA VAL A 733 -54.49 -5.93 63.89
C VAL A 733 -53.58 -4.72 63.85
N PRO A 734 -54.09 -3.56 64.30
CA PRO A 734 -53.32 -2.33 64.12
C PRO A 734 -52.19 -2.18 65.15
N LEU A 735 -51.07 -1.64 64.70
CA LEU A 735 -49.88 -1.49 65.53
C LEU A 735 -49.46 -0.02 65.69
N TYR A 736 -49.77 0.79 64.68
CA TYR A 736 -49.31 2.18 64.62
C TYR A 736 -47.79 2.21 64.63
N GLU A 737 -47.21 1.14 64.10
CA GLU A 737 -45.79 1.03 63.94
C GLU A 737 -45.54 0.37 62.58
N SER A 738 -44.41 0.68 61.97
CA SER A 738 -44.02 -0.05 60.78
C SER A 738 -43.61 -1.48 61.18
N PRO A 739 -44.17 -2.48 60.49
CA PRO A 739 -44.16 -3.85 61.00
C PRO A 739 -42.99 -4.76 60.52
N ARG A 740 -42.44 -4.51 59.31
CA ARG A 740 -41.09 -5.01 58.95
C ARG A 740 -40.78 -6.51 58.69
N LYS A 741 -40.70 -7.33 59.74
CA LYS A 741 -40.52 -8.80 59.59
C LYS A 741 -41.40 -9.58 60.55
N ILE A 742 -41.86 -10.76 60.14
CA ILE A 742 -42.74 -11.55 61.03
C ILE A 742 -42.51 -13.08 60.95
N CYS A 743 -42.67 -13.77 62.07
CA CYS A 743 -42.57 -15.23 62.07
C CYS A 743 -43.30 -15.93 63.25
N TYR A 744 -43.71 -17.18 63.04
CA TYR A 744 -44.56 -17.90 63.99
C TYR A 744 -43.81 -18.94 64.80
N GLN A 745 -43.82 -18.77 66.11
CA GLN A 745 -43.18 -19.72 67.01
C GLN A 745 -44.24 -20.65 67.58
N GLU A 746 -44.48 -21.73 66.86
CA GLU A 746 -45.65 -22.59 67.11
C GLU A 746 -45.63 -23.21 68.51
N VAL A 747 -44.44 -23.38 69.05
CA VAL A 747 -44.24 -24.05 70.33
C VAL A 747 -44.76 -23.19 71.48
N SER A 748 -44.33 -21.93 71.50
CA SER A 748 -44.74 -21.02 72.57
C SER A 748 -46.02 -20.32 72.19
N GLN A 749 -46.73 -20.88 71.21
CA GLN A 749 -48.04 -20.40 70.77
C GLN A 749 -48.01 -18.88 70.59
N CYS A 750 -47.25 -18.43 69.61
CA CYS A 750 -46.81 -17.07 69.60
C CYS A 750 -46.23 -16.60 68.27
N PHE A 751 -46.54 -15.36 67.91
CA PHE A 751 -45.89 -14.72 66.76
C PHE A 751 -44.84 -13.76 67.27
N GLY A 752 -43.77 -13.59 66.48
CA GLY A 752 -42.73 -12.62 66.76
C GLY A 752 -42.64 -11.66 65.58
N VAL A 753 -42.72 -10.37 65.89
CA VAL A 753 -42.77 -9.30 64.86
C VAL A 753 -41.70 -8.26 65.14
N LEU A 754 -40.94 -7.88 64.11
CA LEU A 754 -40.01 -6.74 64.23
C LEU A 754 -40.69 -5.44 63.83
N SER A 755 -41.00 -4.59 64.81
CA SER A 755 -41.66 -3.32 64.51
C SER A 755 -40.57 -2.27 64.44
N SER A 756 -40.98 -1.00 64.32
CA SER A 756 -40.04 0.14 64.31
C SER A 756 -40.81 1.45 64.26
N ARG A 757 -40.50 2.33 65.19
CA ARG A 757 -41.26 3.57 65.34
C ARG A 757 -40.44 4.84 65.18
N ILE A 758 -41.03 5.78 64.45
CA ILE A 758 -40.48 7.13 64.32
C ILE A 758 -40.55 7.89 65.64
N GLU A 759 -39.40 8.34 66.11
CA GLU A 759 -39.31 9.25 67.25
C GLU A 759 -38.58 10.51 66.81
N VAL A 760 -38.82 11.63 67.47
CA VAL A 760 -38.17 12.89 67.12
C VAL A 760 -37.02 13.27 68.05
N GLN A 761 -35.85 13.57 67.47
CA GLN A 761 -34.67 14.00 68.22
C GLN A 761 -34.97 15.21 69.10
N ASP A 762 -34.76 15.04 70.39
CA ASP A 762 -35.05 16.07 71.37
C ASP A 762 -33.89 17.07 71.52
N THR A 763 -34.15 18.21 72.18
CA THR A 763 -33.11 19.18 72.53
C THR A 763 -31.95 18.52 73.28
N SER A 764 -32.29 17.74 74.31
CA SER A 764 -31.31 16.92 75.03
C SER A 764 -31.00 15.67 74.20
N GLY A 765 -30.88 14.53 74.87
CA GLY A 765 -30.84 13.23 74.19
C GLY A 765 -32.10 13.04 73.36
N GLY A 766 -31.95 12.35 72.24
CA GLY A 766 -33.03 12.23 71.24
C GLY A 766 -34.30 11.47 71.58
N THR A 767 -34.49 10.32 70.94
CA THR A 767 -35.66 9.44 71.10
C THR A 767 -37.01 10.25 71.20
N THR A 768 -37.90 9.89 72.13
CA THR A 768 -39.26 10.47 72.27
C THR A 768 -40.19 10.19 71.08
N ALA A 769 -41.17 9.31 71.26
CA ALA A 769 -42.09 9.04 70.17
C ALA A 769 -43.10 10.14 70.01
N LEU A 770 -43.74 10.18 68.85
CA LEU A 770 -44.98 10.91 68.70
C LEU A 770 -46.07 9.85 68.60
N ARG A 771 -47.17 10.02 69.32
CA ARG A 771 -48.27 9.03 69.33
C ARG A 771 -47.85 7.63 69.81
N PRO A 772 -48.63 7.06 70.76
CA PRO A 772 -48.33 5.74 71.30
C PRO A 772 -48.59 4.64 70.27
N SER A 773 -47.75 3.63 70.29
CA SER A 773 -47.89 2.58 69.34
C SER A 773 -47.71 1.27 70.08
N ALA A 774 -47.67 0.17 69.33
CA ALA A 774 -47.70 -1.17 69.90
C ALA A 774 -46.61 -1.46 70.94
N SER A 775 -45.51 -0.73 70.87
CA SER A 775 -44.42 -0.97 71.81
C SER A 775 -44.40 0.04 72.95
N THR A 776 -45.23 1.08 72.86
CA THR A 776 -45.35 2.08 73.93
C THR A 776 -46.40 1.61 74.91
N GLN A 777 -47.56 1.22 74.37
CA GLN A 777 -48.55 0.48 75.15
C GLN A 777 -48.03 -0.97 75.19
N ALA A 778 -47.26 -1.24 76.24
CA ALA A 778 -46.55 -2.51 76.39
C ALA A 778 -46.23 -2.77 77.85
N LEU A 779 -47.19 -3.31 78.58
CA LEU A 779 -46.93 -3.89 79.89
C LEU A 779 -46.05 -5.12 79.60
N SER A 780 -45.02 -5.30 80.42
CA SER A 780 -43.94 -6.28 80.17
C SER A 780 -43.21 -5.97 78.88
N SER A 781 -42.18 -5.14 79.00
CA SER A 781 -41.32 -4.75 77.91
C SER A 781 -39.88 -4.67 78.44
N SER A 782 -38.91 -4.77 77.55
CA SER A 782 -37.51 -4.77 77.95
C SER A 782 -36.65 -3.95 76.99
N VAL A 783 -35.42 -3.63 77.42
CA VAL A 783 -34.40 -3.01 76.55
C VAL A 783 -33.01 -3.60 76.82
N SER A 784 -32.48 -4.41 75.90
CA SER A 784 -31.13 -4.96 76.10
C SER A 784 -30.17 -3.80 75.99
N SER A 785 -29.36 -3.64 77.04
CA SER A 785 -28.36 -2.60 77.08
C SER A 785 -26.96 -3.19 76.94
N SER A 786 -26.91 -4.34 76.27
CA SER A 786 -25.66 -5.00 75.88
C SER A 786 -24.58 -3.97 75.51
N LYS A 787 -23.43 -4.09 76.15
CA LYS A 787 -22.44 -3.01 76.15
C LYS A 787 -21.38 -3.13 75.06
N LEU A 788 -21.57 -4.01 74.09
CA LEU A 788 -20.50 -4.33 73.14
C LEU A 788 -20.06 -3.22 72.16
N PHE A 789 -20.85 -2.16 72.03
CA PHE A 789 -20.47 -1.06 71.14
C PHE A 789 -19.94 0.15 71.90
N SER A 790 -19.08 0.93 71.27
CA SER A 790 -18.55 2.15 71.89
C SER A 790 -18.88 3.37 71.04
N SER A 791 -19.64 4.30 71.61
CA SER A 791 -20.14 5.48 70.89
C SER A 791 -19.08 6.56 70.66
N SER A 792 -19.42 7.55 69.83
CA SER A 792 -18.55 8.69 69.60
C SER A 792 -18.63 9.63 70.78
N THR A 793 -17.52 10.32 71.06
CA THR A 793 -17.39 11.24 72.20
C THR A 793 -18.24 12.49 72.04
N ALA A 794 -18.32 12.98 70.81
CA ALA A 794 -19.16 14.13 70.48
C ALA A 794 -20.34 13.63 69.66
N PRO A 795 -21.56 13.81 70.18
CA PRO A 795 -22.81 13.33 69.56
C PRO A 795 -22.94 13.67 68.07
N HIS A 796 -22.72 12.67 67.22
CA HIS A 796 -22.73 12.89 65.76
C HIS A 796 -24.15 12.96 65.16
N GLU A 797 -25.00 13.78 65.79
CA GLU A 797 -26.41 13.90 65.38
C GLU A 797 -26.60 14.44 63.96
N THR A 798 -26.82 13.52 63.01
CA THR A 798 -27.24 13.84 61.64
C THR A 798 -28.71 13.45 61.39
N SER A 799 -29.31 14.00 60.33
CA SER A 799 -30.78 14.17 60.19
C SER A 799 -31.26 15.15 61.28
N PHE A 800 -30.70 16.36 61.24
CA PHE A 800 -30.86 17.44 62.24
C PHE A 800 -30.31 17.12 63.65
N GLY A 801 -29.31 17.91 64.05
CA GLY A 801 -28.59 17.71 65.32
C GLY A 801 -29.42 17.99 66.58
N GLU A 802 -30.73 18.21 66.39
CA GLU A 802 -31.67 18.49 67.50
C GLU A 802 -33.15 18.54 67.07
N GLU A 803 -33.46 18.14 65.84
CA GLU A 803 -34.84 18.31 65.32
C GLU A 803 -35.54 17.06 64.74
N VAL A 804 -35.03 16.55 63.62
CA VAL A 804 -35.81 15.59 62.83
C VAL A 804 -35.70 14.12 63.34
N GLU A 805 -36.38 13.21 62.64
CA GLU A 805 -36.74 11.86 63.11
C GLU A 805 -35.61 10.83 63.23
N VAL A 806 -35.89 9.77 64.00
CA VAL A 806 -34.98 8.65 64.21
C VAL A 806 -35.79 7.36 64.16
N HIS A 807 -35.22 6.31 63.57
CA HIS A 807 -35.77 4.97 63.68
C HIS A 807 -35.58 4.48 65.11
N ASN A 808 -36.27 3.42 65.48
CA ASN A 808 -36.25 2.94 66.83
C ASN A 808 -36.97 1.62 66.78
N LEU A 809 -36.23 0.51 66.92
CA LEU A 809 -36.73 -0.73 66.31
C LEU A 809 -36.82 -1.71 67.52
N LEU A 810 -37.90 -2.43 67.68
CA LEU A 810 -37.94 -3.39 68.73
C LEU A 810 -38.51 -4.64 68.19
N ILE A 811 -38.44 -5.72 68.94
CA ILE A 811 -39.17 -6.97 68.62
C ILE A 811 -40.45 -6.98 69.46
N ILE A 812 -41.55 -7.51 68.91
CA ILE A 812 -42.78 -7.66 69.69
C ILE A 812 -43.31 -9.12 69.61
N ASP A 813 -44.13 -9.51 70.60
CA ASP A 813 -44.73 -10.86 70.65
C ASP A 813 -46.24 -10.87 70.61
N GLN A 814 -46.84 -11.27 69.50
CA GLN A 814 -48.27 -11.35 69.49
C GLN A 814 -48.66 -12.75 69.85
N HIS A 815 -49.79 -12.86 70.56
CA HIS A 815 -50.26 -14.11 71.10
C HIS A 815 -50.49 -15.19 70.05
N THR A 816 -51.73 -15.45 69.67
CA THR A 816 -52.06 -16.33 68.55
C THR A 816 -53.49 -15.99 68.21
N PHE A 817 -54.42 -16.69 68.84
CA PHE A 817 -55.80 -16.27 68.90
C PHE A 817 -55.87 -15.02 69.79
N GLU A 818 -56.57 -13.99 69.31
CA GLU A 818 -56.74 -12.70 70.02
C GLU A 818 -55.64 -11.65 69.76
N VAL A 819 -54.47 -12.12 69.32
CA VAL A 819 -53.31 -11.27 68.99
C VAL A 819 -53.12 -10.00 69.87
N LEU A 820 -53.41 -10.11 71.15
CA LEU A 820 -52.96 -9.14 72.14
C LEU A 820 -51.47 -9.14 72.11
N HIS A 821 -50.85 -8.01 72.34
CA HIS A 821 -49.39 -7.97 72.28
C HIS A 821 -48.75 -8.37 73.62
N ALA A 822 -48.02 -9.47 73.63
CA ALA A 822 -47.51 -10.01 74.88
C ALA A 822 -46.34 -9.19 75.40
N HIS A 823 -45.21 -9.23 74.69
CA HIS A 823 -43.97 -8.56 75.16
C HIS A 823 -43.30 -7.70 74.06
N GLN A 824 -42.83 -6.52 74.44
CA GLN A 824 -42.15 -5.60 73.52
C GLN A 824 -40.72 -5.41 73.96
N PHE A 825 -39.80 -5.35 73.01
CA PHE A 825 -38.41 -5.25 73.37
C PHE A 825 -37.62 -4.35 72.43
N LEU A 826 -37.02 -3.31 73.03
CA LEU A 826 -36.27 -2.29 72.28
C LEU A 826 -34.84 -2.75 72.04
N GLN A 827 -34.46 -2.75 70.75
CA GLN A 827 -33.12 -3.17 70.28
C GLN A 827 -32.05 -2.15 70.66
N ASN A 828 -30.87 -2.30 70.04
CA ASN A 828 -29.61 -1.66 70.50
C ASN A 828 -29.63 -0.16 70.60
N GLU A 829 -30.77 0.44 70.24
CA GLU A 829 -31.00 1.90 70.23
C GLU A 829 -30.70 2.53 68.86
N TYR A 830 -29.61 2.11 68.23
CA TYR A 830 -29.40 2.47 66.84
C TYR A 830 -29.40 1.30 65.89
N ALA A 831 -29.79 0.15 66.39
CA ALA A 831 -29.79 -1.04 65.59
C ALA A 831 -31.03 -1.05 64.72
N LEU A 832 -30.87 -1.32 63.43
CA LEU A 832 -32.06 -1.28 62.61
C LEU A 832 -32.75 -2.64 62.63
N SER A 833 -31.99 -3.72 62.76
CA SER A 833 -32.58 -5.10 62.91
C SER A 833 -33.44 -5.60 61.72
N LEU A 834 -32.89 -6.53 60.95
CA LEU A 834 -33.42 -6.78 59.60
C LEU A 834 -33.95 -8.19 59.38
N VAL A 835 -33.77 -9.09 60.37
CA VAL A 835 -34.24 -10.48 60.23
C VAL A 835 -34.73 -11.17 61.48
N SER A 836 -35.68 -12.10 61.32
CA SER A 836 -36.35 -12.74 62.45
C SER A 836 -36.45 -14.25 62.24
N CYS A 837 -36.39 -14.99 63.34
CA CYS A 837 -36.26 -16.46 63.31
C CYS A 837 -36.80 -17.26 64.50
N LYS A 838 -37.55 -18.33 64.23
CA LYS A 838 -37.91 -19.24 65.31
C LYS A 838 -37.20 -20.59 65.12
N LEU A 839 -36.44 -21.04 66.14
CA LEU A 839 -35.48 -22.12 65.92
C LEU A 839 -35.21 -23.15 66.99
N GLY A 840 -34.33 -24.09 66.64
CA GLY A 840 -33.72 -25.00 67.59
C GLY A 840 -32.38 -25.46 67.03
N LYS A 841 -31.46 -25.88 67.92
CA LYS A 841 -30.21 -26.60 67.56
C LYS A 841 -29.87 -27.66 68.61
N ASP A 842 -30.43 -27.46 69.80
CA ASP A 842 -30.50 -28.44 70.93
C ASP A 842 -31.57 -28.11 71.99
N PRO A 843 -31.53 -26.89 72.57
CA PRO A 843 -32.35 -26.70 73.76
C PRO A 843 -33.85 -26.44 73.50
N ASN A 844 -34.23 -25.16 73.65
CA ASN A 844 -35.60 -24.67 73.46
C ASN A 844 -35.76 -23.91 72.13
N THR A 845 -36.93 -23.32 71.93
CA THR A 845 -37.23 -22.61 70.71
C THR A 845 -36.93 -21.12 70.89
N TYR A 846 -35.95 -20.63 70.15
CA TYR A 846 -35.46 -19.26 70.30
C TYR A 846 -36.01 -18.33 69.25
N PHE A 847 -36.02 -17.03 69.57
CA PHE A 847 -36.29 -15.95 68.62
C PHE A 847 -34.95 -15.28 68.33
N ILE A 848 -34.45 -15.40 67.10
CA ILE A 848 -33.15 -14.83 66.76
C ILE A 848 -33.33 -13.62 65.84
N VAL A 849 -32.65 -12.52 66.18
CA VAL A 849 -32.83 -11.22 65.51
C VAL A 849 -31.51 -10.75 64.95
N GLY A 850 -31.48 -10.52 63.65
CA GLY A 850 -30.25 -10.06 62.98
C GLY A 850 -30.21 -8.56 62.83
N THR A 851 -29.41 -7.89 63.67
CA THR A 851 -29.44 -6.44 63.78
C THR A 851 -28.63 -5.73 62.72
N ALA A 852 -28.94 -4.45 62.50
CA ALA A 852 -28.23 -3.68 61.48
C ALA A 852 -27.14 -2.81 62.06
N MET A 853 -27.52 -1.75 62.75
CA MET A 853 -26.59 -0.71 63.27
C MET A 853 -26.31 0.36 62.25
N VAL A 854 -27.38 1.09 61.92
CA VAL A 854 -27.37 2.17 60.96
C VAL A 854 -27.14 3.49 61.68
N TYR A 855 -26.07 4.16 61.29
CA TYR A 855 -25.81 5.54 61.76
C TYR A 855 -26.24 6.43 60.61
N PRO A 856 -27.05 7.48 60.90
CA PRO A 856 -27.80 8.29 59.92
C PRO A 856 -27.50 8.09 58.43
N GLU A 857 -26.30 8.37 57.83
CA GLU A 857 -25.08 9.14 58.24
C GLU A 857 -23.84 8.54 57.57
N GLU A 858 -23.72 7.21 57.64
CA GLU A 858 -22.84 6.45 56.75
C GLU A 858 -23.71 5.62 55.86
N ALA A 859 -23.35 5.55 54.59
CA ALA A 859 -24.17 4.84 53.63
C ALA A 859 -24.03 3.34 53.83
N GLU A 860 -22.79 2.90 54.03
CA GLU A 860 -22.50 1.49 54.21
C GLU A 860 -22.54 1.15 55.68
N PRO A 861 -23.16 0.03 56.03
CA PRO A 861 -23.19 -0.38 57.41
C PRO A 861 -22.08 -1.40 57.67
N LYS A 862 -21.39 -1.25 58.80
CA LYS A 862 -20.26 -2.12 59.11
C LYS A 862 -20.16 -2.56 60.58
N GLN A 863 -21.28 -3.03 61.15
CA GLN A 863 -21.34 -3.44 62.55
C GLN A 863 -22.62 -4.20 62.88
N GLY A 864 -22.63 -5.51 62.61
CA GLY A 864 -23.77 -6.36 62.91
C GLY A 864 -23.99 -6.73 64.36
N ARG A 865 -24.97 -7.60 64.57
CA ARG A 865 -25.25 -8.21 65.83
C ARG A 865 -26.31 -9.26 65.57
N ILE A 866 -26.07 -10.48 66.01
CA ILE A 866 -27.09 -11.51 65.98
C ILE A 866 -27.44 -11.77 67.43
N VAL A 867 -28.70 -11.56 67.80
CA VAL A 867 -29.09 -11.76 69.19
C VAL A 867 -30.12 -12.84 69.29
N VAL A 868 -29.85 -13.81 70.19
CA VAL A 868 -30.72 -14.96 70.40
C VAL A 868 -31.61 -14.74 71.60
N PHE A 869 -32.92 -14.96 71.43
CA PHE A 869 -33.87 -14.73 72.51
C PHE A 869 -34.59 -16.01 72.90
N GLN A 870 -35.09 -16.05 74.14
CA GLN A 870 -35.95 -17.13 74.61
C GLN A 870 -37.12 -16.51 75.31
N TYR A 871 -38.32 -16.80 74.84
CA TYR A 871 -39.53 -16.24 75.43
C TYR A 871 -40.40 -17.22 76.21
N SER A 872 -40.91 -16.74 77.35
CA SER A 872 -42.00 -17.40 78.11
C SER A 872 -42.61 -16.47 79.15
N ASP A 873 -43.91 -16.60 79.35
CA ASP A 873 -44.61 -15.87 80.40
C ASP A 873 -44.31 -14.37 80.40
N GLY A 874 -44.29 -13.77 79.22
CA GLY A 874 -44.04 -12.33 79.06
C GLY A 874 -42.61 -11.94 79.36
N LYS A 875 -41.84 -12.91 79.84
CA LYS A 875 -40.44 -12.71 80.09
C LYS A 875 -39.71 -13.08 78.81
N LEU A 876 -39.00 -12.11 78.26
CA LEU A 876 -38.22 -12.28 77.04
C LEU A 876 -36.75 -12.03 77.35
N GLN A 877 -35.94 -13.06 77.23
CA GLN A 877 -34.59 -13.07 77.78
C GLN A 877 -33.52 -13.12 76.71
N THR A 878 -32.63 -12.13 76.72
CA THR A 878 -31.47 -12.09 75.83
C THR A 878 -30.55 -13.26 76.17
N VAL A 879 -30.58 -14.31 75.37
CA VAL A 879 -29.85 -15.55 75.68
C VAL A 879 -28.39 -15.45 75.33
N ALA A 880 -28.11 -15.49 74.04
CA ALA A 880 -26.75 -15.36 73.52
C ALA A 880 -26.63 -14.13 72.62
N GLU A 881 -25.49 -14.02 71.95
CA GLU A 881 -25.15 -12.82 71.19
C GLU A 881 -23.91 -13.12 70.39
N LYS A 882 -23.80 -12.50 69.22
CA LYS A 882 -22.56 -12.49 68.46
C LYS A 882 -22.52 -11.17 67.72
N GLU A 883 -21.46 -10.42 67.94
CA GLU A 883 -21.21 -9.22 67.15
C GLU A 883 -20.70 -9.61 65.78
N VAL A 884 -21.30 -9.02 64.76
CA VAL A 884 -20.78 -9.15 63.42
C VAL A 884 -20.19 -7.81 63.00
N LYS A 885 -19.43 -7.82 61.90
CA LYS A 885 -18.76 -6.62 61.42
C LYS A 885 -19.51 -5.98 60.22
N GLY A 886 -20.80 -6.28 60.10
CA GLY A 886 -21.60 -5.80 58.96
C GLY A 886 -23.07 -5.55 59.24
N ALA A 887 -23.96 -6.09 58.40
CA ALA A 887 -25.41 -5.90 58.55
C ALA A 887 -26.22 -7.14 58.17
N VAL A 888 -26.60 -7.93 59.18
CA VAL A 888 -27.25 -9.24 58.96
C VAL A 888 -28.55 -9.16 58.15
N TYR A 889 -28.46 -9.27 56.82
CA TYR A 889 -29.61 -9.03 55.94
C TYR A 889 -30.69 -10.08 55.97
N SER A 890 -30.28 -11.34 56.05
CA SER A 890 -31.23 -12.41 56.38
C SER A 890 -30.61 -13.61 57.14
N MET A 891 -31.48 -14.47 57.67
CA MET A 891 -31.09 -15.66 58.41
C MET A 891 -32.05 -16.80 58.13
N VAL A 892 -31.54 -18.04 58.17
CA VAL A 892 -32.38 -19.23 58.02
C VAL A 892 -31.97 -20.38 58.97
N GLU A 893 -32.97 -21.08 59.51
CA GLU A 893 -32.77 -22.37 60.19
C GLU A 893 -32.25 -23.31 59.12
N PHE A 894 -31.04 -23.81 59.29
CA PHE A 894 -30.46 -24.64 58.25
C PHE A 894 -29.88 -25.93 58.80
N ASN A 895 -30.60 -27.04 58.61
CA ASN A 895 -30.18 -28.36 59.11
C ASN A 895 -29.70 -28.37 60.57
N GLY A 896 -30.24 -27.46 61.37
CA GLY A 896 -29.86 -27.36 62.78
C GLY A 896 -28.98 -26.15 63.07
N LYS A 897 -28.35 -25.61 62.03
CA LYS A 897 -27.50 -24.43 62.18
C LYS A 897 -28.23 -23.13 61.80
N LEU A 898 -27.63 -22.00 62.11
CA LEU A 898 -28.20 -20.69 61.76
C LEU A 898 -27.42 -19.99 60.65
N LEU A 899 -27.82 -20.18 59.40
CA LEU A 899 -27.16 -19.53 58.24
C LEU A 899 -27.51 -18.03 58.16
N ALA A 900 -26.50 -17.21 57.89
CA ALA A 900 -26.72 -15.76 57.85
C ALA A 900 -25.92 -15.03 56.78
N SER A 901 -26.60 -14.19 56.01
CA SER A 901 -25.89 -13.23 55.15
C SER A 901 -25.54 -12.03 56.01
N ILE A 902 -24.28 -11.64 56.01
CA ILE A 902 -23.89 -10.44 56.76
C ILE A 902 -23.70 -9.17 55.90
N ASN A 903 -22.75 -9.14 54.97
CA ASN A 903 -22.78 -8.11 53.96
C ASN A 903 -22.47 -8.80 52.69
N SER A 904 -21.26 -8.62 52.20
CA SER A 904 -20.76 -9.39 51.06
C SER A 904 -20.72 -10.91 51.38
N THR A 905 -20.60 -11.21 52.67
CA THR A 905 -20.28 -12.54 53.16
C THR A 905 -21.52 -13.38 53.51
N VAL A 906 -21.45 -14.70 53.30
CA VAL A 906 -22.49 -15.63 53.74
C VAL A 906 -21.90 -16.56 54.80
N ARG A 907 -22.32 -16.41 56.06
CA ARG A 907 -21.76 -17.17 57.16
C ARG A 907 -22.68 -18.31 57.58
N LEU A 908 -22.10 -19.38 58.14
CA LEU A 908 -22.89 -20.56 58.49
C LEU A 908 -23.35 -20.59 59.93
N TYR A 909 -22.47 -20.26 60.89
CA TYR A 909 -22.81 -20.20 62.35
C TYR A 909 -23.37 -21.49 62.99
N GLU A 910 -22.73 -21.92 64.07
CA GLU A 910 -23.13 -23.12 64.77
C GLU A 910 -23.39 -22.85 66.27
N TRP A 911 -24.17 -23.72 66.92
CA TRP A 911 -24.65 -23.47 68.27
C TRP A 911 -24.24 -24.67 69.10
N THR A 912 -23.27 -24.46 69.99
CA THR A 912 -22.76 -25.55 70.83
C THR A 912 -23.20 -25.33 72.27
N THR A 913 -22.98 -26.36 73.10
CA THR A 913 -23.19 -26.29 74.53
C THR A 913 -22.46 -25.05 75.04
N GLU A 914 -22.95 -24.49 76.15
CA GLU A 914 -22.59 -23.13 76.62
C GLU A 914 -23.39 -22.08 75.84
N LYS A 915 -24.22 -22.59 74.93
CA LYS A 915 -25.24 -21.81 74.25
C LYS A 915 -24.67 -20.50 73.76
N ASP A 916 -23.67 -20.62 72.89
CA ASP A 916 -23.15 -19.50 72.11
C ASP A 916 -23.15 -19.83 70.62
N VAL A 917 -23.34 -18.79 69.81
CA VAL A 917 -23.38 -18.97 68.36
C VAL A 917 -21.96 -18.79 67.76
N ARG A 918 -21.41 -19.88 67.24
CA ARG A 918 -19.98 -20.02 66.96
C ARG A 918 -19.68 -20.23 65.48
N THR A 919 -18.71 -19.46 65.00
CA THR A 919 -18.47 -19.23 63.57
C THR A 919 -17.98 -20.47 62.78
N GLU A 920 -18.87 -21.15 62.08
CA GLU A 920 -18.45 -22.21 61.17
C GLU A 920 -18.10 -21.60 59.81
N CYS A 921 -18.08 -22.42 58.75
CA CYS A 921 -17.58 -22.05 57.40
C CYS A 921 -18.23 -20.82 56.71
N ASN A 922 -17.53 -20.26 55.72
CA ASN A 922 -17.95 -19.05 55.03
C ASN A 922 -18.01 -19.11 53.50
N HIS A 923 -18.81 -18.21 52.92
CA HIS A 923 -18.78 -17.90 51.49
C HIS A 923 -18.66 -16.40 51.33
N TYR A 924 -17.74 -15.98 50.47
CA TYR A 924 -17.31 -14.59 50.46
C TYR A 924 -17.72 -13.83 49.24
N ASN A 925 -17.95 -14.55 48.15
CA ASN A 925 -18.06 -13.92 46.84
C ASN A 925 -19.45 -13.39 46.51
N ASN A 926 -19.78 -12.27 47.13
CA ASN A 926 -21.02 -11.54 46.85
C ASN A 926 -20.83 -10.06 47.06
N ILE A 927 -21.75 -9.29 46.48
CA ILE A 927 -21.75 -7.86 46.70
C ILE A 927 -22.80 -7.47 47.77
N MET A 928 -24.05 -7.88 47.59
CA MET A 928 -25.06 -7.56 48.59
C MET A 928 -25.48 -8.75 49.40
N ALA A 929 -26.00 -9.80 48.78
CA ALA A 929 -26.42 -10.99 49.56
C ALA A 929 -27.55 -10.70 50.54
N LEU A 930 -28.62 -10.11 50.02
CA LEU A 930 -29.77 -9.67 50.83
C LEU A 930 -30.73 -10.77 51.12
N TYR A 931 -30.80 -11.78 50.24
CA TYR A 931 -31.83 -12.81 50.36
C TYR A 931 -31.24 -14.19 50.42
N LEU A 932 -31.79 -15.02 51.32
CA LEU A 932 -31.38 -16.40 51.45
C LEU A 932 -32.59 -17.30 51.39
N LYS A 933 -32.43 -18.46 50.77
CA LYS A 933 -33.47 -19.47 50.83
C LYS A 933 -32.83 -20.85 50.64
N THR A 934 -33.04 -21.74 51.61
CA THR A 934 -32.41 -23.05 51.57
C THR A 934 -33.44 -24.10 51.20
N LYS A 935 -32.96 -25.20 50.65
CA LYS A 935 -33.74 -26.40 50.48
C LYS A 935 -32.75 -27.54 50.69
N GLY A 936 -32.94 -28.29 51.77
CA GLY A 936 -32.01 -29.38 52.13
C GLY A 936 -30.65 -28.79 52.40
N ASP A 937 -29.64 -29.24 51.67
CA ASP A 937 -28.29 -28.74 51.82
C ASP A 937 -27.97 -27.65 50.80
N PHE A 938 -28.94 -27.35 49.92
CA PHE A 938 -28.80 -26.29 48.91
C PHE A 938 -29.17 -24.91 49.44
N ILE A 939 -28.46 -23.91 48.95
CA ILE A 939 -28.63 -22.53 49.42
C ILE A 939 -28.72 -21.54 48.28
N LEU A 940 -29.89 -20.91 48.15
CA LEU A 940 -30.12 -19.87 47.16
C LEU A 940 -29.73 -18.52 47.74
N VAL A 941 -29.06 -17.70 46.93
CA VAL A 941 -28.60 -16.40 47.39
C VAL A 941 -28.97 -15.35 46.33
N GLY A 942 -29.84 -14.43 46.76
CA GLY A 942 -30.16 -13.24 45.98
C GLY A 942 -29.11 -12.21 46.34
N ASP A 943 -28.17 -11.97 45.42
CA ASP A 943 -27.18 -10.92 45.64
C ASP A 943 -27.69 -9.70 44.90
N LEU A 944 -28.04 -8.66 45.61
CA LEU A 944 -28.79 -7.57 45.00
C LEU A 944 -28.04 -6.94 43.86
N MET A 945 -26.73 -7.04 43.92
CA MET A 945 -25.93 -6.25 43.06
C MET A 945 -25.27 -7.11 42.01
N ARG A 946 -26.04 -7.97 41.37
CA ARG A 946 -25.47 -9.05 40.64
C ARG A 946 -26.14 -10.35 40.88
N SER A 947 -27.30 -10.54 40.29
CA SER A 947 -27.98 -11.82 40.25
C SER A 947 -27.66 -12.94 41.20
N VAL A 948 -28.12 -14.14 40.92
CA VAL A 948 -28.32 -15.03 42.00
C VAL A 948 -27.55 -16.27 41.89
N LEU A 949 -27.29 -16.94 43.00
CA LEU A 949 -26.31 -17.99 43.01
C LEU A 949 -26.66 -19.13 43.91
N LEU A 950 -26.33 -20.33 43.50
CA LEU A 950 -26.57 -21.54 44.26
C LEU A 950 -25.31 -22.01 44.99
N LEU A 951 -25.46 -22.28 46.27
CA LEU A 951 -24.38 -22.80 47.08
C LEU A 951 -24.80 -24.13 47.67
N ALA A 952 -23.83 -25.02 47.88
CA ALA A 952 -24.09 -26.22 48.64
C ALA A 952 -23.24 -26.23 49.90
N TYR A 953 -23.84 -26.68 50.99
CA TYR A 953 -23.08 -27.17 52.11
C TYR A 953 -22.85 -28.62 51.75
N LYS A 954 -21.58 -29.00 51.75
CA LYS A 954 -21.26 -30.40 51.67
C LYS A 954 -20.85 -30.87 53.06
N PRO A 955 -21.58 -31.84 53.63
CA PRO A 955 -21.06 -32.53 54.79
C PRO A 955 -20.04 -33.54 54.27
N MET A 956 -19.52 -34.38 55.17
CA MET A 956 -18.35 -35.24 54.89
C MET A 956 -17.17 -34.33 54.56
N GLU A 957 -17.38 -33.02 54.78
CA GLU A 957 -16.59 -31.99 54.16
C GLU A 957 -16.51 -30.73 55.03
N GLY A 958 -17.67 -30.20 55.40
CA GLY A 958 -17.78 -29.06 56.32
C GLY A 958 -17.48 -27.68 55.77
N ASN A 959 -17.95 -27.39 54.55
CA ASN A 959 -17.79 -26.07 53.94
C ASN A 959 -18.75 -25.80 52.77
N PHE A 960 -18.72 -24.54 52.30
CA PHE A 960 -19.51 -24.06 51.15
C PHE A 960 -18.82 -24.29 49.80
N GLU A 961 -19.63 -24.54 48.78
CA GLU A 961 -19.11 -24.73 47.44
C GLU A 961 -20.08 -24.13 46.47
N GLU A 962 -19.64 -23.11 45.75
CA GLU A 962 -20.42 -22.51 44.69
C GLU A 962 -20.79 -23.61 43.70
N ILE A 963 -22.06 -23.68 43.32
CA ILE A 963 -22.51 -24.67 42.35
C ILE A 963 -22.81 -23.99 41.04
N ALA A 964 -23.55 -22.91 41.10
CA ALA A 964 -23.92 -22.17 39.91
C ALA A 964 -24.33 -20.72 40.20
N ARG A 965 -23.96 -19.84 39.28
CA ARG A 965 -24.34 -18.46 39.34
C ARG A 965 -25.23 -18.23 38.13
N ASP A 966 -26.28 -17.44 38.27
CA ASP A 966 -27.00 -16.97 37.10
C ASP A 966 -26.16 -15.85 36.47
N PHE A 967 -25.99 -15.89 35.16
CA PHE A 967 -25.40 -14.74 34.49
C PHE A 967 -26.56 -13.79 34.19
N ASN A 968 -26.25 -12.60 33.67
CA ASN A 968 -27.24 -11.50 33.53
C ASN A 968 -27.83 -11.05 34.88
N PRO A 969 -27.70 -9.76 35.16
CA PRO A 969 -27.47 -9.42 36.54
C PRO A 969 -28.64 -9.07 37.46
N ASN A 970 -29.88 -9.18 37.01
CA ASN A 970 -31.05 -8.99 37.91
C ASN A 970 -30.94 -8.21 39.27
N TRP A 971 -31.70 -7.13 39.41
CA TRP A 971 -31.80 -6.42 40.70
C TRP A 971 -32.95 -6.96 41.52
N MET A 972 -32.82 -8.20 41.97
CA MET A 972 -33.95 -8.93 42.53
C MET A 972 -34.58 -8.30 43.80
N SER A 973 -35.90 -8.49 43.87
CA SER A 973 -36.78 -7.96 44.88
C SER A 973 -36.82 -9.00 46.03
N ALA A 974 -37.07 -10.26 45.67
CA ALA A 974 -36.99 -11.39 46.58
C ALA A 974 -36.73 -12.66 45.76
N VAL A 975 -36.36 -13.73 46.47
CA VAL A 975 -35.96 -14.94 45.80
C VAL A 975 -36.68 -16.13 46.39
N GLU A 976 -36.76 -17.23 45.65
CA GLU A 976 -37.46 -18.45 46.10
C GLU A 976 -37.02 -19.73 45.36
N ILE A 977 -36.86 -20.81 46.12
CA ILE A 977 -36.66 -22.15 45.55
C ILE A 977 -37.99 -22.82 45.20
N LEU A 978 -38.05 -23.46 44.04
CA LEU A 978 -39.25 -24.19 43.66
C LEU A 978 -39.01 -25.68 43.75
N ASP A 979 -37.78 -26.07 43.46
CA ASP A 979 -37.26 -27.40 43.66
C ASP A 979 -35.77 -27.30 43.46
N ASP A 980 -35.04 -28.35 43.79
CA ASP A 980 -33.59 -28.29 43.74
C ASP A 980 -33.01 -28.05 42.32
N ASP A 981 -33.88 -27.69 41.38
CA ASP A 981 -33.46 -27.41 40.01
C ASP A 981 -33.93 -26.06 39.49
N ASN A 982 -35.06 -25.57 40.00
CA ASN A 982 -35.67 -24.32 39.54
C ASN A 982 -35.69 -23.26 40.61
N PHE A 983 -35.30 -22.06 40.22
CA PHE A 983 -35.21 -20.94 41.17
C PHE A 983 -35.97 -19.72 40.67
N LEU A 984 -36.75 -19.10 41.55
CA LEU A 984 -37.62 -18.02 41.16
C LEU A 984 -37.10 -16.68 41.64
N GLY A 985 -37.02 -15.71 40.71
CA GLY A 985 -36.68 -14.32 41.05
C GLY A 985 -37.68 -13.28 40.54
N ALA A 986 -37.86 -12.24 41.34
CA ALA A 986 -38.64 -11.10 40.95
C ALA A 986 -37.72 -9.92 41.12
N GLU A 987 -37.60 -9.08 40.10
CA GLU A 987 -36.73 -7.90 40.19
C GLU A 987 -37.46 -6.52 40.09
N ASN A 988 -36.69 -5.45 40.27
CA ASN A 988 -37.19 -4.06 40.26
C ASN A 988 -38.00 -3.68 39.00
N ALA A 989 -37.94 -4.55 38.01
CA ALA A 989 -38.67 -4.35 36.78
C ALA A 989 -40.11 -4.94 36.79
N PHE A 990 -40.56 -5.41 37.96
CA PHE A 990 -41.85 -6.15 38.08
C PHE A 990 -41.90 -7.38 37.17
N ASN A 991 -40.74 -8.03 37.01
CA ASN A 991 -40.68 -9.27 36.26
C ASN A 991 -40.40 -10.45 37.16
N LEU A 992 -40.53 -11.63 36.59
CA LEU A 992 -40.18 -12.83 37.26
C LEU A 992 -39.22 -13.54 36.35
N PHE A 993 -38.24 -14.20 36.96
CA PHE A 993 -37.36 -15.07 36.20
C PHE A 993 -37.16 -16.40 36.90
N VAL A 994 -36.87 -17.43 36.10
CA VAL A 994 -36.64 -18.77 36.63
C VAL A 994 -35.29 -19.30 36.17
N CYS A 995 -34.50 -19.78 37.12
CA CYS A 995 -33.18 -20.38 36.82
C CYS A 995 -33.18 -21.92 36.73
N GLN A 996 -32.07 -22.51 36.29
CA GLN A 996 -32.00 -23.94 36.04
C GLN A 996 -30.68 -24.59 36.47
N LYS A 997 -30.77 -25.80 36.99
CA LYS A 997 -29.60 -26.67 37.24
C LYS A 997 -29.22 -27.46 35.98
N ASP A 998 -28.40 -28.50 36.14
CA ASP A 998 -27.96 -29.37 35.04
C ASP A 998 -26.70 -30.17 35.43
N SER A 999 -26.16 -30.91 34.45
CA SER A 999 -24.75 -31.39 34.45
C SER A 999 -24.29 -31.59 32.99
N ALA A 1000 -23.06 -31.15 32.67
CA ALA A 1000 -22.62 -31.10 31.29
C ALA A 1000 -21.37 -31.94 31.07
N ALA A 1001 -21.34 -32.59 29.88
CA ALA A 1001 -20.30 -33.58 29.52
C ALA A 1001 -18.86 -33.04 29.50
N THR A 1002 -17.90 -33.99 29.52
CA THR A 1002 -16.44 -33.79 29.41
C THR A 1002 -15.82 -32.62 30.22
N THR A 1003 -15.71 -32.81 31.54
CA THR A 1003 -15.02 -31.90 32.49
C THR A 1003 -15.49 -30.42 32.53
N ASP A 1004 -15.87 -29.88 31.37
CA ASP A 1004 -16.35 -28.49 31.29
C ASP A 1004 -17.84 -28.39 31.67
N GLU A 1005 -18.12 -27.52 32.63
CA GLU A 1005 -19.46 -27.37 33.15
C GLU A 1005 -20.15 -26.09 32.74
N GLU A 1006 -21.26 -26.28 32.03
CA GLU A 1006 -22.31 -25.30 31.96
C GLU A 1006 -23.27 -25.62 33.10
N ARG A 1007 -23.00 -26.73 33.78
CA ARG A 1007 -23.65 -27.05 35.05
C ARG A 1007 -23.32 -26.00 36.11
N GLN A 1008 -22.30 -25.19 35.81
CA GLN A 1008 -21.92 -24.06 36.65
C GLN A 1008 -22.70 -22.80 36.30
N HIS A 1009 -23.44 -22.87 35.21
CA HIS A 1009 -24.24 -21.76 34.69
C HIS A 1009 -25.69 -22.01 35.07
N LEU A 1010 -26.22 -21.19 35.97
CA LEU A 1010 -27.64 -21.24 36.28
C LEU A 1010 -28.37 -20.59 35.10
N GLN A 1011 -28.78 -21.42 34.16
CA GLN A 1011 -29.50 -20.96 32.98
C GLN A 1011 -30.81 -20.33 33.43
N GLU A 1012 -31.22 -19.24 32.82
CA GLU A 1012 -32.55 -18.80 33.19
C GLU A 1012 -33.58 -19.13 32.12
N VAL A 1013 -34.63 -19.83 32.51
CA VAL A 1013 -35.50 -20.51 31.56
C VAL A 1013 -36.97 -20.07 31.58
N GLY A 1014 -37.32 -19.12 32.45
CA GLY A 1014 -38.67 -18.56 32.47
C GLY A 1014 -38.68 -17.06 32.69
N LEU A 1015 -39.37 -16.33 31.80
CA LEU A 1015 -39.56 -14.87 31.97
C LEU A 1015 -41.03 -14.51 31.98
N PHE A 1016 -41.39 -13.47 32.72
CA PHE A 1016 -42.78 -13.04 32.84
C PHE A 1016 -42.86 -11.67 33.47
N HIS A 1017 -43.51 -10.75 32.78
CA HIS A 1017 -43.74 -9.44 33.38
C HIS A 1017 -44.99 -9.49 34.27
N LEU A 1018 -44.76 -9.47 35.59
CA LEU A 1018 -45.83 -9.57 36.57
C LEU A 1018 -46.65 -8.27 36.57
N GLY A 1019 -45.98 -7.15 36.83
CA GLY A 1019 -46.61 -5.84 37.00
C GLY A 1019 -46.67 -5.41 38.46
N GLU A 1020 -46.20 -6.29 39.33
CA GLU A 1020 -46.20 -6.01 40.75
C GLU A 1020 -44.77 -6.12 41.25
N PHE A 1021 -44.54 -5.65 42.47
CA PHE A 1021 -43.19 -5.68 43.09
C PHE A 1021 -43.20 -6.65 44.30
N VAL A 1022 -42.33 -7.66 44.25
CA VAL A 1022 -42.50 -8.75 45.22
C VAL A 1022 -41.48 -8.72 46.39
N ASN A 1023 -41.91 -8.31 47.59
CA ASN A 1023 -41.16 -8.68 48.80
C ASN A 1023 -41.72 -10.02 49.19
N VAL A 1024 -40.87 -10.87 49.74
CA VAL A 1024 -41.29 -12.22 50.20
C VAL A 1024 -42.10 -13.17 49.26
N PHE A 1025 -41.48 -14.33 49.04
CA PHE A 1025 -42.17 -15.51 48.56
C PHE A 1025 -42.22 -16.39 49.78
N CYS A 1026 -43.19 -17.29 49.81
CA CYS A 1026 -43.15 -18.39 50.76
C CYS A 1026 -44.14 -19.49 50.42
N HIS A 1027 -43.78 -20.70 50.81
CA HIS A 1027 -44.56 -21.86 50.51
C HIS A 1027 -45.77 -21.92 51.43
N GLY A 1028 -46.67 -22.87 51.17
CA GLY A 1028 -47.93 -23.03 51.92
C GLY A 1028 -49.09 -22.61 51.04
N SER A 1029 -50.31 -22.96 51.44
CA SER A 1029 -51.46 -22.59 50.63
C SER A 1029 -52.63 -22.16 51.47
N LEU A 1030 -53.70 -21.74 50.80
CA LEU A 1030 -54.89 -21.24 51.45
C LEU A 1030 -56.05 -22.21 51.27
N VAL A 1031 -55.89 -23.17 50.38
CA VAL A 1031 -56.91 -24.18 50.14
C VAL A 1031 -56.42 -25.48 50.77
N MET A 1032 -57.37 -26.37 51.06
CA MET A 1032 -57.06 -27.74 51.49
C MET A 1032 -56.84 -28.60 50.26
N GLN A 1033 -55.84 -29.47 50.30
CA GLN A 1033 -55.51 -30.30 49.15
C GLN A 1033 -56.01 -31.74 49.32
N ASN A 1034 -56.41 -32.34 48.20
CA ASN A 1034 -57.04 -33.66 48.22
C ASN A 1034 -56.19 -34.75 47.56
N LEU A 1035 -56.06 -35.89 48.25
CA LEU A 1035 -55.31 -37.07 47.78
C LEU A 1035 -56.14 -37.95 46.84
N GLY A 1036 -55.46 -38.64 45.93
CA GLY A 1036 -56.08 -39.47 44.88
C GLY A 1036 -56.90 -38.69 43.85
N GLU A 1037 -57.95 -38.00 44.30
CA GLU A 1037 -58.83 -37.21 43.42
C GLU A 1037 -58.30 -35.77 43.21
N THR A 1038 -59.21 -34.83 42.92
CA THR A 1038 -58.87 -33.47 42.42
C THR A 1038 -58.13 -33.58 41.09
N SER A 1039 -57.17 -32.67 40.81
CA SER A 1039 -56.29 -32.83 39.64
C SER A 1039 -54.94 -32.12 39.74
N THR A 1040 -53.95 -32.68 39.04
CA THR A 1040 -52.55 -32.28 39.19
C THR A 1040 -52.02 -31.31 38.10
N PRO A 1041 -52.88 -30.42 37.55
CA PRO A 1041 -52.26 -29.30 36.83
C PRO A 1041 -51.50 -28.39 37.81
N THR A 1042 -51.86 -28.47 39.09
CA THR A 1042 -51.13 -27.83 40.17
C THR A 1042 -50.09 -28.81 40.65
N GLN A 1043 -48.90 -28.32 40.96
CA GLN A 1043 -47.92 -29.16 41.64
C GLN A 1043 -47.41 -28.51 42.90
N GLY A 1044 -46.79 -27.34 42.75
CA GLY A 1044 -46.30 -26.60 43.91
C GLY A 1044 -47.27 -25.55 44.42
N SER A 1045 -46.92 -24.88 45.52
CA SER A 1045 -47.65 -23.72 45.97
C SER A 1045 -46.72 -22.71 46.60
N VAL A 1046 -46.44 -21.64 45.88
CA VAL A 1046 -45.66 -20.52 46.44
C VAL A 1046 -46.48 -19.23 46.36
N LEU A 1047 -46.80 -18.69 47.54
CA LEU A 1047 -47.55 -17.45 47.65
C LEU A 1047 -46.55 -16.33 47.78
N PHE A 1048 -46.97 -15.14 47.34
CA PHE A 1048 -46.06 -13.97 47.36
C PHE A 1048 -46.77 -12.65 47.63
N GLY A 1049 -46.08 -11.80 48.38
CA GLY A 1049 -46.58 -10.49 48.80
C GLY A 1049 -46.21 -9.35 47.86
N THR A 1050 -47.19 -8.50 47.54
CA THR A 1050 -46.93 -7.34 46.67
C THR A 1050 -46.88 -6.05 47.47
N VAL A 1051 -46.21 -5.05 46.92
CA VAL A 1051 -46.19 -3.72 47.49
C VAL A 1051 -47.55 -2.99 47.32
N ASN A 1052 -48.38 -3.48 46.41
CA ASN A 1052 -49.72 -2.97 46.26
C ASN A 1052 -50.76 -3.81 46.99
N GLY A 1053 -50.28 -4.86 47.65
CA GLY A 1053 -51.14 -5.72 48.45
C GLY A 1053 -51.80 -6.82 47.64
N MET A 1054 -51.36 -6.98 46.39
CA MET A 1054 -51.77 -8.11 45.56
C MET A 1054 -50.96 -9.28 46.05
N ILE A 1055 -51.56 -10.47 46.14
CA ILE A 1055 -50.79 -11.61 46.63
C ILE A 1055 -51.02 -12.86 45.83
N GLY A 1056 -50.40 -12.89 44.65
CA GLY A 1056 -50.49 -14.05 43.78
C GLY A 1056 -49.79 -15.32 44.27
N LEU A 1057 -50.13 -16.43 43.62
CA LEU A 1057 -49.53 -17.72 43.84
C LEU A 1057 -48.94 -18.21 42.53
N VAL A 1058 -47.82 -18.94 42.63
CA VAL A 1058 -47.22 -19.64 41.50
C VAL A 1058 -47.22 -21.13 41.71
N THR A 1059 -47.34 -21.87 40.60
CA THR A 1059 -47.53 -23.33 40.64
C THR A 1059 -46.77 -24.05 39.54
N SER A 1060 -46.33 -25.27 39.83
CA SER A 1060 -45.59 -26.07 38.87
C SER A 1060 -46.57 -26.81 38.00
N LEU A 1061 -46.47 -26.60 36.70
CA LEU A 1061 -47.36 -27.23 35.73
C LEU A 1061 -46.75 -28.44 35.03
N SER A 1062 -47.61 -29.31 34.51
CA SER A 1062 -47.21 -30.41 33.64
C SER A 1062 -46.77 -29.92 32.26
N GLU A 1063 -45.81 -30.63 31.69
CA GLU A 1063 -45.37 -30.40 30.32
C GLU A 1063 -46.57 -30.41 29.38
N SER A 1064 -47.34 -31.50 29.48
CA SER A 1064 -48.62 -31.68 28.78
C SER A 1064 -49.58 -30.50 28.98
N TRP A 1065 -49.75 -30.10 30.25
CA TRP A 1065 -50.68 -29.05 30.65
C TRP A 1065 -50.29 -27.69 30.12
N TYR A 1066 -49.02 -27.38 30.29
CA TYR A 1066 -48.47 -26.11 29.86
C TYR A 1066 -48.89 -25.82 28.42
N ASN A 1067 -48.62 -26.77 27.53
CA ASN A 1067 -48.91 -26.59 26.12
C ASN A 1067 -50.36 -26.25 25.90
N LEU A 1068 -51.25 -27.05 26.48
CA LEU A 1068 -52.68 -26.84 26.36
C LEU A 1068 -53.04 -25.41 26.72
N LEU A 1069 -52.57 -24.98 27.87
CA LEU A 1069 -52.88 -23.65 28.34
C LEU A 1069 -52.21 -22.57 27.48
N LEU A 1070 -50.98 -22.82 27.06
CA LEU A 1070 -50.28 -21.89 26.18
C LEU A 1070 -51.17 -21.64 24.96
N ASP A 1071 -51.69 -22.73 24.41
CA ASP A 1071 -52.63 -22.71 23.29
C ASP A 1071 -53.89 -21.94 23.70
N MET A 1072 -54.48 -22.30 24.83
CA MET A 1072 -55.68 -21.63 25.34
C MET A 1072 -55.55 -20.13 25.25
N GLN A 1073 -54.47 -19.62 25.83
CA GLN A 1073 -54.20 -18.20 25.86
C GLN A 1073 -54.38 -17.60 24.48
N ASN A 1074 -53.67 -18.16 23.52
CA ASN A 1074 -53.72 -17.62 22.17
C ASN A 1074 -55.11 -17.52 21.55
N ARG A 1075 -55.96 -18.49 21.84
CA ARG A 1075 -57.33 -18.47 21.35
C ARG A 1075 -58.14 -17.49 22.18
N LEU A 1076 -57.90 -17.51 23.48
CA LEU A 1076 -58.56 -16.58 24.39
C LEU A 1076 -58.22 -15.16 24.01
N ASN A 1077 -57.01 -14.97 23.50
CA ASN A 1077 -56.54 -13.66 23.08
C ASN A 1077 -57.26 -13.15 21.85
N LYS A 1078 -57.66 -14.09 20.98
CA LYS A 1078 -58.38 -13.75 19.76
C LYS A 1078 -59.79 -13.24 20.10
N VAL A 1079 -60.41 -13.84 21.11
CA VAL A 1079 -61.61 -13.28 21.75
C VAL A 1079 -61.15 -12.35 22.85
N ILE A 1080 -62.08 -11.81 23.64
CA ILE A 1080 -61.74 -10.91 24.76
C ILE A 1080 -61.35 -9.51 24.26
N LYS A 1081 -62.34 -8.61 24.28
CA LYS A 1081 -62.09 -7.20 23.95
C LYS A 1081 -61.13 -6.68 25.02
N SER A 1082 -59.86 -6.54 24.65
CA SER A 1082 -58.87 -5.93 25.55
C SER A 1082 -59.30 -4.51 25.84
N VAL A 1083 -58.99 -4.02 27.04
CA VAL A 1083 -59.59 -2.76 27.50
C VAL A 1083 -58.80 -1.51 27.12
N GLY A 1084 -58.38 -1.46 25.87
CA GLY A 1084 -57.59 -0.37 25.35
C GLY A 1084 -56.80 -0.94 24.20
N LYS A 1085 -57.32 -2.02 23.62
CA LYS A 1085 -56.66 -2.80 22.58
C LYS A 1085 -55.17 -2.96 22.86
N ILE A 1086 -54.83 -3.17 24.13
CA ILE A 1086 -53.50 -3.55 24.51
C ILE A 1086 -53.41 -5.05 24.29
N GLU A 1087 -52.42 -5.47 23.51
CA GLU A 1087 -52.24 -6.89 23.24
C GLU A 1087 -51.63 -7.58 24.45
N HIS A 1088 -52.31 -8.62 24.94
CA HIS A 1088 -51.90 -9.33 26.16
C HIS A 1088 -50.44 -9.80 26.13
N SER A 1089 -50.08 -10.53 25.09
CA SER A 1089 -48.70 -10.96 24.86
C SER A 1089 -47.69 -9.84 25.07
N PHE A 1090 -47.99 -8.64 24.61
CA PHE A 1090 -47.15 -7.49 24.88
C PHE A 1090 -47.14 -7.18 26.38
N TRP A 1091 -48.32 -6.95 26.96
CA TRP A 1091 -48.47 -6.65 28.38
C TRP A 1091 -47.61 -7.51 29.29
N ARG A 1092 -47.61 -8.81 29.02
CA ARG A 1092 -46.87 -9.79 29.82
C ARG A 1092 -45.39 -9.87 29.47
N SER A 1093 -45.07 -9.53 28.22
CA SER A 1093 -43.71 -9.76 27.74
C SER A 1093 -42.72 -9.02 28.63
N PHE A 1094 -41.65 -9.72 28.96
CA PHE A 1094 -40.65 -9.28 29.93
C PHE A 1094 -40.05 -7.94 29.54
N HIS A 1095 -40.06 -6.99 30.48
CA HIS A 1095 -39.63 -5.63 30.17
C HIS A 1095 -38.64 -5.01 31.17
N THR A 1096 -37.56 -4.48 30.63
CA THR A 1096 -36.59 -3.68 31.37
C THR A 1096 -36.47 -2.42 30.60
N GLU A 1097 -35.74 -1.45 31.16
CA GLU A 1097 -35.38 -0.25 30.44
C GLU A 1097 -34.49 -0.53 29.24
N ARG A 1098 -33.87 -1.72 29.24
CA ARG A 1098 -32.95 -2.13 28.16
C ARG A 1098 -33.47 -3.32 27.36
N LYS A 1099 -34.17 -4.24 28.03
CA LYS A 1099 -34.67 -5.47 27.41
C LYS A 1099 -36.20 -5.51 27.26
N THR A 1100 -36.68 -6.15 26.20
CA THR A 1100 -38.08 -6.55 26.10
C THR A 1100 -38.17 -7.91 25.38
N GLU A 1101 -38.56 -8.96 26.10
CA GLU A 1101 -38.68 -10.29 25.51
C GLU A 1101 -40.02 -10.98 25.78
N PRO A 1102 -40.48 -11.80 24.82
CA PRO A 1102 -41.82 -12.40 24.76
C PRO A 1102 -42.40 -12.94 26.09
N ALA A 1103 -41.57 -13.59 26.92
CA ALA A 1103 -42.06 -14.24 28.14
C ALA A 1103 -42.43 -15.70 27.91
N THR A 1104 -41.67 -16.57 28.55
CA THR A 1104 -41.87 -18.00 28.40
C THR A 1104 -41.88 -18.71 29.75
N GLY A 1105 -42.52 -19.88 29.78
CA GLY A 1105 -42.47 -20.78 30.91
C GLY A 1105 -43.54 -20.48 31.91
N PHE A 1106 -44.29 -19.41 31.66
CA PHE A 1106 -45.33 -18.93 32.57
C PHE A 1106 -46.68 -18.90 31.90
N ILE A 1107 -47.73 -18.99 32.72
CA ILE A 1107 -49.09 -18.85 32.24
C ILE A 1107 -49.84 -18.03 33.28
N ASP A 1108 -50.59 -17.00 32.89
CA ASP A 1108 -51.37 -16.29 33.93
C ASP A 1108 -52.82 -16.78 34.04
N GLY A 1109 -53.13 -17.29 35.23
CA GLY A 1109 -54.43 -17.85 35.52
C GLY A 1109 -55.48 -16.81 35.27
N ASP A 1110 -55.09 -15.55 35.44
CA ASP A 1110 -55.98 -14.44 35.23
C ASP A 1110 -56.57 -14.37 33.80
N LEU A 1111 -55.81 -14.90 32.83
CA LEU A 1111 -56.31 -15.07 31.46
C LEU A 1111 -57.12 -16.34 31.38
N ILE A 1112 -56.58 -17.39 32.00
CA ILE A 1112 -57.22 -18.71 32.05
C ILE A 1112 -58.56 -18.63 32.78
N GLU A 1113 -58.59 -17.89 33.88
CA GLU A 1113 -59.80 -17.80 34.66
C GLU A 1113 -60.86 -16.93 33.99
N SER A 1114 -60.44 -15.91 33.24
CA SER A 1114 -61.40 -15.08 32.52
C SER A 1114 -62.10 -15.86 31.39
N PHE A 1115 -61.79 -17.16 31.30
CA PHE A 1115 -62.48 -18.09 30.39
C PHE A 1115 -63.90 -18.33 30.86
N LEU A 1116 -64.09 -18.39 32.18
CA LEU A 1116 -65.39 -18.66 32.75
C LEU A 1116 -66.32 -17.45 32.68
N ASP A 1117 -65.90 -16.42 31.94
CA ASP A 1117 -66.68 -15.17 31.85
C ASP A 1117 -67.01 -14.69 30.44
N ILE A 1118 -67.31 -15.60 29.54
CA ILE A 1118 -67.67 -15.24 28.19
C ILE A 1118 -68.94 -16.02 27.76
N SER A 1119 -69.51 -15.64 26.62
CA SER A 1119 -70.71 -16.32 26.11
C SER A 1119 -70.40 -17.72 25.61
N ARG A 1120 -71.39 -18.62 25.67
CA ARG A 1120 -71.22 -20.01 25.22
C ARG A 1120 -70.86 -20.20 23.73
N PRO A 1121 -71.27 -19.26 22.85
CA PRO A 1121 -70.76 -19.28 21.47
C PRO A 1121 -69.25 -19.02 21.42
N LYS A 1122 -68.83 -17.91 22.01
CA LYS A 1122 -67.42 -17.51 22.09
C LYS A 1122 -66.60 -18.57 22.81
N MET A 1123 -67.24 -19.19 23.80
CA MET A 1123 -66.67 -20.32 24.52
C MET A 1123 -66.42 -21.49 23.58
N GLN A 1124 -67.42 -21.86 22.78
CA GLN A 1124 -67.28 -22.96 21.80
C GLN A 1124 -66.28 -22.64 20.70
N GLU A 1125 -66.12 -21.35 20.41
CA GLU A 1125 -65.17 -20.87 19.41
C GLU A 1125 -63.74 -21.19 19.82
N VAL A 1126 -63.45 -20.98 21.11
CA VAL A 1126 -62.14 -21.26 21.66
C VAL A 1126 -61.87 -22.76 21.71
N VAL A 1127 -62.92 -23.55 21.89
CA VAL A 1127 -62.78 -25.00 22.01
C VAL A 1127 -62.80 -25.68 20.65
N ALA A 1128 -63.27 -24.96 19.64
CA ALA A 1128 -63.31 -25.47 18.27
C ALA A 1128 -61.95 -25.99 17.82
N ASN A 1129 -61.95 -27.20 17.25
CA ASN A 1129 -60.75 -27.80 16.67
C ASN A 1129 -59.72 -28.25 17.70
N LEU A 1130 -60.06 -28.14 18.97
CA LEU A 1130 -59.12 -28.48 20.02
C LEU A 1130 -59.13 -29.98 20.30
N GLN A 1131 -57.98 -30.59 20.11
CA GLN A 1131 -57.78 -31.99 20.48
C GLN A 1131 -57.40 -32.07 21.96
N TYR A 1132 -58.29 -32.66 22.75
CA TYR A 1132 -58.15 -32.67 24.20
C TYR A 1132 -57.94 -34.08 24.74
N ASP A 1133 -57.02 -34.21 25.69
CA ASP A 1133 -56.81 -35.44 26.43
C ASP A 1133 -57.46 -35.28 27.81
N ASP A 1134 -58.51 -36.06 28.04
CA ASP A 1134 -59.24 -36.01 29.31
C ASP A 1134 -58.72 -37.03 30.32
N GLY A 1135 -57.46 -37.43 30.14
CA GLY A 1135 -56.82 -38.41 31.01
C GLY A 1135 -56.98 -39.83 30.50
N SER A 1136 -57.92 -40.02 29.57
CA SER A 1136 -58.19 -41.33 28.97
C SER A 1136 -57.12 -41.75 27.98
N GLY A 1137 -56.26 -40.82 27.59
CA GLY A 1137 -55.19 -41.09 26.64
C GLY A 1137 -55.70 -41.16 25.22
N MET A 1138 -56.94 -41.61 25.05
CA MET A 1138 -57.60 -41.60 23.75
C MET A 1138 -58.17 -40.22 23.46
N LYS A 1139 -57.60 -39.55 22.47
CA LYS A 1139 -57.97 -38.19 22.08
C LYS A 1139 -59.42 -38.08 21.61
N ARG A 1140 -60.01 -36.90 21.78
CA ARG A 1140 -61.39 -36.65 21.42
C ARG A 1140 -61.55 -35.16 21.14
N GLU A 1141 -62.60 -34.78 20.43
CA GLU A 1141 -62.92 -33.37 20.24
C GLU A 1141 -63.38 -32.79 21.57
N ALA A 1142 -62.74 -31.71 22.01
CA ALA A 1142 -63.07 -31.06 23.27
C ALA A 1142 -64.35 -30.26 23.13
N THR A 1143 -65.14 -30.23 24.20
CA THR A 1143 -66.37 -29.44 24.24
C THR A 1143 -66.17 -28.27 25.19
N ALA A 1144 -67.02 -27.26 25.07
CA ALA A 1144 -66.98 -26.12 25.96
C ALA A 1144 -67.04 -26.53 27.43
N ASP A 1145 -67.76 -27.60 27.73
CA ASP A 1145 -67.94 -28.09 29.10
C ASP A 1145 -66.70 -28.72 29.67
N ASP A 1146 -65.90 -29.39 28.83
CA ASP A 1146 -64.66 -30.02 29.26
C ASP A 1146 -63.69 -29.00 29.85
N LEU A 1147 -63.66 -27.82 29.23
CA LEU A 1147 -62.78 -26.75 29.67
C LEU A 1147 -63.33 -25.99 30.86
N ILE A 1148 -64.65 -25.84 30.93
CA ILE A 1148 -65.28 -25.20 32.10
C ILE A 1148 -64.96 -25.97 33.37
N LYS A 1149 -65.03 -27.30 33.33
CA LYS A 1149 -64.71 -28.12 34.50
C LYS A 1149 -63.18 -28.23 34.73
N VAL A 1150 -62.40 -27.80 33.75
CA VAL A 1150 -60.96 -27.70 33.90
C VAL A 1150 -60.57 -26.37 34.57
N VAL A 1151 -61.10 -25.26 34.07
CA VAL A 1151 -60.85 -23.94 34.64
C VAL A 1151 -61.53 -23.83 36.02
N GLU A 1152 -62.76 -24.31 36.10
CA GLU A 1152 -63.48 -24.44 37.36
C GLU A 1152 -62.55 -24.99 38.43
N GLU A 1153 -61.88 -26.09 38.11
CA GLU A 1153 -60.96 -26.74 39.02
C GLU A 1153 -59.84 -25.79 39.39
N LEU A 1154 -59.22 -25.16 38.38
CA LEU A 1154 -58.05 -24.32 38.60
C LEU A 1154 -58.28 -23.07 39.44
N THR A 1155 -59.51 -22.60 39.51
CA THR A 1155 -59.85 -21.49 40.41
C THR A 1155 -59.81 -21.96 41.87
N ARG A 1156 -60.00 -23.27 42.05
CA ARG A 1156 -60.11 -23.83 43.37
C ARG A 1156 -58.75 -24.22 43.92
N ILE A 1157 -57.71 -23.51 43.45
CA ILE A 1157 -56.33 -23.71 43.95
C ILE A 1157 -55.78 -22.51 44.68
N HIS A 1158 -56.59 -21.49 44.87
CA HIS A 1158 -56.28 -20.38 45.81
C HIS A 1158 -57.50 -19.90 46.58
N TRP B 63 -25.80 20.87 31.37
CA TRP B 63 -24.65 19.96 31.67
C TRP B 63 -25.11 18.73 32.43
N VAL B 64 -25.76 18.95 33.57
CA VAL B 64 -26.22 17.88 34.45
C VAL B 64 -27.53 17.29 33.91
N GLY B 65 -27.59 15.97 33.74
CA GLY B 65 -28.82 15.28 33.34
C GLY B 65 -29.82 15.30 34.48
N LEU B 66 -30.53 16.42 34.60
CA LEU B 66 -31.31 16.81 35.80
C LEU B 66 -30.42 16.96 37.04
N ALA B 67 -30.48 18.12 37.70
CA ALA B 67 -29.56 18.50 38.80
C ALA B 67 -29.37 17.43 39.90
N GLY B 68 -28.68 16.34 39.53
CA GLY B 68 -28.44 15.19 40.41
C GLY B 68 -29.62 14.24 40.63
N PRO B 69 -29.42 12.94 40.37
CA PRO B 69 -30.32 11.88 40.86
C PRO B 69 -30.13 11.59 42.34
N GLN B 70 -30.18 12.63 43.17
CA GLN B 70 -30.02 12.54 44.64
C GLN B 70 -30.73 11.35 45.28
N ILE B 71 -29.99 10.60 46.11
CA ILE B 71 -30.44 9.30 46.60
C ILE B 71 -31.16 9.28 47.97
N LEU B 72 -32.48 9.22 47.91
CA LEU B 72 -33.36 8.80 49.01
C LEU B 72 -33.27 9.40 50.44
N PRO B 73 -33.39 8.55 51.50
CA PRO B 73 -33.74 9.02 52.87
C PRO B 73 -32.57 9.58 53.71
N PRO B 74 -32.84 10.52 54.65
CA PRO B 74 -31.82 11.29 55.37
C PRO B 74 -30.50 10.59 55.48
N CYS B 75 -29.48 11.24 54.89
CA CYS B 75 -28.06 10.79 54.78
C CYS B 75 -27.85 9.48 54.00
N ARG B 76 -28.96 8.87 53.60
CA ARG B 76 -28.98 7.67 52.78
C ARG B 76 -27.95 6.62 53.20
N SER B 77 -28.30 5.87 54.24
CA SER B 77 -27.70 4.59 54.48
C SER B 77 -28.40 3.56 53.59
N ILE B 78 -27.64 2.70 52.93
CA ILE B 78 -28.25 1.76 52.00
C ILE B 78 -29.46 1.05 52.63
N VAL B 79 -29.34 0.67 53.88
CA VAL B 79 -30.42 -0.06 54.53
C VAL B 79 -31.68 0.79 54.48
N ARG B 80 -31.52 2.07 54.82
CA ARG B 80 -32.62 3.05 54.87
C ARG B 80 -33.26 3.18 53.48
N THR B 81 -32.41 3.17 52.47
CA THR B 81 -32.82 3.29 51.08
C THR B 81 -33.53 2.02 50.60
N LEU B 82 -32.94 0.88 50.91
CA LEU B 82 -33.54 -0.41 50.49
C LEU B 82 -34.89 -0.63 51.10
N HIS B 83 -35.02 -0.33 52.39
CA HIS B 83 -36.30 -0.53 53.01
C HIS B 83 -37.32 0.43 52.42
N GLN B 84 -36.90 1.67 52.19
CA GLN B 84 -37.75 2.63 51.52
C GLN B 84 -38.32 2.09 50.21
N HIS B 85 -37.41 1.55 49.38
CA HIS B 85 -37.80 0.91 48.12
C HIS B 85 -38.84 -0.17 48.38
N LYS B 86 -38.67 -0.90 49.50
CA LYS B 86 -39.55 -2.02 49.87
C LYS B 86 -40.98 -1.56 50.12
N LEU B 87 -41.09 -0.38 50.74
CA LEU B 87 -42.35 0.21 51.18
C LEU B 87 -43.17 0.83 50.09
N GLY B 88 -42.53 1.03 48.93
CA GLY B 88 -43.20 1.61 47.78
C GLY B 88 -42.88 3.07 47.70
N ARG B 89 -42.30 3.57 48.79
CA ARG B 89 -42.02 5.00 48.96
C ARG B 89 -40.75 5.47 48.23
N ALA B 90 -40.10 4.61 47.46
CA ALA B 90 -38.83 5.03 46.86
C ALA B 90 -38.71 4.77 45.35
N SER B 91 -38.60 5.86 44.59
CA SER B 91 -38.38 5.80 43.15
C SER B 91 -37.24 4.83 42.86
N TRP B 92 -37.41 3.94 41.88
CA TRP B 92 -36.34 3.01 41.56
C TRP B 92 -35.08 3.78 41.19
N PRO B 93 -35.20 4.73 40.25
CA PRO B 93 -34.04 5.59 39.94
C PRO B 93 -33.29 6.13 41.19
N SER B 94 -33.98 6.23 42.33
CA SER B 94 -33.32 6.66 43.56
C SER B 94 -32.52 5.50 44.15
N VAL B 95 -33.22 4.39 44.39
CA VAL B 95 -32.59 3.17 44.85
C VAL B 95 -31.37 2.88 43.99
N GLN B 96 -31.57 2.99 42.68
CA GLN B 96 -30.50 2.87 41.70
C GLN B 96 -29.27 3.63 42.14
N GLN B 97 -29.45 4.93 42.38
CA GLN B 97 -28.35 5.79 42.73
C GLN B 97 -27.68 5.30 44.01
N GLY B 98 -28.49 4.83 44.94
CA GLY B 98 -27.97 4.28 46.21
C GLY B 98 -27.04 3.09 46.00
N LEU B 99 -27.51 2.14 45.19
CA LEU B 99 -26.69 1.03 44.74
C LEU B 99 -25.43 1.56 44.06
N GLN B 100 -25.60 2.50 43.12
CA GLN B 100 -24.46 3.08 42.41
C GLN B 100 -23.38 3.58 43.37
N GLN B 101 -23.83 4.21 44.45
CA GLN B 101 -22.92 4.70 45.46
C GLN B 101 -22.26 3.53 46.15
N SER B 102 -23.10 2.57 46.55
CA SER B 102 -22.62 1.36 47.22
C SER B 102 -21.52 0.70 46.34
N PHE B 103 -21.78 0.66 45.03
CA PHE B 103 -20.80 0.14 44.09
C PHE B 103 -19.55 1.00 44.15
N LEU B 104 -19.73 2.31 44.00
CA LEU B 104 -18.58 3.22 43.90
C LEU B 104 -17.65 3.02 45.08
N HIS B 105 -18.25 2.66 46.21
CA HIS B 105 -17.49 2.38 47.43
C HIS B 105 -16.67 1.08 47.34
N THR B 106 -17.33 0.01 46.88
CA THR B 106 -16.63 -1.25 46.64
C THR B 106 -15.51 -1.06 45.63
N LEU B 107 -15.71 -0.13 44.69
CA LEU B 107 -14.72 0.16 43.66
C LEU B 107 -13.39 0.74 44.20
N ASP B 108 -13.45 1.33 45.38
CA ASP B 108 -12.24 1.79 46.04
C ASP B 108 -11.37 0.63 46.54
N SER B 109 -12.01 -0.49 46.91
CA SER B 109 -11.29 -1.70 47.31
C SER B 109 -11.06 -2.67 46.15
N TYR B 110 -11.60 -2.28 45.00
CA TYR B 110 -11.26 -2.92 43.72
C TYR B 110 -9.77 -2.74 43.52
N ARG B 111 -9.23 -1.77 44.26
CA ARG B 111 -7.83 -1.36 44.16
C ARG B 111 -6.87 -2.51 43.83
N ILE B 112 -7.29 -3.75 44.07
CA ILE B 112 -6.43 -4.89 43.81
C ILE B 112 -6.60 -5.39 42.37
N LEU B 113 -5.48 -5.50 41.68
CA LEU B 113 -5.37 -6.20 40.42
C LEU B 113 -5.23 -7.69 40.71
N GLN B 114 -6.33 -8.41 40.68
CA GLN B 114 -6.27 -9.82 40.94
C GLN B 114 -6.23 -10.56 39.62
N LYS B 115 -5.02 -10.68 39.05
CA LYS B 115 -4.70 -11.25 37.71
C LYS B 115 -4.22 -10.18 36.70
N ALA B 116 -2.98 -10.35 36.24
CA ALA B 116 -2.34 -9.51 35.22
C ALA B 116 -1.75 -10.43 34.18
N ALA B 117 -1.57 -9.95 32.96
CA ALA B 117 -0.96 -10.75 31.91
C ALA B 117 -0.56 -9.89 30.72
N PRO B 118 0.35 -10.41 29.86
CA PRO B 118 0.60 -9.81 28.54
C PRO B 118 0.26 -10.74 27.36
N PHE B 119 0.89 -10.46 26.24
CA PHE B 119 1.18 -11.48 25.24
C PHE B 119 2.41 -11.00 24.46
N ASP B 120 2.24 -9.90 23.71
CA ASP B 120 3.36 -9.24 23.02
C ASP B 120 2.88 -8.05 22.16
N ARG B 121 3.84 -7.28 21.66
CA ARG B 121 3.60 -6.21 20.68
C ARG B 121 2.89 -4.99 21.31
N ARG B 122 1.61 -5.16 21.68
CA ARG B 122 0.78 -4.09 22.24
C ARG B 122 -0.69 -4.47 22.12
N ALA B 123 -1.47 -4.09 23.13
CA ALA B 123 -2.92 -4.32 23.14
C ALA B 123 -3.62 -3.27 22.29
N THR B 124 -4.59 -3.69 21.50
CA THR B 124 -5.31 -2.76 20.65
C THR B 124 -6.84 -2.93 20.64
N SER B 125 -7.35 -4.07 21.11
CA SER B 125 -8.79 -4.34 21.08
C SER B 125 -9.24 -5.19 22.25
N LEU B 126 -10.31 -4.78 22.91
CA LEU B 126 -10.76 -5.50 24.08
C LEU B 126 -12.23 -5.88 23.92
N ALA B 127 -12.58 -7.14 24.23
CA ALA B 127 -13.97 -7.57 24.23
C ALA B 127 -14.24 -8.47 25.39
N TRP B 128 -15.35 -8.23 26.08
CA TRP B 128 -15.73 -9.06 27.20
C TRP B 128 -16.66 -10.12 26.65
N HIS B 129 -16.50 -11.38 27.06
CA HIS B 129 -17.45 -12.38 26.64
C HIS B 129 -18.83 -11.92 27.14
N PRO B 130 -19.83 -11.91 26.23
CA PRO B 130 -21.18 -11.40 26.53
C PRO B 130 -21.88 -12.04 27.76
N THR B 131 -21.47 -13.25 28.15
CA THR B 131 -22.17 -13.96 29.21
C THR B 131 -21.25 -14.34 30.36
N HIS B 132 -20.15 -15.04 30.07
CA HIS B 132 -19.24 -15.46 31.13
C HIS B 132 -18.56 -14.23 31.70
N PRO B 133 -18.64 -14.08 33.03
CA PRO B 133 -18.06 -12.91 33.70
C PRO B 133 -16.55 -13.13 33.97
N SER B 134 -15.95 -14.10 33.29
CA SER B 134 -14.51 -14.38 33.37
C SER B 134 -13.83 -14.34 32.01
N THR B 135 -14.57 -14.64 30.96
CA THR B 135 -13.98 -14.72 29.66
C THR B 135 -13.81 -13.34 29.05
N VAL B 136 -12.59 -13.10 28.54
CA VAL B 136 -12.17 -11.85 27.91
C VAL B 136 -11.36 -12.15 26.63
N ALA B 137 -11.68 -11.42 25.54
CA ALA B 137 -10.87 -11.45 24.31
C ALA B 137 -10.05 -10.16 24.24
N VAL B 138 -8.82 -10.31 23.75
CA VAL B 138 -7.90 -9.21 23.62
C VAL B 138 -7.19 -9.27 22.27
N GLY B 139 -7.09 -8.10 21.62
CA GLY B 139 -6.49 -7.96 20.29
C GLY B 139 -5.13 -7.29 20.35
N SER B 140 -4.31 -7.51 19.33
CA SER B 140 -2.96 -6.99 19.33
C SER B 140 -2.59 -6.26 18.04
N LYS B 141 -1.76 -5.21 18.18
CA LYS B 141 -1.16 -4.50 17.04
C LYS B 141 -0.47 -5.48 16.08
N GLY B 142 -0.03 -6.61 16.64
CA GLY B 142 0.60 -7.67 15.89
C GLY B 142 -0.39 -8.46 15.06
N GLY B 143 -1.50 -8.82 15.69
CA GLY B 143 -2.48 -9.67 15.03
C GLY B 143 -2.90 -10.77 15.96
N ASP B 144 -2.44 -10.65 17.21
CA ASP B 144 -2.72 -11.65 18.23
C ASP B 144 -4.15 -11.56 18.77
N ILE B 145 -4.71 -12.72 19.04
CA ILE B 145 -5.97 -12.83 19.73
C ILE B 145 -5.77 -13.76 20.93
N MET B 146 -6.08 -13.25 22.12
CA MET B 146 -6.10 -14.05 23.33
C MET B 146 -7.53 -14.20 23.81
N LEU B 147 -7.95 -15.44 23.99
CA LEU B 147 -9.25 -15.73 24.62
C LEU B 147 -8.93 -16.20 26.03
N TRP B 148 -9.08 -15.28 26.98
CA TRP B 148 -8.62 -15.51 28.35
C TRP B 148 -9.75 -15.52 29.34
N ASN B 149 -10.01 -16.71 29.85
CA ASN B 149 -10.83 -16.86 31.01
C ASN B 149 -9.91 -16.92 32.23
N PHE B 150 -9.84 -15.82 32.97
CA PHE B 150 -9.13 -15.82 34.25
C PHE B 150 -10.02 -16.56 35.21
N GLY B 151 -9.53 -16.82 36.42
CA GLY B 151 -10.27 -17.65 37.37
C GLY B 151 -10.46 -19.06 36.81
N ILE B 152 -9.47 -19.51 36.03
CA ILE B 152 -9.46 -20.87 35.54
C ILE B 152 -8.04 -21.42 35.41
N LYS B 153 -7.03 -20.55 35.26
CA LYS B 153 -5.60 -20.97 35.25
C LYS B 153 -5.30 -22.02 34.18
N ASP B 154 -5.73 -21.76 32.96
CA ASP B 154 -5.87 -22.80 31.98
C ASP B 154 -5.20 -22.51 30.65
N LYS B 155 -4.29 -21.53 30.63
CA LYS B 155 -3.52 -21.18 29.42
C LYS B 155 -4.44 -20.70 28.29
N PRO B 156 -4.68 -19.36 28.22
CA PRO B 156 -5.62 -18.77 27.27
C PRO B 156 -5.49 -19.29 25.83
N THR B 157 -6.61 -19.53 25.16
CA THR B 157 -6.59 -19.88 23.76
C THR B 157 -5.94 -18.73 23.04
N PHE B 158 -5.10 -19.06 22.07
CA PHE B 158 -4.26 -18.07 21.41
C PHE B 158 -4.27 -18.21 19.90
N ILE B 159 -4.29 -17.07 19.22
CA ILE B 159 -4.07 -16.99 17.78
C ILE B 159 -2.93 -16.02 17.59
N LYS B 160 -1.86 -16.44 16.91
CA LYS B 160 -0.80 -15.50 16.57
C LYS B 160 -1.08 -14.92 15.20
N GLY B 161 -0.95 -13.60 15.08
CA GLY B 161 -1.22 -12.92 13.83
C GLY B 161 0.05 -12.56 13.08
N ILE B 162 -0.14 -11.87 11.95
CA ILE B 162 0.94 -11.42 11.08
C ILE B 162 2.12 -10.85 11.87
N GLY B 163 1.85 -9.81 12.67
CA GLY B 163 2.88 -9.14 13.44
C GLY B 163 3.37 -7.91 12.70
N ALA B 164 3.46 -8.01 11.37
CA ALA B 164 3.88 -6.92 10.51
C ALA B 164 2.80 -5.82 10.48
N GLY B 165 1.85 -5.92 9.55
CA GLY B 165 0.65 -5.10 9.61
C GLY B 165 -0.23 -5.85 10.58
N GLY B 166 -1.43 -6.19 10.15
CA GLY B 166 -2.29 -7.13 10.91
C GLY B 166 -2.82 -6.78 12.32
N SER B 167 -2.60 -5.55 12.78
CA SER B 167 -3.19 -5.09 14.01
C SER B 167 -4.68 -5.41 14.05
N ILE B 168 -5.17 -5.81 15.23
CA ILE B 168 -6.59 -5.96 15.40
C ILE B 168 -7.07 -4.61 15.86
N THR B 169 -7.76 -3.91 14.96
CA THR B 169 -8.29 -2.58 15.26
C THR B 169 -9.70 -2.67 15.81
N GLY B 170 -10.30 -3.85 15.76
CA GLY B 170 -11.54 -4.02 16.49
C GLY B 170 -11.94 -5.46 16.64
N LEU B 171 -12.46 -5.83 17.83
CA LEU B 171 -13.05 -7.15 18.01
C LEU B 171 -14.30 -7.25 18.93
N LYS B 172 -15.39 -7.78 18.38
CA LYS B 172 -16.57 -8.13 19.18
C LYS B 172 -16.78 -9.66 19.07
N PHE B 173 -17.24 -10.28 20.14
CA PHE B 173 -17.62 -11.70 20.09
C PHE B 173 -18.80 -11.87 19.15
N ASN B 174 -18.87 -13.03 18.49
CA ASN B 174 -20.02 -13.36 17.66
C ASN B 174 -21.23 -13.63 18.52
N PRO B 175 -22.17 -12.68 18.53
CA PRO B 175 -23.27 -12.78 19.48
C PRO B 175 -24.01 -14.10 19.29
N LEU B 176 -24.19 -14.53 18.05
CA LEU B 176 -24.92 -15.75 17.77
C LEU B 176 -24.14 -17.02 18.12
N ASN B 177 -22.81 -16.91 18.16
CA ASN B 177 -21.96 -18.03 18.60
C ASN B 177 -20.62 -17.58 19.19
N THR B 178 -20.52 -17.67 20.51
CA THR B 178 -19.38 -17.11 21.23
C THR B 178 -18.08 -17.92 21.10
N ASN B 179 -18.10 -19.00 20.32
CA ASN B 179 -16.87 -19.71 20.01
C ASN B 179 -16.16 -18.98 18.89
N GLN B 180 -16.85 -17.98 18.34
CA GLN B 180 -16.34 -17.20 17.21
C GLN B 180 -16.33 -15.72 17.58
N PHE B 181 -15.49 -14.96 16.90
CA PHE B 181 -15.44 -13.53 17.03
C PHE B 181 -15.38 -12.84 15.64
N TYR B 182 -15.66 -11.54 15.62
CA TYR B 182 -15.42 -10.71 14.45
C TYR B 182 -14.16 -9.93 14.71
N ALA B 183 -13.54 -9.43 13.65
CA ALA B 183 -12.30 -8.64 13.76
C ALA B 183 -12.09 -7.59 12.65
N SER B 184 -11.64 -6.42 13.07
CA SER B 184 -11.25 -5.35 12.17
C SER B 184 -9.75 -5.38 12.10
N SER B 185 -9.21 -5.87 10.98
CA SER B 185 -7.76 -6.06 10.84
C SER B 185 -7.09 -5.04 9.93
N MET B 186 -5.88 -4.69 10.30
CA MET B 186 -5.08 -3.82 9.50
C MET B 186 -4.57 -4.56 8.25
N GLU B 187 -4.81 -5.86 8.17
CA GLU B 187 -4.56 -6.60 6.93
C GLU B 187 -5.57 -6.22 5.85
N GLY B 188 -6.64 -5.55 6.27
CA GLY B 188 -7.67 -5.09 5.35
C GLY B 188 -8.86 -6.03 5.30
N THR B 189 -9.08 -6.78 6.37
CA THR B 189 -10.19 -7.71 6.41
C THR B 189 -10.97 -7.59 7.70
N THR B 190 -12.28 -7.79 7.60
CA THR B 190 -13.14 -7.98 8.75
C THR B 190 -13.52 -9.46 8.73
N ARG B 191 -12.81 -10.25 9.54
CA ARG B 191 -12.96 -11.70 9.55
C ARG B 191 -14.08 -12.03 10.48
N LEU B 192 -14.76 -13.13 10.21
CA LEU B 192 -15.54 -13.81 11.23
C LEU B 192 -14.76 -15.08 11.44
N GLN B 193 -14.27 -15.29 12.66
CA GLN B 193 -13.27 -16.31 12.91
C GLN B 193 -13.49 -17.02 14.23
N ASP B 194 -13.12 -18.30 14.26
CA ASP B 194 -13.16 -19.10 15.46
C ASP B 194 -11.92 -18.83 16.29
N PHE B 195 -12.04 -18.91 17.61
CA PHE B 195 -10.91 -18.70 18.54
C PHE B 195 -9.85 -19.79 18.39
N LYS B 196 -10.29 -20.96 17.93
CA LYS B 196 -9.40 -22.03 17.52
C LYS B 196 -8.94 -21.64 16.11
N GLY B 197 -8.23 -20.52 16.05
CA GLY B 197 -7.70 -19.89 14.81
C GLY B 197 -8.01 -20.36 13.38
N ASN B 198 -9.26 -20.22 12.96
CA ASN B 198 -9.64 -20.51 11.56
C ASN B 198 -10.86 -19.72 11.10
N ILE B 199 -10.75 -19.05 9.97
CA ILE B 199 -11.79 -18.18 9.45
C ILE B 199 -13.04 -18.97 9.05
N LEU B 200 -14.18 -18.29 8.99
CA LEU B 200 -15.41 -18.88 8.47
C LEU B 200 -15.88 -18.15 7.20
N ARG B 201 -15.87 -16.82 7.25
CA ARG B 201 -16.04 -15.99 6.05
C ARG B 201 -15.52 -14.55 6.28
N VAL B 202 -14.65 -14.12 5.37
CA VAL B 202 -14.15 -12.74 5.36
C VAL B 202 -15.30 -11.84 4.95
N PHE B 203 -15.83 -11.08 5.91
CA PHE B 203 -16.99 -10.23 5.65
C PHE B 203 -16.69 -9.08 4.73
N ALA B 204 -15.45 -8.59 4.78
CA ALA B 204 -14.99 -7.57 3.85
C ALA B 204 -13.48 -7.61 3.72
N SER B 205 -13.00 -7.44 2.48
CA SER B 205 -11.58 -7.26 2.22
C SER B 205 -11.38 -5.99 1.41
N SER B 206 -10.15 -5.47 1.44
CA SER B 206 -9.84 -4.08 1.07
C SER B 206 -9.99 -3.75 -0.40
N ASP B 207 -9.26 -4.50 -1.24
CA ASP B 207 -9.17 -4.32 -2.70
C ASP B 207 -8.11 -3.31 -3.19
N THR B 208 -7.73 -2.37 -2.31
CA THR B 208 -6.50 -1.55 -2.49
C THR B 208 -5.66 -1.72 -1.24
N ILE B 209 -4.35 -1.86 -1.41
CA ILE B 209 -3.47 -1.82 -0.24
C ILE B 209 -3.45 -0.38 0.29
N ASN B 210 -3.11 -0.23 1.57
CA ASN B 210 -3.18 1.03 2.28
C ASN B 210 -4.60 1.37 2.75
N ILE B 211 -5.58 0.65 2.21
CA ILE B 211 -6.93 0.71 2.75
C ILE B 211 -7.16 -0.54 3.59
N TRP B 212 -7.37 -0.35 4.89
CA TRP B 212 -7.77 -1.42 5.80
C TRP B 212 -8.90 -0.97 6.73
N PHE B 213 -9.31 -1.81 7.65
CA PHE B 213 -10.38 -1.38 8.53
C PHE B 213 -10.01 -1.24 9.98
N CYS B 214 -10.66 -0.30 10.65
CA CYS B 214 -10.27 0.17 11.95
C CYS B 214 -11.21 -0.21 13.09
N SER B 215 -12.49 -0.38 12.78
CA SER B 215 -13.54 -0.31 13.75
C SER B 215 -14.73 -1.05 13.27
N LEU B 216 -15.19 -2.01 14.11
CA LEU B 216 -16.43 -2.83 14.15
C LEU B 216 -17.59 -2.44 15.08
N ASP B 217 -18.83 -2.83 14.75
CA ASP B 217 -19.75 -3.45 15.69
C ASP B 217 -20.43 -4.72 15.21
N VAL B 218 -21.58 -5.00 15.77
CA VAL B 218 -22.33 -6.12 15.29
C VAL B 218 -23.51 -6.41 16.19
N SER B 219 -24.70 -6.53 15.63
CA SER B 219 -25.94 -6.58 16.39
C SER B 219 -26.65 -7.90 16.13
N ALA B 220 -26.71 -8.74 17.17
CA ALA B 220 -27.40 -10.02 17.08
C ALA B 220 -28.84 -9.81 16.63
N SER B 221 -29.46 -8.78 17.20
CA SER B 221 -30.87 -8.47 17.06
C SER B 221 -31.32 -8.16 15.62
N SER B 222 -30.59 -7.27 14.95
CA SER B 222 -30.89 -6.90 13.57
C SER B 222 -30.07 -7.72 12.57
N ARG B 223 -29.17 -8.53 13.14
CA ARG B 223 -28.25 -9.44 12.41
C ARG B 223 -27.36 -8.73 11.42
N MET B 224 -26.78 -7.64 11.89
CA MET B 224 -26.00 -6.74 11.06
C MET B 224 -24.52 -6.77 11.46
N VAL B 225 -23.66 -6.31 10.56
CA VAL B 225 -22.23 -6.13 10.80
C VAL B 225 -21.80 -4.82 10.12
N VAL B 226 -21.21 -3.91 10.89
CA VAL B 226 -20.69 -2.64 10.32
C VAL B 226 -19.20 -2.50 10.53
N THR B 227 -18.48 -2.14 9.47
CA THR B 227 -17.05 -1.86 9.57
C THR B 227 -16.71 -0.52 8.97
N GLY B 228 -15.83 0.21 9.66
CA GLY B 228 -15.27 1.45 9.16
C GLY B 228 -13.85 1.25 8.68
N ASP B 229 -13.57 1.65 7.45
CA ASP B 229 -12.20 1.58 6.93
C ASP B 229 -11.42 2.83 7.31
N ASN B 230 -10.13 2.85 7.00
CA ASN B 230 -9.28 3.94 7.43
C ASN B 230 -9.34 5.17 6.54
N VAL B 231 -10.21 5.14 5.55
CA VAL B 231 -10.32 6.24 4.58
C VAL B 231 -11.57 7.07 4.86
N GLY B 232 -12.59 6.39 5.38
CA GLY B 232 -13.84 7.04 5.73
C GLY B 232 -15.05 6.23 5.29
N ASN B 233 -14.81 5.16 4.54
CA ASN B 233 -15.89 4.30 4.10
C ASN B 233 -16.42 3.46 5.23
N VAL B 234 -17.72 3.20 5.17
CA VAL B 234 -18.40 2.33 6.12
C VAL B 234 -19.18 1.29 5.32
N ILE B 235 -18.87 0.01 5.53
CA ILE B 235 -19.66 -1.06 4.92
C ILE B 235 -20.64 -1.62 5.94
N LEU B 236 -21.84 -1.98 5.48
CA LEU B 236 -22.83 -2.60 6.32
C LEU B 236 -23.23 -3.92 5.70
N LEU B 237 -23.10 -4.98 6.49
CA LEU B 237 -23.36 -6.33 6.05
C LEU B 237 -24.38 -7.04 6.93
N ASN B 238 -25.15 -7.93 6.32
CA ASN B 238 -25.99 -8.86 7.05
C ASN B 238 -25.11 -10.06 7.35
N MET B 239 -25.46 -10.82 8.38
CA MET B 239 -24.56 -11.82 8.90
C MET B 239 -24.32 -13.02 7.99
N ASP B 240 -24.93 -13.02 6.81
CA ASP B 240 -24.57 -13.99 5.79
C ASP B 240 -23.36 -13.47 5.03
N GLY B 241 -23.32 -12.16 4.83
CA GLY B 241 -22.18 -11.49 4.22
C GLY B 241 -22.54 -10.57 3.08
N LYS B 242 -23.83 -10.35 2.86
CA LYS B 242 -24.27 -9.51 1.76
C LYS B 242 -24.14 -8.02 2.08
N GLU B 243 -23.52 -7.28 1.18
CA GLU B 243 -23.32 -5.85 1.35
C GLU B 243 -24.60 -5.07 1.12
N LEU B 244 -24.85 -4.10 1.99
CA LEU B 244 -26.00 -3.24 1.83
C LEU B 244 -25.51 -1.82 1.70
N TRP B 245 -24.28 -1.59 2.17
CA TRP B 245 -23.69 -0.27 2.25
C TRP B 245 -22.39 -0.24 1.48
N ASN B 246 -21.86 0.95 1.32
CA ASN B 246 -20.44 1.18 1.12
C ASN B 246 -20.09 2.66 1.13
N LEU B 247 -21.12 3.50 0.97
CA LEU B 247 -20.94 4.96 0.90
C LEU B 247 -19.91 5.50 1.91
N ARG B 248 -19.06 6.40 1.41
CA ARG B 248 -18.00 7.00 2.20
C ARG B 248 -18.61 8.03 3.14
N MET B 249 -18.97 7.55 4.32
CA MET B 249 -19.70 8.34 5.30
C MET B 249 -18.84 9.42 5.93
N HIS B 250 -17.53 9.16 6.01
CA HIS B 250 -16.57 10.07 6.63
C HIS B 250 -15.44 10.38 5.66
N LYS B 251 -14.77 11.52 5.87
CA LYS B 251 -13.71 11.95 4.95
C LYS B 251 -12.36 11.36 5.34
N LYS B 252 -12.25 10.88 6.56
CA LYS B 252 -11.00 10.29 7.04
C LYS B 252 -11.28 9.02 7.84
N LYS B 253 -10.23 8.43 8.40
CA LYS B 253 -10.32 7.16 9.13
C LYS B 253 -11.53 7.10 10.05
N VAL B 254 -12.35 6.06 9.91
CA VAL B 254 -13.49 5.84 10.80
C VAL B 254 -12.98 5.10 12.02
N THR B 255 -12.75 5.84 13.10
CA THR B 255 -12.16 5.24 14.32
C THR B 255 -13.08 4.25 15.02
N HIS B 256 -14.37 4.58 15.08
CA HIS B 256 -15.29 3.85 15.92
C HIS B 256 -16.68 3.79 15.30
N VAL B 257 -17.23 2.57 15.24
CA VAL B 257 -18.58 2.31 14.73
C VAL B 257 -19.36 1.61 15.84
N ALA B 258 -20.56 2.08 16.12
CA ALA B 258 -21.37 1.46 17.14
C ALA B 258 -22.85 1.65 16.85
N LEU B 259 -23.57 0.55 16.69
CA LEU B 259 -24.99 0.66 16.46
C LEU B 259 -25.79 0.43 17.77
N ASN B 260 -26.84 1.25 17.95
CA ASN B 260 -27.66 1.36 19.16
C ASN B 260 -28.22 0.07 19.77
N PRO B 261 -27.94 -0.17 21.06
CA PRO B 261 -28.40 -1.37 21.73
C PRO B 261 -29.91 -1.51 21.77
N CYS B 262 -30.63 -0.38 21.77
CA CYS B 262 -32.10 -0.42 21.93
C CYS B 262 -32.91 -0.05 20.73
N CYS B 263 -32.22 0.28 19.64
CA CYS B 263 -32.89 0.70 18.41
C CYS B 263 -32.16 0.18 17.17
N ASP B 264 -32.50 -1.03 16.75
CA ASP B 264 -31.75 -1.83 15.78
C ASP B 264 -31.00 -1.09 14.69
N TRP B 265 -31.64 -0.05 14.15
CA TRP B 265 -31.18 0.63 12.95
C TRP B 265 -30.57 2.02 13.18
N PHE B 266 -30.01 2.24 14.35
CA PHE B 266 -29.61 3.56 14.77
C PHE B 266 -28.10 3.60 14.99
N LEU B 267 -27.36 3.97 13.95
CA LEU B 267 -25.89 3.83 13.92
C LEU B 267 -25.14 5.11 14.26
N ALA B 268 -24.14 4.99 15.12
CA ALA B 268 -23.23 6.09 15.40
C ALA B 268 -21.84 5.79 14.87
N THR B 269 -21.32 6.73 14.11
CA THR B 269 -20.01 6.57 13.52
C THR B 269 -19.14 7.75 13.88
N ALA B 270 -17.98 7.46 14.43
CA ALA B 270 -17.01 8.47 14.81
C ALA B 270 -15.75 8.38 13.93
N SER B 271 -15.20 9.53 13.55
CA SER B 271 -14.04 9.56 12.65
C SER B 271 -12.96 10.62 13.01
N VAL B 272 -11.79 10.43 12.40
CA VAL B 272 -10.67 11.36 12.47
C VAL B 272 -11.04 12.73 11.85
N ASP B 273 -12.10 12.73 11.03
CA ASP B 273 -12.59 13.97 10.40
C ASP B 273 -13.23 14.90 11.43
N GLN B 274 -13.01 14.58 12.70
CA GLN B 274 -13.46 15.39 13.83
C GLN B 274 -14.98 15.49 13.98
N THR B 275 -15.69 14.51 13.42
CA THR B 275 -17.13 14.43 13.59
C THR B 275 -17.59 13.06 14.14
N VAL B 276 -18.79 13.06 14.71
CA VAL B 276 -19.52 11.85 14.99
C VAL B 276 -20.83 11.95 14.22
N LYS B 277 -21.15 10.91 13.47
CA LYS B 277 -22.33 10.90 12.66
C LYS B 277 -23.33 9.90 13.20
N ILE B 278 -24.60 10.21 13.04
CA ILE B 278 -25.65 9.34 13.48
C ILE B 278 -26.56 9.07 12.29
N TRP B 279 -26.88 7.79 12.09
CA TRP B 279 -27.51 7.33 10.87
C TRP B 279 -28.73 6.48 11.17
N ASP B 280 -29.58 6.31 10.15
CA ASP B 280 -30.67 5.36 10.19
C ASP B 280 -30.46 4.41 9.01
N LEU B 281 -30.24 3.14 9.28
CA LEU B 281 -29.93 2.24 8.17
C LEU B 281 -31.15 1.86 7.33
N ARG B 282 -32.22 1.45 7.99
CA ARG B 282 -33.43 1.07 7.29
C ARG B 282 -34.05 2.23 6.46
N GLN B 283 -33.89 3.47 6.95
CA GLN B 283 -34.52 4.65 6.33
C GLN B 283 -33.61 5.36 5.32
N VAL B 284 -32.42 5.74 5.77
CA VAL B 284 -31.49 6.52 4.96
C VAL B 284 -30.27 5.68 4.54
N ARG B 285 -30.53 4.78 3.59
CA ARG B 285 -29.46 4.17 2.81
C ARG B 285 -28.95 5.22 1.83
N GLY B 286 -29.90 5.97 1.26
CA GLY B 286 -29.66 7.01 0.23
C GLY B 286 -28.45 7.90 0.39
N LYS B 287 -27.33 7.42 -0.15
CA LYS B 287 -26.04 8.13 -0.31
C LYS B 287 -25.61 9.20 0.75
N ALA B 288 -24.72 8.80 1.66
CA ALA B 288 -24.04 9.70 2.63
C ALA B 288 -24.86 10.92 3.15
N SER B 289 -26.07 10.67 3.64
CA SER B 289 -26.98 11.72 4.10
C SER B 289 -27.71 11.34 5.41
N PHE B 290 -26.90 11.09 6.44
CA PHE B 290 -27.24 10.85 7.85
C PHE B 290 -28.42 11.58 8.51
N LEU B 291 -28.32 11.70 9.84
CA LEU B 291 -29.36 12.30 10.68
C LEU B 291 -28.82 13.42 11.55
N TYR B 292 -27.61 13.22 12.09
CA TYR B 292 -26.92 14.24 12.87
C TYR B 292 -25.43 14.06 12.64
N SER B 293 -24.71 15.17 12.71
CA SER B 293 -23.26 15.13 12.68
C SER B 293 -22.77 16.06 13.79
N LEU B 294 -21.97 15.51 14.70
CA LEU B 294 -21.51 16.24 15.87
C LEU B 294 -20.07 16.73 15.69
N PRO B 295 -19.86 18.06 15.73
CA PRO B 295 -18.53 18.59 15.53
C PRO B 295 -17.66 18.48 16.80
N HIS B 296 -16.36 18.24 16.64
CA HIS B 296 -15.44 18.13 17.81
C HIS B 296 -14.19 19.00 17.68
N ARG B 297 -13.65 19.40 18.83
CA ARG B 297 -12.40 20.19 18.90
C ARG B 297 -11.28 19.46 18.14
N HIS B 298 -11.23 18.13 18.24
CA HIS B 298 -10.17 17.34 17.59
C HIS B 298 -10.73 16.08 16.92
N PRO B 299 -9.84 15.16 16.46
CA PRO B 299 -10.28 13.85 15.94
C PRO B 299 -11.01 13.04 17.01
N VAL B 300 -11.96 12.23 16.59
CA VAL B 300 -12.68 11.46 17.60
C VAL B 300 -12.15 10.03 17.71
N ASN B 301 -11.78 9.63 18.91
CA ASN B 301 -11.22 8.29 19.16
C ASN B 301 -12.30 7.22 19.29
N ALA B 302 -13.44 7.60 19.86
CA ALA B 302 -14.51 6.66 20.06
C ALA B 302 -15.82 7.35 20.39
N ALA B 303 -16.92 6.75 19.95
CA ALA B 303 -18.23 7.24 20.35
C ALA B 303 -19.11 6.06 20.55
N CYS B 304 -19.40 5.73 21.82
CA CYS B 304 -20.21 4.56 22.08
C CYS B 304 -21.40 4.76 23.03
N PHE B 305 -22.49 4.06 22.68
CA PHE B 305 -23.79 4.24 23.33
C PHE B 305 -23.81 3.73 24.75
N SER B 306 -24.66 4.33 25.56
CA SER B 306 -24.94 3.82 26.87
C SER B 306 -25.87 2.59 26.72
N PRO B 307 -25.75 1.60 27.66
CA PRO B 307 -26.70 0.48 27.63
C PRO B 307 -28.06 1.12 27.78
N ASP B 308 -29.00 0.78 26.91
CA ASP B 308 -30.33 1.42 26.93
C ASP B 308 -30.46 2.41 25.81
N GLY B 309 -29.34 2.76 25.20
CA GLY B 309 -29.39 3.46 23.92
C GLY B 309 -29.57 4.98 23.94
N ALA B 310 -30.17 5.51 25.00
CA ALA B 310 -30.16 6.97 25.22
C ALA B 310 -28.73 7.30 25.54
N ARG B 311 -28.27 8.50 25.21
CA ARG B 311 -26.88 8.92 25.53
C ARG B 311 -25.69 8.21 24.83
N LEU B 312 -24.80 9.04 24.32
CA LEU B 312 -23.68 8.58 23.56
C LEU B 312 -22.46 9.19 24.24
N LEU B 313 -21.41 8.38 24.35
CA LEU B 313 -20.19 8.78 25.03
C LEU B 313 -19.08 9.04 24.02
N THR B 314 -18.86 10.32 23.75
CA THR B 314 -17.81 10.73 22.82
C THR B 314 -16.50 10.97 23.55
N THR B 315 -15.44 10.33 23.05
CA THR B 315 -14.05 10.50 23.56
C THR B 315 -13.19 11.07 22.45
N ASP B 316 -12.82 12.35 22.54
CA ASP B 316 -11.98 12.96 21.49
C ASP B 316 -10.49 12.60 21.63
N GLN B 317 -9.68 13.11 20.72
CA GLN B 317 -8.29 12.70 20.67
C GLN B 317 -7.39 13.41 21.67
N LYS B 318 -7.79 14.56 22.22
CA LYS B 318 -6.89 15.30 23.14
C LYS B 318 -7.32 15.30 24.60
N SER B 319 -8.28 16.15 24.98
CA SER B 319 -8.70 16.19 26.39
C SER B 319 -10.16 16.54 26.63
N GLU B 320 -11.03 15.91 25.82
CA GLU B 320 -12.45 16.13 25.91
C GLU B 320 -13.26 14.86 25.74
N ILE B 321 -14.12 14.59 26.71
CA ILE B 321 -15.13 13.52 26.63
C ILE B 321 -16.48 14.20 26.65
N ARG B 322 -17.43 13.72 25.85
CA ARG B 322 -18.78 14.28 25.81
C ARG B 322 -19.92 13.28 25.95
N VAL B 323 -20.99 13.69 26.60
CA VAL B 323 -22.20 12.91 26.58
C VAL B 323 -23.21 13.59 25.69
N TYR B 324 -23.86 12.82 24.82
CA TYR B 324 -24.91 13.35 23.99
C TYR B 324 -26.19 12.64 24.31
N SER B 325 -27.25 13.37 24.70
CA SER B 325 -28.53 12.76 25.07
C SER B 325 -29.38 12.30 23.90
N ALA B 326 -30.21 11.28 24.10
CA ALA B 326 -31.11 10.81 23.04
C ALA B 326 -32.18 11.83 22.69
N SER B 327 -32.64 12.56 23.71
CA SER B 327 -33.58 13.67 23.55
C SER B 327 -32.99 14.89 22.83
N GLN B 328 -31.68 14.85 22.64
CA GLN B 328 -31.02 15.76 21.71
C GLN B 328 -30.31 14.96 20.62
N TRP B 329 -29.05 14.62 20.90
CA TRP B 329 -28.11 13.97 19.97
C TRP B 329 -27.26 15.04 19.32
N ASP B 330 -27.93 16.13 18.94
CA ASP B 330 -27.33 17.15 18.11
C ASP B 330 -26.29 17.89 18.90
N CYS B 331 -26.71 18.48 20.01
CA CYS B 331 -25.77 19.15 20.91
C CYS B 331 -25.48 18.28 22.14
N PRO B 332 -24.31 18.51 22.78
CA PRO B 332 -23.86 17.71 23.90
C PRO B 332 -24.62 18.04 25.15
N LEU B 333 -24.79 17.01 25.98
CA LEU B 333 -25.41 17.20 27.28
C LEU B 333 -24.42 17.90 28.19
N GLY B 334 -23.22 17.33 28.30
CA GLY B 334 -22.18 17.95 29.12
C GLY B 334 -20.86 17.82 28.40
N LEU B 335 -19.81 18.41 28.97
CA LEU B 335 -18.48 18.06 28.51
C LEU B 335 -17.62 17.79 29.73
N ILE B 336 -16.94 16.64 29.72
CA ILE B 336 -16.00 16.30 30.76
C ILE B 336 -14.63 16.52 30.19
N PRO B 337 -13.88 17.47 30.76
CA PRO B 337 -12.49 17.70 30.37
C PRO B 337 -11.57 16.66 31.04
N HIS B 338 -10.77 15.97 30.23
CA HIS B 338 -10.00 14.83 30.72
C HIS B 338 -8.87 14.44 29.79
N PRO B 339 -7.60 14.55 30.24
CA PRO B 339 -6.47 14.35 29.34
C PRO B 339 -6.39 12.90 28.85
N HIS B 340 -6.15 12.75 27.54
CA HIS B 340 -5.92 11.42 26.95
C HIS B 340 -5.09 11.44 25.69
N ARG B 341 -4.85 12.64 25.14
CA ARG B 341 -3.81 12.89 24.13
C ARG B 341 -3.51 11.79 23.09
N HIS B 342 -2.71 12.13 22.07
CA HIS B 342 -2.23 11.16 21.10
C HIS B 342 -0.76 10.94 21.38
N PHE B 343 -0.32 9.68 21.38
CA PHE B 343 1.10 9.39 21.49
C PHE B 343 1.48 8.41 20.39
N GLN B 344 2.77 8.22 20.14
CA GLN B 344 3.20 7.32 19.07
C GLN B 344 2.83 5.85 19.32
N HIS B 345 3.61 5.14 20.13
CA HIS B 345 3.30 3.73 20.38
C HIS B 345 2.33 3.64 21.58
N LEU B 346 1.20 4.34 21.46
CA LEU B 346 0.11 4.28 22.45
C LEU B 346 -1.25 4.09 21.75
N THR B 347 -1.96 3.02 22.11
CA THR B 347 -3.31 2.77 21.59
C THR B 347 -4.20 3.89 22.06
N PRO B 348 -5.00 4.50 21.16
CA PRO B 348 -5.83 5.63 21.54
C PRO B 348 -6.74 5.33 22.73
N ILE B 349 -6.72 6.20 23.73
CA ILE B 349 -7.60 6.08 24.87
C ILE B 349 -9.09 6.16 24.44
N LYS B 350 -9.93 5.32 25.07
CA LYS B 350 -11.35 5.35 24.84
C LYS B 350 -12.10 5.30 26.16
N ALA B 351 -13.08 6.20 26.31
CA ALA B 351 -14.00 6.18 27.44
C ALA B 351 -15.14 5.20 27.21
N ALA B 352 -15.58 4.51 28.27
CA ALA B 352 -16.66 3.53 28.13
C ALA B 352 -17.67 3.63 29.27
N TRP B 353 -18.87 3.10 29.04
CA TRP B 353 -19.90 3.05 30.07
C TRP B 353 -19.74 1.83 30.96
N HIS B 354 -20.18 1.95 32.21
CA HIS B 354 -20.34 0.78 33.03
C HIS B 354 -21.65 0.14 32.62
N PRO B 355 -21.62 -1.17 32.36
CA PRO B 355 -22.79 -1.83 31.77
C PRO B 355 -24.08 -1.64 32.57
N ARG B 356 -23.97 -1.30 33.86
CA ARG B 356 -25.13 -1.33 34.73
C ARG B 356 -25.47 0.02 35.35
N TYR B 357 -24.50 0.59 36.08
CA TYR B 357 -24.65 1.87 36.79
C TYR B 357 -24.34 3.00 35.84
N ASN B 358 -24.73 4.21 36.20
CA ASN B 358 -24.49 5.35 35.33
C ASN B 358 -23.08 5.95 35.51
N LEU B 359 -22.04 5.26 35.03
CA LEU B 359 -20.64 5.71 35.21
C LEU B 359 -19.76 5.66 33.94
N ILE B 360 -18.68 6.43 33.98
CA ILE B 360 -17.78 6.41 32.84
C ILE B 360 -16.34 6.01 33.27
N VAL B 361 -15.75 5.05 32.55
CA VAL B 361 -14.34 4.71 32.79
C VAL B 361 -13.43 5.27 31.71
N VAL B 362 -12.26 5.77 32.15
CA VAL B 362 -11.19 6.21 31.21
C VAL B 362 -9.77 6.13 31.77
N GLY B 363 -8.83 5.93 30.87
CA GLY B 363 -7.45 6.08 31.25
C GLY B 363 -7.04 7.56 31.23
N ARG B 364 -6.57 8.05 32.37
CA ARG B 364 -6.01 9.38 32.40
C ARG B 364 -4.57 9.29 31.91
N TYR B 365 -4.18 10.30 31.15
CA TYR B 365 -2.84 10.42 30.63
C TYR B 365 -2.31 11.86 30.91
N PRO B 366 -1.74 12.08 32.12
CA PRO B 366 -1.33 13.42 32.58
C PRO B 366 -0.73 14.26 31.49
N ASP B 367 -1.17 15.51 31.40
CA ASP B 367 -0.63 16.45 30.41
C ASP B 367 -0.28 17.78 31.08
N PRO B 368 0.99 18.17 31.03
CA PRO B 368 1.45 19.42 31.61
C PRO B 368 0.74 20.65 31.06
N ASN B 369 0.03 20.49 29.95
CA ASN B 369 -0.65 21.62 29.35
C ASN B 369 -2.14 21.66 29.61
N PHE B 370 -2.71 20.51 29.97
CA PHE B 370 -4.13 20.39 30.30
C PHE B 370 -4.41 21.05 31.64
N LYS B 371 -5.46 21.88 31.69
CA LYS B 371 -5.78 22.64 32.92
C LYS B 371 -6.35 21.74 34.00
N SER B 372 -5.47 21.21 34.83
CA SER B 372 -5.85 20.24 35.86
C SER B 372 -6.62 20.92 36.97
N CYS B 373 -7.72 20.29 37.35
CA CYS B 373 -8.52 20.77 38.44
C CYS B 373 -7.88 20.31 39.74
N THR B 374 -7.49 19.04 39.75
CA THR B 374 -6.80 18.41 40.88
C THR B 374 -5.32 18.78 40.87
N PRO B 375 -4.72 18.93 42.05
CA PRO B 375 -3.30 19.20 42.09
C PRO B 375 -2.45 17.94 41.84
N TYR B 376 -3.05 16.76 41.95
CA TYR B 376 -2.30 15.50 41.79
C TYR B 376 -2.72 14.73 40.55
N GLU B 377 -1.79 14.61 39.60
CA GLU B 377 -2.11 14.08 38.27
C GLU B 377 -1.28 12.85 37.95
N LEU B 378 -1.85 11.67 38.17
CA LEU B 378 -1.11 10.42 37.94
C LEU B 378 -1.71 9.65 36.79
N ARG B 379 -1.07 8.53 36.44
CA ARG B 379 -1.58 7.67 35.38
C ARG B 379 -2.68 6.79 35.97
N THR B 380 -3.75 7.44 36.40
CA THR B 380 -4.86 6.78 37.07
C THR B 380 -6.00 6.33 36.10
N ILE B 381 -6.80 5.34 36.50
CA ILE B 381 -8.00 4.98 35.79
C ILE B 381 -9.12 5.82 36.40
N ASP B 382 -9.68 6.72 35.58
CA ASP B 382 -10.71 7.68 36.04
C ASP B 382 -12.13 7.08 35.91
N VAL B 383 -12.94 7.30 36.95
CA VAL B 383 -14.35 6.95 36.88
C VAL B 383 -15.17 8.20 37.17
N PHE B 384 -15.89 8.66 36.14
CA PHE B 384 -16.74 9.86 36.22
C PHE B 384 -18.18 9.50 36.44
N ASP B 385 -18.93 10.46 37.01
CA ASP B 385 -20.33 10.25 37.32
C ASP B 385 -21.11 9.90 36.09
N GLY B 386 -21.31 10.86 35.21
CA GLY B 386 -22.06 10.56 33.99
C GLY B 386 -23.36 11.33 33.92
N ASN B 387 -23.81 11.87 35.05
CA ASN B 387 -24.80 12.92 35.01
C ASN B 387 -24.17 14.22 35.52
N SER B 388 -23.39 14.09 36.57
CA SER B 388 -22.64 15.19 37.12
C SER B 388 -21.45 15.46 36.24
N GLY B 389 -20.64 14.46 36.01
CA GLY B 389 -19.59 14.61 35.06
C GLY B 389 -18.31 14.85 35.79
N LYS B 390 -18.07 14.10 36.85
CA LYS B 390 -17.20 14.58 37.88
C LYS B 390 -16.70 13.45 38.70
N MET B 391 -15.48 13.56 39.16
CA MET B 391 -14.66 12.41 39.32
C MET B 391 -15.17 11.64 40.50
N MET B 392 -15.45 10.38 40.33
CA MET B 392 -16.14 9.58 41.31
C MET B 392 -15.12 8.73 42.00
N CYS B 393 -14.07 8.39 41.24
CA CYS B 393 -12.83 7.91 41.85
C CYS B 393 -11.83 7.52 40.79
N GLN B 394 -10.64 7.24 41.31
CA GLN B 394 -9.45 6.96 40.56
C GLN B 394 -9.01 5.56 40.92
N LEU B 395 -8.42 4.87 39.96
CA LEU B 395 -7.88 3.53 40.19
C LEU B 395 -6.42 3.53 39.84
N TYR B 396 -5.58 3.11 40.77
CA TYR B 396 -4.17 3.27 40.57
C TYR B 396 -3.41 2.28 41.39
N ASP B 397 -2.55 1.54 40.73
CA ASP B 397 -1.70 0.61 41.42
C ASP B 397 -0.29 1.00 41.09
N PRO B 398 0.40 1.67 42.03
CA PRO B 398 1.82 1.90 41.75
C PRO B 398 2.44 0.54 41.57
N GLU B 399 3.52 0.47 40.82
CA GLU B 399 4.16 -0.82 40.52
C GLU B 399 3.39 -1.65 39.51
N SER B 400 2.29 -1.10 38.99
CA SER B 400 1.55 -1.80 37.94
C SER B 400 0.95 -0.85 36.94
N SER B 401 0.61 0.36 37.38
CA SER B 401 -0.07 1.31 36.51
C SER B 401 0.92 1.94 35.52
N GLY B 402 0.35 2.34 34.38
CA GLY B 402 1.01 3.04 33.27
C GLY B 402 -0.21 3.61 32.56
N ILE B 403 -0.06 4.04 31.30
CA ILE B 403 -1.26 4.56 30.62
C ILE B 403 -2.19 3.41 30.19
N SER B 404 -3.40 3.44 30.74
CA SER B 404 -4.42 2.47 30.44
C SER B 404 -5.25 2.93 29.24
N SER B 405 -4.86 2.54 28.02
CA SER B 405 -5.64 2.86 26.82
C SER B 405 -7.14 2.49 26.92
N LEU B 406 -7.40 1.18 27.06
CA LEU B 406 -8.77 0.66 27.08
C LEU B 406 -9.18 0.20 28.47
N ASN B 407 -10.44 0.42 28.83
CA ASN B 407 -10.98 -0.12 30.08
C ASN B 407 -12.44 -0.41 29.92
N GLU B 408 -12.77 -1.69 30.07
CA GLU B 408 -14.14 -2.16 29.96
C GLU B 408 -14.57 -2.90 31.20
N PHE B 409 -15.82 -2.70 31.60
CA PHE B 409 -16.36 -3.52 32.66
C PHE B 409 -16.96 -4.82 32.12
N ASN B 410 -17.13 -5.77 33.02
CA ASN B 410 -17.91 -6.98 32.79
C ASN B 410 -19.24 -6.78 32.10
N PRO B 411 -19.82 -7.88 31.56
CA PRO B 411 -21.28 -7.83 31.49
C PRO B 411 -21.84 -7.41 32.89
N MET B 412 -21.43 -8.08 33.96
CA MET B 412 -21.97 -7.78 35.30
C MET B 412 -21.50 -6.49 35.93
N GLY B 413 -20.42 -5.93 35.41
CA GLY B 413 -19.83 -4.75 36.02
C GLY B 413 -19.37 -4.96 37.45
N ASP B 414 -18.66 -6.06 37.67
CA ASP B 414 -18.05 -6.32 38.97
C ASP B 414 -16.60 -6.74 38.77
N THR B 415 -16.08 -6.46 37.59
CA THR B 415 -14.70 -6.75 37.28
C THR B 415 -14.32 -5.75 36.17
N LEU B 416 -13.11 -5.19 36.29
CA LEU B 416 -12.61 -4.24 35.31
C LEU B 416 -11.39 -4.74 34.48
N ALA B 417 -11.55 -4.89 33.16
CA ALA B 417 -10.44 -5.31 32.31
C ALA B 417 -9.72 -4.06 31.77
N SER B 418 -8.40 -4.03 31.95
CA SER B 418 -7.62 -2.88 31.48
C SER B 418 -6.55 -3.25 30.50
N ALA B 419 -6.69 -2.79 29.26
CA ALA B 419 -5.59 -2.83 28.31
C ALA B 419 -4.62 -1.70 28.66
N MET B 420 -3.56 -2.06 29.36
CA MET B 420 -2.57 -1.11 29.82
C MET B 420 -1.41 -1.12 28.87
N GLY B 421 -1.67 -0.61 27.66
CA GLY B 421 -0.67 -0.51 26.61
C GLY B 421 -0.19 -1.88 26.19
N TYR B 422 0.71 -2.45 26.97
CA TYR B 422 1.32 -3.73 26.67
C TYR B 422 0.69 -4.87 27.50
N HIS B 423 0.03 -4.50 28.60
CA HIS B 423 -0.47 -5.45 29.58
C HIS B 423 -1.99 -5.57 29.62
N ILE B 424 -2.47 -6.66 30.18
CA ILE B 424 -3.88 -6.80 30.47
C ILE B 424 -4.07 -6.95 31.97
N LEU B 425 -4.87 -6.06 32.55
CA LEU B 425 -5.07 -6.02 33.98
C LEU B 425 -6.52 -6.31 34.32
N ILE B 426 -6.72 -7.09 35.39
CA ILE B 426 -8.05 -7.48 35.84
C ILE B 426 -8.25 -7.00 37.25
N TRP B 427 -9.10 -5.97 37.40
CA TRP B 427 -9.34 -5.32 38.68
C TRP B 427 -10.58 -5.91 39.29
N SER B 428 -10.44 -6.35 40.53
CA SER B 428 -11.53 -7.02 41.22
C SER B 428 -11.50 -6.71 42.70
N GLN B 429 -12.64 -6.80 43.35
CA GLN B 429 -12.65 -6.56 44.77
C GLN B 429 -12.03 -7.73 45.53
N GLU B 430 -11.15 -7.40 46.48
CA GLU B 430 -10.50 -8.36 47.37
C GLU B 430 -11.10 -9.77 47.30
N MET C 19 45.28 12.05 33.00
CA MET C 19 46.61 12.65 32.64
C MET C 19 46.62 13.29 31.24
N SER C 20 47.75 13.95 30.93
CA SER C 20 47.98 14.73 29.69
C SER C 20 47.71 16.23 29.85
N TYR C 21 48.48 16.89 30.69
CA TYR C 21 48.29 18.32 30.89
C TYR C 21 49.51 19.10 30.48
N ASN C 22 49.25 20.21 29.80
CA ASN C 22 50.31 20.91 29.10
C ASN C 22 50.39 22.38 29.45
N TYR C 23 51.59 22.91 29.31
CA TYR C 23 51.87 24.28 29.66
C TYR C 23 52.61 24.94 28.48
N VAL C 24 52.06 26.03 27.98
CA VAL C 24 52.71 26.76 26.87
C VAL C 24 53.13 28.13 27.35
N VAL C 25 54.42 28.42 27.23
CA VAL C 25 54.93 29.69 27.68
C VAL C 25 55.93 30.23 26.66
N THR C 26 55.78 31.51 26.33
CA THR C 26 56.61 32.17 25.34
C THR C 26 58.01 32.46 25.89
N ALA C 27 58.98 31.62 25.52
CA ALA C 27 60.37 32.04 25.55
C ALA C 27 60.55 32.78 24.23
N GLN C 28 61.36 33.84 24.28
CA GLN C 28 61.39 34.83 23.21
C GLN C 28 60.02 35.52 23.05
N LYS C 29 59.62 35.78 21.80
CA LYS C 29 58.44 36.60 21.46
C LYS C 29 58.69 36.87 20.01
N PRO C 30 57.62 36.90 19.20
CA PRO C 30 57.84 37.11 17.77
C PRO C 30 58.76 38.33 17.52
N THR C 31 59.66 38.24 16.53
CA THR C 31 60.56 39.35 16.24
C THR C 31 60.30 39.95 14.85
N ALA C 32 59.46 39.27 14.08
CA ALA C 32 59.13 39.71 12.73
C ALA C 32 58.10 40.85 12.74
N VAL C 33 58.27 41.80 11.83
CA VAL C 33 57.31 42.91 11.65
C VAL C 33 56.23 42.50 10.66
N ASN C 34 54.98 42.52 11.12
CA ASN C 34 53.85 42.15 10.28
C ASN C 34 53.12 43.35 9.71
N GLY C 35 53.79 44.50 9.80
CA GLY C 35 53.24 45.77 9.38
C GLY C 35 53.61 46.88 10.36
N CYS C 36 53.97 48.04 9.83
CA CYS C 36 54.26 49.20 10.66
C CYS C 36 53.59 50.45 10.10
N VAL C 37 52.96 51.21 10.98
CA VAL C 37 52.24 52.41 10.62
C VAL C 37 52.81 53.61 11.37
N THR C 38 52.66 54.78 10.74
CA THR C 38 53.17 56.03 11.31
C THR C 38 52.05 57.06 11.49
N GLY C 39 52.23 57.99 12.43
CA GLY C 39 51.19 58.99 12.74
C GLY C 39 51.30 59.61 14.12
N HIS C 40 50.21 60.21 14.59
CA HIS C 40 50.25 60.96 15.85
C HIS C 40 49.35 60.34 16.92
N PHE C 41 49.73 59.14 17.35
CA PHE C 41 48.94 58.34 18.27
C PHE C 41 49.03 58.81 19.73
N THR C 42 50.27 58.96 20.21
CA THR C 42 50.57 59.37 21.59
C THR C 42 50.13 60.81 21.86
N SER C 43 50.68 61.76 21.11
CA SER C 43 50.42 63.15 21.37
C SER C 43 49.64 63.84 20.26
N ALA C 44 50.37 64.52 19.39
CA ALA C 44 49.84 65.32 18.30
C ALA C 44 51.05 66.08 17.81
N GLU C 45 51.82 66.57 18.79
CA GLU C 45 53.15 67.15 18.54
C GLU C 45 54.15 66.03 18.32
N ASP C 46 53.81 64.84 18.81
CA ASP C 46 54.63 63.64 18.61
C ASP C 46 54.46 63.05 17.22
N LEU C 47 55.57 62.57 16.66
CA LEU C 47 55.51 61.63 15.56
C LEU C 47 55.74 60.23 16.13
N ASN C 48 54.74 59.37 16.01
CA ASN C 48 54.82 58.01 16.49
C ASN C 48 55.08 57.00 15.40
N LEU C 49 55.78 55.94 15.77
CA LEU C 49 55.85 54.75 14.93
C LEU C 49 55.23 53.60 15.69
N LEU C 50 54.35 52.85 15.02
CA LEU C 50 53.71 51.68 15.63
C LEU C 50 54.09 50.43 14.87
N ILE C 51 54.75 49.50 15.57
CA ILE C 51 55.13 48.24 14.96
C ILE C 51 54.19 47.13 15.45
N ALA C 52 53.70 46.30 14.53
CA ALA C 52 52.97 45.10 14.92
C ALA C 52 53.87 43.88 14.78
N LYS C 53 54.03 43.14 15.87
CA LYS C 53 54.88 41.96 15.83
C LYS C 53 54.13 40.67 15.55
N ASN C 54 52.98 40.50 16.20
CA ASN C 54 52.01 39.48 15.83
C ASN C 54 50.86 39.68 16.75
N THR C 55 51.13 39.48 18.03
CA THR C 55 50.17 39.72 19.07
C THR C 55 50.63 40.95 19.82
N ARG C 56 51.78 41.50 19.39
CA ARG C 56 52.43 42.61 20.09
C ARG C 56 52.34 43.90 19.34
N LEU C 57 51.98 44.95 20.06
CA LEU C 57 51.96 46.31 19.54
C LEU C 57 52.99 47.17 20.25
N GLU C 58 53.97 47.65 19.47
CA GLU C 58 55.05 48.48 20.00
C GLU C 58 54.89 49.91 19.51
N ILE C 59 54.73 50.82 20.47
CA ILE C 59 54.56 52.25 20.20
C ILE C 59 55.85 52.99 20.51
N TYR C 60 56.26 53.87 19.60
CA TYR C 60 57.50 54.61 19.73
C TYR C 60 57.29 56.08 19.43
N VAL C 61 58.26 56.89 19.86
CA VAL C 61 58.34 58.29 19.44
C VAL C 61 59.66 58.47 18.69
N VAL C 62 59.61 59.23 17.60
CA VAL C 62 60.78 59.49 16.80
C VAL C 62 61.55 60.69 17.31
N THR C 63 62.72 60.44 17.89
CA THR C 63 63.59 61.51 18.35
C THR C 63 64.56 61.83 17.24
N ALA C 64 65.27 62.96 17.40
CA ALA C 64 66.26 63.44 16.43
C ALA C 64 67.25 62.34 16.00
N GLU C 65 67.57 61.42 16.92
CA GLU C 65 68.61 60.40 16.68
C GLU C 65 68.07 58.98 16.43
N GLY C 66 66.88 58.67 16.93
CA GLY C 66 66.30 57.33 16.72
C GLY C 66 64.86 57.17 17.18
N LEU C 67 64.57 56.05 17.82
CA LEU C 67 63.26 55.77 18.40
C LEU C 67 63.34 55.75 19.92
N ARG C 68 62.31 56.28 20.59
CA ARG C 68 62.20 56.15 22.04
C ARG C 68 60.93 55.38 22.38
N PRO C 69 61.09 54.19 22.99
CA PRO C 69 59.99 53.26 23.30
C PRO C 69 59.11 53.76 24.44
N VAL C 70 57.82 53.92 24.16
CA VAL C 70 56.91 54.39 25.20
C VAL C 70 56.10 53.26 25.80
N LYS C 71 55.58 52.37 24.97
CA LYS C 71 54.73 51.27 25.45
C LYS C 71 54.69 50.10 24.47
N GLU C 72 54.89 48.89 24.98
CA GLU C 72 54.59 47.66 24.24
C GLU C 72 53.40 46.95 24.87
N VAL C 73 52.43 46.63 24.03
CA VAL C 73 51.23 46.00 24.51
C VAL C 73 51.09 44.66 23.85
N GLY C 74 50.57 43.70 24.58
CA GLY C 74 50.19 42.41 24.02
C GLY C 74 48.69 42.31 23.82
N MET C 75 48.28 41.77 22.70
CA MET C 75 46.88 41.64 22.37
C MET C 75 46.44 40.20 22.27
N TYR C 76 45.22 39.90 22.74
CA TYR C 76 44.63 38.57 22.56
C TYR C 76 44.16 38.37 21.12
N GLY C 77 45.09 38.35 20.18
CA GLY C 77 44.76 38.22 18.76
C GLY C 77 45.99 38.42 17.89
N LYS C 78 45.91 37.92 16.65
CA LYS C 78 46.96 38.20 15.65
C LYS C 78 46.54 39.46 14.93
N ILE C 79 47.38 40.48 14.99
CA ILE C 79 47.03 41.79 14.46
C ILE C 79 47.01 41.70 12.94
N ALA C 80 45.85 41.95 12.36
CA ALA C 80 45.68 41.79 10.92
C ALA C 80 45.66 43.13 10.21
N VAL C 81 44.84 44.06 10.71
CA VAL C 81 44.84 45.43 10.23
C VAL C 81 45.17 46.39 11.35
N MET C 82 46.11 47.29 11.08
CA MET C 82 46.55 48.26 12.08
C MET C 82 46.66 49.64 11.43
N GLU C 83 45.64 50.47 11.61
CA GLU C 83 45.59 51.76 10.95
C GLU C 83 45.32 52.92 11.89
N LEU C 84 46.05 54.01 11.68
CA LEU C 84 45.82 55.26 12.42
C LEU C 84 44.90 56.18 11.64
N PHE C 85 44.03 56.89 12.36
CA PHE C 85 43.04 57.77 11.74
C PHE C 85 42.62 58.86 12.72
N ARG C 86 42.22 60.01 12.19
CA ARG C 86 41.86 61.16 13.00
C ARG C 86 40.44 61.61 12.67
N PRO C 87 39.48 61.30 13.55
CA PRO C 87 38.12 61.82 13.36
C PRO C 87 38.07 63.30 13.71
N LYS C 88 37.16 64.06 13.11
CA LYS C 88 37.00 65.48 13.46
C LYS C 88 36.63 65.63 14.93
N GLY C 89 37.26 66.58 15.61
CA GLY C 89 37.01 66.81 17.04
C GLY C 89 37.76 65.83 17.91
N GLU C 90 38.94 65.42 17.45
CA GLU C 90 39.84 64.61 18.25
C GLU C 90 41.22 65.26 18.20
N SER C 91 41.79 65.49 19.38
CA SER C 91 43.08 66.16 19.51
C SER C 91 44.26 65.32 19.04
N LYS C 92 44.04 64.01 18.84
CA LYS C 92 45.09 63.09 18.38
C LYS C 92 44.54 61.97 17.51
N ASP C 93 45.44 61.25 16.83
CA ASP C 93 45.10 60.05 16.04
C ASP C 93 44.69 58.87 16.92
N LEU C 94 43.62 58.21 16.53
CA LEU C 94 43.20 56.97 17.15
C LEU C 94 43.72 55.77 16.36
N LEU C 95 43.69 54.60 16.99
CA LEU C 95 44.15 53.36 16.37
C LEU C 95 42.99 52.41 16.09
N PHE C 96 43.00 51.83 14.90
CA PHE C 96 42.04 50.76 14.58
C PHE C 96 42.74 49.41 14.39
N ILE C 97 42.31 48.41 15.15
CA ILE C 97 42.90 47.09 15.05
C ILE C 97 41.88 46.07 14.64
N LEU C 98 42.25 45.21 13.69
CA LEU C 98 41.49 44.01 13.37
C LEU C 98 42.34 42.76 13.62
N THR C 99 41.79 41.81 14.36
CA THR C 99 42.46 40.56 14.61
C THR C 99 42.14 39.62 13.47
N ALA C 100 43.02 38.67 13.23
CA ALA C 100 42.78 37.59 12.26
C ALA C 100 41.62 36.67 12.67
N LYS C 101 41.19 36.79 13.93
CA LYS C 101 39.98 36.13 14.40
C LYS C 101 38.79 37.08 14.32
N TYR C 102 39.00 38.18 13.59
CA TYR C 102 38.00 39.21 13.31
C TYR C 102 37.55 40.05 14.51
N ASN C 103 38.48 40.30 15.44
CA ASN C 103 38.20 41.19 16.57
C ASN C 103 38.58 42.60 16.15
N ALA C 104 37.59 43.49 16.12
CA ALA C 104 37.83 44.87 15.74
C ALA C 104 37.78 45.73 16.98
N CYS C 105 38.53 46.84 16.95
CA CYS C 105 38.52 47.78 18.06
C CYS C 105 39.19 49.09 17.68
N ILE C 106 38.69 50.17 18.27
CA ILE C 106 39.34 51.48 18.21
C ILE C 106 40.06 51.71 19.53
N LEU C 107 41.30 52.16 19.46
CA LEU C 107 42.10 52.32 20.66
C LEU C 107 42.69 53.71 20.77
N GLU C 108 42.88 54.16 22.02
CA GLU C 108 43.33 55.52 22.36
C GLU C 108 44.43 55.53 23.43
N TYR C 109 45.50 56.27 23.14
CA TYR C 109 46.59 56.47 24.07
C TYR C 109 46.16 57.44 25.16
N LYS C 110 46.35 57.04 26.41
CA LYS C 110 46.05 57.90 27.56
C LYS C 110 47.15 57.77 28.60
N GLN C 111 47.68 58.92 29.03
CA GLN C 111 48.67 58.94 30.10
C GLN C 111 48.16 59.70 31.33
N SER C 112 47.91 58.97 32.41
CA SER C 112 47.44 59.55 33.67
C SER C 112 48.61 60.04 34.51
N GLY C 113 49.21 61.15 34.09
CA GLY C 113 50.44 61.64 34.67
C GLY C 113 51.59 60.73 34.31
N GLU C 114 51.66 59.59 35.02
CA GLU C 114 52.74 58.62 34.84
C GLU C 114 52.25 57.24 34.42
N SER C 115 50.92 57.05 34.42
CA SER C 115 50.32 55.76 34.04
C SER C 115 49.94 55.72 32.56
N ILE C 116 50.53 54.78 31.81
CA ILE C 116 50.21 54.59 30.39
C ILE C 116 49.02 53.65 30.25
N ASP C 117 48.03 54.07 29.48
CA ASP C 117 46.83 53.27 29.28
C ASP C 117 46.34 53.31 27.86
N ILE C 118 46.03 52.13 27.34
CA ILE C 118 45.37 52.04 26.06
C ILE C 118 43.93 51.68 26.36
N ILE C 119 43.02 52.56 25.98
CA ILE C 119 41.61 52.39 26.30
C ILE C 119 40.79 51.96 25.08
N THR C 120 39.88 51.02 25.29
CA THR C 120 39.05 50.49 24.20
C THR C 120 37.86 51.41 23.95
N ARG C 121 37.96 52.27 22.93
CA ARG C 121 36.87 53.17 22.58
C ARG C 121 35.67 52.40 22.05
N ALA C 122 35.85 51.71 20.93
CA ALA C 122 34.82 50.85 20.37
C ALA C 122 35.40 49.48 20.07
N HIS C 123 34.60 48.44 20.22
CA HIS C 123 35.07 47.08 19.99
C HIS C 123 33.94 46.11 19.67
N GLY C 124 34.25 45.14 18.82
CA GLY C 124 33.33 44.06 18.45
C GLY C 124 33.98 43.03 17.56
N ASN C 125 33.32 41.88 17.41
CA ASN C 125 33.78 40.84 16.50
C ASN C 125 33.03 40.91 15.19
N VAL C 126 33.66 41.49 14.18
CA VAL C 126 32.99 41.88 12.96
C VAL C 126 32.77 40.75 11.94
N GLN C 127 33.11 39.51 12.31
CA GLN C 127 33.01 38.37 11.40
C GLN C 127 31.59 38.12 10.93
N ASP C 128 31.44 37.68 9.68
CA ASP C 128 30.17 37.21 9.19
C ASP C 128 29.86 35.87 9.83
N ARG C 129 28.62 35.44 9.74
CA ARG C 129 28.27 34.17 10.35
C ARG C 129 28.51 33.00 9.37
N ILE C 130 29.14 33.31 8.25
CA ILE C 130 29.48 32.35 7.19
C ILE C 130 30.52 33.00 6.33
N GLY C 131 31.22 32.21 5.52
CA GLY C 131 32.12 32.81 4.53
C GLY C 131 33.58 32.51 4.66
N ARG C 132 34.18 32.15 3.54
CA ARG C 132 35.55 31.70 3.49
C ARG C 132 36.44 32.89 3.19
N PRO C 133 37.50 33.03 3.98
CA PRO C 133 38.49 34.08 3.81
C PRO C 133 39.09 34.07 2.42
N SER C 134 39.36 35.25 1.88
CA SER C 134 39.93 35.38 0.55
C SER C 134 41.36 34.90 0.55
N GLU C 135 41.79 34.30 -0.57
CA GLU C 135 43.14 33.78 -0.67
C GLU C 135 44.15 34.87 -0.40
N THR C 136 43.80 36.10 -0.76
CA THR C 136 44.69 37.24 -0.66
C THR C 136 44.67 37.83 0.77
N GLY C 137 43.82 37.28 1.64
CA GLY C 137 43.80 37.68 3.05
C GLY C 137 42.92 38.88 3.31
N ILE C 138 42.89 39.30 4.57
CA ILE C 138 42.06 40.44 5.02
C ILE C 138 42.63 41.73 4.50
N ILE C 139 41.78 42.59 3.91
CA ILE C 139 42.23 43.95 3.57
C ILE C 139 41.41 45.00 4.30
N GLY C 140 42.09 45.85 5.05
CA GLY C 140 41.42 46.92 5.80
C GLY C 140 41.87 48.29 5.31
N ILE C 141 40.90 49.15 5.06
CA ILE C 141 41.17 50.54 4.67
C ILE C 141 40.23 51.49 5.41
N ILE C 142 40.74 52.69 5.68
CA ILE C 142 39.95 53.75 6.33
C ILE C 142 39.73 54.96 5.43
N ASP C 143 38.48 55.42 5.38
CA ASP C 143 38.08 56.57 4.62
C ASP C 143 39.05 57.72 4.91
N PRO C 144 39.54 58.43 3.87
CA PRO C 144 40.44 59.57 4.08
C PRO C 144 39.82 60.70 4.89
N GLU C 145 38.51 60.62 5.13
CA GLU C 145 37.81 61.59 5.95
C GLU C 145 37.23 60.93 7.19
N CYS C 146 37.77 59.77 7.54
CA CYS C 146 37.33 58.97 8.70
C CYS C 146 35.83 58.80 8.80
N ARG C 147 35.16 58.85 7.66
CA ARG C 147 33.71 58.68 7.65
C ARG C 147 33.37 57.22 7.97
N MET C 148 34.07 56.28 7.34
CA MET C 148 33.84 54.83 7.59
C MET C 148 35.05 53.92 7.48
N ILE C 149 34.92 52.70 7.98
CA ILE C 149 35.90 51.63 7.77
C ILE C 149 35.39 50.64 6.74
N GLY C 150 36.25 50.29 5.79
CA GLY C 150 35.91 49.31 4.78
C GLY C 150 36.86 48.15 4.81
N LEU C 151 36.30 46.93 4.85
CA LEU C 151 37.12 45.71 4.82
C LEU C 151 36.66 44.68 3.79
N ARG C 152 37.65 43.93 3.30
CA ARG C 152 37.44 42.78 2.45
C ARG C 152 37.80 41.54 3.25
N LEU C 153 36.78 40.83 3.74
CA LEU C 153 37.03 39.63 4.52
C LEU C 153 36.91 38.39 3.67
N TYR C 154 35.87 38.37 2.84
CA TYR C 154 35.54 37.23 2.02
C TYR C 154 35.34 37.66 0.58
N ASP C 155 35.39 36.70 -0.34
CA ASP C 155 35.24 37.05 -1.74
C ASP C 155 33.82 37.46 -2.09
N GLY C 156 33.70 38.58 -2.81
CA GLY C 156 32.41 39.03 -3.29
C GLY C 156 31.58 39.75 -2.26
N LEU C 157 32.19 40.16 -1.15
CA LEU C 157 31.51 41.03 -0.21
C LEU C 157 32.45 42.11 0.21
N PHE C 158 31.92 43.33 0.34
CA PHE C 158 32.65 44.43 0.97
C PHE C 158 31.99 44.80 2.29
N LYS C 159 32.80 44.81 3.35
CA LYS C 159 32.32 45.02 4.71
C LYS C 159 32.51 46.47 5.04
N VAL C 160 31.45 47.10 5.53
CA VAL C 160 31.54 48.50 5.94
C VAL C 160 31.11 48.66 7.39
N ILE C 161 32.01 49.24 8.19
CA ILE C 161 31.68 49.68 9.54
C ILE C 161 31.39 51.17 9.50
N PRO C 162 30.14 51.55 9.80
CA PRO C 162 29.86 52.98 9.95
C PRO C 162 30.67 53.51 11.14
N LEU C 163 31.77 54.17 10.83
CA LEU C 163 32.64 54.74 11.83
C LEU C 163 32.09 56.09 12.31
N ASP C 164 31.53 56.85 11.36
CA ASP C 164 30.91 58.15 11.64
C ASP C 164 29.87 58.08 12.77
N ARG C 165 29.94 59.07 13.66
CA ARG C 165 29.09 59.16 14.84
C ARG C 165 29.24 57.98 15.80
N ASP C 166 28.48 58.03 16.90
CA ASP C 166 28.61 57.07 17.96
C ASP C 166 28.04 55.71 17.56
N ASN C 167 28.95 54.80 17.26
CA ASN C 167 28.66 53.39 17.02
C ASN C 167 29.72 52.57 17.75
N LYS C 168 29.39 52.09 18.94
CA LYS C 168 30.40 51.59 19.86
C LYS C 168 30.65 50.07 19.90
N GLU C 169 29.70 49.28 19.40
CA GLU C 169 29.90 47.82 19.26
C GLU C 169 30.49 47.47 17.89
N LEU C 170 30.70 48.51 17.08
CA LEU C 170 31.25 48.40 15.72
C LEU C 170 30.40 47.56 14.76
N LYS C 171 29.08 47.60 14.97
CA LYS C 171 28.10 46.97 14.09
C LYS C 171 28.45 47.32 12.63
N ALA C 172 28.28 46.37 11.73
CA ALA C 172 28.70 46.58 10.34
C ALA C 172 27.76 45.94 9.35
N PHE C 173 27.63 46.56 8.17
CA PHE C 173 26.84 45.98 7.08
C PHE C 173 27.75 45.55 5.93
N ASN C 174 27.19 44.77 5.00
CA ASN C 174 27.92 44.24 3.85
C ASN C 174 27.36 44.76 2.53
N ILE C 175 28.24 44.94 1.54
CA ILE C 175 27.80 45.28 0.19
C ILE C 175 28.23 44.16 -0.76
N ARG C 176 27.32 43.73 -1.63
CA ARG C 176 27.65 42.73 -2.64
C ARG C 176 28.61 43.35 -3.63
N LEU C 177 29.63 42.56 -3.99
CA LEU C 177 30.75 43.04 -4.80
C LEU C 177 30.94 42.15 -6.04
N GLU C 178 30.16 42.40 -7.09
CA GLU C 178 30.22 41.61 -8.32
C GLU C 178 31.64 41.24 -8.77
N GLU C 179 32.62 42.08 -8.46
CA GLU C 179 34.01 41.74 -8.71
C GLU C 179 34.46 40.81 -7.62
N LEU C 180 34.41 39.53 -7.92
CA LEU C 180 34.71 38.44 -6.98
C LEU C 180 36.15 38.49 -6.47
N HIS C 181 37.11 38.43 -7.41
CA HIS C 181 38.53 38.36 -7.08
C HIS C 181 39.24 39.72 -7.02
N VAL C 182 39.29 40.28 -5.82
CA VAL C 182 39.86 41.60 -5.59
C VAL C 182 41.32 41.47 -5.23
N ILE C 183 42.17 42.20 -5.93
CA ILE C 183 43.60 42.15 -5.66
C ILE C 183 44.04 43.13 -4.58
N ASP C 184 43.58 44.39 -4.67
CA ASP C 184 43.90 45.41 -3.67
C ASP C 184 42.93 46.60 -3.68
N VAL C 185 42.42 46.98 -2.51
CA VAL C 185 41.60 48.18 -2.40
C VAL C 185 42.28 49.28 -1.61
N LYS C 186 41.93 50.50 -1.96
CA LYS C 186 42.30 51.68 -1.21
C LYS C 186 41.26 52.75 -1.47
N PHE C 187 41.00 53.59 -0.46
CA PHE C 187 40.10 54.73 -0.59
C PHE C 187 40.79 55.88 -1.27
N LEU C 188 40.13 56.46 -2.28
CA LEU C 188 40.68 57.60 -3.00
C LEU C 188 40.53 58.90 -2.22
N TYR C 189 41.45 59.82 -2.48
CA TYR C 189 41.45 61.12 -1.85
C TYR C 189 40.67 62.14 -2.66
N GLY C 190 39.88 62.96 -1.98
CA GLY C 190 39.23 64.12 -2.59
C GLY C 190 38.18 63.80 -3.62
N CYS C 191 37.08 63.19 -3.17
CA CYS C 191 35.90 62.99 -3.99
C CYS C 191 34.69 63.29 -3.15
N GLN C 192 33.63 63.76 -3.79
CA GLN C 192 32.43 64.22 -3.06
C GLN C 192 31.67 63.13 -2.30
N ALA C 193 32.17 61.89 -2.40
CA ALA C 193 31.66 60.77 -1.62
C ALA C 193 32.80 59.81 -1.36
N PRO C 194 32.71 58.99 -0.29
CA PRO C 194 33.73 57.97 -0.10
C PRO C 194 33.86 57.18 -1.38
N THR C 195 35.04 57.26 -1.98
CA THR C 195 35.26 56.64 -3.27
C THR C 195 36.38 55.61 -3.18
N ILE C 196 36.00 54.36 -3.46
CA ILE C 196 36.89 53.22 -3.34
C ILE C 196 37.44 52.80 -4.70
N CYS C 197 38.72 52.45 -4.70
CA CYS C 197 39.43 52.09 -5.92
C CYS C 197 40.15 50.74 -5.75
N PHE C 198 39.97 49.84 -6.72
CA PHE C 198 40.56 48.51 -6.61
C PHE C 198 40.95 47.88 -7.94
N VAL C 199 41.99 47.04 -7.87
CA VAL C 199 42.34 46.14 -8.96
C VAL C 199 41.68 44.81 -8.65
N TYR C 200 41.04 44.22 -9.67
CA TYR C 200 40.40 42.93 -9.52
C TYR C 200 40.87 41.96 -10.58
N GLN C 201 40.32 40.75 -10.60
CA GLN C 201 40.66 39.78 -11.63
C GLN C 201 39.47 38.97 -12.09
N ASP C 202 39.37 38.85 -13.42
CA ASP C 202 38.34 38.09 -14.12
C ASP C 202 39.03 37.30 -15.24
N PRO C 203 38.26 36.53 -16.04
CA PRO C 203 38.85 35.78 -17.16
C PRO C 203 39.59 36.67 -18.16
N GLN C 204 39.28 37.96 -18.17
CA GLN C 204 39.88 38.90 -19.12
C GLN C 204 41.28 39.38 -18.72
N GLY C 205 41.61 39.26 -17.44
CA GLY C 205 42.89 39.71 -16.91
C GLY C 205 42.66 40.45 -15.62
N ARG C 206 43.40 41.54 -15.40
CA ARG C 206 43.23 42.39 -14.23
C ARG C 206 42.86 43.78 -14.66
N HIS C 207 41.91 44.38 -13.94
CA HIS C 207 41.43 45.70 -14.30
C HIS C 207 41.27 46.53 -13.06
N VAL C 208 41.40 47.85 -13.20
CA VAL C 208 41.06 48.77 -12.11
C VAL C 208 39.64 49.29 -12.32
N LYS C 209 38.84 49.24 -11.25
CA LYS C 209 37.48 49.75 -11.24
C LYS C 209 37.29 50.58 -9.97
N THR C 210 36.26 51.42 -9.95
CA THR C 210 35.96 52.28 -8.80
C THR C 210 34.47 52.37 -8.50
N TYR C 211 34.14 52.50 -7.22
CA TYR C 211 32.75 52.67 -6.78
C TYR C 211 32.62 53.78 -5.74
N GLU C 212 31.39 54.17 -5.43
CA GLU C 212 31.16 55.06 -4.32
C GLU C 212 30.36 54.38 -3.25
N VAL C 213 30.78 54.59 -2.02
CA VAL C 213 30.16 53.96 -0.87
C VAL C 213 29.23 54.96 -0.19
N SER C 214 27.95 54.65 -0.16
CA SER C 214 27.00 55.48 0.59
C SER C 214 26.42 54.72 1.77
N LEU C 215 26.93 55.06 2.96
CA LEU C 215 26.40 54.61 4.23
C LEU C 215 24.90 54.87 4.30
N ARG C 216 24.48 55.89 3.54
CA ARG C 216 23.10 56.33 3.47
C ARG C 216 22.15 55.23 2.99
N GLU C 217 22.46 54.67 1.82
CA GLU C 217 21.62 53.65 1.20
C GLU C 217 22.20 52.23 1.32
N LYS C 218 23.49 52.14 1.67
CA LYS C 218 24.20 50.87 1.89
C LYS C 218 24.41 50.07 0.61
N GLU C 219 25.18 50.65 -0.31
CA GLU C 219 25.46 50.02 -1.60
C GLU C 219 26.50 50.85 -2.34
N PHE C 220 27.08 50.28 -3.39
CA PHE C 220 28.01 51.03 -4.23
C PHE C 220 27.21 51.95 -5.14
N ASN C 221 27.86 52.92 -5.75
CA ASN C 221 27.14 53.81 -6.65
C ASN C 221 27.80 54.08 -8.01
N LYS C 222 29.13 54.06 -8.04
CA LYS C 222 29.92 54.19 -9.27
C LYS C 222 30.90 55.33 -9.16
N GLY C 223 32.16 55.03 -9.43
CA GLY C 223 33.24 55.98 -9.24
C GLY C 223 33.33 57.01 -10.34
N PRO C 224 34.40 57.82 -10.30
CA PRO C 224 34.65 58.92 -11.23
C PRO C 224 35.10 58.46 -12.60
N TRP C 225 35.30 57.15 -12.78
CA TRP C 225 35.56 56.58 -14.12
C TRP C 225 35.27 55.09 -14.23
N LYS C 226 34.71 54.68 -15.37
CA LYS C 226 34.16 53.32 -15.51
C LYS C 226 35.15 52.19 -15.22
N GLN C 227 36.31 52.21 -15.89
CA GLN C 227 37.39 51.24 -15.64
C GLN C 227 38.49 51.24 -16.70
N GLU C 228 39.58 50.54 -16.40
CA GLU C 228 40.73 50.44 -17.28
C GLU C 228 41.30 49.03 -17.26
N ASN C 229 41.91 48.61 -18.37
CA ASN C 229 42.76 47.43 -18.36
C ASN C 229 44.01 47.76 -17.59
N VAL C 230 44.52 46.80 -16.85
CA VAL C 230 45.68 47.05 -16.01
C VAL C 230 46.76 46.02 -16.26
N GLU C 231 47.99 46.49 -16.27
CA GLU C 231 49.16 45.64 -16.37
C GLU C 231 48.89 44.28 -15.75
N ALA C 232 49.19 43.23 -16.51
CA ALA C 232 48.84 41.84 -16.18
C ALA C 232 49.03 41.39 -14.73
N GLU C 233 50.01 41.95 -14.03
CA GLU C 233 50.34 41.53 -12.67
C GLU C 233 50.34 42.66 -11.64
N ALA C 234 49.26 43.43 -11.63
CA ALA C 234 49.14 44.63 -10.82
C ALA C 234 48.74 44.31 -9.38
N SER C 235 49.66 44.48 -8.44
CA SER C 235 49.41 44.09 -7.03
C SER C 235 49.07 45.22 -6.05
N MET C 236 49.63 46.41 -6.26
CA MET C 236 49.50 47.53 -5.31
C MET C 236 48.54 48.61 -5.82
N VAL C 237 47.86 49.27 -4.89
CA VAL C 237 46.99 50.40 -5.21
C VAL C 237 47.28 51.53 -4.24
N ILE C 238 47.98 52.56 -4.71
CA ILE C 238 48.35 53.67 -3.84
C ILE C 238 47.42 54.85 -4.03
N ALA C 239 46.82 55.30 -2.93
CA ALA C 239 45.99 56.50 -2.91
C ALA C 239 46.89 57.72 -2.83
N VAL C 240 46.85 58.57 -3.86
CA VAL C 240 47.67 59.78 -3.86
C VAL C 240 46.87 60.92 -3.21
N PRO C 241 47.49 61.68 -2.29
CA PRO C 241 46.87 62.78 -1.52
C PRO C 241 46.39 63.97 -2.35
N GLU C 242 45.93 65.01 -1.65
CA GLU C 242 45.16 66.12 -2.26
C GLU C 242 45.73 66.82 -3.51
N PRO C 243 47.02 67.24 -3.47
CA PRO C 243 47.58 68.02 -4.59
C PRO C 243 47.48 67.36 -5.96
N PHE C 244 47.40 66.03 -5.98
CA PHE C 244 47.19 65.30 -7.22
C PHE C 244 45.82 64.64 -7.09
N GLY C 245 45.76 63.53 -6.37
CA GLY C 245 44.49 62.92 -6.03
C GLY C 245 44.20 61.62 -6.74
N GLY C 246 45.15 61.16 -7.55
CA GLY C 246 44.96 59.93 -8.31
C GLY C 246 45.29 58.66 -7.56
N ALA C 247 45.65 57.63 -8.32
CA ALA C 247 46.09 56.37 -7.76
C ALA C 247 47.30 55.84 -8.52
N ILE C 248 48.25 55.31 -7.77
CA ILE C 248 49.37 54.62 -8.38
C ILE C 248 49.11 53.12 -8.31
N ILE C 249 49.35 52.44 -9.44
CA ILE C 249 49.18 50.99 -9.52
C ILE C 249 50.51 50.32 -9.87
N ILE C 250 51.09 49.57 -8.93
CA ILE C 250 52.37 48.95 -9.18
C ILE C 250 52.20 47.50 -9.55
N GLY C 251 53.11 46.99 -10.37
CA GLY C 251 53.15 45.55 -10.67
C GLY C 251 54.57 45.05 -10.86
N GLN C 252 54.74 44.09 -11.75
CA GLN C 252 56.07 43.77 -12.22
C GLN C 252 56.21 44.59 -13.47
N GLU C 253 57.43 45.00 -13.79
CA GLU C 253 57.74 45.74 -15.02
C GLU C 253 56.94 47.02 -15.37
N SER C 254 56.04 47.46 -14.49
CA SER C 254 55.25 48.65 -14.80
C SER C 254 54.67 49.38 -13.60
N ILE C 255 54.73 50.72 -13.68
CA ILE C 255 54.07 51.63 -12.73
C ILE C 255 53.18 52.59 -13.50
N THR C 256 51.94 52.73 -13.03
CA THR C 256 50.96 53.56 -13.72
C THR C 256 50.31 54.56 -12.77
N TYR C 257 49.96 55.72 -13.30
CA TYR C 257 49.15 56.70 -12.59
C TYR C 257 47.78 56.75 -13.25
N HIS C 258 46.73 56.65 -12.43
CA HIS C 258 45.37 56.87 -12.90
C HIS C 258 44.69 57.92 -12.04
N ASN C 259 44.33 59.06 -12.63
CA ASN C 259 43.62 60.11 -11.90
C ASN C 259 42.13 60.06 -12.18
N GLY C 260 41.79 59.52 -13.35
CA GLY C 260 40.40 59.43 -13.78
C GLY C 260 40.18 60.34 -14.95
N ASP C 261 40.56 59.83 -16.12
CA ASP C 261 40.67 60.59 -17.36
C ASP C 261 42.16 60.66 -17.67
N LYS C 262 42.94 61.05 -16.66
CA LYS C 262 44.39 61.10 -16.79
C LYS C 262 44.98 59.73 -16.53
N TYR C 263 45.80 59.29 -17.49
CA TYR C 263 46.53 58.03 -17.42
C TYR C 263 47.95 58.27 -17.91
N LEU C 264 48.93 57.78 -17.16
CA LEU C 264 50.34 57.94 -17.50
C LEU C 264 51.08 56.79 -16.89
N ALA C 265 51.91 56.11 -17.68
CA ALA C 265 52.58 54.91 -17.23
C ALA C 265 54.02 54.82 -17.67
N ILE C 266 54.84 54.13 -16.87
CA ILE C 266 56.22 53.82 -17.24
C ILE C 266 56.60 52.40 -16.90
N ALA C 267 57.62 51.89 -17.58
CA ALA C 267 58.05 50.52 -17.41
C ALA C 267 59.57 50.43 -17.23
N PRO C 268 60.11 51.08 -16.20
CA PRO C 268 61.55 51.10 -16.02
C PRO C 268 62.16 49.69 -15.99
N PRO C 269 63.31 49.49 -16.67
CA PRO C 269 63.98 48.20 -16.78
C PRO C 269 64.36 47.62 -15.42
N ILE C 270 64.69 48.47 -14.47
CA ILE C 270 65.12 48.03 -13.14
C ILE C 270 63.92 47.73 -12.24
N ILE C 271 63.05 46.84 -12.69
CA ILE C 271 61.98 46.31 -11.87
C ILE C 271 61.88 44.84 -12.23
N LYS C 272 62.29 44.53 -13.46
CA LYS C 272 62.25 43.18 -14.00
C LYS C 272 63.09 42.16 -13.22
N GLN C 273 63.81 42.59 -12.18
CA GLN C 273 64.59 41.63 -11.39
C GLN C 273 63.77 40.98 -10.29
N SER C 274 63.05 41.78 -9.49
CA SER C 274 62.03 41.21 -8.61
C SER C 274 60.81 42.11 -8.41
N THR C 275 59.73 41.48 -7.95
CA THR C 275 58.45 42.12 -7.71
C THR C 275 58.53 43.14 -6.57
N ILE C 276 57.67 44.15 -6.65
CA ILE C 276 57.62 45.16 -5.62
C ILE C 276 56.59 44.74 -4.57
N VAL C 277 57.10 44.47 -3.38
CA VAL C 277 56.28 44.03 -2.28
C VAL C 277 55.57 45.20 -1.60
N CYS C 278 56.31 46.26 -1.30
CA CYS C 278 55.77 47.35 -0.48
C CYS C 278 56.13 48.76 -0.93
N HIS C 279 55.22 49.69 -0.66
CA HIS C 279 55.37 51.09 -0.99
C HIS C 279 55.23 51.86 0.31
N ASN C 280 55.45 53.17 0.24
CA ASN C 280 55.24 54.10 1.35
C ASN C 280 55.41 55.52 0.88
N ARG C 281 54.48 56.39 1.25
CA ARG C 281 54.57 57.81 0.93
C ARG C 281 55.64 58.53 1.74
N VAL C 282 56.44 59.35 1.06
CA VAL C 282 57.47 60.14 1.75
C VAL C 282 56.97 61.55 2.10
N ASP C 283 56.31 62.18 1.14
CA ASP C 283 55.91 63.57 1.25
C ASP C 283 54.41 63.70 1.44
N PRO C 284 54.00 64.47 2.47
CA PRO C 284 52.57 64.58 2.81
C PRO C 284 51.69 64.96 1.62
N ASN C 285 52.25 65.71 0.67
CA ASN C 285 51.52 66.08 -0.55
C ASN C 285 51.41 64.92 -1.53
N GLY C 286 52.48 64.13 -1.54
CA GLY C 286 52.55 62.92 -2.32
C GLY C 286 53.33 63.09 -3.60
N SER C 287 54.63 63.01 -3.49
CA SER C 287 55.47 63.57 -4.53
C SER C 287 56.47 62.49 -4.67
N ARG C 288 56.78 61.87 -3.57
CA ARG C 288 57.80 60.88 -3.57
C ARG C 288 57.29 59.76 -2.77
N TYR C 289 57.51 58.58 -3.27
CA TYR C 289 57.14 57.33 -2.63
C TYR C 289 58.32 56.40 -2.54
N LEU C 290 58.37 55.62 -1.46
CA LEU C 290 59.41 54.62 -1.27
C LEU C 290 58.95 53.26 -1.75
N LEU C 291 59.81 52.55 -2.48
CA LEU C 291 59.45 51.24 -3.02
C LEU C 291 60.42 50.16 -2.60
N GLY C 292 59.92 49.27 -1.74
CA GLY C 292 60.68 48.13 -1.27
C GLY C 292 60.49 47.01 -2.26
N ASP C 293 61.53 46.20 -2.40
CA ASP C 293 61.60 45.22 -3.48
C ASP C 293 61.14 43.86 -3.03
N MET C 294 62.04 42.89 -3.12
CA MET C 294 61.83 41.50 -2.72
C MET C 294 63.23 40.93 -2.73
N GLU C 295 64.06 41.49 -3.61
CA GLU C 295 65.49 41.25 -3.57
C GLU C 295 66.09 42.00 -2.40
N GLY C 296 65.33 42.93 -1.84
CA GLY C 296 65.81 43.78 -0.77
C GLY C 296 66.36 45.10 -1.32
N ARG C 297 65.71 45.61 -2.35
CA ARG C 297 66.07 46.91 -2.90
C ARG C 297 65.20 48.00 -2.34
N LEU C 298 65.62 49.23 -2.59
CA LEU C 298 64.85 50.40 -2.21
C LEU C 298 64.89 51.42 -3.32
N PHE C 299 63.71 51.75 -3.82
CA PHE C 299 63.58 52.70 -4.92
C PHE C 299 62.89 53.95 -4.42
N MET C 300 63.20 55.08 -5.07
CA MET C 300 62.41 56.27 -4.87
C MET C 300 61.55 56.51 -6.09
N LEU C 301 60.25 56.64 -5.85
CA LEU C 301 59.31 57.01 -6.88
C LEU C 301 59.15 58.51 -6.85
N LEU C 302 59.18 59.13 -8.02
CA LEU C 302 59.10 60.58 -8.15
C LEU C 302 57.95 60.99 -9.06
N LEU C 303 57.03 61.76 -8.52
CA LEU C 303 55.92 62.27 -9.32
C LEU C 303 56.22 63.68 -9.83
N GLU C 304 56.43 63.78 -11.14
CA GLU C 304 56.85 65.03 -11.77
C GLU C 304 55.75 66.09 -11.74
N LYS C 305 55.88 67.05 -10.83
CA LYS C 305 54.95 68.17 -10.76
C LYS C 305 55.18 69.12 -11.94
N GLU C 306 54.09 69.44 -12.65
CA GLU C 306 54.13 70.39 -13.75
C GLU C 306 53.11 71.50 -13.50
N GLU C 307 53.59 72.63 -13.01
CA GLU C 307 52.73 73.78 -12.84
C GLU C 307 52.58 74.42 -14.22
N GLN C 308 51.33 74.57 -14.67
CA GLN C 308 51.09 75.33 -15.90
C GLN C 308 50.32 76.60 -15.61
N MET C 309 50.29 77.49 -16.59
CA MET C 309 49.90 78.89 -16.41
C MET C 309 48.76 79.11 -15.43
N ASP C 310 47.53 78.96 -15.91
CA ASP C 310 46.39 79.18 -15.04
C ASP C 310 45.93 77.86 -14.47
N GLY C 311 45.70 76.90 -15.35
CA GLY C 311 45.14 75.59 -14.98
C GLY C 311 45.80 74.79 -13.87
N THR C 312 46.78 75.40 -13.20
CA THR C 312 47.41 74.86 -11.97
C THR C 312 47.99 73.41 -12.12
N VAL C 313 48.37 72.82 -10.99
CA VAL C 313 49.22 71.62 -10.94
C VAL C 313 48.71 70.42 -11.72
N THR C 314 49.55 69.91 -12.62
CA THR C 314 49.26 68.70 -13.41
C THR C 314 50.45 67.74 -13.39
N LEU C 315 50.20 66.44 -13.48
CA LEU C 315 51.30 65.46 -13.48
C LEU C 315 51.97 65.33 -14.84
N LYS C 316 53.28 65.57 -14.87
CA LYS C 316 54.06 65.54 -16.09
C LYS C 316 54.54 64.15 -16.40
N ASP C 317 55.11 63.48 -15.39
CA ASP C 317 55.80 62.22 -15.61
C ASP C 317 56.03 61.45 -14.31
N LEU C 318 56.54 60.22 -14.46
CA LEU C 318 56.91 59.34 -13.37
C LEU C 318 58.36 58.96 -13.62
N ARG C 319 59.18 58.97 -12.57
CA ARG C 319 60.53 58.43 -12.66
C ARG C 319 60.93 57.73 -11.38
N VAL C 320 61.67 56.63 -11.54
CA VAL C 320 62.10 55.81 -10.41
C VAL C 320 63.62 55.72 -10.39
N GLU C 321 64.19 55.75 -9.20
CA GLU C 321 65.64 55.65 -9.05
C GLU C 321 66.00 54.76 -7.88
N LEU C 322 66.86 53.79 -8.15
CA LEU C 322 67.36 52.86 -7.13
C LEU C 322 68.19 53.65 -6.15
N LEU C 323 67.89 53.48 -4.86
CA LEU C 323 68.61 54.19 -3.82
C LEU C 323 69.67 53.29 -3.21
N GLY C 324 69.40 51.99 -3.28
CA GLY C 324 70.32 50.99 -2.74
C GLY C 324 69.58 49.84 -2.08
N GLU C 325 70.33 48.97 -1.42
CA GLU C 325 69.73 47.77 -0.84
C GLU C 325 69.58 47.81 0.68
N THR C 326 68.35 47.54 1.08
CA THR C 326 67.97 47.34 2.46
C THR C 326 67.93 45.82 2.74
N SER C 327 67.44 45.43 3.91
CA SER C 327 67.10 44.02 4.13
C SER C 327 65.69 43.82 3.60
N ILE C 328 65.35 42.58 3.26
CA ILE C 328 64.08 42.26 2.60
C ILE C 328 62.85 42.76 3.37
N ALA C 329 62.19 43.77 2.82
CA ALA C 329 61.19 44.55 3.56
C ALA C 329 59.73 44.07 3.47
N GLU C 330 59.10 43.77 4.60
CA GLU C 330 57.68 43.41 4.61
C GLU C 330 56.79 44.62 4.52
N CYS C 331 57.37 45.75 4.86
CA CYS C 331 56.70 47.05 4.80
C CYS C 331 57.74 48.05 5.25
N LEU C 332 57.54 49.31 4.88
CA LEU C 332 58.42 50.35 5.36
C LEU C 332 57.67 51.65 5.54
N THR C 333 58.14 52.44 6.49
CA THR C 333 57.70 53.82 6.63
C THR C 333 58.90 54.73 6.82
N TYR C 334 58.91 55.78 6.01
CA TYR C 334 59.84 56.88 6.16
C TYR C 334 59.39 57.63 7.39
N LEU C 335 60.37 58.11 8.17
CA LEU C 335 60.07 58.79 9.42
C LEU C 335 60.21 60.30 9.27
N ASP C 336 61.45 60.80 9.34
CA ASP C 336 61.79 62.16 8.90
C ASP C 336 63.29 62.35 8.92
N ASN C 337 63.75 63.40 8.24
CA ASN C 337 65.17 63.70 8.08
C ASN C 337 65.94 62.60 7.34
N GLY C 338 65.25 61.89 6.45
CA GLY C 338 65.85 60.83 5.64
C GLY C 338 66.06 59.54 6.41
N VAL C 339 65.36 59.41 7.53
CA VAL C 339 65.39 58.21 8.34
C VAL C 339 64.20 57.32 7.96
N VAL C 340 64.45 56.05 7.69
CA VAL C 340 63.39 55.10 7.32
C VAL C 340 63.40 53.86 8.17
N PHE C 341 62.21 53.41 8.54
CA PHE C 341 62.10 52.14 9.22
C PHE C 341 61.73 50.99 8.31
N VAL C 342 62.58 49.96 8.30
CA VAL C 342 62.41 48.78 7.45
C VAL C 342 61.82 47.64 8.25
N GLY C 343 60.55 47.34 7.98
CA GLY C 343 59.85 46.24 8.65
C GLY C 343 60.09 44.93 7.93
N SER C 344 61.08 44.16 8.39
CA SER C 344 61.45 42.92 7.74
C SER C 344 60.92 41.71 8.49
N ARG C 345 60.53 40.68 7.74
CA ARG C 345 60.02 39.46 8.30
C ARG C 345 60.95 38.33 7.98
N LEU C 346 61.78 38.53 6.98
CA LEU C 346 62.69 37.48 6.53
C LEU C 346 64.07 37.60 7.14
N GLY C 347 64.42 38.81 7.56
CA GLY C 347 65.67 39.08 8.26
C GLY C 347 65.50 40.20 9.28
N ASP C 348 66.62 40.74 9.77
CA ASP C 348 66.59 41.78 10.78
C ASP C 348 65.94 43.02 10.22
N SER C 349 64.96 43.52 10.95
CA SER C 349 64.36 44.79 10.61
C SER C 349 65.40 45.84 10.93
N GLN C 350 65.26 47.04 10.36
CA GLN C 350 66.28 48.05 10.56
C GLN C 350 65.80 49.50 10.49
N LEU C 351 66.74 50.42 10.72
CA LEU C 351 66.50 51.85 10.64
C LEU C 351 67.61 52.40 9.78
N VAL C 352 67.26 53.13 8.72
CA VAL C 352 68.25 53.58 7.74
C VAL C 352 68.24 55.09 7.43
N LYS C 353 69.41 55.59 7.04
CA LYS C 353 69.53 56.97 6.57
C LYS C 353 69.63 57.00 5.04
N LEU C 354 68.95 57.96 4.43
CA LEU C 354 68.99 58.16 3.00
C LEU C 354 69.84 59.37 2.61
N ASN C 355 70.41 59.34 1.41
CA ASN C 355 71.33 60.38 0.97
C ASN C 355 70.81 61.23 -0.20
N VAL C 356 71.23 62.49 -0.22
CA VAL C 356 71.06 63.39 -1.38
C VAL C 356 72.06 63.05 -2.49
N ASP C 357 73.34 62.87 -2.10
CA ASP C 357 74.41 62.46 -3.02
C ASP C 357 74.98 61.13 -2.54
N SER C 358 74.96 60.13 -3.42
CA SER C 358 75.39 58.77 -3.07
C SER C 358 76.92 58.63 -3.06
N ASN C 359 77.43 57.93 -2.05
CA ASN C 359 78.86 57.76 -1.83
C ASN C 359 79.49 56.66 -2.71
N GLU C 360 80.42 55.90 -2.13
CA GLU C 360 81.02 54.73 -2.80
C GLU C 360 80.00 53.63 -3.07
N GLN C 361 80.08 53.03 -4.26
CA GLN C 361 79.16 51.97 -4.73
C GLN C 361 77.71 52.43 -4.90
N GLY C 362 77.52 53.74 -5.15
CA GLY C 362 76.20 54.33 -5.40
C GLY C 362 75.13 54.14 -4.33
N SER C 363 75.56 54.11 -3.08
CA SER C 363 74.66 53.86 -1.95
C SER C 363 74.14 55.15 -1.31
N TYR C 364 72.84 55.38 -1.44
CA TYR C 364 72.20 56.46 -0.71
C TYR C 364 71.75 55.94 0.67
N VAL C 365 71.80 54.62 0.84
CA VAL C 365 71.26 53.97 2.03
C VAL C 365 72.33 53.48 2.96
N VAL C 366 72.22 53.83 4.24
CA VAL C 366 73.14 53.35 5.25
C VAL C 366 72.38 52.88 6.49
N ALA C 367 72.68 51.67 6.93
CA ALA C 367 72.06 51.10 8.12
C ALA C 367 72.51 51.88 9.32
N MET C 368 71.54 52.43 10.04
CA MET C 368 71.82 53.09 11.31
C MET C 368 71.71 52.08 12.44
N GLU C 369 70.53 51.50 12.57
CA GLU C 369 70.29 50.51 13.60
C GLU C 369 69.69 49.26 13.05
N THR C 370 70.18 48.12 13.55
CA THR C 370 69.73 46.82 13.12
C THR C 370 68.97 46.16 14.27
N PHE C 371 67.66 46.02 14.11
CA PHE C 371 66.81 45.39 15.12
C PHE C 371 66.65 43.92 14.78
N THR C 372 67.19 43.10 15.66
CA THR C 372 67.37 41.68 15.42
C THR C 372 66.03 40.96 15.31
N ASN C 373 65.94 40.06 14.33
CA ASN C 373 64.77 39.20 14.08
C ASN C 373 65.18 37.77 13.76
N LEU C 374 64.61 36.81 14.50
CA LEU C 374 64.98 35.38 14.40
C LEU C 374 64.23 34.67 13.29
N GLY C 375 63.06 35.19 12.96
CA GLY C 375 62.18 34.58 11.96
C GLY C 375 62.78 34.55 10.58
N PRO C 376 62.40 33.56 9.76
CA PRO C 376 61.47 32.49 10.04
C PRO C 376 61.88 31.46 11.11
N ILE C 377 63.12 30.98 11.13
CA ILE C 377 63.45 29.78 11.94
C ILE C 377 62.90 28.52 11.26
N VAL C 378 63.69 27.95 10.37
CA VAL C 378 63.22 26.82 9.58
C VAL C 378 63.50 25.54 10.33
N ASP C 379 64.62 25.57 11.05
CA ASP C 379 65.04 24.46 11.86
C ASP C 379 65.84 25.02 13.01
N MET C 380 65.97 24.21 14.06
CA MET C 380 66.79 24.59 15.20
C MET C 380 67.25 23.34 15.93
N CYS C 381 68.37 23.45 16.62
CA CYS C 381 68.76 22.39 17.53
C CYS C 381 69.28 22.95 18.83
N VAL C 382 69.25 22.10 19.86
CA VAL C 382 69.70 22.46 21.20
C VAL C 382 71.09 21.89 21.40
N VAL C 383 71.96 22.65 22.05
CA VAL C 383 73.36 22.28 22.24
C VAL C 383 73.90 22.79 23.57
N ASP C 384 74.71 21.96 24.23
CA ASP C 384 75.48 22.34 25.44
C ASP C 384 76.90 22.74 25.07
N LEU C 385 77.16 24.04 25.04
CA LEU C 385 78.43 24.52 24.51
C LEU C 385 79.27 25.20 25.58
N GLU C 386 78.68 26.17 26.29
CA GLU C 386 79.39 26.93 27.33
C GLU C 386 79.51 26.14 28.63
N ARG C 387 80.71 25.62 28.88
CA ARG C 387 81.06 24.81 30.07
C ARG C 387 80.39 23.42 30.17
N GLN C 388 79.54 23.10 29.19
CA GLN C 388 78.80 21.81 29.08
C GLN C 388 77.84 21.50 30.22
N GLY C 389 78.03 22.13 31.38
CA GLY C 389 77.05 22.06 32.47
C GLY C 389 75.72 22.55 31.95
N GLN C 390 74.70 21.71 32.02
CA GLN C 390 73.37 21.98 31.44
C GLN C 390 72.86 23.43 31.58
N GLY C 391 72.65 24.10 30.45
CA GLY C 391 72.82 23.49 29.12
C GLY C 391 73.77 24.23 28.20
N GLN C 392 73.25 25.13 27.36
CA GLN C 392 71.82 25.48 27.35
C GLN C 392 71.39 26.20 26.06
N LEU C 393 72.25 26.22 25.04
CA LEU C 393 72.02 27.06 23.85
C LEU C 393 71.24 26.43 22.69
N VAL C 394 70.43 27.27 22.05
CA VAL C 394 69.72 26.92 20.83
C VAL C 394 70.40 27.62 19.64
N THR C 395 70.65 26.85 18.57
CA THR C 395 71.06 27.38 17.26
C THR C 395 69.92 27.20 16.28
N CYS C 396 69.58 28.23 15.53
CA CYS C 396 68.42 28.15 14.65
C CYS C 396 68.74 28.64 13.25
N SER C 397 67.78 29.20 12.55
CA SER C 397 67.99 29.54 11.15
C SER C 397 67.20 30.81 10.81
N GLY C 398 66.73 30.97 9.58
CA GLY C 398 67.34 31.81 8.57
C GLY C 398 66.42 32.88 8.06
N ALA C 399 66.60 33.45 6.87
CA ALA C 399 66.41 32.83 5.54
C ALA C 399 66.35 33.84 4.39
N PHE C 400 67.39 33.83 3.56
CA PHE C 400 67.37 34.18 2.15
C PHE C 400 68.66 34.88 1.88
N LYS C 401 68.59 36.03 1.21
CA LYS C 401 69.73 36.92 1.16
C LYS C 401 70.25 37.15 2.54
N GLU C 402 69.79 36.36 3.47
CA GLU C 402 69.77 36.77 4.87
C GLU C 402 69.67 35.56 5.79
N GLY C 403 69.90 34.45 5.18
CA GLY C 403 70.28 33.33 5.97
C GLY C 403 70.97 33.96 7.11
N SER C 404 70.92 33.31 8.25
CA SER C 404 71.86 33.49 9.30
C SER C 404 71.54 32.31 10.10
N LEU C 405 72.52 31.72 10.74
CA LEU C 405 72.35 31.04 12.00
C LEU C 405 72.22 32.02 13.14
N ARG C 406 71.30 31.73 14.03
CA ARG C 406 71.20 32.42 15.31
C ARG C 406 71.52 31.50 16.47
N ILE C 407 72.46 31.94 17.29
CA ILE C 407 72.87 31.23 18.47
C ILE C 407 72.28 31.96 19.68
N ILE C 408 71.36 31.27 20.36
CA ILE C 408 70.60 31.87 21.43
C ILE C 408 70.86 31.11 22.71
N ARG C 409 71.45 31.79 23.68
CA ARG C 409 71.61 31.22 25.01
C ARG C 409 71.16 32.22 26.07
N ASN C 410 71.14 31.83 27.31
CA ASN C 410 70.43 32.58 28.31
C ASN C 410 71.38 32.98 29.41
N GLY C 411 71.25 34.22 29.87
CA GLY C 411 72.13 34.71 30.93
C GLY C 411 71.98 36.17 31.28
N ILE C 412 72.68 36.60 32.31
CA ILE C 412 72.67 37.99 32.74
C ILE C 412 73.78 38.71 31.99
N GLY C 413 73.40 39.63 31.11
CA GLY C 413 74.37 40.40 30.33
C GLY C 413 74.93 41.60 31.07
N ILE C 414 76.15 41.99 30.72
CA ILE C 414 76.78 43.18 31.27
C ILE C 414 76.87 44.21 30.16
N HIS C 415 76.56 45.47 30.45
CA HIS C 415 76.75 46.53 29.49
C HIS C 415 77.99 47.34 29.84
N GLU C 416 79.06 47.14 29.07
CA GLU C 416 80.34 47.83 29.28
C GLU C 416 80.23 49.32 29.06
N HIS C 417 80.77 50.11 29.97
CA HIS C 417 80.87 51.53 29.72
C HIS C 417 82.32 52.03 29.65
N ALA C 418 83.25 51.24 30.18
CA ALA C 418 84.65 51.48 29.96
C ALA C 418 85.32 50.13 30.03
N SER C 419 86.44 50.00 29.33
CA SER C 419 87.17 48.73 29.23
C SER C 419 88.63 48.96 28.89
N ILE C 420 89.51 48.62 29.81
CA ILE C 420 90.93 48.85 29.62
C ILE C 420 91.68 47.54 29.47
N ASP C 421 92.59 47.53 28.50
CA ASP C 421 93.54 46.46 28.33
C ASP C 421 94.61 46.54 29.41
N LEU C 422 94.41 45.76 30.46
CA LEU C 422 95.22 45.84 31.65
C LEU C 422 95.28 44.41 32.19
N PRO C 423 96.31 43.66 31.79
CA PRO C 423 96.31 42.23 31.99
C PRO C 423 96.91 41.78 33.32
N GLY C 424 96.39 40.67 33.83
CA GLY C 424 96.92 40.02 35.03
C GLY C 424 96.51 40.61 36.36
N ILE C 425 95.35 41.25 36.38
CA ILE C 425 94.80 41.83 37.60
C ILE C 425 94.64 40.70 38.61
N LYS C 426 95.02 40.99 39.84
CA LYS C 426 94.92 40.02 40.94
C LYS C 426 94.00 40.47 42.10
N GLY C 427 93.18 41.51 41.84
CA GLY C 427 92.18 41.98 42.81
C GLY C 427 91.78 43.42 42.58
N LEU C 428 90.54 43.74 42.98
CA LEU C 428 89.89 45.05 42.76
C LEU C 428 89.19 45.54 44.00
N TRP C 429 89.33 46.83 44.27
CA TRP C 429 88.63 47.40 45.41
C TRP C 429 88.16 48.76 45.09
N PRO C 430 86.88 49.04 45.37
CA PRO C 430 86.34 50.39 45.29
C PRO C 430 86.81 51.16 46.48
N LEU C 431 86.67 52.49 46.42
CA LEU C 431 87.20 53.33 47.49
C LEU C 431 86.61 54.74 47.45
N ARG C 432 86.34 55.30 48.62
CA ARG C 432 85.96 56.71 48.70
C ARG C 432 87.11 57.44 49.34
N SER C 433 87.90 58.13 48.52
CA SER C 433 89.04 58.88 49.03
C SER C 433 88.54 60.07 49.84
N ASP C 434 87.49 60.69 49.32
CA ASP C 434 86.85 61.84 49.94
C ASP C 434 85.79 61.37 50.93
N PRO C 435 85.98 61.69 52.23
CA PRO C 435 85.03 61.27 53.27
C PRO C 435 83.68 61.97 53.14
N ASN C 436 83.71 63.23 52.71
CA ASN C 436 82.51 64.01 52.42
C ASN C 436 81.69 63.47 51.25
N ARG C 437 82.29 62.60 50.44
CA ARG C 437 81.60 62.03 49.29
C ARG C 437 80.87 60.72 49.63
N GLU C 438 79.65 60.63 49.11
CA GLU C 438 78.80 59.45 49.20
C GLU C 438 79.39 58.34 48.31
N THR C 439 79.72 58.69 47.07
CA THR C 439 80.15 57.77 46.02
C THR C 439 81.61 57.32 46.13
N TYR C 440 81.93 56.21 45.47
CA TYR C 440 83.33 55.84 45.24
C TYR C 440 84.00 56.81 44.29
N ASP C 441 85.29 56.98 44.46
CA ASP C 441 86.06 57.81 43.54
C ASP C 441 87.42 57.21 43.20
N THR C 442 87.75 56.10 43.83
CA THR C 442 89.02 55.44 43.56
C THR C 442 88.83 53.95 43.36
N LEU C 443 89.50 53.44 42.34
CA LEU C 443 89.52 52.01 42.11
C LEU C 443 90.96 51.54 42.27
N VAL C 444 91.17 50.59 43.16
CA VAL C 444 92.50 50.06 43.39
C VAL C 444 92.61 48.64 42.85
N LEU C 445 93.69 48.40 42.09
CA LEU C 445 93.91 47.08 41.52
C LEU C 445 95.27 46.58 41.94
N SER C 446 95.39 45.27 42.04
CA SER C 446 96.64 44.65 42.42
C SER C 446 97.11 43.68 41.34
N PHE C 447 98.41 43.67 41.11
CA PHE C 447 99.05 42.75 40.18
C PHE C 447 100.05 41.94 40.96
N VAL C 448 100.74 41.04 40.27
CA VAL C 448 101.70 40.17 40.94
C VAL C 448 102.73 41.06 41.63
N GLY C 449 103.44 41.88 40.84
CA GLY C 449 104.38 42.88 41.36
C GLY C 449 103.80 43.77 42.45
N GLN C 450 102.82 44.61 42.11
CA GLN C 450 102.27 45.54 43.10
C GLN C 450 100.82 45.97 42.90
N THR C 451 100.46 47.02 43.64
CA THR C 451 99.19 47.69 43.58
C THR C 451 99.31 48.95 42.74
N ARG C 452 98.30 49.23 41.91
CA ARG C 452 98.17 50.55 41.27
C ARG C 452 96.83 51.14 41.67
N VAL C 453 96.81 52.47 41.75
CA VAL C 453 95.65 53.23 42.19
C VAL C 453 95.02 53.98 41.04
N LEU C 454 93.72 53.78 40.83
CA LEU C 454 93.02 54.50 39.78
C LEU C 454 92.00 55.49 40.33
N MET C 455 92.29 56.77 40.14
CA MET C 455 91.41 57.85 40.51
C MET C 455 90.33 57.99 39.41
N LEU C 456 89.07 57.95 39.81
CA LEU C 456 87.98 58.13 38.89
C LEU C 456 87.52 59.57 38.94
N ASN C 457 87.73 60.30 37.84
CA ASN C 457 87.26 61.68 37.72
C ASN C 457 85.87 61.70 37.16
N GLY C 458 85.72 62.04 35.89
CA GLY C 458 84.41 61.95 35.26
C GLY C 458 84.16 60.48 35.00
N GLU C 459 84.03 60.16 33.73
CA GLU C 459 84.07 58.77 33.29
C GLU C 459 85.55 58.43 33.05
N GLU C 460 86.42 59.34 33.47
CA GLU C 460 87.85 59.25 33.21
C GLU C 460 88.54 58.57 34.36
N VAL C 461 89.29 57.50 34.08
CA VAL C 461 90.14 56.83 35.09
C VAL C 461 91.57 57.36 35.01
N GLU C 462 92.29 57.36 36.13
CA GLU C 462 93.57 58.07 36.24
C GLU C 462 94.51 57.44 37.23
N GLU C 463 95.67 57.01 36.76
CA GLU C 463 96.61 56.37 37.64
C GLU C 463 97.32 57.42 38.51
N THR C 464 96.94 57.47 39.78
CA THR C 464 97.62 58.31 40.78
C THR C 464 98.15 57.42 41.89
N GLU C 465 98.39 58.03 43.06
CA GLU C 465 98.65 57.29 44.29
C GLU C 465 97.96 58.03 45.39
N LEU C 466 97.55 57.31 46.42
CA LEU C 466 97.17 57.98 47.64
C LEU C 466 98.24 57.74 48.69
N MET C 467 98.52 58.78 49.46
CA MET C 467 99.53 58.69 50.48
C MET C 467 99.11 57.72 51.56
N GLY C 468 100.07 56.92 52.01
CA GLY C 468 99.85 55.91 53.03
C GLY C 468 99.71 54.53 52.43
N PHE C 469 99.44 54.49 51.13
CA PHE C 469 99.36 53.25 50.39
C PHE C 469 100.69 52.99 49.72
N VAL C 470 101.26 51.82 49.97
CA VAL C 470 102.46 51.39 49.28
C VAL C 470 102.04 50.73 47.98
N ASP C 471 102.92 50.75 46.98
CA ASP C 471 102.76 49.91 45.79
C ASP C 471 104.06 49.20 45.42
N ASP C 472 104.72 48.63 46.41
CA ASP C 472 105.89 47.80 46.21
C ASP C 472 105.43 46.39 45.90
N GLN C 473 104.48 45.91 46.70
CA GLN C 473 103.95 44.55 46.56
C GLN C 473 102.44 44.51 46.39
N GLN C 474 101.91 43.31 46.33
CA GLN C 474 100.50 43.08 46.05
C GLN C 474 99.61 43.43 47.26
N THR C 475 98.45 44.00 46.96
CA THR C 475 97.42 44.24 47.97
C THR C 475 96.51 43.03 48.02
N PHE C 476 96.18 42.59 49.23
CA PHE C 476 95.21 41.53 49.41
C PHE C 476 93.84 42.10 49.72
N PHE C 477 93.81 43.27 50.35
CA PHE C 477 92.57 43.99 50.55
C PHE C 477 92.83 45.45 50.84
N CYS C 478 91.94 46.32 50.36
CA CYS C 478 91.88 47.69 50.85
C CYS C 478 90.47 48.23 50.72
N GLY C 479 90.14 49.21 51.56
CA GLY C 479 88.78 49.75 51.57
C GLY C 479 88.60 50.84 52.63
N ASN C 480 87.48 51.54 52.54
CA ASN C 480 87.10 52.49 53.56
C ASN C 480 86.93 51.70 54.85
N VAL C 481 87.19 52.37 55.97
CA VAL C 481 87.24 51.68 57.24
C VAL C 481 86.67 52.55 58.38
N ALA C 482 86.65 51.99 59.59
CA ALA C 482 85.99 52.55 60.78
C ALA C 482 86.10 54.07 60.98
N HIS C 483 87.17 54.52 61.64
CA HIS C 483 87.18 55.88 62.17
C HIS C 483 87.61 56.93 61.16
N GLN C 484 86.80 57.04 60.11
CA GLN C 484 87.10 57.85 58.92
C GLN C 484 88.52 57.59 58.46
N GLN C 485 88.75 56.36 58.03
CA GLN C 485 90.08 55.89 57.67
C GLN C 485 90.04 54.97 56.46
N LEU C 486 91.22 54.78 55.88
CA LEU C 486 91.45 53.80 54.82
C LEU C 486 92.36 52.72 55.38
N ILE C 487 92.15 51.48 54.95
CA ILE C 487 93.03 50.39 55.32
C ILE C 487 93.62 49.80 54.06
N GLN C 488 94.88 49.39 54.15
CA GLN C 488 95.49 48.60 53.08
C GLN C 488 96.25 47.44 53.69
N ILE C 489 95.70 46.24 53.49
CA ILE C 489 96.37 45.03 53.88
C ILE C 489 97.15 44.55 52.67
N THR C 490 98.45 44.82 52.71
CA THR C 490 99.38 44.27 51.75
C THR C 490 99.89 42.89 52.20
N SER C 491 100.71 42.25 51.38
CA SER C 491 101.35 40.98 51.72
C SER C 491 102.31 41.23 52.87
N ALA C 492 103.03 42.33 52.80
CA ALA C 492 104.02 42.66 53.82
C ALA C 492 103.44 43.11 55.18
N SER C 493 102.35 43.88 55.16
CA SER C 493 101.85 44.55 56.39
C SER C 493 100.36 44.87 56.34
N VAL C 494 99.89 45.58 57.36
CA VAL C 494 98.54 46.12 57.38
C VAL C 494 98.65 47.62 57.60
N ARG C 495 98.33 48.40 56.58
CA ARG C 495 98.47 49.86 56.69
C ARG C 495 97.13 50.56 56.92
N LEU C 496 97.12 51.46 57.89
CA LEU C 496 95.92 52.22 58.23
C LEU C 496 96.15 53.70 57.94
N VAL C 497 95.45 54.19 56.93
CA VAL C 497 95.59 55.56 56.47
C VAL C 497 94.44 56.44 56.97
N SER C 498 94.76 57.71 57.15
CA SER C 498 93.82 58.69 57.64
C SER C 498 93.23 59.45 56.47
N GLN C 499 91.89 59.56 56.45
CA GLN C 499 91.15 60.24 55.40
C GLN C 499 91.60 61.69 55.19
N GLU C 500 91.35 62.52 56.19
CA GLU C 500 91.90 63.87 56.24
C GLU C 500 93.40 63.77 56.52
N PRO C 501 94.21 64.68 55.95
CA PRO C 501 95.58 64.39 55.59
C PRO C 501 95.88 62.91 55.35
N LYS C 502 95.79 62.48 54.09
CA LYS C 502 96.17 61.13 53.71
C LYS C 502 97.54 60.86 54.27
N ALA C 503 97.59 60.04 55.32
CA ALA C 503 98.86 59.69 55.94
C ALA C 503 98.75 58.31 56.56
N LEU C 504 99.86 57.57 56.55
CA LEU C 504 99.94 56.31 57.27
C LEU C 504 99.82 56.62 58.76
N VAL C 505 98.80 56.07 59.40
CA VAL C 505 98.47 56.48 60.76
C VAL C 505 98.79 55.38 61.78
N SER C 506 98.80 54.12 61.33
CA SER C 506 99.25 52.97 62.12
C SER C 506 99.58 51.80 61.20
N GLU C 507 100.58 51.02 61.57
CA GLU C 507 101.01 49.90 60.73
C GLU C 507 101.27 48.66 61.54
N TRP C 508 100.60 47.59 61.19
CA TRP C 508 100.81 46.31 61.84
C TRP C 508 101.67 45.42 60.94
N LYS C 509 102.64 44.75 61.56
CA LYS C 509 103.40 43.72 60.86
C LYS C 509 103.43 42.47 61.72
N GLU C 510 103.65 41.32 61.10
CA GLU C 510 103.81 40.09 61.84
C GLU C 510 105.07 40.23 62.68
N PRO C 511 104.94 40.15 64.02
CA PRO C 511 106.03 40.48 64.95
C PRO C 511 107.42 40.01 64.49
N GLN C 512 107.52 38.77 64.02
CA GLN C 512 108.80 38.22 63.55
C GLN C 512 109.07 38.49 62.06
N ALA C 513 108.58 39.62 61.57
CA ALA C 513 108.83 40.10 60.20
C ALA C 513 108.42 39.17 59.04
N LYS C 514 107.43 38.30 59.26
CA LYS C 514 106.96 37.37 58.21
C LYS C 514 105.85 37.99 57.36
N ASN C 515 105.64 37.43 56.17
CA ASN C 515 104.59 37.89 55.25
C ASN C 515 103.21 37.38 55.58
N ILE C 516 102.23 38.26 55.43
CA ILE C 516 100.83 37.85 55.46
C ILE C 516 100.55 37.00 54.23
N SER C 517 99.82 35.91 54.42
CA SER C 517 99.48 34.99 53.35
C SER C 517 98.01 35.05 53.00
N VAL C 518 97.17 35.46 53.94
CA VAL C 518 95.71 35.59 53.74
C VAL C 518 95.15 36.77 54.53
N ALA C 519 94.20 37.51 53.96
CA ALA C 519 93.59 38.64 54.66
C ALA C 519 92.07 38.53 54.75
N SER C 520 91.46 39.44 55.51
CA SER C 520 90.00 39.68 55.50
C SER C 520 89.68 40.86 56.39
N CYS C 521 88.61 41.55 56.08
CA CYS C 521 88.37 42.85 56.70
C CYS C 521 86.95 43.33 56.47
N ASN C 522 86.34 43.85 57.54
CA ASN C 522 85.09 44.61 57.45
C ASN C 522 85.36 46.06 57.82
N SER C 523 84.37 46.78 58.31
CA SER C 523 84.57 48.19 58.59
C SER C 523 85.47 48.40 59.80
N SER C 524 85.42 47.49 60.77
CA SER C 524 86.12 47.73 62.04
C SER C 524 86.99 46.58 62.57
N GLN C 525 87.00 45.44 61.89
CA GLN C 525 87.79 44.29 62.33
C GLN C 525 88.68 43.81 61.21
N VAL C 526 89.85 43.27 61.57
CA VAL C 526 90.78 42.64 60.60
C VAL C 526 91.15 41.25 61.05
N VAL C 527 91.26 40.31 60.11
CA VAL C 527 91.80 38.99 60.42
C VAL C 527 92.76 38.56 59.33
N VAL C 528 94.04 38.73 59.60
CA VAL C 528 95.06 38.27 58.69
C VAL C 528 95.55 36.89 59.11
N ALA C 529 96.35 36.26 58.25
CA ALA C 529 96.84 34.91 58.50
C ALA C 529 98.22 34.72 57.91
N VAL C 530 99.14 34.24 58.74
CA VAL C 530 100.49 33.93 58.29
C VAL C 530 100.76 32.43 58.46
N GLY C 531 100.96 31.75 57.34
CA GLY C 531 101.15 30.28 57.32
C GLY C 531 100.01 29.56 57.99
N ARG C 532 100.19 29.31 59.29
CA ARG C 532 99.17 28.71 60.15
C ARG C 532 98.54 29.75 61.08
N ALA C 533 99.27 30.84 61.31
CA ALA C 533 98.91 31.83 62.33
C ALA C 533 97.73 32.71 61.93
N LEU C 534 96.97 33.14 62.94
CA LEU C 534 95.87 34.06 62.73
C LEU C 534 95.94 35.19 63.74
N TYR C 535 95.87 36.42 63.26
CA TYR C 535 95.81 37.56 64.17
C TYR C 535 94.51 38.31 63.96
N TYR C 536 93.84 38.63 65.04
CA TYR C 536 92.63 39.42 64.96
C TYR C 536 92.92 40.84 65.45
N LEU C 537 92.89 41.79 64.54
CA LEU C 537 93.17 43.17 64.88
C LEU C 537 91.89 43.99 64.87
N GLN C 538 91.94 45.15 65.50
CA GLN C 538 90.80 46.04 65.56
C GLN C 538 91.15 47.44 65.10
N ILE C 539 90.21 48.06 64.39
CA ILE C 539 90.42 49.39 63.87
C ILE C 539 89.85 50.46 64.81
N HIS C 540 90.77 51.29 65.31
CA HIS C 540 90.44 52.40 66.19
C HIS C 540 91.10 53.68 65.68
N PRO C 541 90.67 54.86 66.16
CA PRO C 541 91.33 56.08 65.67
C PRO C 541 92.84 55.96 65.82
N GLN C 542 93.56 56.13 64.71
CA GLN C 542 95.02 56.01 64.64
C GLN C 542 95.57 54.66 65.11
N GLU C 543 94.71 53.69 65.36
CA GLU C 543 95.13 52.52 66.09
C GLU C 543 94.71 51.16 65.54
N LEU C 544 95.72 50.39 65.16
CA LEU C 544 95.56 49.03 64.65
C LEU C 544 95.83 48.06 65.81
N ARG C 545 94.89 48.03 66.76
CA ARG C 545 95.03 47.29 68.02
C ARG C 545 94.89 45.78 67.86
N GLN C 546 96.00 45.05 67.96
CA GLN C 546 95.95 43.59 67.88
C GLN C 546 95.31 43.04 69.14
N ILE C 547 94.27 42.23 69.00
CA ILE C 547 93.56 41.75 70.19
C ILE C 547 93.51 40.23 70.36
N SER C 548 94.09 39.48 69.43
CA SER C 548 94.01 38.01 69.46
C SER C 548 95.01 37.36 68.52
N HIS C 549 95.60 36.25 68.97
CA HIS C 549 96.59 35.52 68.18
C HIS C 549 96.49 34.02 68.42
N THR C 550 96.23 33.25 67.37
CA THR C 550 96.08 31.80 67.48
C THR C 550 96.93 31.09 66.42
N GLU C 551 96.85 29.76 66.44
CA GLU C 551 97.43 28.93 65.40
C GLU C 551 96.36 27.94 64.94
N MET C 552 96.43 27.55 63.67
CA MET C 552 95.49 26.59 63.09
C MET C 552 96.12 25.23 62.87
N GLU C 553 95.28 24.20 62.78
CA GLU C 553 95.71 22.82 62.53
C GLU C 553 96.58 22.72 61.27
N HIS C 554 96.09 23.28 60.16
CA HIS C 554 96.88 23.40 58.93
C HIS C 554 96.91 24.82 58.41
N GLU C 555 97.40 24.99 57.19
CA GLU C 555 97.53 26.32 56.56
C GLU C 555 96.18 26.98 56.33
N VAL C 556 96.18 28.32 56.36
CA VAL C 556 94.95 29.06 56.13
C VAL C 556 94.73 29.25 54.63
N ALA C 557 93.61 28.74 54.13
CA ALA C 557 93.26 28.83 52.72
C ALA C 557 92.60 30.15 52.40
N CYS C 558 91.62 30.54 53.21
CA CYS C 558 90.82 31.73 52.99
C CYS C 558 90.06 32.17 54.24
N LEU C 559 89.62 33.42 54.26
CA LEU C 559 88.98 34.00 55.43
C LEU C 559 87.77 34.86 55.07
N ASP C 560 86.85 34.99 56.02
CA ASP C 560 85.79 35.97 55.90
C ASP C 560 85.36 36.38 57.28
N ILE C 561 85.10 37.67 57.46
CA ILE C 561 84.57 38.17 58.72
C ILE C 561 83.38 39.11 58.50
N THR C 562 82.57 38.82 57.49
CA THR C 562 81.43 39.68 57.15
C THR C 562 80.39 39.72 58.27
N PRO C 563 80.06 40.93 58.78
CA PRO C 563 79.01 41.09 59.80
C PRO C 563 77.66 40.71 59.23
N LEU C 564 76.89 39.94 59.99
CA LEU C 564 75.61 39.46 59.50
C LEU C 564 74.47 40.10 60.28
N GLY C 565 73.52 40.69 59.54
CA GLY C 565 72.28 41.27 60.09
C GLY C 565 72.43 42.38 61.12
N ASP C 566 71.92 42.12 62.33
CA ASP C 566 71.90 43.06 63.47
C ASP C 566 73.29 43.32 64.09
N SER C 567 74.33 42.91 63.39
CA SER C 567 75.71 43.11 63.80
C SER C 567 76.11 44.56 63.49
N ASN C 568 76.65 45.24 64.50
CA ASN C 568 77.10 46.64 64.39
C ASN C 568 78.42 46.80 63.63
N GLY C 569 78.47 46.25 62.41
CA GLY C 569 79.69 46.18 61.61
C GLY C 569 80.79 45.39 62.32
N LEU C 570 80.41 44.71 63.39
CA LEU C 570 81.32 43.99 64.28
C LEU C 570 80.87 42.54 64.36
N SER C 571 81.57 41.67 63.63
CA SER C 571 81.15 40.29 63.47
C SER C 571 81.52 39.42 64.65
N PRO C 572 80.53 38.72 65.23
CA PRO C 572 80.75 37.82 66.37
C PRO C 572 81.48 36.54 65.95
N LEU C 573 81.49 36.29 64.63
CA LEU C 573 82.01 35.06 64.08
C LEU C 573 83.10 35.35 63.06
N CYS C 574 83.85 34.30 62.72
CA CYS C 574 84.87 34.37 61.68
C CYS C 574 84.91 33.06 60.91
N ALA C 575 84.70 33.14 59.60
CA ALA C 575 84.69 31.95 58.74
C ALA C 575 86.05 31.77 58.08
N ILE C 576 86.49 30.51 58.02
CA ILE C 576 87.84 30.20 57.55
C ILE C 576 87.92 28.82 56.90
N GLY C 577 88.71 28.72 55.84
CA GLY C 577 89.02 27.45 55.20
C GLY C 577 90.45 27.03 55.49
N LEU C 578 90.66 25.73 55.70
CA LEU C 578 91.97 25.20 56.04
C LEU C 578 92.57 24.36 54.93
N TRP C 579 93.89 24.31 54.90
CA TRP C 579 94.64 23.88 53.71
C TRP C 579 94.68 22.36 53.47
N THR C 580 95.34 21.61 54.36
CA THR C 580 95.54 20.18 54.08
C THR C 580 94.36 19.31 54.51
N ASP C 581 93.70 19.65 55.62
CA ASP C 581 92.54 18.88 56.07
C ASP C 581 91.29 19.20 55.26
N ILE C 582 91.34 20.33 54.53
CA ILE C 582 90.24 20.76 53.66
C ILE C 582 88.93 20.87 54.44
N SER C 583 88.84 21.91 55.26
CA SER C 583 87.68 22.13 56.09
C SER C 583 87.30 23.60 56.11
N ALA C 584 86.00 23.85 56.24
CA ALA C 584 85.49 25.20 56.36
C ALA C 584 84.87 25.31 57.73
N ARG C 585 85.55 26.00 58.63
CA ARG C 585 85.10 26.07 60.00
C ARG C 585 84.74 27.47 60.45
N ILE C 586 83.77 27.54 61.33
CA ILE C 586 83.36 28.79 61.91
C ILE C 586 84.05 28.95 63.25
N LEU C 587 84.72 30.08 63.44
CA LEU C 587 85.37 30.40 64.70
C LEU C 587 84.64 31.56 65.37
N LYS C 588 84.45 31.44 66.69
CA LYS C 588 83.93 32.54 67.50
C LYS C 588 85.00 33.58 67.41
N LEU C 589 84.65 34.75 66.90
CA LEU C 589 85.68 35.75 66.59
C LEU C 589 86.43 36.18 67.85
N PRO C 590 85.74 36.83 68.83
CA PRO C 590 86.48 37.36 69.98
C PRO C 590 87.68 36.50 70.38
N SER C 591 87.44 35.21 70.60
CA SER C 591 88.42 34.26 71.16
C SER C 591 89.08 33.30 70.18
N PHE C 592 88.45 33.07 69.03
CA PHE C 592 88.86 32.03 68.06
C PHE C 592 88.34 30.64 68.42
N GLU C 593 87.41 30.59 69.37
CA GLU C 593 86.74 29.36 69.81
C GLU C 593 86.03 28.65 68.65
N LEU C 594 86.60 27.53 68.21
CA LEU C 594 86.07 26.76 67.07
C LEU C 594 84.62 26.27 67.25
N LEU C 595 83.66 27.02 66.72
CA LEU C 595 82.22 26.75 66.96
C LEU C 595 81.56 25.66 66.09
N HIS C 596 82.29 25.14 65.11
CA HIS C 596 81.76 24.17 64.15
C HIS C 596 82.81 23.90 63.10
N LYS C 597 83.20 22.63 62.97
CA LYS C 597 84.08 22.20 61.89
C LYS C 597 83.21 21.53 60.83
N GLU C 598 83.67 21.58 59.59
CA GLU C 598 82.95 20.96 58.46
C GLU C 598 83.92 20.40 57.44
N MET C 599 83.89 19.07 57.27
CA MET C 599 84.71 18.42 56.27
C MET C 599 84.08 18.62 54.91
N LEU C 600 84.91 18.98 53.93
CA LEU C 600 84.40 19.33 52.61
C LEU C 600 84.54 18.21 51.58
N GLY C 601 85.76 18.04 51.06
CA GLY C 601 86.06 17.01 50.06
C GLY C 601 87.51 16.60 50.21
N GLY C 602 88.00 15.81 49.27
CA GLY C 602 89.39 15.37 49.32
C GLY C 602 90.28 16.20 48.43
N GLU C 603 91.56 16.31 48.81
CA GLU C 603 92.64 16.88 47.97
C GLU C 603 92.58 18.37 47.59
N ILE C 604 91.48 18.80 46.95
CA ILE C 604 91.36 20.17 46.40
C ILE C 604 91.19 21.25 47.48
N ILE C 605 92.14 22.19 47.49
CA ILE C 605 92.22 23.27 48.48
C ILE C 605 91.11 24.30 48.26
N PRO C 606 90.33 24.61 49.32
CA PRO C 606 89.31 25.68 49.27
C PRO C 606 89.91 27.03 48.87
N ARG C 607 89.21 27.79 48.03
CA ARG C 607 89.79 29.01 47.47
C ARG C 607 89.07 30.31 47.82
N SER C 608 87.81 30.21 48.22
CA SER C 608 87.07 31.39 48.64
C SER C 608 85.96 30.97 49.59
N ILE C 609 85.85 31.70 50.70
CA ILE C 609 84.81 31.45 51.69
C ILE C 609 84.10 32.76 52.06
N LEU C 610 82.77 32.73 52.14
CA LEU C 610 82.06 33.92 52.64
C LEU C 610 80.72 33.64 53.31
N MET C 611 80.47 34.36 54.40
CA MET C 611 79.19 34.37 55.09
C MET C 611 78.33 35.43 54.44
N THR C 612 77.02 35.22 54.44
CA THR C 612 76.11 36.21 53.86
C THR C 612 74.64 36.02 54.22
N THR C 613 73.88 37.11 54.13
CA THR C 613 72.48 37.09 54.46
C THR C 613 71.65 37.17 53.18
N PHE C 614 70.85 36.13 52.93
CA PHE C 614 69.87 36.12 51.84
C PHE C 614 68.46 36.18 52.41
N GLU C 615 67.74 37.27 52.11
CA GLU C 615 66.33 37.43 52.52
C GLU C 615 66.16 37.12 54.01
N SER C 616 67.00 37.78 54.80
CA SER C 616 67.14 37.62 56.27
C SER C 616 67.44 36.21 56.82
N SER C 617 67.85 35.29 55.93
CA SER C 617 68.36 33.98 56.35
C SER C 617 69.86 33.99 56.10
N HIS C 618 70.63 33.37 56.97
CA HIS C 618 72.10 33.47 56.91
C HIS C 618 72.78 32.22 56.38
N TYR C 619 73.76 32.41 55.48
CA TYR C 619 74.41 31.32 54.77
C TYR C 619 75.92 31.38 54.88
N LEU C 620 76.57 30.24 54.66
CA LEU C 620 78.01 30.16 54.51
C LEU C 620 78.31 29.49 53.20
N LEU C 621 78.80 30.26 52.24
CA LEU C 621 79.20 29.69 50.96
C LEU C 621 80.70 29.39 51.01
N CYS C 622 81.13 28.41 50.24
CA CYS C 622 82.51 27.99 50.25
C CYS C 622 82.92 27.29 48.95
N ALA C 623 83.86 27.89 48.23
CA ALA C 623 84.27 27.42 46.90
C ALA C 623 85.69 26.88 46.85
N LEU C 624 85.87 25.82 46.07
CA LEU C 624 87.14 25.08 45.96
C LEU C 624 87.86 25.33 44.63
N GLY C 625 89.13 24.92 44.57
CA GLY C 625 89.99 25.12 43.42
C GLY C 625 89.61 24.37 42.14
N ASP C 626 88.62 23.48 42.23
CA ASP C 626 88.09 22.78 41.05
C ASP C 626 86.77 23.39 40.60
N GLY C 627 86.33 24.42 41.33
CA GLY C 627 85.12 25.16 40.99
C GLY C 627 83.85 24.53 41.52
N ALA C 628 83.98 23.80 42.62
CA ALA C 628 82.84 23.20 43.27
C ALA C 628 82.45 24.06 44.47
N LEU C 629 81.19 24.47 44.51
CA LEU C 629 80.72 25.35 45.58
C LEU C 629 79.77 24.63 46.52
N PHE C 630 80.08 24.68 47.81
CA PHE C 630 79.18 24.22 48.88
C PHE C 630 78.51 25.41 49.51
N TYR C 631 77.38 25.18 50.16
CA TYR C 631 76.76 26.23 50.97
C TYR C 631 75.84 25.68 52.05
N PHE C 632 75.83 26.36 53.19
CA PHE C 632 75.12 25.88 54.36
C PHE C 632 74.26 26.98 54.95
N GLY C 633 73.27 26.57 55.73
CA GLY C 633 72.46 27.50 56.51
C GLY C 633 73.17 27.73 57.83
N LEU C 634 73.83 28.88 57.93
CA LEU C 634 74.58 29.23 59.13
C LEU C 634 73.68 29.89 60.18
N ASN C 635 73.69 29.32 61.38
CA ASN C 635 73.07 29.98 62.52
C ASN C 635 74.05 30.97 63.16
N ILE C 636 73.63 32.23 63.23
CA ILE C 636 74.43 33.32 63.81
C ILE C 636 74.76 33.09 65.30
N GLU C 637 73.83 32.46 66.02
CA GLU C 637 74.00 32.16 67.44
C GLU C 637 75.02 31.06 67.67
N THR C 638 74.68 29.83 67.25
CA THR C 638 75.49 28.66 67.54
C THR C 638 76.64 28.43 66.55
N GLY C 639 76.71 29.25 65.50
CA GLY C 639 77.69 29.05 64.44
C GLY C 639 77.46 27.71 63.77
N LEU C 640 76.19 27.33 63.69
CA LEU C 640 75.80 26.01 63.23
C LEU C 640 75.54 26.01 61.72
N LEU C 641 76.26 25.15 61.01
CA LEU C 641 76.04 24.92 59.60
C LEU C 641 75.08 23.74 59.38
N SER C 642 74.14 23.92 58.47
CA SER C 642 73.16 22.88 58.14
C SER C 642 72.81 22.86 56.66
N ASP C 643 72.36 21.70 56.17
CA ASP C 643 71.94 21.51 54.77
C ASP C 643 73.07 21.66 53.76
N ARG C 644 74.12 20.85 53.90
CA ARG C 644 75.21 20.89 52.91
C ARG C 644 74.69 20.58 51.51
N LYS C 645 74.56 21.61 50.70
CA LYS C 645 74.21 21.45 49.28
C LYS C 645 75.45 21.77 48.44
N LYS C 646 75.62 21.06 47.31
CA LYS C 646 76.82 21.23 46.47
C LYS C 646 76.50 21.44 44.99
N VAL C 647 77.15 22.45 44.41
CA VAL C 647 77.01 22.81 43.00
C VAL C 647 78.40 22.88 42.36
N THR C 648 78.54 22.36 41.14
CA THR C 648 79.73 22.66 40.33
C THR C 648 79.39 23.79 39.37
N LEU C 649 80.31 24.72 39.20
CA LEU C 649 80.15 25.80 38.26
C LEU C 649 81.50 26.23 37.71
N GLY C 650 81.93 25.54 36.66
CA GLY C 650 83.18 25.87 35.95
C GLY C 650 84.43 25.48 36.70
N THR C 651 85.45 25.06 35.95
CA THR C 651 86.63 24.42 36.55
C THR C 651 87.65 25.39 37.15
N GLN C 652 87.33 26.68 37.16
CA GLN C 652 88.21 27.65 37.82
C GLN C 652 87.89 27.76 39.28
N PRO C 653 88.94 27.97 40.10
CA PRO C 653 88.69 28.28 41.49
C PRO C 653 87.75 29.46 41.54
N THR C 654 86.55 29.26 42.06
CA THR C 654 85.56 30.32 42.10
C THR C 654 85.84 31.25 43.27
N VAL C 655 86.09 32.52 42.93
CA VAL C 655 86.26 33.61 43.89
C VAL C 655 84.89 34.23 44.18
N LEU C 656 84.60 34.47 45.45
CA LEU C 656 83.30 35.01 45.84
C LEU C 656 83.35 36.51 46.12
N ARG C 657 82.21 37.18 45.93
CA ARG C 657 82.09 38.62 46.10
C ARG C 657 80.64 39.07 46.23
N THR C 658 80.40 40.36 46.43
CA THR C 658 79.08 40.85 46.84
C THR C 658 78.50 41.98 45.95
N PHE C 659 77.20 41.91 45.68
CA PHE C 659 76.44 43.04 45.12
C PHE C 659 75.50 43.63 46.14
N ARG C 660 74.87 44.71 45.73
CA ARG C 660 73.51 44.96 46.14
C ARG C 660 72.73 45.03 44.83
N SER C 661 71.74 44.16 44.67
CA SER C 661 70.86 44.20 43.51
C SER C 661 69.96 45.44 43.60
N LEU C 662 68.87 45.33 44.36
CA LEU C 662 67.99 46.47 44.58
C LEU C 662 68.31 47.04 45.96
N SER C 663 67.54 46.63 46.97
CA SER C 663 68.01 46.70 48.35
C SER C 663 68.65 45.34 48.65
N THR C 664 68.10 44.31 48.01
CA THR C 664 68.54 42.92 48.07
C THR C 664 69.99 42.76 47.64
N THR C 665 70.72 41.87 48.33
CA THR C 665 72.16 41.67 48.08
C THR C 665 72.49 40.27 47.51
N ASN C 666 73.22 40.24 46.39
CA ASN C 666 73.55 39.00 45.72
C ASN C 666 75.04 38.70 45.78
N VAL C 667 75.43 37.52 45.30
CA VAL C 667 76.82 37.13 45.29
C VAL C 667 77.29 36.83 43.86
N PHE C 668 78.38 37.49 43.45
CA PHE C 668 79.04 37.20 42.17
C PHE C 668 80.09 36.09 42.30
N ALA C 669 79.95 35.06 41.47
CA ALA C 669 80.85 33.91 41.52
C ALA C 669 81.89 33.98 40.40
N CYS C 670 83.01 34.64 40.69
CA CYS C 670 84.06 34.83 39.68
C CYS C 670 84.85 33.57 39.31
N SER C 671 84.50 32.94 38.19
CA SER C 671 85.27 31.82 37.65
C SER C 671 85.23 31.87 36.13
N ASP C 672 85.77 30.83 35.46
CA ASP C 672 85.64 30.71 34.00
C ASP C 672 84.18 30.66 33.55
N ARG C 673 83.30 30.16 34.43
CA ARG C 673 81.87 30.16 34.20
C ARG C 673 81.17 31.01 35.27
N PRO C 674 81.14 32.36 35.07
CA PRO C 674 80.69 33.34 36.05
C PRO C 674 79.22 33.20 36.32
N THR C 675 78.84 33.35 37.58
CA THR C 675 77.47 33.13 38.01
C THR C 675 77.09 34.12 39.09
N VAL C 676 75.83 34.56 39.11
CA VAL C 676 75.33 35.43 40.17
C VAL C 676 74.26 34.70 40.97
N ILE C 677 74.46 34.59 42.28
CA ILE C 677 73.54 33.86 43.15
C ILE C 677 72.67 34.82 43.95
N TYR C 678 71.39 34.51 44.04
CA TYR C 678 70.42 35.28 44.86
C TYR C 678 69.36 34.31 45.37
N SER C 679 68.53 34.77 46.29
CA SER C 679 67.37 33.98 46.74
C SER C 679 66.06 34.60 46.23
N SER C 680 65.03 33.77 46.05
CA SER C 680 63.72 34.25 45.57
C SER C 680 62.62 34.10 46.62
N ASN C 681 62.47 32.88 47.15
CA ASN C 681 61.58 32.66 48.30
C ASN C 681 62.42 32.48 49.57
N HIS C 682 63.12 31.36 49.66
CA HIS C 682 64.07 31.07 50.72
C HIS C 682 65.08 30.05 50.22
N LYS C 683 64.95 29.69 48.94
CA LYS C 683 65.91 28.85 48.28
C LYS C 683 66.66 29.71 47.27
N LEU C 684 67.94 29.42 47.08
CA LEU C 684 68.80 30.26 46.25
C LEU C 684 68.95 29.79 44.81
N VAL C 685 69.02 30.80 43.93
CA VAL C 685 68.95 30.64 42.47
C VAL C 685 70.25 31.10 41.82
N PHE C 686 70.68 30.36 40.81
CA PHE C 686 71.94 30.62 40.13
C PHE C 686 71.71 31.13 38.71
N SER C 687 71.65 32.45 38.55
CA SER C 687 71.59 33.07 37.22
C SER C 687 72.98 33.06 36.58
N ASN C 688 73.06 32.47 35.40
CA ASN C 688 74.29 32.39 34.66
C ASN C 688 74.71 33.75 34.04
N VAL C 689 75.90 34.22 34.37
CA VAL C 689 76.38 35.52 33.86
C VAL C 689 76.93 35.39 32.45
N ASN C 690 76.43 36.24 31.55
CA ASN C 690 76.75 36.16 30.13
C ASN C 690 78.14 36.70 29.79
N LEU C 691 79.15 35.91 30.13
CA LEU C 691 80.52 36.32 29.91
C LEU C 691 81.53 35.18 29.76
N LYS C 692 82.58 35.49 28.99
CA LYS C 692 83.90 34.85 29.03
C LYS C 692 84.31 34.68 30.50
N GLU C 693 85.56 34.31 30.76
CA GLU C 693 86.09 34.31 32.13
C GLU C 693 85.88 35.64 32.86
N VAL C 694 85.62 35.57 34.16
CA VAL C 694 85.77 36.73 35.04
C VAL C 694 86.57 36.28 36.24
N ASN C 695 87.79 36.82 36.41
CA ASN C 695 88.66 36.43 37.53
C ASN C 695 88.30 37.10 38.87
N TYR C 696 88.15 38.42 38.82
CA TYR C 696 87.78 39.21 40.00
C TYR C 696 86.73 40.27 39.67
N MET C 697 86.16 40.88 40.71
CA MET C 697 85.01 41.79 40.56
C MET C 697 84.75 42.59 41.82
N CYS C 698 84.21 43.79 41.67
CA CYS C 698 83.71 44.56 42.80
C CYS C 698 82.71 45.61 42.36
N PRO C 699 81.76 45.93 43.24
CA PRO C 699 80.82 46.98 42.89
C PRO C 699 81.54 48.33 42.87
N LEU C 700 81.27 49.09 41.84
CA LEU C 700 81.80 50.42 41.76
C LEU C 700 80.62 51.38 41.55
N ASN C 701 80.38 52.22 42.55
CA ASN C 701 79.42 53.32 42.43
C ASN C 701 80.18 54.65 42.37
N SER C 702 80.69 54.94 41.18
CA SER C 702 81.42 56.16 40.89
C SER C 702 80.44 57.27 40.49
N ASP C 703 80.89 58.52 40.53
CA ASP C 703 80.16 59.62 39.89
C ASP C 703 79.90 59.29 38.44
N GLY C 704 80.95 58.97 37.71
CA GLY C 704 80.86 58.68 36.30
C GLY C 704 80.32 57.29 36.00
N TYR C 705 80.38 56.40 37.00
CA TYR C 705 79.88 55.04 36.85
C TYR C 705 78.98 54.71 38.01
N PRO C 706 77.69 55.01 37.87
CA PRO C 706 76.79 54.79 39.00
C PRO C 706 76.27 53.36 39.03
N ASP C 707 76.26 52.76 40.21
CA ASP C 707 75.72 51.40 40.43
C ASP C 707 76.32 50.38 39.48
N SER C 708 77.64 50.46 39.31
CA SER C 708 78.31 49.67 38.29
C SER C 708 79.15 48.53 38.87
N LEU C 709 79.74 47.74 37.97
CA LEU C 709 80.66 46.67 38.35
C LEU C 709 82.02 46.85 37.72
N ALA C 710 83.05 46.59 38.52
CA ALA C 710 84.41 46.40 38.01
C ALA C 710 84.67 44.90 37.84
N LEU C 711 84.98 44.50 36.64
CA LEU C 711 85.18 43.10 36.34
C LEU C 711 86.52 42.92 35.65
N ALA C 712 87.35 42.07 36.23
CA ALA C 712 88.65 41.81 35.63
C ALA C 712 88.84 40.37 35.19
N ASN C 713 89.20 40.21 33.91
CA ASN C 713 89.56 38.91 33.39
C ASN C 713 91.06 38.95 33.23
N ASN C 714 91.59 37.96 32.51
CA ASN C 714 93.03 37.76 32.40
C ASN C 714 93.76 38.88 31.66
N SER C 715 92.99 39.70 30.93
CA SER C 715 93.57 40.70 30.03
C SER C 715 92.98 42.10 30.20
N THR C 716 91.79 42.18 30.77
CA THR C 716 91.03 43.40 30.69
C THR C 716 90.23 43.84 31.90
N LEU C 717 90.44 45.09 32.32
CA LEU C 717 89.53 45.69 33.27
C LEU C 717 88.27 46.15 32.54
N THR C 718 87.14 46.06 33.22
CA THR C 718 85.86 46.45 32.65
C THR C 718 84.96 47.12 33.68
N ILE C 719 84.54 48.34 33.40
CA ILE C 719 83.50 48.96 34.21
C ILE C 719 82.21 48.86 33.41
N GLY C 720 81.13 48.51 34.11
CA GLY C 720 79.86 48.31 33.45
C GLY C 720 78.67 48.18 34.37
N THR C 721 77.50 48.03 33.76
CA THR C 721 76.27 47.87 34.48
C THR C 721 75.74 46.46 34.25
N ILE C 722 75.25 45.84 35.32
CA ILE C 722 74.72 44.48 35.29
C ILE C 722 73.19 44.43 35.11
N ASP C 723 72.75 43.59 34.16
CA ASP C 723 71.34 43.33 33.91
C ASP C 723 70.61 43.06 35.20
N GLU C 724 69.40 43.60 35.32
CA GLU C 724 68.60 43.42 36.52
C GLU C 724 68.16 41.95 36.69
N ILE C 725 67.81 41.31 35.59
CA ILE C 725 67.26 39.95 35.57
C ILE C 725 67.89 39.17 34.40
N GLN C 726 67.90 37.85 34.51
CA GLN C 726 68.34 36.99 33.43
C GLN C 726 67.52 37.24 32.16
N LYS C 727 68.18 37.32 31.00
CA LYS C 727 67.59 37.98 29.82
C LYS C 727 67.41 37.16 28.53
N LEU C 728 68.39 36.33 28.19
CA LEU C 728 68.35 35.60 26.90
C LEU C 728 68.89 36.44 25.76
N HIS C 729 70.07 36.01 25.33
CA HIS C 729 70.81 36.80 24.38
C HIS C 729 71.14 36.03 23.10
N ILE C 730 70.94 36.72 21.97
CA ILE C 730 71.13 36.17 20.64
C ILE C 730 72.55 36.40 20.13
N ARG C 731 72.95 35.64 19.12
CA ARG C 731 74.17 35.90 18.37
C ARG C 731 73.90 35.56 16.91
N THR C 732 74.35 36.41 15.99
CA THR C 732 74.06 36.21 14.56
C THR C 732 75.27 35.72 13.78
N VAL C 733 75.03 34.81 12.85
CA VAL C 733 76.07 34.37 11.94
C VAL C 733 75.49 34.42 10.53
N PRO C 734 75.82 35.47 9.75
CA PRO C 734 75.18 35.66 8.45
C PRO C 734 75.75 34.74 7.37
N LEU C 735 74.86 34.28 6.50
CA LEU C 735 75.20 33.32 5.46
C LEU C 735 74.93 33.88 4.07
N TYR C 736 73.94 34.76 3.97
CA TYR C 736 73.44 35.26 2.68
C TYR C 736 72.97 34.08 1.83
N GLU C 737 72.50 33.05 2.51
CA GLU C 737 71.91 31.88 1.90
C GLU C 737 70.71 31.47 2.74
N SER C 738 69.73 30.86 2.11
CA SER C 738 68.65 30.28 2.86
C SER C 738 69.18 29.03 3.58
N PRO C 739 68.94 28.92 4.90
CA PRO C 739 69.66 28.00 5.75
C PRO C 739 69.02 26.60 5.96
N ARG C 740 67.69 26.49 5.92
CA ARG C 740 67.01 25.18 5.69
C ARG C 740 66.98 24.06 6.77
N LYS C 741 68.09 23.38 7.02
CA LYS C 741 68.16 22.36 8.07
C LYS C 741 69.51 22.40 8.79
N ILE C 742 69.53 22.06 10.07
CA ILE C 742 70.78 22.16 10.84
C ILE C 742 70.92 21.08 11.92
N CYS C 743 72.14 20.61 12.14
CA CYS C 743 72.42 19.61 13.20
C CYS C 743 73.88 19.60 13.70
N TYR C 744 74.06 19.18 14.95
CA TYR C 744 75.37 19.26 15.62
C TYR C 744 76.07 17.91 15.72
N GLN C 745 77.26 17.84 15.12
CA GLN C 745 78.09 16.65 15.20
C GLN C 745 79.15 16.85 16.26
N GLU C 746 78.79 16.47 17.48
CA GLU C 746 79.56 16.80 18.67
C GLU C 746 80.97 16.23 18.65
N VAL C 747 81.11 15.10 17.95
CA VAL C 747 82.38 14.37 17.89
C VAL C 747 83.44 15.14 17.11
N SER C 748 83.10 15.56 15.89
CA SER C 748 84.03 16.31 15.06
C SER C 748 83.95 17.81 15.36
N GLN C 749 83.38 18.13 16.52
CA GLN C 749 83.27 19.51 17.02
C GLN C 749 82.80 20.46 15.92
N CYS C 750 81.56 20.25 15.49
CA CYS C 750 81.12 20.75 14.22
C CYS C 750 79.61 20.78 14.03
N PHE C 751 79.13 21.83 13.38
CA PHE C 751 77.75 21.89 12.94
C PHE C 751 77.68 21.58 11.45
N GLY C 752 76.58 20.95 11.04
CA GLY C 752 76.28 20.73 9.63
C GLY C 752 74.99 21.43 9.27
N VAL C 753 75.05 22.24 8.21
CA VAL C 753 73.90 23.04 7.79
C VAL C 753 73.57 22.83 6.31
N LEU C 754 72.30 22.66 5.97
CA LEU C 754 71.90 22.61 4.57
C LEU C 754 71.51 23.98 4.10
N SER C 755 72.34 24.61 3.29
CA SER C 755 72.02 25.93 2.77
C SER C 755 71.38 25.75 1.39
N SER C 756 71.13 26.86 0.70
CA SER C 756 70.60 26.85 -0.67
C SER C 756 70.55 28.25 -1.24
N ARG C 757 71.11 28.43 -2.43
CA ARG C 757 71.25 29.75 -3.01
C ARG C 757 70.59 29.92 -4.36
N ILE C 758 69.91 31.04 -4.51
CA ILE C 758 69.34 31.48 -5.78
C ILE C 758 70.45 31.80 -6.78
N GLU C 759 70.42 31.14 -7.93
CA GLU C 759 71.28 31.48 -9.07
C GLU C 759 70.38 31.75 -10.27
N VAL C 760 70.85 32.55 -11.23
CA VAL C 760 70.05 32.85 -12.43
C VAL C 760 70.48 32.06 -13.67
N GLN C 761 69.51 31.42 -14.32
CA GLN C 761 69.73 30.67 -15.56
C GLN C 761 70.39 31.52 -16.62
N ASP C 762 71.57 31.10 -17.06
CA ASP C 762 72.36 31.83 -18.04
C ASP C 762 71.92 31.51 -19.48
N THR C 763 72.39 32.33 -20.43
CA THR C 763 72.18 32.08 -21.86
C THR C 763 72.65 30.68 -22.25
N SER C 764 73.86 30.32 -21.83
CA SER C 764 74.38 28.96 -22.00
C SER C 764 73.77 28.06 -20.93
N GLY C 765 74.58 27.17 -20.37
CA GLY C 765 74.19 26.43 -19.15
C GLY C 765 73.85 27.39 -18.03
N GLY C 766 72.90 27.00 -17.19
CA GLY C 766 72.33 27.89 -16.17
C GLY C 766 73.23 28.37 -15.02
N THR C 767 72.93 27.89 -13.81
CA THR C 767 73.64 28.26 -12.57
C THR C 767 74.00 29.76 -12.49
N THR C 768 75.22 30.11 -12.07
CA THR C 768 75.66 31.52 -11.81
C THR C 768 74.90 32.24 -10.66
N ALA C 769 75.55 32.43 -9.53
CA ALA C 769 74.90 33.12 -8.42
C ALA C 769 74.87 34.60 -8.66
N LEU C 770 74.01 35.29 -7.93
CA LEU C 770 74.11 36.72 -7.76
C LEU C 770 74.56 36.91 -6.33
N ARG C 771 75.55 37.78 -6.11
CA ARG C 771 76.10 38.01 -4.77
C ARG C 771 76.69 36.77 -4.07
N PRO C 772 77.92 36.90 -3.55
CA PRO C 772 78.61 35.78 -2.89
C PRO C 772 77.97 35.46 -1.56
N SER C 773 77.90 34.18 -1.26
CA SER C 773 77.29 33.75 -0.03
C SER C 773 78.19 32.72 0.61
N ALA C 774 77.71 32.12 1.69
CA ALA C 774 78.52 31.22 2.51
C ALA C 774 79.16 30.06 1.76
N SER C 775 78.62 29.68 0.63
CA SER C 775 79.19 28.55 -0.11
C SER C 775 80.03 29.00 -1.29
N THR C 776 79.98 30.29 -1.61
CA THR C 776 80.82 30.85 -2.67
C THR C 776 82.16 31.25 -2.08
N GLN C 777 82.11 31.97 -0.98
CA GLN C 777 83.29 32.18 -0.15
C GLN C 777 83.48 30.90 0.67
N ALA C 778 84.25 29.97 0.09
CA ALA C 778 84.41 28.64 0.63
C ALA C 778 85.72 28.03 0.16
N LEU C 779 86.79 28.34 0.85
CA LEU C 779 88.04 27.61 0.67
C LEU C 779 87.76 26.22 1.21
N SER C 780 88.23 25.18 0.51
CA SER C 780 87.84 23.78 0.73
C SER C 780 86.34 23.57 0.54
N SER C 781 85.96 23.27 -0.70
CA SER C 781 84.59 22.99 -1.07
C SER C 781 84.60 21.86 -2.08
N SER C 782 83.48 21.15 -2.23
CA SER C 782 83.40 20.01 -3.12
C SER C 782 82.07 19.97 -3.88
N VAL C 783 82.01 19.16 -4.94
CA VAL C 783 80.76 18.87 -5.68
C VAL C 783 80.68 17.39 -6.08
N SER C 784 79.81 16.61 -5.42
CA SER C 784 79.69 15.20 -5.81
C SER C 784 79.05 15.16 -7.18
N SER C 785 79.73 14.50 -8.10
CA SER C 785 79.25 14.36 -9.47
C SER C 785 78.79 12.92 -9.72
N SER C 786 78.39 12.26 -8.64
CA SER C 786 77.76 10.94 -8.69
C SER C 786 76.88 10.77 -9.93
N LYS C 787 77.13 9.72 -10.69
CA LYS C 787 76.59 9.62 -12.05
C LYS C 787 75.26 8.87 -12.15
N LEU C 788 74.60 8.62 -11.03
CA LEU C 788 73.42 7.72 -11.03
C LEU C 788 72.15 8.19 -11.76
N PHE C 789 72.07 9.47 -12.10
CA PHE C 789 70.91 9.98 -12.84
C PHE C 789 71.22 10.22 -14.32
N SER C 790 70.21 10.10 -15.17
CA SER C 790 70.36 10.37 -16.61
C SER C 790 69.43 11.49 -17.05
N SER C 791 70.02 12.57 -17.54
CA SER C 791 69.29 13.78 -17.90
C SER C 791 68.51 13.66 -19.22
N SER C 792 67.64 14.64 -19.50
CA SER C 792 66.93 14.71 -20.76
C SER C 792 67.86 15.20 -21.86
N THR C 793 67.63 14.71 -23.08
CA THR C 793 68.46 15.01 -24.25
C THR C 793 68.34 16.46 -24.70
N ALA C 794 67.12 17.00 -24.59
CA ALA C 794 66.84 18.40 -24.89
C ALA C 794 66.56 19.13 -23.57
N PRO C 795 67.41 20.13 -23.23
CA PRO C 795 67.33 20.88 -21.96
C PRO C 795 65.92 21.39 -21.64
N HIS C 796 65.25 20.73 -20.69
CA HIS C 796 63.87 21.05 -20.34
C HIS C 796 63.76 22.27 -19.40
N GLU C 797 64.43 23.36 -19.78
CA GLU C 797 64.49 24.57 -18.96
C GLU C 797 63.13 25.26 -18.77
N THR C 798 62.50 24.98 -17.63
CA THR C 798 61.29 25.69 -17.17
C THR C 798 61.62 26.64 -15.99
N SER C 799 60.71 27.58 -15.71
CA SER C 799 61.02 28.83 -14.99
C SER C 799 61.98 29.67 -15.86
N PHE C 800 61.51 29.98 -17.07
CA PHE C 800 62.28 30.64 -18.15
C PHE C 800 63.46 29.83 -18.70
N GLY C 801 63.36 29.49 -19.99
CA GLY C 801 64.35 28.64 -20.67
C GLY C 801 65.72 29.28 -20.88
N GLU C 802 65.93 30.46 -20.26
CA GLU C 802 67.20 31.20 -20.36
C GLU C 802 67.28 32.43 -19.44
N GLU C 803 66.32 32.60 -18.53
CA GLU C 803 66.24 33.84 -17.73
C GLU C 803 66.18 33.69 -16.20
N VAL C 804 65.09 33.14 -15.68
CA VAL C 804 64.79 33.27 -14.25
C VAL C 804 65.52 32.20 -13.37
N GLU C 805 65.27 32.26 -12.06
CA GLU C 805 66.09 31.65 -10.99
C GLU C 805 66.05 30.13 -10.87
N VAL C 806 67.07 29.60 -10.19
CA VAL C 806 67.21 28.18 -9.89
C VAL C 806 67.68 28.00 -8.46
N HIS C 807 67.14 27.00 -7.76
CA HIS C 807 67.69 26.56 -6.47
C HIS C 807 69.05 25.93 -6.70
N ASN C 808 69.81 25.73 -5.65
CA ASN C 808 71.17 25.27 -5.76
C ASN C 808 71.61 25.02 -4.34
N LEU C 809 71.73 23.76 -3.94
CA LEU C 809 71.57 23.47 -2.51
C LEU C 809 72.90 22.74 -2.17
N LEU C 810 73.60 23.19 -1.14
CA LEU C 810 74.82 22.54 -0.72
C LEU C 810 74.82 22.33 0.76
N ILE C 811 75.56 21.35 1.27
CA ILE C 811 75.75 21.20 2.73
C ILE C 811 76.94 22.05 3.12
N ILE C 812 76.90 22.65 4.30
CA ILE C 812 78.04 23.42 4.84
C ILE C 812 78.42 22.97 6.27
N ASP C 813 79.68 23.22 6.67
CA ASP C 813 80.18 22.84 8.00
C ASP C 813 80.63 24.01 8.84
N GLN C 814 79.87 24.38 9.85
CA GLN C 814 80.34 25.45 10.70
C GLN C 814 81.06 24.86 11.87
N HIS C 815 82.10 25.56 12.31
CA HIS C 815 83.02 25.07 13.32
C HIS C 815 82.32 24.72 14.64
N THR C 816 82.44 25.58 15.65
CA THR C 816 81.68 25.43 16.89
C THR C 816 81.75 26.80 17.53
N PHE C 817 82.78 27.01 18.34
CA PHE C 817 83.20 28.34 18.76
C PHE C 817 83.80 29.04 17.53
N GLU C 818 83.38 30.29 17.31
CA GLU C 818 83.83 31.12 16.15
C GLU C 818 83.01 30.94 14.84
N VAL C 819 82.32 29.80 14.71
CA VAL C 819 81.47 29.47 13.55
C VAL C 819 81.97 30.00 12.16
N LEU C 820 83.27 30.07 11.98
CA LEU C 820 83.83 30.15 10.63
C LEU C 820 83.33 28.97 9.85
N HIS C 821 83.14 29.12 8.54
CA HIS C 821 82.62 28.03 7.75
C HIS C 821 83.75 27.12 7.26
N ALA C 822 83.76 25.87 7.70
CA ALA C 822 84.85 24.96 7.38
C ALA C 822 84.77 24.48 5.93
N HIS C 823 83.75 23.67 5.59
CA HIS C 823 83.64 23.06 4.25
C HIS C 823 82.24 23.21 3.61
N GLN C 824 82.22 23.53 2.32
CA GLN C 824 80.97 23.70 1.57
C GLN C 824 80.88 22.65 0.49
N PHE C 825 79.68 22.10 0.28
CA PHE C 825 79.55 21.03 -0.68
C PHE C 825 78.24 21.10 -1.47
N LEU C 826 78.38 21.22 -2.78
CA LEU C 826 77.26 21.34 -3.71
C LEU C 826 76.67 19.97 -4.03
N GLN C 827 75.38 19.84 -3.78
CA GLN C 827 74.61 18.63 -4.05
C GLN C 827 74.40 18.37 -5.54
N ASN C 828 73.48 17.44 -5.85
CA ASN C 828 73.38 16.79 -7.17
C ASN C 828 73.19 17.73 -8.35
N GLU C 829 73.08 19.03 -8.06
CA GLU C 829 72.85 20.11 -9.04
C GLU C 829 71.36 20.42 -9.19
N TYR C 830 70.51 19.41 -9.24
CA TYR C 830 69.09 19.67 -9.15
C TYR C 830 68.44 19.06 -7.95
N ALA C 831 69.26 18.61 -7.01
CA ALA C 831 68.75 17.99 -5.82
C ALA C 831 68.35 19.06 -4.84
N LEU C 832 67.15 18.96 -4.29
CA LEU C 832 66.76 19.98 -3.36
C LEU C 832 67.27 19.69 -1.96
N SER C 833 67.39 18.40 -1.58
CA SER C 833 67.98 18.00 -0.27
C SER C 833 67.27 18.52 1.00
N LEU C 834 66.56 17.63 1.68
CA LEU C 834 65.55 18.06 2.63
C LEU C 834 65.80 17.65 4.08
N VAL C 835 66.82 16.82 4.30
CA VAL C 835 67.11 16.34 5.67
C VAL C 835 68.57 16.15 6.01
N SER C 836 68.90 16.34 7.30
CA SER C 836 70.29 16.31 7.77
C SER C 836 70.44 15.47 9.05
N CYS C 837 71.68 14.82 9.19
CA CYS C 837 71.81 13.82 10.23
C CYS C 837 73.27 13.65 10.66
N LYS C 838 73.46 13.54 12.03
CA LYS C 838 74.77 13.10 12.55
C LYS C 838 74.63 11.75 13.26
N LEU C 839 75.43 10.76 12.86
CA LEU C 839 75.13 9.37 13.22
C LEU C 839 76.25 8.37 13.48
N GLY C 840 75.82 7.17 13.84
CA GLY C 840 76.69 5.99 13.86
C GLY C 840 75.83 4.73 13.71
N LYS C 841 76.45 3.65 13.21
CA LYS C 841 75.86 2.30 13.20
C LYS C 841 76.93 1.25 13.45
N ASP C 842 78.17 1.64 13.15
CA ASP C 842 79.42 0.92 13.54
C ASP C 842 80.69 1.80 13.50
N PRO C 843 80.99 2.42 12.34
CA PRO C 843 82.32 3.05 12.20
C PRO C 843 82.49 4.41 12.90
N ASN C 844 82.47 5.47 12.09
CA ASN C 844 82.64 6.86 12.54
C ASN C 844 81.32 7.64 12.53
N THR C 845 81.41 8.94 12.79
CA THR C 845 80.23 9.78 12.85
C THR C 845 79.99 10.45 11.49
N TYR C 846 78.89 10.08 10.84
CA TYR C 846 78.61 10.53 9.49
C TYR C 846 77.63 11.68 9.44
N PHE C 847 77.65 12.42 8.33
CA PHE C 847 76.64 13.41 8.00
C PHE C 847 75.81 12.82 6.86
N ILE C 848 74.53 12.53 7.12
CA ILE C 848 73.66 11.93 6.09
C ILE C 848 72.64 12.94 5.59
N VAL C 849 72.55 13.06 4.27
CA VAL C 849 71.71 14.06 3.61
C VAL C 849 70.66 13.40 2.71
N GLY C 850 69.39 13.65 3.00
CA GLY C 850 68.30 13.09 2.21
C GLY C 850 67.86 14.03 1.10
N THR C 851 68.23 13.71 -0.13
CA THR C 851 68.04 14.61 -1.26
C THR C 851 66.63 14.57 -1.86
N ALA C 852 66.29 15.61 -2.60
CA ALA C 852 64.98 15.70 -3.22
C ALA C 852 65.03 15.29 -4.68
N MET C 853 65.55 16.17 -5.53
CA MET C 853 65.53 16.00 -6.99
C MET C 853 64.29 16.60 -7.61
N VAL C 854 64.17 17.90 -7.44
CA VAL C 854 63.06 18.69 -7.95
C VAL C 854 63.37 19.24 -9.33
N TYR C 855 62.55 18.87 -10.30
CA TYR C 855 62.61 19.47 -11.64
C TYR C 855 61.50 20.49 -11.70
N PRO C 856 61.82 21.72 -12.17
CA PRO C 856 61.00 22.93 -12.02
C PRO C 856 59.55 22.77 -11.51
N GLU C 857 58.58 22.09 -12.14
CA GLU C 857 58.40 21.58 -13.54
C GLU C 857 57.50 20.33 -13.53
N GLU C 858 57.80 19.41 -12.62
CA GLU C 858 56.85 18.37 -12.20
C GLU C 858 56.47 18.66 -10.77
N ALA C 859 55.18 18.51 -10.47
CA ALA C 859 54.70 18.84 -9.14
C ALA C 859 55.13 17.76 -8.14
N GLU C 860 55.02 16.52 -8.57
CA GLU C 860 55.38 15.40 -7.71
C GLU C 860 56.83 15.03 -7.96
N PRO C 861 57.57 14.76 -6.88
CA PRO C 861 58.95 14.35 -7.02
C PRO C 861 59.06 12.84 -6.93
N LYS C 862 59.85 12.24 -7.81
CA LYS C 862 59.93 10.78 -7.89
C LYS C 862 61.35 10.24 -8.13
N GLN C 863 62.32 10.76 -7.38
CA GLN C 863 63.72 10.35 -7.53
C GLN C 863 64.60 10.81 -6.37
N GLY C 864 64.61 10.04 -5.28
CA GLY C 864 65.40 10.39 -4.10
C GLY C 864 66.90 10.16 -4.22
N ARG C 865 67.58 10.34 -3.08
CA ARG C 865 68.98 10.02 -2.92
C ARG C 865 69.31 10.24 -1.45
N ILE C 866 69.85 9.21 -0.80
CA ILE C 866 70.36 9.38 0.54
C ILE C 866 71.86 9.27 0.44
N VAL C 867 72.55 10.34 0.82
CA VAL C 867 74.01 10.35 0.71
C VAL C 867 74.65 10.47 2.07
N VAL C 868 75.58 9.55 2.34
CA VAL C 868 76.30 9.47 3.61
C VAL C 868 77.67 10.14 3.46
N PHE C 869 77.98 11.03 4.40
CA PHE C 869 79.23 11.76 4.37
C PHE C 869 80.08 11.49 5.61
N GLN C 870 81.39 11.69 5.48
CA GLN C 870 82.31 11.62 6.59
C GLN C 870 83.23 12.82 6.51
N TYR C 871 83.24 13.63 7.56
CA TYR C 871 84.04 14.85 7.58
C TYR C 871 85.24 14.82 8.52
N SER C 872 86.35 15.37 8.04
CA SER C 872 87.52 15.69 8.87
C SER C 872 88.50 16.59 8.12
N ASP C 873 89.12 17.51 8.85
CA ASP C 873 90.18 18.35 8.31
C ASP C 873 89.78 19.05 7.01
N GLY C 874 88.56 19.58 6.96
CA GLY C 874 88.05 20.30 5.78
C GLY C 874 87.79 19.38 4.60
N LYS C 875 88.19 18.12 4.75
CA LYS C 875 87.93 17.11 3.75
C LYS C 875 86.58 16.48 4.09
N LEU C 876 85.65 16.60 3.15
CA LEU C 876 84.31 16.05 3.29
C LEU C 876 84.09 15.01 2.18
N GLN C 877 83.91 13.76 2.58
CA GLN C 877 84.00 12.65 1.65
C GLN C 877 82.68 11.92 1.48
N THR C 878 82.21 11.85 0.24
CA THR C 878 81.01 11.09 -0.13
C THR C 878 81.27 9.60 0.14
N VAL C 879 80.75 9.10 1.26
CA VAL C 879 81.04 7.73 1.70
C VAL C 879 80.22 6.72 0.93
N ALA C 880 78.94 6.65 1.29
CA ALA C 880 77.99 5.75 0.62
C ALA C 880 76.87 6.53 -0.06
N GLU C 881 75.86 5.81 -0.52
CA GLU C 881 74.82 6.37 -1.34
C GLU C 881 73.74 5.32 -1.52
N LYS C 882 72.50 5.77 -1.61
CA LYS C 882 71.41 4.92 -2.06
C LYS C 882 70.43 5.80 -2.81
N GLU C 883 70.13 5.40 -4.05
CA GLU C 883 69.11 6.07 -4.83
C GLU C 883 67.74 5.61 -4.33
N VAL C 884 66.88 6.58 -4.08
CA VAL C 884 65.49 6.27 -3.80
C VAL C 884 64.64 6.70 -4.99
N LYS C 885 63.38 6.26 -4.99
CA LYS C 885 62.47 6.53 -6.10
C LYS C 885 61.49 7.67 -5.76
N GLY C 886 61.84 8.50 -4.79
CA GLY C 886 60.96 9.58 -4.32
C GLY C 886 61.67 10.82 -3.80
N ALA C 887 61.27 11.31 -2.61
CA ALA C 887 61.82 12.54 -2.02
C ALA C 887 61.98 12.45 -0.50
N VAL C 888 63.18 12.14 -0.05
CA VAL C 888 63.45 11.86 1.38
C VAL C 888 63.09 13.03 2.32
N TYR C 889 61.86 13.05 2.82
CA TYR C 889 61.35 14.22 3.56
C TYR C 889 61.97 14.40 4.94
N SER C 890 62.21 13.30 5.64
CA SER C 890 62.99 13.34 6.87
C SER C 890 63.71 12.02 7.16
N MET C 891 64.65 12.08 8.12
CA MET C 891 65.45 10.93 8.54
C MET C 891 65.72 11.02 10.04
N VAL C 892 65.87 9.86 10.68
CA VAL C 892 66.23 9.81 12.11
C VAL C 892 67.19 8.65 12.43
N GLU C 893 68.14 8.91 13.34
CA GLU C 893 68.96 7.88 13.96
C GLU C 893 68.00 7.05 14.80
N PHE C 894 67.87 5.77 14.45
CA PHE C 894 66.89 4.93 15.13
C PHE C 894 67.49 3.62 15.58
N ASN C 895 67.78 3.51 16.88
CA ASN C 895 68.37 2.31 17.49
C ASN C 895 69.58 1.74 16.75
N GLY C 896 70.33 2.62 16.07
CA GLY C 896 71.47 2.19 15.26
C GLY C 896 71.21 2.20 13.77
N LYS C 897 69.93 2.20 13.37
CA LYS C 897 69.55 2.25 11.96
C LYS C 897 69.17 3.67 11.50
N LEU C 898 69.05 3.88 10.19
CA LEU C 898 68.64 5.16 9.64
C LEU C 898 67.23 5.13 9.06
N LEU C 899 66.24 5.51 9.87
CA LEU C 899 64.83 5.57 9.43
C LEU C 899 64.55 6.76 8.51
N ALA C 900 63.81 6.52 7.42
CA ALA C 900 63.56 7.57 6.44
C ALA C 900 62.18 7.53 5.81
N SER C 901 61.49 8.68 5.83
CA SER C 901 60.28 8.83 5.02
C SER C 901 60.73 9.20 3.62
N ILE C 902 60.22 8.47 2.63
CA ILE C 902 60.56 8.80 1.24
C ILE C 902 59.47 9.56 0.47
N ASN C 903 58.30 8.96 0.27
CA ASN C 903 57.16 9.74 -0.15
C ASN C 903 56.00 9.25 0.67
N SER C 904 55.13 8.49 0.04
CA SER C 904 54.07 7.78 0.76
C SER C 904 54.67 6.79 1.78
N THR C 905 55.87 6.31 1.49
CA THR C 905 56.50 5.17 2.15
C THR C 905 57.40 5.58 3.33
N VAL C 906 57.46 4.72 4.36
CA VAL C 906 58.37 4.89 5.49
C VAL C 906 59.36 3.73 5.51
N ARG C 907 60.61 3.98 5.19
CA ARG C 907 61.64 2.93 5.06
C ARG C 907 62.54 2.87 6.29
N LEU C 908 63.10 1.70 6.58
CA LEU C 908 63.91 1.54 7.78
C LEU C 908 65.40 1.68 7.56
N TYR C 909 65.91 1.09 6.48
CA TYR C 909 67.35 1.18 6.11
C TYR C 909 68.38 0.74 7.17
N GLU C 910 69.27 -0.16 6.77
CA GLU C 910 70.31 -0.69 7.66
C GLU C 910 71.71 -0.53 7.05
N TRP C 911 72.72 -0.56 7.90
CA TRP C 911 74.10 -0.21 7.51
C TRP C 911 74.99 -1.37 7.91
N THR C 912 75.44 -2.12 6.91
CA THR C 912 76.27 -3.30 7.19
C THR C 912 77.69 -3.02 6.75
N THR C 913 78.60 -3.92 7.11
CA THR C 913 79.98 -3.91 6.65
C THR C 913 79.98 -3.77 5.13
N GLU C 914 81.05 -3.20 4.59
CA GLU C 914 81.11 -2.71 3.20
C GLU C 914 80.45 -1.35 3.11
N LYS C 915 79.97 -0.89 4.27
CA LYS C 915 79.50 0.48 4.45
C LYS C 915 78.57 0.92 3.33
N ASP C 916 77.48 0.18 3.18
CA ASP C 916 76.37 0.57 2.33
C ASP C 916 75.06 0.56 3.10
N VAL C 917 74.16 1.45 2.71
CA VAL C 917 72.86 1.57 3.37
C VAL C 917 71.84 0.67 2.65
N ARG C 918 71.40 -0.36 3.38
CA ARG C 918 70.71 -1.51 2.81
C ARG C 918 69.27 -1.67 3.32
N THR C 919 68.35 -1.88 2.37
CA THR C 919 66.91 -1.74 2.58
C THR C 919 66.29 -2.78 3.53
N GLU C 920 66.05 -2.40 4.78
CA GLU C 920 65.28 -3.26 5.70
C GLU C 920 63.79 -2.99 5.51
N CYS C 921 62.97 -3.38 6.50
CA CYS C 921 61.49 -3.35 6.41
C CYS C 921 60.81 -2.00 6.07
N ASN C 922 59.55 -2.07 5.62
CA ASN C 922 58.81 -0.88 5.18
C ASN C 922 57.43 -0.67 5.79
N HIS C 923 56.97 0.57 5.74
CA HIS C 923 55.57 0.92 5.99
C HIS C 923 55.07 1.77 4.82
N TYR C 924 53.90 1.44 4.32
CA TYR C 924 53.48 1.97 3.04
C TYR C 924 52.32 2.93 3.12
N ASN C 925 51.52 2.80 4.17
CA ASN C 925 50.23 3.46 4.22
C ASN C 925 50.25 4.91 4.69
N ASN C 926 50.72 5.78 3.80
CA ASN C 926 50.71 7.23 4.04
C ASN C 926 50.57 7.97 2.74
N ILE C 927 50.17 9.23 2.84
CA ILE C 927 50.06 10.07 1.66
C ILE C 927 51.31 10.98 1.54
N MET C 928 51.62 11.73 2.58
CA MET C 928 52.80 12.59 2.57
C MET C 928 53.93 12.07 3.42
N ALA C 929 53.75 11.94 4.73
CA ALA C 929 54.82 11.40 5.60
C ALA C 929 56.03 12.31 5.66
N LEU C 930 55.77 13.58 6.00
CA LEU C 930 56.78 14.64 5.97
C LEU C 930 57.62 14.69 7.21
N TYR C 931 57.05 14.26 8.33
CA TYR C 931 57.70 14.37 9.62
C TYR C 931 57.82 13.05 10.35
N LEU C 932 58.99 12.82 10.93
CA LEU C 932 59.27 11.64 11.72
C LEU C 932 59.77 12.03 13.09
N LYS C 933 59.37 11.28 14.11
CA LYS C 933 59.95 11.46 15.43
C LYS C 933 59.86 10.14 16.18
N THR C 934 61.00 9.64 16.64
CA THR C 934 61.05 8.34 17.32
C THR C 934 61.25 8.53 18.80
N LYS C 935 60.80 7.56 19.58
CA LYS C 935 61.16 7.45 20.98
C LYS C 935 61.23 5.95 21.25
N GLY C 936 62.45 5.47 21.55
CA GLY C 936 62.71 4.03 21.72
C GLY C 936 62.42 3.29 20.44
N ASP C 937 61.49 2.35 20.49
CA ASP C 937 61.07 1.59 19.32
C ASP C 937 59.81 2.16 18.68
N PHE C 938 59.26 3.21 19.28
CA PHE C 938 58.06 3.89 18.75
C PHE C 938 58.40 4.96 17.72
N ILE C 939 57.53 5.10 16.72
CA ILE C 939 57.76 6.01 15.61
C ILE C 939 56.51 6.84 15.29
N LEU C 940 56.64 8.15 15.50
CA LEU C 940 55.58 9.09 15.19
C LEU C 940 55.71 9.55 13.75
N VAL C 941 54.58 9.62 13.04
CA VAL C 941 54.57 10.01 11.66
C VAL C 941 53.53 11.09 11.46
N GLY C 942 54.01 12.26 11.03
CA GLY C 942 53.16 13.34 10.56
C GLY C 942 52.94 13.12 9.08
N ASP C 943 51.74 12.70 8.70
CA ASP C 943 51.41 12.54 7.30
C ASP C 943 50.64 13.77 6.92
N LEU C 944 51.23 14.61 6.09
CA LEU C 944 50.68 15.95 5.89
C LEU C 944 49.23 15.89 5.43
N MET C 945 48.92 14.91 4.60
CA MET C 945 47.60 14.82 4.04
C MET C 945 46.73 13.81 4.78
N ARG C 946 46.67 13.97 6.10
CA ARG C 946 45.88 13.14 7.05
C ARG C 946 46.70 12.94 8.32
N SER C 947 46.11 13.17 9.49
CA SER C 947 46.92 13.50 10.68
C SER C 947 47.99 12.49 11.12
N VAL C 948 48.36 12.53 12.39
CA VAL C 948 49.50 11.76 12.89
C VAL C 948 49.21 10.27 13.01
N LEU C 949 50.26 9.47 13.07
CA LEU C 949 50.11 8.04 13.30
C LEU C 949 51.30 7.45 14.03
N LEU C 950 51.07 6.36 14.76
CA LEU C 950 52.10 5.72 15.56
C LEU C 950 52.46 4.37 14.98
N LEU C 951 53.76 4.15 14.80
CA LEU C 951 54.27 2.88 14.34
C LEU C 951 55.19 2.29 15.38
N ALA C 952 55.26 0.97 15.44
CA ALA C 952 56.29 0.33 16.24
C ALA C 952 57.19 -0.50 15.33
N TYR C 953 58.48 -0.47 15.63
CA TYR C 953 59.39 -1.51 15.19
C TYR C 953 59.28 -2.54 16.28
N LYS C 954 58.93 -3.75 15.90
CA LYS C 954 59.02 -4.86 16.81
C LYS C 954 60.27 -5.66 16.45
N PRO C 955 61.23 -5.76 17.40
CA PRO C 955 62.27 -6.76 17.24
C PRO C 955 61.67 -8.11 17.64
N MET C 956 62.51 -9.15 17.68
CA MET C 956 62.06 -10.55 17.78
C MET C 956 61.19 -10.85 16.56
N GLU C 957 61.19 -9.90 15.61
CA GLU C 957 60.15 -9.79 14.61
C GLU C 957 60.68 -9.21 13.31
N GLY C 958 61.27 -8.02 13.38
CA GLY C 958 61.95 -7.36 12.26
C GLY C 958 61.07 -6.67 11.23
N ASN C 959 60.04 -5.97 11.70
CA ASN C 959 59.14 -5.20 10.82
C ASN C 959 58.31 -4.13 11.54
N PHE C 960 57.61 -3.34 10.73
CA PHE C 960 56.71 -2.27 11.20
C PHE C 960 55.30 -2.76 11.47
N GLU C 961 54.66 -2.16 12.47
CA GLU C 961 53.30 -2.48 12.82
C GLU C 961 52.59 -1.20 13.21
N GLU C 962 51.58 -0.82 12.44
CA GLU C 962 50.71 0.30 12.81
C GLU C 962 50.12 0.02 14.18
N ILE C 963 50.21 1.02 15.06
CA ILE C 963 49.66 0.88 16.41
C ILE C 963 48.39 1.70 16.54
N ALA C 964 48.47 2.96 16.10
CA ALA C 964 47.32 3.85 16.15
C ALA C 964 47.44 5.00 15.15
N ARG C 965 46.29 5.38 14.60
CA ARG C 965 46.17 6.53 13.73
C ARG C 965 45.31 7.53 14.48
N ASP C 966 45.61 8.81 14.38
CA ASP C 966 44.67 9.84 14.82
C ASP C 966 43.59 9.98 13.74
N PHE C 967 42.33 10.01 14.15
CA PHE C 967 41.29 10.33 13.19
C PHE C 967 41.18 11.84 13.20
N ASN C 968 40.36 12.41 12.33
CA ASN C 968 40.35 13.88 12.06
C ASN C 968 41.69 14.46 11.58
N PRO C 969 41.65 15.09 10.41
CA PRO C 969 42.80 14.92 9.54
C PRO C 969 43.95 15.91 9.58
N ASN C 970 43.95 16.87 10.49
CA ASN C 970 45.11 17.82 10.70
C ASN C 970 46.17 18.03 9.58
N TRP C 971 46.32 19.27 9.12
CA TRP C 971 47.40 19.58 8.17
C TRP C 971 48.64 20.02 8.92
N MET C 972 49.31 19.09 9.60
CA MET C 972 50.34 19.45 10.58
C MET C 972 51.56 20.15 10.00
N SER C 973 52.09 21.03 10.84
CA SER C 973 53.21 21.91 10.55
C SER C 973 54.48 21.21 10.98
N ALA C 974 54.47 20.68 12.19
CA ALA C 974 55.50 19.78 12.70
C ALA C 974 54.93 18.87 13.82
N VAL C 975 55.70 17.85 14.16
CA VAL C 975 55.19 16.87 15.09
C VAL C 975 56.23 16.62 16.19
N GLU C 976 55.78 16.11 17.33
CA GLU C 976 56.67 15.81 18.48
C GLU C 976 56.12 14.82 19.49
N ILE C 977 56.99 13.94 19.99
CA ILE C 977 56.63 13.00 21.06
C ILE C 977 56.88 13.65 22.42
N LEU C 978 55.97 13.46 23.35
CA LEU C 978 56.14 14.02 24.69
C LEU C 978 56.46 12.91 25.66
N ASP C 979 55.87 11.75 25.37
CA ASP C 979 56.15 10.48 26.04
C ASP C 979 55.47 9.42 25.20
N ASP C 980 55.74 8.15 25.49
CA ASP C 980 55.20 7.04 24.68
C ASP C 980 53.65 6.93 24.69
N ASP C 981 52.98 7.96 25.23
CA ASP C 981 51.53 8.00 25.28
C ASP C 981 50.92 9.28 24.70
N ASN C 982 51.68 10.38 24.77
CA ASN C 982 51.20 11.68 24.30
C ASN C 982 51.99 12.21 23.12
N PHE C 983 51.27 12.72 22.12
CA PHE C 983 51.89 13.21 20.90
C PHE C 983 51.39 14.61 20.54
N LEU C 984 52.34 15.48 20.20
CA LEU C 984 52.04 16.90 19.97
C LEU C 984 52.08 17.26 18.50
N GLY C 985 51.03 17.96 18.06
CA GLY C 985 50.98 18.50 16.70
C GLY C 985 50.57 19.97 16.62
N ALA C 986 51.17 20.66 15.66
CA ALA C 986 50.81 22.01 15.34
C ALA C 986 50.43 22.01 13.88
N GLU C 987 49.27 22.56 13.53
CA GLU C 987 48.85 22.56 12.12
C GLU C 987 48.70 23.97 11.52
N ASN C 988 48.41 24.00 10.21
CA ASN C 988 48.26 25.25 9.42
C ASN C 988 47.31 26.28 10.04
N ALA C 989 46.55 25.85 11.03
CA ALA C 989 45.59 26.71 11.68
C ALA C 989 46.16 27.47 12.88
N PHE C 990 47.46 27.35 13.10
CA PHE C 990 48.14 27.88 14.32
C PHE C 990 47.57 27.28 15.61
N ASN C 991 47.21 26.00 15.55
CA ASN C 991 46.71 25.31 16.72
C ASN C 991 47.70 24.26 17.13
N LEU C 992 47.45 23.72 18.32
CA LEU C 992 48.19 22.60 18.81
C LEU C 992 47.19 21.51 19.16
N PHE C 993 47.57 20.27 18.90
CA PHE C 993 46.77 19.16 19.36
C PHE C 993 47.64 18.12 20.03
N VAL C 994 47.01 17.35 20.92
CA VAL C 994 47.68 16.26 21.62
C VAL C 994 46.94 14.93 21.48
N CYS C 995 47.68 13.89 21.09
CA CYS C 995 47.12 12.56 20.90
C CYS C 995 47.34 11.62 22.09
N GLN C 996 46.68 10.46 22.09
CA GLN C 996 46.69 9.55 23.24
C GLN C 996 46.79 8.07 22.86
N LYS C 997 47.55 7.33 23.66
CA LYS C 997 47.58 5.86 23.59
C LYS C 997 46.45 5.25 24.44
N ASP C 998 46.55 3.94 24.72
CA ASP C 998 45.57 3.20 25.54
C ASP C 998 45.69 1.68 25.32
N SER C 999 44.75 0.94 25.91
CA SER C 999 44.40 -0.45 25.52
C SER C 999 42.94 -0.74 25.94
N ALA C 1000 42.16 -1.37 25.05
CA ALA C 1000 40.72 -1.50 25.27
C ALA C 1000 40.29 -2.97 25.30
N ALA C 1001 39.30 -3.23 26.19
CA ALA C 1001 38.85 -4.59 26.50
C ALA C 1001 38.24 -5.38 25.32
N THR C 1002 38.16 -6.71 25.52
CA THR C 1002 37.55 -7.71 24.60
C THR C 1002 37.87 -7.57 23.09
N THR C 1003 39.10 -7.95 22.72
CA THR C 1003 39.58 -8.05 21.30
C THR C 1003 39.46 -6.78 20.44
N ASP C 1004 38.41 -6.00 20.62
CA ASP C 1004 38.20 -4.76 19.86
C ASP C 1004 39.01 -3.61 20.45
N GLU C 1005 39.82 -2.98 19.60
CA GLU C 1005 40.69 -1.91 20.04
C GLU C 1005 40.28 -0.53 19.59
N GLU C 1006 40.01 0.31 20.58
CA GLU C 1006 40.09 1.74 20.43
C GLU C 1006 41.52 2.13 20.80
N ARG C 1007 42.29 1.15 21.26
CA ARG C 1007 43.73 1.28 21.41
C ARG C 1007 44.38 1.54 20.06
N GLN C 1008 43.63 1.29 18.99
CA GLN C 1008 44.06 1.57 17.63
C GLN C 1008 43.73 3.01 17.22
N HIS C 1009 42.97 3.69 18.07
CA HIS C 1009 42.54 5.05 17.83
C HIS C 1009 43.40 5.97 18.68
N LEU C 1010 44.23 6.78 18.02
CA LEU C 1010 44.97 7.83 18.70
C LEU C 1010 44.02 8.94 19.03
N GLN C 1011 43.45 8.88 20.23
CA GLN C 1011 42.48 9.86 20.68
C GLN C 1011 43.18 11.20 20.76
N GLU C 1012 42.55 12.28 20.35
CA GLU C 1012 43.21 13.56 20.62
C GLU C 1012 42.58 14.30 21.79
N VAL C 1013 43.43 14.61 22.77
CA VAL C 1013 42.99 14.99 24.10
C VAL C 1013 43.38 16.41 24.56
N GLY C 1014 44.12 17.14 23.74
CA GLY C 1014 44.46 18.53 24.02
C GLY C 1014 44.36 19.45 22.82
N LEU C 1015 43.59 20.53 22.95
CA LEU C 1015 43.52 21.54 21.89
C LEU C 1015 43.94 22.90 22.42
N PHE C 1016 44.54 23.72 21.56
CA PHE C 1016 45.00 25.06 21.95
C PHE C 1016 45.34 25.90 20.75
N HIS C 1017 44.73 27.08 20.65
CA HIS C 1017 45.09 27.98 19.56
C HIS C 1017 46.33 28.78 19.98
N LEU C 1018 47.46 28.46 19.37
CA LEU C 1018 48.73 29.12 19.66
C LEU C 1018 48.74 30.53 19.09
N GLY C 1019 48.57 30.64 17.77
CA GLY C 1019 48.64 31.93 17.06
C GLY C 1019 49.92 32.05 16.27
N GLU C 1020 50.74 31.02 16.34
CA GLU C 1020 52.00 31.00 15.63
C GLU C 1020 52.03 29.76 14.74
N PHE C 1021 53.02 29.68 13.86
CA PHE C 1021 53.15 28.56 12.94
C PHE C 1021 54.45 27.80 13.28
N VAL C 1022 54.36 26.51 13.58
CA VAL C 1022 55.54 25.84 14.15
C VAL C 1022 56.26 24.91 13.18
N ASN C 1023 57.43 25.33 12.69
CA ASN C 1023 58.38 24.37 12.12
C ASN C 1023 59.16 23.93 13.31
N VAL C 1024 59.59 22.67 13.31
CA VAL C 1024 60.43 22.09 14.39
C VAL C 1024 60.04 22.27 15.87
N PHE C 1025 59.83 21.11 16.50
CA PHE C 1025 59.86 20.98 17.93
C PHE C 1025 61.17 20.29 18.20
N CYS C 1026 61.70 20.48 19.40
CA CYS C 1026 62.79 19.65 19.88
C CYS C 1026 63.02 19.80 21.37
N HIS C 1027 63.51 18.71 21.95
CA HIS C 1027 63.70 18.63 23.39
C HIS C 1027 64.93 19.42 23.77
N GLY C 1028 65.18 19.54 25.07
CA GLY C 1028 66.29 20.32 25.62
C GLY C 1028 65.76 21.60 26.25
N SER C 1029 66.59 22.27 27.04
CA SER C 1029 66.15 23.52 27.66
C SER C 1029 67.24 24.59 27.69
N LEU C 1030 66.86 25.76 28.18
CA LEU C 1030 67.73 26.91 28.19
C LEU C 1030 68.13 27.27 29.61
N VAL C 1031 67.44 26.66 30.58
CA VAL C 1031 67.75 26.84 32.00
C VAL C 1031 68.47 25.60 32.50
N MET C 1032 69.21 25.74 33.59
CA MET C 1032 69.77 24.59 34.31
C MET C 1032 68.73 24.06 35.28
N GLN C 1033 68.62 22.74 35.37
CA GLN C 1033 67.61 22.12 36.24
C GLN C 1033 68.21 21.60 37.55
N ASN C 1034 67.43 21.68 38.62
CA ASN C 1034 67.93 21.35 39.95
C ASN C 1034 67.25 20.11 40.56
N LEU C 1035 68.09 19.22 41.11
CA LEU C 1035 67.65 17.98 41.76
C LEU C 1035 67.23 18.22 43.21
N GLY C 1036 66.31 17.38 43.71
CA GLY C 1036 65.70 17.48 45.05
C GLY C 1036 64.84 18.75 45.27
N GLU C 1037 65.46 19.92 45.15
CA GLU C 1037 64.77 21.21 45.32
C GLU C 1037 64.11 21.72 44.02
N THR C 1038 63.95 23.05 43.90
CA THR C 1038 63.11 23.68 42.85
C THR C 1038 61.64 23.22 43.00
N SER C 1039 60.91 23.07 41.89
CA SER C 1039 59.57 22.45 41.94
C SER C 1039 59.10 21.81 40.62
N THR C 1040 58.24 20.80 40.76
CA THR C 1040 57.85 19.94 39.64
C THR C 1040 56.47 20.26 39.00
N PRO C 1041 56.07 21.57 38.98
CA PRO C 1041 54.98 21.87 38.05
C PRO C 1041 55.46 21.70 36.59
N THR C 1042 56.78 21.77 36.41
CA THR C 1042 57.42 21.45 35.15
C THR C 1042 57.73 19.96 35.16
N GLN C 1043 57.54 19.29 34.03
CA GLN C 1043 58.03 17.93 33.90
C GLN C 1043 58.89 17.76 32.66
N GLY C 1044 58.32 18.01 31.49
CA GLY C 1044 59.09 17.93 30.25
C GLY C 1044 59.67 19.28 29.82
N SER C 1045 60.44 19.26 28.74
CA SER C 1045 60.85 20.50 28.08
C SER C 1045 60.93 20.32 26.57
N VAL C 1046 59.96 20.85 25.87
CA VAL C 1046 60.02 20.87 24.41
C VAL C 1046 59.97 22.31 23.89
N LEU C 1047 61.06 22.73 23.25
CA LEU C 1047 61.12 24.05 22.66
C LEU C 1047 60.67 23.95 21.22
N PHE C 1048 60.16 25.06 20.69
CA PHE C 1048 59.67 25.10 19.30
C PHE C 1048 59.87 26.41 18.58
N GLY C 1049 60.21 26.30 17.31
CA GLY C 1049 60.47 27.46 16.44
C GLY C 1049 59.24 28.00 15.71
N THR C 1050 59.10 29.33 15.69
CA THR C 1050 57.99 29.95 14.98
C THR C 1050 58.45 30.64 13.70
N VAL C 1051 57.54 30.77 12.75
CA VAL C 1051 57.77 31.49 11.51
C VAL C 1051 57.93 33.01 11.75
N ASN C 1052 57.45 33.47 12.91
CA ASN C 1052 57.62 34.86 13.31
C ASN C 1052 58.78 35.06 14.24
N GLY C 1053 59.43 33.95 14.58
CA GLY C 1053 60.63 33.97 15.41
C GLY C 1053 60.32 33.91 16.90
N MET C 1054 59.05 33.67 17.22
CA MET C 1054 58.65 33.41 18.59
C MET C 1054 59.10 31.99 18.87
N ILE C 1055 59.63 31.73 20.06
CA ILE C 1055 60.03 30.35 20.35
C ILE C 1055 59.63 29.85 21.69
N GLY C 1056 58.35 29.50 21.80
CA GLY C 1056 57.83 28.96 23.04
C GLY C 1056 58.32 27.57 23.45
N LEU C 1057 58.00 27.25 24.70
CA LEU C 1057 58.27 25.95 25.30
C LEU C 1057 56.95 25.37 25.83
N VAL C 1058 56.85 24.04 25.76
CA VAL C 1058 55.75 23.29 26.34
C VAL C 1058 56.27 22.35 27.39
N THR C 1059 55.44 22.14 28.41
CA THR C 1059 55.81 21.37 29.59
C THR C 1059 54.67 20.48 30.10
N SER C 1060 55.04 19.33 30.66
CA SER C 1060 54.09 18.39 31.22
C SER C 1060 53.74 18.84 32.64
N LEU C 1061 52.45 19.05 32.90
CA LEU C 1061 51.97 19.50 34.20
C LEU C 1061 51.36 18.36 35.04
N SER C 1062 51.35 18.58 36.35
CA SER C 1062 50.64 17.71 37.27
C SER C 1062 49.11 17.85 37.13
N GLU C 1063 48.41 16.75 37.37
CA GLU C 1063 46.95 16.72 37.43
C GLU C 1063 46.48 17.77 38.44
N SER C 1064 47.02 17.67 39.65
CA SER C 1064 46.82 18.65 40.72
C SER C 1064 47.08 20.09 40.26
N TRP C 1065 48.25 20.30 39.65
CA TRP C 1065 48.70 21.62 39.20
C TRP C 1065 47.82 22.22 38.12
N TYR C 1066 47.50 21.41 37.13
CA TYR C 1066 46.68 21.84 36.01
C TYR C 1066 45.42 22.54 36.53
N ASN C 1067 44.69 21.86 37.41
CA ASN C 1067 43.44 22.39 37.94
C ASN C 1067 43.60 23.75 38.57
N LEU C 1068 44.60 23.87 39.44
CA LEU C 1068 44.89 25.12 40.12
C LEU C 1068 45.06 26.25 39.10
N LEU C 1069 45.90 25.99 38.10
CA LEU C 1069 46.17 26.98 37.07
C LEU C 1069 44.96 27.25 36.20
N LEU C 1070 44.24 26.19 35.84
CA LEU C 1070 43.00 26.35 35.08
C LEU C 1070 42.10 27.35 35.80
N ASP C 1071 41.97 27.14 37.12
CA ASP C 1071 41.24 28.03 38.01
C ASP C 1071 41.84 29.43 37.97
N MET C 1072 43.16 29.52 38.16
CA MET C 1072 43.89 30.79 38.12
C MET C 1072 43.47 31.63 36.94
N GLN C 1073 43.55 31.02 35.76
CA GLN C 1073 43.23 31.69 34.53
C GLN C 1073 41.89 32.38 34.66
N ASN C 1074 40.86 31.63 35.04
CA ASN C 1074 39.51 32.17 35.13
C ASN C 1074 39.36 33.38 36.02
N ARG C 1075 40.10 33.42 37.11
CA ARG C 1075 40.07 34.56 38.01
C ARG C 1075 40.90 35.70 37.45
N LEU C 1076 42.03 35.32 36.85
CA LEU C 1076 42.92 36.27 36.17
C LEU C 1076 42.17 36.95 35.03
N ASN C 1077 41.29 36.19 34.40
CA ASN C 1077 40.47 36.69 33.30
C ASN C 1077 39.46 37.72 33.75
N LYS C 1078 38.97 37.57 34.97
CA LYS C 1078 38.01 38.50 35.56
C LYS C 1078 38.66 39.86 35.80
N VAL C 1079 39.92 39.84 36.26
CA VAL C 1079 40.78 41.02 36.26
C VAL C 1079 41.46 41.09 34.88
N ILE C 1080 42.40 42.03 34.71
CA ILE C 1080 43.15 42.18 33.46
C ILE C 1080 42.30 42.82 32.36
N LYS C 1081 42.46 44.13 32.18
CA LYS C 1081 41.79 44.84 31.11
C LYS C 1081 42.35 44.28 29.81
N SER C 1082 41.56 43.44 29.15
CA SER C 1082 41.95 42.92 27.82
C SER C 1082 42.09 44.10 26.86
N VAL C 1083 42.99 43.98 25.90
CA VAL C 1083 43.35 45.15 25.11
C VAL C 1083 42.49 45.35 23.87
N GLY C 1084 41.19 45.24 24.04
CA GLY C 1084 40.24 45.37 22.96
C GLY C 1084 39.04 44.57 23.37
N LYS C 1085 38.90 44.39 24.67
CA LYS C 1085 37.87 43.54 25.29
C LYS C 1085 37.68 42.22 24.51
N ILE C 1086 38.79 41.67 24.03
CA ILE C 1086 38.81 40.34 23.47
C ILE C 1086 38.87 39.38 24.63
N GLU C 1087 37.90 38.48 24.69
CA GLU C 1087 37.88 37.50 25.75
C GLU C 1087 38.95 36.43 25.53
N HIS C 1088 39.82 36.25 26.52
CA HIS C 1088 40.96 35.33 26.43
C HIS C 1088 40.57 33.92 26.00
N SER C 1089 39.63 33.30 26.74
CA SER C 1089 39.08 32.00 26.38
C SER C 1089 38.73 31.88 24.89
N PHE C 1090 38.14 32.93 24.32
CA PHE C 1090 37.90 32.97 22.87
C PHE C 1090 39.22 32.94 22.08
N TRP C 1091 40.09 33.92 22.34
CA TRP C 1091 41.41 34.03 21.71
C TRP C 1091 42.13 32.71 21.58
N ARG C 1092 42.14 31.94 22.68
CA ARG C 1092 42.84 30.64 22.76
C ARG C 1092 42.06 29.51 22.15
N SER C 1093 40.74 29.62 22.16
CA SER C 1093 39.91 28.51 21.73
C SER C 1093 40.26 28.07 20.30
N PHE C 1094 40.36 26.75 20.12
CA PHE C 1094 40.86 26.11 18.92
C PHE C 1094 40.05 26.54 17.73
N HIS C 1095 40.73 26.99 16.67
CA HIS C 1095 40.04 27.57 15.50
C HIS C 1095 40.53 27.05 14.13
N THR C 1096 39.59 26.60 13.32
CA THR C 1096 39.81 26.24 11.94
C THR C 1096 38.79 27.04 11.17
N GLU C 1097 38.90 27.01 9.85
CA GLU C 1097 37.85 27.55 9.00
C GLU C 1097 36.51 26.83 9.18
N ARG C 1098 36.54 25.62 9.73
CA ARG C 1098 35.34 24.79 9.93
C ARG C 1098 34.99 24.58 11.39
N LYS C 1099 36.02 24.46 12.24
CA LYS C 1099 35.85 24.17 13.68
C LYS C 1099 36.24 25.33 14.58
N THR C 1100 35.54 25.47 15.69
CA THR C 1100 35.97 26.33 16.80
C THR C 1100 35.58 25.66 18.13
N GLU C 1101 36.59 25.23 18.90
CA GLU C 1101 36.33 24.57 20.18
C GLU C 1101 37.15 25.15 21.33
N PRO C 1102 36.59 25.13 22.55
CA PRO C 1102 37.08 25.80 23.76
C PRO C 1102 38.58 25.76 24.03
N ALA C 1103 39.22 24.61 23.79
CA ALA C 1103 40.65 24.42 24.12
C ALA C 1103 40.85 23.84 25.52
N THR C 1104 41.37 22.62 25.55
CA THR C 1104 41.58 21.89 26.80
C THR C 1104 42.96 21.28 26.86
N GLY C 1105 43.42 21.05 28.09
CA GLY C 1105 44.66 20.32 28.33
C GLY C 1105 45.88 21.20 28.32
N PHE C 1106 45.65 22.47 28.00
CA PHE C 1106 46.72 23.47 27.89
C PHE C 1106 46.52 24.64 28.84
N ILE C 1107 47.62 25.31 29.14
CA ILE C 1107 47.60 26.50 29.98
C ILE C 1107 48.66 27.41 29.41
N ASP C 1108 48.33 28.68 29.19
CA ASP C 1108 49.40 29.60 28.71
C ASP C 1108 50.05 30.40 29.82
N GLY C 1109 51.34 30.14 29.99
CA GLY C 1109 52.15 30.80 31.00
C GLY C 1109 52.08 32.29 30.85
N ASP C 1110 51.87 32.74 29.62
CA ASP C 1110 51.72 34.15 29.32
C ASP C 1110 50.56 34.82 30.08
N LEU C 1111 49.52 34.04 30.43
CA LEU C 1111 48.45 34.51 31.30
C LEU C 1111 48.88 34.36 32.75
N ILE C 1112 49.48 33.21 33.04
CA ILE C 1112 49.99 32.89 34.37
C ILE C 1112 51.08 33.88 34.79
N GLU C 1113 51.98 34.21 33.87
CA GLU C 1113 53.08 35.11 34.19
C GLU C 1113 52.62 36.56 34.33
N SER C 1114 51.57 36.95 33.60
CA SER C 1114 51.06 38.31 33.73
C SER C 1114 50.38 38.52 35.09
N PHE C 1115 50.46 37.49 35.94
CA PHE C 1115 50.03 37.58 37.35
C PHE C 1115 50.98 38.47 38.15
N LEU C 1116 52.26 38.40 37.83
CA LEU C 1116 53.26 39.17 38.56
C LEU C 1116 53.24 40.64 38.17
N ASP C 1117 52.22 41.06 37.41
CA ASP C 1117 52.13 42.43 36.92
C ASP C 1117 50.80 43.14 37.24
N ILE C 1118 50.16 42.76 38.36
CA ILE C 1118 48.91 43.39 38.82
C ILE C 1118 49.02 43.93 40.27
N SER C 1119 48.06 44.75 40.69
CA SER C 1119 48.07 45.31 42.05
C SER C 1119 47.77 44.24 43.11
N ARG C 1120 48.29 44.44 44.31
CA ARG C 1120 48.08 43.51 45.44
C ARG C 1120 46.61 43.30 45.88
N PRO C 1121 45.73 44.30 45.68
CA PRO C 1121 44.30 44.07 45.87
C PRO C 1121 43.74 43.08 44.84
N LYS C 1122 43.97 43.38 43.56
CA LYS C 1122 43.54 42.53 42.46
C LYS C 1122 44.17 41.16 42.56
N MET C 1123 45.40 41.13 43.07
CA MET C 1123 46.10 39.90 43.35
C MET C 1123 45.37 39.09 44.42
N GLN C 1124 44.99 39.72 45.52
CA GLN C 1124 44.25 39.05 46.59
C GLN C 1124 42.84 38.63 46.16
N GLU C 1125 42.29 39.35 45.18
CA GLU C 1125 40.98 39.03 44.63
C GLU C 1125 41.00 37.69 43.92
N VAL C 1126 42.07 37.44 43.18
CA VAL C 1126 42.24 36.18 42.45
C VAL C 1126 42.49 35.01 43.42
N VAL C 1127 43.13 35.32 44.56
CA VAL C 1127 43.46 34.29 45.54
C VAL C 1127 42.31 34.04 46.54
N ALA C 1128 41.37 34.98 46.58
CA ALA C 1128 40.20 34.86 47.44
C ALA C 1128 39.47 33.54 47.22
N ASN C 1129 39.16 32.85 48.32
CA ASN C 1129 38.36 31.63 48.30
C ASN C 1129 39.10 30.42 47.73
N LEU C 1130 40.37 30.60 47.40
CA LEU C 1130 41.14 29.53 46.80
C LEU C 1130 41.69 28.56 47.82
N GLN C 1131 41.28 27.31 47.70
CA GLN C 1131 41.82 26.24 48.52
C GLN C 1131 43.10 25.72 47.88
N TYR C 1132 44.21 25.94 48.56
CA TYR C 1132 45.53 25.64 48.01
C TYR C 1132 46.23 24.54 48.78
N ASP C 1133 46.86 23.63 48.05
CA ASP C 1133 47.72 22.60 48.62
C ASP C 1133 49.17 23.01 48.41
N ASP C 1134 49.87 23.33 49.50
CA ASP C 1134 51.25 23.75 49.45
C ASP C 1134 52.23 22.58 49.59
N GLY C 1135 51.76 21.39 49.25
CA GLY C 1135 52.56 20.17 49.34
C GLY C 1135 52.39 19.47 50.68
N SER C 1136 51.85 20.18 51.66
CA SER C 1136 51.61 19.65 53.00
C SER C 1136 50.44 18.69 53.06
N GLY C 1137 49.64 18.66 51.98
CA GLY C 1137 48.48 17.78 51.92
C GLY C 1137 47.31 18.31 52.72
N MET C 1138 47.61 19.01 53.81
CA MET C 1138 46.60 19.69 54.62
C MET C 1138 46.25 21.03 53.99
N LYS C 1139 45.02 21.13 53.49
CA LYS C 1139 44.52 22.31 52.79
C LYS C 1139 44.51 23.55 53.69
N ARG C 1140 44.62 24.73 53.06
CA ARG C 1140 44.66 25.99 53.77
C ARG C 1140 44.17 27.07 52.82
N GLU C 1141 43.75 28.21 53.36
CA GLU C 1141 43.41 29.37 52.54
C GLU C 1141 44.68 29.92 51.92
N ALA C 1142 44.69 30.05 50.60
CA ALA C 1142 45.84 30.54 49.88
C ALA C 1142 45.95 32.05 50.04
N THR C 1143 47.19 32.55 50.10
CA THR C 1143 47.46 33.98 50.18
C THR C 1143 48.06 34.45 48.87
N ALA C 1144 48.01 35.76 48.61
CA ALA C 1144 48.63 36.33 47.42
C ALA C 1144 50.10 35.92 47.27
N ASP C 1145 50.79 35.78 48.40
CA ASP C 1145 52.21 35.44 48.41
C ASP C 1145 52.50 34.00 48.00
N ASP C 1146 51.61 33.08 48.35
CA ASP C 1146 51.74 31.67 47.98
C ASP C 1146 51.80 31.49 46.47
N LEU C 1147 50.99 32.28 45.76
CA LEU C 1147 50.93 32.22 44.30
C LEU C 1147 52.07 32.98 43.63
N ILE C 1148 52.52 34.08 44.26
CA ILE C 1148 53.67 34.82 43.75
C ILE C 1148 54.91 33.93 43.72
N LYS C 1149 55.15 33.17 44.78
CA LYS C 1149 56.30 32.25 44.82
C LYS C 1149 56.08 30.99 43.96
N VAL C 1150 54.84 30.77 43.53
CA VAL C 1150 54.52 29.70 42.58
C VAL C 1150 54.78 30.16 41.14
N VAL C 1151 54.26 31.33 40.78
CA VAL C 1151 54.48 31.89 39.46
C VAL C 1151 55.93 32.30 39.28
N GLU C 1152 56.48 32.95 40.30
CA GLU C 1152 57.90 33.26 40.38
C GLU C 1152 58.73 32.07 39.92
N GLU C 1153 58.44 30.90 40.50
CA GLU C 1153 59.13 29.67 40.17
C GLU C 1153 58.95 29.36 38.68
N LEU C 1154 57.72 29.40 38.21
CA LEU C 1154 57.40 29.01 36.84
C LEU C 1154 58.08 29.85 35.76
N THR C 1155 58.58 31.03 36.11
CA THR C 1155 59.19 31.93 35.11
C THR C 1155 60.62 31.53 34.81
N ARG C 1156 61.27 30.91 35.79
CA ARG C 1156 62.65 30.46 35.60
C ARG C 1156 62.69 29.02 35.12
N ILE C 1157 61.81 28.70 34.17
CA ILE C 1157 61.94 27.48 33.37
C ILE C 1157 62.25 27.85 31.92
N HIS C 1158 62.52 29.14 31.69
CA HIS C 1158 62.94 29.65 30.40
C HIS C 1158 63.64 31.00 30.62
N TRP D 63 31.28 33.09 -12.53
CA TRP D 63 31.38 31.59 -12.56
C TRP D 63 32.48 31.08 -11.65
N VAL D 64 33.70 31.57 -11.87
CA VAL D 64 34.87 31.13 -11.11
C VAL D 64 34.91 31.87 -9.76
N GLY D 65 35.06 31.12 -8.67
CA GLY D 65 35.22 31.71 -7.34
C GLY D 65 36.60 32.34 -7.21
N LEU D 66 36.71 33.57 -7.72
CA LEU D 66 37.99 34.25 -8.03
C LEU D 66 38.83 33.48 -9.07
N ALA D 67 39.22 34.15 -10.16
CA ALA D 67 39.86 33.51 -11.34
C ALA D 67 41.03 32.55 -11.01
N GLY D 68 40.68 31.41 -10.43
CA GLY D 68 41.64 30.39 -9.99
C GLY D 68 42.42 30.70 -8.70
N PRO D 69 42.37 29.78 -7.72
CA PRO D 69 43.33 29.75 -6.63
C PRO D 69 44.71 29.21 -7.05
N GLN D 70 45.28 29.77 -8.10
CA GLN D 70 46.60 29.39 -8.64
C GLN D 70 47.68 29.12 -7.57
N ILE D 71 48.33 27.97 -7.69
CA ILE D 71 49.20 27.45 -6.63
C ILE D 71 50.70 27.80 -6.72
N LEU D 72 51.08 28.80 -5.94
CA LEU D 72 52.47 29.08 -5.53
C LEU D 72 53.65 29.19 -6.55
N PRO D 73 54.85 28.62 -6.21
CA PRO D 73 56.13 28.99 -6.87
C PRO D 73 56.42 28.29 -8.22
N PRO D 74 57.19 28.95 -9.13
CA PRO D 74 57.36 28.53 -10.53
C PRO D 74 57.16 27.04 -10.75
N CYS D 75 56.17 26.74 -11.59
CA CYS D 75 55.68 25.39 -11.97
C CYS D 75 55.17 24.52 -10.80
N ARG D 76 55.30 25.07 -9.59
CA ARG D 76 54.78 24.47 -8.37
C ARG D 76 55.04 22.98 -8.25
N SER D 77 56.26 22.65 -7.86
CA SER D 77 56.57 21.35 -7.31
C SER D 77 56.18 21.37 -5.85
N ILE D 78 55.49 20.35 -5.36
CA ILE D 78 55.00 20.37 -3.98
C ILE D 78 56.10 20.77 -3.00
N VAL D 79 57.31 20.28 -3.22
CA VAL D 79 58.42 20.60 -2.32
C VAL D 79 58.64 22.09 -2.28
N ARG D 80 58.65 22.71 -3.47
CA ARG D 80 58.83 24.16 -3.62
C ARG D 80 57.72 24.91 -2.88
N THR D 81 56.50 24.39 -2.99
CA THR D 81 55.33 24.99 -2.36
C THR D 81 55.37 24.83 -0.85
N LEU D 82 55.69 23.63 -0.37
CA LEU D 82 55.77 23.34 1.06
C LEU D 82 56.82 24.18 1.76
N HIS D 83 57.98 24.29 1.14
CA HIS D 83 59.00 25.07 1.76
C HIS D 83 58.59 26.53 1.79
N GLN D 84 58.00 27.00 0.69
CA GLN D 84 57.49 28.36 0.66
C GLN D 84 56.56 28.64 1.85
N HIS D 85 55.61 27.74 2.07
CA HIS D 85 54.70 27.82 3.21
C HIS D 85 55.49 27.90 4.51
N LYS D 86 56.60 27.15 4.60
CA LYS D 86 57.45 27.10 5.79
C LYS D 86 58.06 28.46 6.09
N LEU D 87 58.46 29.17 5.04
CA LEU D 87 59.18 30.46 5.13
C LEU D 87 58.29 31.63 5.49
N GLY D 88 56.98 31.44 5.38
CA GLY D 88 56.03 32.48 5.72
C GLY D 88 55.55 33.12 4.46
N ARG D 89 56.25 32.83 3.36
CA ARG D 89 56.03 33.47 2.08
C ARG D 89 54.82 32.90 1.31
N ALA D 90 54.08 31.96 1.87
CA ALA D 90 53.03 31.32 1.07
C ALA D 90 51.66 31.26 1.74
N SER D 91 50.70 31.96 1.14
CA SER D 91 49.29 31.95 1.56
C SER D 91 48.86 30.50 1.81
N TRP D 92 48.23 30.20 2.94
CA TRP D 92 47.76 28.84 3.16
C TRP D 92 46.84 28.39 2.02
N PRO D 93 45.79 29.19 1.71
CA PRO D 93 44.99 28.88 0.54
C PRO D 93 45.79 28.45 -0.72
N SER D 94 47.04 28.92 -0.85
CA SER D 94 47.88 28.49 -1.97
C SER D 94 48.41 27.10 -1.74
N VAL D 95 49.07 26.90 -0.61
CA VAL D 95 49.52 25.59 -0.15
C VAL D 95 48.40 24.57 -0.27
N GLN D 96 47.23 24.98 0.24
CA GLN D 96 46.00 24.24 0.06
C GLN D 96 45.85 23.68 -1.37
N GLN D 97 45.87 24.58 -2.34
CA GLN D 97 45.65 24.21 -3.70
C GLN D 97 46.72 23.23 -4.14
N GLY D 98 47.94 23.44 -3.68
CA GLY D 98 49.05 22.52 -3.99
C GLY D 98 48.82 21.10 -3.52
N LEU D 99 48.42 20.98 -2.25
CA LEU D 99 47.96 19.71 -1.72
C LEU D 99 46.81 19.15 -2.56
N GLN D 100 45.82 20.00 -2.89
CA GLN D 100 44.66 19.57 -3.66
C GLN D 100 45.08 18.91 -4.95
N GLN D 101 46.10 19.49 -5.55
CA GLN D 101 46.62 18.95 -6.78
C GLN D 101 47.30 17.63 -6.47
N SER D 102 48.11 17.62 -5.43
CA SER D 102 48.82 16.42 -5.02
C SER D 102 47.81 15.28 -4.78
N PHE D 103 46.68 15.63 -4.17
CA PHE D 103 45.59 14.68 -3.97
C PHE D 103 45.06 14.23 -5.30
N LEU D 104 44.66 15.20 -6.13
CA LEU D 104 44.05 14.88 -7.41
C LEU D 104 44.90 13.87 -8.18
N HIS D 105 46.21 13.96 -8.00
CA HIS D 105 47.13 13.03 -8.64
C HIS D 105 47.04 11.62 -8.08
N THR D 106 47.04 11.53 -6.75
CA THR D 106 46.88 10.24 -6.07
C THR D 106 45.55 9.63 -6.45
N LEU D 107 44.55 10.48 -6.75
CA LEU D 107 43.21 10.03 -7.11
C LEU D 107 43.15 9.30 -8.45
N ASP D 108 44.15 9.55 -9.30
CA ASP D 108 44.27 8.78 -10.55
C ASP D 108 44.67 7.33 -10.29
N SER D 109 45.44 7.10 -9.22
CA SER D 109 45.80 5.75 -8.79
C SER D 109 44.83 5.14 -7.75
N TYR D 110 43.87 5.94 -7.27
CA TYR D 110 42.71 5.45 -6.49
C TYR D 110 41.97 4.44 -7.32
N ARG D 111 42.23 4.50 -8.63
CA ARG D 111 41.58 3.67 -9.64
C ARG D 111 41.20 2.27 -9.14
N ILE D 112 41.83 1.82 -8.06
CA ILE D 112 41.53 0.49 -7.54
C ILE D 112 40.37 0.53 -6.53
N LEU D 113 39.37 -0.31 -6.81
CA LEU D 113 38.32 -0.63 -5.86
C LEU D 113 38.83 -1.68 -4.90
N GLN D 114 39.33 -1.24 -3.74
CA GLN D 114 39.84 -2.19 -2.78
C GLN D 114 38.76 -2.47 -1.75
N LYS D 115 37.84 -3.40 -2.09
CA LYS D 115 36.63 -3.78 -1.33
C LYS D 115 35.33 -3.37 -2.07
N ALA D 116 34.53 -4.37 -2.41
CA ALA D 116 33.21 -4.21 -3.02
C ALA D 116 32.24 -5.09 -2.26
N ALA D 117 30.95 -4.78 -2.32
CA ALA D 117 29.94 -5.57 -1.62
C ALA D 117 28.53 -5.19 -2.07
N PRO D 118 27.53 -6.07 -1.82
CA PRO D 118 26.13 -5.71 -1.94
C PRO D 118 25.36 -5.82 -0.62
N PHE D 119 24.05 -5.97 -0.75
CA PHE D 119 23.24 -6.67 0.23
C PHE D 119 22.02 -7.23 -0.50
N ASP D 120 21.17 -6.32 -0.99
CA ASP D 120 20.01 -6.67 -1.83
C ASP D 120 19.15 -5.46 -2.17
N ARG D 121 18.21 -5.67 -3.11
CA ARG D 121 17.16 -4.71 -3.45
C ARG D 121 17.71 -3.50 -4.23
N ARG D 122 18.50 -2.65 -3.56
CA ARG D 122 19.09 -1.43 -4.13
C ARG D 122 19.56 -0.50 -3.03
N ALA D 123 20.67 0.20 -3.28
CA ALA D 123 21.20 1.16 -2.33
C ALA D 123 20.45 2.47 -2.48
N THR D 124 20.16 3.10 -1.35
CA THR D 124 19.41 4.36 -1.37
C THR D 124 19.92 5.45 -0.45
N SER D 125 20.76 5.09 0.52
CA SER D 125 21.27 6.05 1.49
C SER D 125 22.67 5.70 1.96
N LEU D 126 23.56 6.68 1.97
CA LEU D 126 24.95 6.44 2.35
C LEU D 126 25.38 7.39 3.46
N ALA D 127 26.02 6.86 4.51
CA ALA D 127 26.58 7.69 5.59
C ALA D 127 27.95 7.19 5.97
N TRP D 128 28.90 8.10 6.12
CA TRP D 128 30.21 7.75 6.58
C TRP D 128 30.24 7.93 8.08
N HIS D 129 30.80 6.97 8.82
CA HIS D 129 30.93 7.17 10.25
C HIS D 129 31.76 8.42 10.44
N PRO D 130 31.29 9.32 11.31
CA PRO D 130 31.89 10.65 11.53
C PRO D 130 33.37 10.65 11.92
N THR D 131 33.84 9.53 12.47
CA THR D 131 35.18 9.46 13.02
C THR D 131 36.01 8.34 12.41
N HIS D 132 35.52 7.11 12.47
CA HIS D 132 36.30 6.00 11.93
C HIS D 132 36.36 6.13 10.42
N PRO D 133 37.57 6.07 9.87
CA PRO D 133 37.76 6.22 8.44
C PRO D 133 37.57 4.88 7.71
N SER D 134 36.91 3.94 8.39
CA SER D 134 36.56 2.64 7.83
C SER D 134 35.08 2.32 7.90
N THR D 135 34.41 2.90 8.90
CA THR D 135 33.02 2.59 9.14
C THR D 135 32.10 3.36 8.20
N VAL D 136 31.21 2.63 7.56
CA VAL D 136 30.24 3.16 6.60
C VAL D 136 28.85 2.57 6.86
N ALA D 137 27.81 3.42 6.90
CA ALA D 137 26.42 2.95 6.92
C ALA D 137 25.80 3.05 5.52
N VAL D 138 24.97 2.06 5.17
CA VAL D 138 24.31 2.04 3.87
C VAL D 138 22.86 1.67 4.00
N GLY D 139 21.99 2.40 3.31
CA GLY D 139 20.53 2.20 3.37
C GLY D 139 20.00 1.54 2.12
N SER D 140 18.84 0.89 2.23
CA SER D 140 18.26 0.14 1.10
C SER D 140 16.81 0.50 0.80
N LYS D 141 16.45 0.46 -0.48
CA LYS D 141 15.05 0.59 -0.94
C LYS D 141 14.15 -0.37 -0.20
N GLY D 142 14.72 -1.50 0.21
CA GLY D 142 14.01 -2.53 0.98
C GLY D 142 13.76 -2.10 2.41
N GLY D 143 14.79 -1.53 3.04
CA GLY D 143 14.71 -1.17 4.44
C GLY D 143 15.94 -1.65 5.18
N ASP D 144 16.90 -2.13 4.41
CA ASP D 144 18.12 -2.68 4.96
C ASP D 144 19.07 -1.61 5.44
N ILE D 145 19.75 -1.90 6.54
CA ILE D 145 20.84 -1.07 7.02
C ILE D 145 22.06 -1.95 7.21
N MET D 146 23.15 -1.58 6.55
CA MET D 146 24.44 -2.24 6.75
C MET D 146 25.40 -1.28 7.44
N LEU D 147 25.96 -1.72 8.55
CA LEU D 147 27.02 -0.99 9.21
C LEU D 147 28.31 -1.74 8.89
N TRP D 148 29.03 -1.22 7.91
CA TRP D 148 30.19 -1.92 7.37
C TRP D 148 31.49 -1.19 7.61
N ASN D 149 32.29 -1.78 8.47
CA ASN D 149 33.68 -1.40 8.63
C ASN D 149 34.50 -2.35 7.76
N PHE D 150 34.93 -1.86 6.61
CA PHE D 150 35.86 -2.61 5.76
C PHE D 150 37.20 -2.48 6.45
N GLY D 151 38.20 -3.21 5.96
CA GLY D 151 39.49 -3.28 6.63
C GLY D 151 39.34 -3.91 8.01
N ILE D 152 38.41 -4.85 8.11
CA ILE D 152 38.21 -5.60 9.34
C ILE D 152 37.74 -7.02 9.07
N LYS D 153 37.09 -7.25 7.92
CA LYS D 153 36.67 -8.62 7.49
C LYS D 153 35.80 -9.32 8.53
N ASP D 154 34.76 -8.63 8.99
CA ASP D 154 34.11 -9.01 10.24
C ASP D 154 32.59 -9.14 10.13
N LYS D 155 32.07 -9.27 8.90
CA LYS D 155 30.64 -9.48 8.67
C LYS D 155 29.82 -8.31 9.19
N PRO D 156 29.56 -7.30 8.33
CA PRO D 156 28.88 -6.06 8.70
C PRO D 156 27.63 -6.27 9.55
N THR D 157 27.43 -5.42 10.56
CA THR D 157 26.19 -5.43 11.34
C THR D 157 25.06 -5.15 10.37
N PHE D 158 23.96 -5.87 10.53
CA PHE D 158 22.89 -5.84 9.57
C PHE D 158 21.51 -5.69 10.24
N ILE D 159 20.67 -4.86 9.62
CA ILE D 159 19.25 -4.77 9.96
C ILE D 159 18.49 -5.05 8.67
N LYS D 160 17.61 -6.06 8.68
CA LYS D 160 16.76 -6.25 7.50
C LYS D 160 15.46 -5.50 7.69
N GLY D 161 15.04 -4.79 6.65
CA GLY D 161 13.84 -3.97 6.73
C GLY D 161 12.65 -4.62 6.07
N ILE D 162 11.54 -3.89 6.03
CA ILE D 162 10.28 -4.34 5.43
C ILE D 162 10.50 -5.02 4.09
N GLY D 163 11.11 -4.30 3.15
CA GLY D 163 11.34 -4.80 1.81
C GLY D 163 10.25 -4.34 0.88
N ALA D 164 9.01 -4.28 1.40
CA ALA D 164 7.85 -3.83 0.63
C ALA D 164 7.98 -2.33 0.37
N GLY D 165 7.43 -1.52 1.28
CA GLY D 165 7.74 -0.09 1.28
C GLY D 165 9.09 0.00 1.95
N GLY D 166 9.18 0.81 2.99
CA GLY D 166 10.34 0.81 3.90
C GLY D 166 11.71 1.24 3.40
N SER D 167 11.80 1.74 2.16
CA SER D 167 13.05 2.29 1.67
C SER D 167 13.66 3.24 2.70
N ILE D 168 14.99 3.22 2.84
CA ILE D 168 15.67 4.23 3.64
C ILE D 168 15.98 5.36 2.70
N THR D 169 15.24 6.46 2.85
CA THR D 169 15.40 7.60 1.99
C THR D 169 16.40 8.58 2.59
N GLY D 170 16.83 8.32 3.82
CA GLY D 170 17.92 9.11 4.37
C GLY D 170 18.49 8.54 5.65
N LEU D 171 19.82 8.58 5.79
CA LEU D 171 20.45 8.17 7.05
C LEU D 171 21.74 8.91 7.43
N LYS D 172 21.71 9.56 8.59
CA LYS D 172 22.91 10.16 9.21
C LYS D 172 23.19 9.42 10.54
N PHE D 173 24.46 9.23 10.88
CA PHE D 173 24.85 8.67 12.18
C PHE D 173 24.41 9.61 13.28
N ASN D 174 24.08 9.05 14.45
CA ASN D 174 23.74 9.88 15.59
C ASN D 174 24.99 10.54 16.12
N PRO D 175 25.12 11.87 15.91
CA PRO D 175 26.38 12.53 16.22
C PRO D 175 26.73 12.33 17.68
N LEU D 176 25.73 12.39 18.55
CA LEU D 176 25.97 12.27 19.98
C LEU D 176 26.30 10.84 20.41
N ASN D 177 25.88 9.86 19.62
CA ASN D 177 26.22 8.45 19.87
C ASN D 177 26.22 7.59 18.61
N THR D 178 27.42 7.23 18.16
CA THR D 178 27.58 6.60 16.86
C THR D 178 27.23 5.11 16.84
N ASN D 179 26.73 4.59 17.96
CA ASN D 179 26.15 3.25 17.96
C ASN D 179 24.72 3.30 17.43
N GLN D 180 24.24 4.53 17.23
CA GLN D 180 22.89 4.80 16.77
C GLN D 180 22.91 5.63 15.50
N PHE D 181 21.83 5.54 14.73
CA PHE D 181 21.66 6.35 13.53
C PHE D 181 20.24 6.93 13.46
N TYR D 182 20.06 7.94 12.62
CA TYR D 182 18.74 8.42 12.30
C TYR D 182 18.36 7.85 10.93
N ALA D 183 17.07 7.78 10.63
CA ALA D 183 16.60 7.29 9.32
C ALA D 183 15.31 7.93 8.80
N SER D 184 15.30 8.25 7.50
CA SER D 184 14.11 8.70 6.81
C SER D 184 13.56 7.51 6.07
N SER D 185 12.45 6.97 6.56
CA SER D 185 11.87 5.75 5.99
C SER D 185 10.59 5.99 5.19
N MET D 186 10.46 5.19 4.15
CA MET D 186 9.27 5.20 3.33
C MET D 186 8.11 4.56 4.07
N GLU D 187 8.39 3.97 5.24
CA GLU D 187 7.32 3.51 6.14
C GLU D 187 6.59 4.70 6.75
N GLY D 188 7.21 5.88 6.65
CA GLY D 188 6.60 7.10 7.16
C GLY D 188 7.12 7.46 8.55
N THR D 189 8.34 7.03 8.86
CA THR D 189 8.94 7.33 10.15
C THR D 189 10.38 7.79 10.01
N THR D 190 10.75 8.71 10.88
CA THR D 190 12.13 9.10 11.07
C THR D 190 12.53 8.52 12.41
N ARG D 191 13.18 7.37 12.36
CA ARG D 191 13.53 6.61 13.56
C ARG D 191 14.85 7.15 14.06
N LEU D 192 15.06 7.07 15.37
CA LEU D 192 16.40 7.09 15.91
C LEU D 192 16.60 5.68 16.42
N GLN D 193 17.62 5.00 15.89
CA GLN D 193 17.72 3.56 16.03
C GLN D 193 19.16 3.11 16.22
N ASP D 194 19.33 2.06 17.01
CA ASP D 194 20.62 1.43 17.19
C ASP D 194 20.90 0.48 16.03
N PHE D 195 22.17 0.33 15.68
CA PHE D 195 22.59 -0.58 14.59
C PHE D 195 22.34 -2.04 14.94
N LYS D 196 22.31 -2.35 16.24
CA LYS D 196 21.82 -3.61 16.73
C LYS D 196 20.29 -3.52 16.71
N GLY D 197 19.76 -3.38 15.49
CA GLY D 197 18.33 -3.24 15.16
C GLY D 197 17.21 -3.06 16.18
N ASN D 198 17.22 -1.94 16.89
CA ASN D 198 16.13 -1.61 17.82
C ASN D 198 15.95 -0.11 18.03
N ILE D 199 14.73 0.37 17.83
CA ILE D 199 14.44 1.79 17.93
C ILE D 199 14.64 2.34 19.35
N LEU D 200 14.83 3.65 19.44
CA LEU D 200 14.88 4.36 20.72
C LEU D 200 13.72 5.34 20.87
N ARG D 201 13.48 6.14 19.83
CA ARG D 201 12.25 6.92 19.70
C ARG D 201 11.98 7.35 18.26
N VAL D 202 10.78 7.06 17.78
CA VAL D 202 10.33 7.52 16.47
C VAL D 202 10.16 9.03 16.55
N PHE D 203 11.06 9.77 15.90
CA PHE D 203 11.02 11.22 15.96
C PHE D 203 9.83 11.82 15.23
N ALA D 204 9.39 11.13 14.17
CA ALA D 204 8.18 11.53 13.48
C ALA D 204 7.56 10.35 12.78
N SER D 205 6.23 10.24 12.86
CA SER D 205 5.46 9.30 12.04
C SER D 205 4.39 10.02 11.24
N SER D 206 3.91 9.38 10.18
CA SER D 206 3.17 10.03 9.08
C SER D 206 1.78 10.56 9.45
N ASP D 207 0.93 9.66 9.94
CA ASP D 207 -0.48 9.91 10.29
C ASP D 207 -1.48 9.75 9.11
N THR D 208 -1.00 9.89 7.88
CA THR D 208 -1.75 9.46 6.69
C THR D 208 -0.84 8.51 5.91
N ILE D 209 -1.40 7.43 5.39
CA ILE D 209 -0.62 6.60 4.47
C ILE D 209 -0.43 7.38 3.16
N ASN D 210 0.60 7.02 2.41
CA ASN D 210 1.01 7.73 1.20
C ASN D 210 1.84 8.97 1.52
N ILE D 211 1.81 9.38 2.78
CA ILE D 211 2.75 10.40 3.27
C ILE D 211 3.87 9.72 4.05
N TRP D 212 5.10 9.79 3.53
CA TRP D 212 6.28 9.30 4.22
C TRP D 212 7.40 10.33 4.16
N PHE D 213 8.55 10.03 4.77
CA PHE D 213 9.68 10.97 4.85
C PHE D 213 10.79 10.69 3.88
N CYS D 214 11.32 11.73 3.26
CA CYS D 214 12.22 11.57 2.16
C CYS D 214 13.66 11.95 2.44
N SER D 215 13.87 12.81 3.42
CA SER D 215 15.16 13.47 3.63
C SER D 215 15.32 13.86 5.07
N LEU D 216 16.48 13.84 5.63
CA LEU D 216 16.98 13.91 7.00
C LEU D 216 18.23 14.77 7.09
N ASP D 217 18.41 15.52 8.16
CA ASP D 217 19.74 15.90 8.59
C ASP D 217 19.73 16.18 10.08
N VAL D 218 20.86 16.01 10.76
CA VAL D 218 20.96 16.27 12.21
C VAL D 218 22.15 17.15 12.52
N SER D 219 22.03 17.99 13.53
CA SER D 219 23.15 18.83 13.96
C SER D 219 23.42 18.64 15.43
N ALA D 220 24.56 18.03 15.74
CA ALA D 220 24.98 17.80 17.12
C ALA D 220 25.00 19.11 17.90
N SER D 221 25.50 20.13 17.21
CA SER D 221 25.78 21.44 17.78
C SER D 221 24.56 22.20 18.29
N SER D 222 23.51 22.27 17.47
CA SER D 222 22.26 22.94 17.84
C SER D 222 21.25 21.93 18.39
N ARG D 223 21.64 20.65 18.35
CA ARG D 223 20.84 19.51 18.83
C ARG D 223 19.47 19.38 18.16
N MET D 224 19.49 19.53 16.84
CA MET D 224 18.27 19.57 16.03
C MET D 224 18.14 18.33 15.14
N VAL D 225 16.91 18.09 14.67
CA VAL D 225 16.65 17.04 13.68
C VAL D 225 15.61 17.59 12.71
N VAL D 226 15.94 17.61 11.42
CA VAL D 226 15.00 18.03 10.36
C VAL D 226 14.65 16.91 9.39
N THR D 227 13.36 16.70 9.12
CA THR D 227 12.95 15.72 8.12
C THR D 227 12.01 16.34 7.11
N GLY D 228 12.20 15.98 5.84
CA GLY D 228 11.30 16.38 4.78
C GLY D 228 10.42 15.22 4.38
N ASP D 229 9.10 15.44 4.36
CA ASP D 229 8.18 14.43 3.86
C ASP D 229 8.00 14.54 2.34
N ASN D 230 7.30 13.59 1.76
CA ASN D 230 7.20 13.50 0.31
C ASN D 230 6.16 14.43 -0.29
N VAL D 231 5.52 15.22 0.57
CA VAL D 231 4.45 16.13 0.13
C VAL D 231 4.98 17.56 0.06
N GLY D 232 5.94 17.88 0.93
CA GLY D 232 6.51 19.19 0.95
C GLY D 232 6.70 19.69 2.36
N ASN D 233 6.12 18.98 3.33
CA ASN D 233 6.26 19.39 4.72
C ASN D 233 7.66 19.13 5.24
N VAL D 234 8.10 20.01 6.14
CA VAL D 234 9.36 19.85 6.83
C VAL D 234 9.10 19.97 8.33
N ILE D 235 9.43 18.92 9.09
CA ILE D 235 9.35 18.99 10.55
C ILE D 235 10.73 19.23 11.12
N LEU D 236 10.78 20.01 12.20
CA LEU D 236 12.02 20.30 12.90
C LEU D 236 11.84 19.90 14.35
N LEU D 237 12.75 19.05 14.82
CA LEU D 237 12.69 18.51 16.16
C LEU D 237 14.00 18.76 16.91
N ASN D 238 13.89 18.90 18.22
CA ASN D 238 15.03 18.89 19.11
C ASN D 238 15.26 17.44 19.48
N MET D 239 16.48 17.11 19.88
CA MET D 239 16.88 15.71 20.00
C MET D 239 16.20 14.93 21.13
N ASP D 240 15.32 15.58 21.87
CA ASP D 240 14.44 14.87 22.78
C ASP D 240 13.23 14.35 22.02
N GLY D 241 12.76 15.15 21.07
CA GLY D 241 11.70 14.74 20.16
C GLY D 241 10.58 15.75 20.03
N LYS D 242 10.77 16.94 20.61
CA LYS D 242 9.72 17.97 20.63
C LYS D 242 9.67 18.70 19.30
N GLU D 243 8.47 18.80 18.74
CA GLU D 243 8.26 19.49 17.47
C GLU D 243 8.34 20.99 17.63
N LEU D 244 9.02 21.63 16.70
CA LEU D 244 9.08 23.07 16.68
C LEU D 244 8.51 23.58 15.36
N TRP D 245 8.49 22.69 14.37
CA TRP D 245 8.08 23.01 13.02
C TRP D 245 6.94 22.12 12.60
N ASN D 246 6.36 22.46 11.44
CA ASN D 246 5.67 21.50 10.60
C ASN D 246 5.28 22.13 9.27
N LEU D 247 5.31 23.46 9.22
CA LEU D 247 4.89 24.21 8.02
C LEU D 247 5.35 23.58 6.71
N ARG D 248 4.43 23.54 5.75
CA ARG D 248 4.66 22.96 4.45
C ARG D 248 5.53 23.89 3.64
N MET D 249 6.84 23.72 3.78
CA MET D 249 7.83 24.61 3.18
C MET D 249 7.93 24.51 1.67
N HIS D 250 7.58 23.34 1.15
CA HIS D 250 7.62 23.05 -0.29
C HIS D 250 6.29 22.50 -0.75
N LYS D 251 6.03 22.63 -2.05
CA LYS D 251 4.76 22.19 -2.61
C LYS D 251 4.79 20.71 -3.02
N LYS D 252 5.99 20.16 -3.17
CA LYS D 252 6.14 18.75 -3.54
C LYS D 252 7.21 18.09 -2.69
N LYS D 253 7.49 16.81 -2.97
CA LYS D 253 8.44 15.99 -2.22
C LYS D 253 9.71 16.78 -1.88
N VAL D 254 10.07 16.82 -0.59
CA VAL D 254 11.31 17.45 -0.16
C VAL D 254 12.42 16.42 -0.30
N THR D 255 13.19 16.52 -1.37
CA THR D 255 14.22 15.52 -1.66
C THR D 255 15.38 15.53 -0.67
N HIS D 256 15.81 16.72 -0.26
CA HIS D 256 17.03 16.87 0.51
C HIS D 256 16.93 18.02 1.50
N VAL D 257 17.31 17.73 2.73
CA VAL D 257 17.35 18.70 3.80
C VAL D 257 18.76 18.73 4.40
N ALA D 258 19.31 19.93 4.56
CA ALA D 258 20.66 20.02 5.08
C ALA D 258 20.84 21.32 5.82
N LEU D 259 21.21 21.25 7.08
CA LEU D 259 21.44 22.46 7.86
C LEU D 259 22.94 22.74 8.00
N ASN D 260 23.28 24.02 7.85
CA ASN D 260 24.65 24.55 7.75
C ASN D 260 25.65 24.11 8.81
N PRO D 261 26.80 23.55 8.38
CA PRO D 261 27.84 23.11 9.30
C PRO D 261 28.40 24.20 10.19
N CYS D 262 28.40 25.45 9.73
CA CYS D 262 29.06 26.54 10.49
C CYS D 262 28.14 27.57 11.05
N CYS D 263 26.84 27.39 10.83
CA CYS D 263 25.84 28.35 11.29
C CYS D 263 24.54 27.69 11.75
N ASP D 264 24.53 27.28 13.01
CA ASP D 264 23.54 26.36 13.58
C ASP D 264 22.15 26.38 12.99
N TRP D 265 21.66 27.59 12.72
CA TRP D 265 20.27 27.81 12.40
C TRP D 265 20.00 28.17 10.95
N PHE D 266 20.84 27.67 10.05
CA PHE D 266 20.82 28.07 8.66
C PHE D 266 20.50 26.86 7.80
N LEU D 267 19.24 26.66 7.49
CA LEU D 267 18.74 25.45 6.83
C LEU D 267 18.55 25.58 5.31
N ALA D 268 19.07 24.61 4.56
CA ALA D 268 18.79 24.54 3.13
C ALA D 268 17.88 23.36 2.79
N THR D 269 16.79 23.63 2.06
CA THR D 269 15.84 22.60 1.73
C THR D 269 15.65 22.57 0.25
N ALA D 270 15.82 21.39 -0.34
CA ALA D 270 15.62 21.19 -1.76
C ALA D 270 14.43 20.29 -2.04
N SER D 271 13.66 20.60 -3.09
CA SER D 271 12.45 19.85 -3.41
C SER D 271 12.19 19.60 -4.90
N VAL D 272 11.28 18.65 -5.15
CA VAL D 272 10.78 18.30 -6.47
C VAL D 272 10.06 19.51 -7.12
N ASP D 273 9.63 20.46 -6.28
CA ASP D 273 8.98 21.70 -6.73
C ASP D 273 9.96 22.63 -7.46
N GLN D 274 11.13 22.08 -7.80
CA GLN D 274 12.15 22.73 -8.60
C GLN D 274 12.77 23.95 -7.94
N THR D 275 12.68 24.01 -6.61
CA THR D 275 13.35 25.06 -5.84
C THR D 275 14.28 24.51 -4.75
N VAL D 276 15.20 25.36 -4.31
CA VAL D 276 15.96 25.12 -3.10
C VAL D 276 15.70 26.34 -2.21
N LYS D 277 15.31 26.09 -0.98
CA LYS D 277 14.96 27.14 -0.07
C LYS D 277 15.98 27.22 1.05
N ILE D 278 16.21 28.43 1.53
CA ILE D 278 17.13 28.69 2.61
C ILE D 278 16.41 29.41 3.73
N TRP D 279 16.59 28.93 4.95
CA TRP D 279 15.76 29.32 6.06
C TRP D 279 16.61 29.72 7.23
N ASP D 280 16.00 30.42 8.19
CA ASP D 280 16.58 30.69 9.49
C ASP D 280 15.62 30.11 10.53
N LEU D 281 16.05 29.11 11.28
CA LEU D 281 15.12 28.50 12.22
C LEU D 281 14.83 29.37 13.45
N ARG D 282 15.88 29.86 14.08
CA ARG D 282 15.70 30.68 15.27
C ARG D 282 14.92 31.97 15.00
N GLN D 283 15.07 32.52 13.79
CA GLN D 283 14.47 33.83 13.45
C GLN D 283 13.09 33.71 12.78
N VAL D 284 13.03 32.93 11.71
CA VAL D 284 11.81 32.79 10.92
C VAL D 284 11.17 31.40 11.06
N ARG D 285 10.58 31.18 12.24
CA ARG D 285 9.64 30.10 12.43
C ARG D 285 8.35 30.49 11.70
N GLY D 286 7.97 31.77 11.83
CA GLY D 286 6.75 32.37 11.28
C GLY D 286 6.31 31.93 9.89
N LYS D 287 5.53 30.84 9.86
CA LYS D 287 4.80 30.29 8.69
C LYS D 287 5.42 30.44 7.29
N ALA D 288 6.04 29.36 6.79
CA ALA D 288 6.53 29.24 5.40
C ALA D 288 7.02 30.53 4.70
N SER D 289 7.92 31.27 5.38
CA SER D 289 8.45 32.55 4.87
C SER D 289 9.97 32.69 5.05
N PHE D 290 10.69 31.76 4.44
CA PHE D 290 12.15 31.68 4.30
C PHE D 290 13.00 32.95 4.11
N LEU D 291 14.18 32.75 3.50
CA LEU D 291 15.19 33.79 3.27
C LEU D 291 15.59 33.90 1.81
N TYR D 292 15.74 32.75 1.16
CA TYR D 292 15.99 32.70 -0.28
C TYR D 292 15.34 31.47 -0.85
N SER D 293 14.93 31.56 -2.12
CA SER D 293 14.41 30.42 -2.84
C SER D 293 15.08 30.44 -4.18
N LEU D 294 15.76 29.35 -4.51
CA LEU D 294 16.54 29.26 -5.75
C LEU D 294 15.78 28.44 -6.81
N PRO D 295 15.50 29.07 -7.98
CA PRO D 295 14.75 28.38 -9.02
C PRO D 295 15.66 27.46 -9.85
N HIS D 296 15.14 26.31 -10.30
CA HIS D 296 15.92 25.35 -11.11
C HIS D 296 15.21 24.89 -12.37
N ARG D 297 16.01 24.50 -13.38
CA ARG D 297 15.50 24.02 -14.68
C ARG D 297 14.57 22.83 -14.43
N HIS D 298 14.93 21.97 -13.48
CA HIS D 298 14.13 20.78 -13.19
C HIS D 298 13.94 20.55 -11.68
N PRO D 299 13.40 19.36 -11.28
CA PRO D 299 13.32 18.99 -9.85
C PRO D 299 14.72 18.89 -9.22
N VAL D 300 14.82 19.19 -7.94
CA VAL D 300 16.15 19.18 -7.32
C VAL D 300 16.39 17.91 -6.55
N ASN D 301 17.47 17.21 -6.87
CA ASN D 301 17.77 15.93 -6.24
C ASN D 301 18.45 16.09 -4.90
N ALA D 302 19.28 17.12 -4.79
CA ALA D 302 20.02 17.36 -3.57
C ALA D 302 20.65 18.75 -3.55
N ALA D 303 20.74 19.32 -2.35
CA ALA D 303 21.43 20.58 -2.19
C ALA D 303 22.12 20.52 -0.87
N CYS D 304 23.45 20.41 -0.91
CA CYS D 304 24.17 20.25 0.35
C CYS D 304 25.38 21.17 0.46
N PHE D 305 25.61 21.63 1.70
CA PHE D 305 26.60 22.65 1.99
C PHE D 305 28.03 22.15 1.89
N SER D 306 28.93 23.07 1.59
CA SER D 306 30.34 22.78 1.66
C SER D 306 30.77 22.81 3.12
N PRO D 307 31.78 21.97 3.49
CA PRO D 307 32.31 22.02 4.85
C PRO D 307 32.78 23.44 5.03
N ASP D 308 32.36 24.10 6.10
CA ASP D 308 32.69 25.53 6.31
C ASP D 308 31.50 26.41 6.04
N GLY D 309 30.48 25.84 5.40
CA GLY D 309 29.19 26.53 5.36
C GLY D 309 28.95 27.57 4.28
N ALA D 310 30.02 28.18 3.78
CA ALA D 310 29.90 28.99 2.57
C ALA D 310 29.66 28.02 1.42
N ARG D 311 28.94 28.45 0.39
CA ARG D 311 28.69 27.58 -0.78
C ARG D 311 27.80 26.32 -0.60
N LEU D 312 26.87 26.20 -1.53
CA LEU D 312 25.91 25.16 -1.51
C LEU D 312 26.00 24.46 -2.85
N LEU D 313 25.89 23.14 -2.81
CA LEU D 313 26.04 22.33 -4.00
C LEU D 313 24.68 21.77 -4.43
N THR D 314 24.11 22.42 -5.42
CA THR D 314 22.84 22.00 -5.97
C THR D 314 23.01 20.98 -7.11
N THR D 315 22.32 19.84 -6.99
CA THR D 315 22.28 18.79 -8.04
C THR D 315 20.85 18.61 -8.54
N ASP D 316 20.55 19.09 -9.75
CA ASP D 316 19.18 18.96 -10.27
C ASP D 316 18.89 17.57 -10.83
N GLN D 317 17.69 17.38 -11.34
CA GLN D 317 17.27 16.06 -11.74
C GLN D 317 17.74 15.63 -13.12
N LYS D 318 18.12 16.56 -13.99
CA LYS D 318 18.53 16.16 -15.34
C LYS D 318 20.03 16.29 -15.64
N SER D 319 20.53 17.48 -15.93
CA SER D 319 21.95 17.61 -16.26
C SER D 319 22.58 18.94 -15.84
N GLU D 320 22.26 19.34 -14.61
CA GLU D 320 22.78 20.58 -14.07
C GLU D 320 23.14 20.48 -12.60
N ILE D 321 24.39 20.84 -12.28
CA ILE D 321 24.87 20.99 -10.90
C ILE D 321 25.20 22.46 -10.71
N ARG D 322 24.88 23.01 -9.54
CA ARG D 322 25.15 24.43 -9.26
C ARG D 322 25.87 24.67 -7.94
N VAL D 323 26.75 25.67 -7.94
CA VAL D 323 27.31 26.17 -6.69
C VAL D 323 26.69 27.52 -6.35
N TYR D 324 26.30 27.69 -5.10
CA TYR D 324 25.74 28.94 -4.66
C TYR D 324 26.63 29.45 -3.55
N SER D 325 27.16 30.67 -3.68
CA SER D 325 28.07 31.24 -2.70
C SER D 325 27.36 31.83 -1.49
N ALA D 326 28.03 31.80 -0.34
CA ALA D 326 27.45 32.38 0.86
C ALA D 326 27.29 33.91 0.77
N SER D 327 28.22 34.56 0.08
CA SER D 327 28.16 35.98 -0.19
C SER D 327 27.03 36.35 -1.19
N GLN D 328 26.42 35.33 -1.76
CA GLN D 328 25.18 35.52 -2.48
C GLN D 328 24.10 34.65 -1.87
N TRP D 329 24.03 33.39 -2.33
CA TRP D 329 22.98 32.41 -2.01
C TRP D 329 21.87 32.51 -3.04
N ASP D 330 21.51 33.74 -3.39
CA ASP D 330 20.35 34.02 -4.21
C ASP D 330 20.60 33.53 -5.61
N CYS D 331 21.64 34.06 -6.24
CA CYS D 331 22.00 33.59 -7.56
C CYS D 331 23.21 32.65 -7.49
N PRO D 332 23.36 31.77 -8.51
CA PRO D 332 24.40 30.79 -8.56
C PRO D 332 25.74 31.41 -8.84
N LEU D 333 26.78 30.81 -8.25
CA LEU D 333 28.15 31.17 -8.56
C LEU D 333 28.51 30.67 -9.96
N GLY D 334 28.33 29.37 -10.21
CA GLY D 334 28.60 28.84 -11.52
C GLY D 334 27.51 27.84 -11.84
N LEU D 335 27.58 27.26 -13.03
CA LEU D 335 26.79 26.08 -13.33
C LEU D 335 27.68 25.05 -14.00
N ILE D 336 27.68 23.84 -13.47
CA ILE D 336 28.40 22.74 -14.08
C ILE D 336 27.37 21.88 -14.76
N PRO D 337 27.45 21.78 -16.10
CA PRO D 337 26.58 20.90 -16.85
C PRO D 337 27.11 19.47 -16.78
N HIS D 338 26.23 18.54 -16.41
CA HIS D 338 26.66 17.17 -16.09
C HIS D 338 25.49 16.18 -16.05
N PRO D 339 25.47 15.18 -16.94
CA PRO D 339 24.30 14.32 -17.08
C PRO D 339 24.11 13.45 -15.86
N HIS D 340 22.87 13.36 -15.39
CA HIS D 340 22.52 12.46 -14.28
C HIS D 340 21.07 12.02 -14.29
N ARG D 341 20.24 12.65 -15.11
CA ARG D 341 18.91 12.16 -15.49
C ARG D 341 18.07 11.41 -14.43
N HIS D 342 16.82 11.13 -14.74
CA HIS D 342 15.96 10.31 -13.89
C HIS D 342 15.78 8.98 -14.61
N PHE D 343 15.87 7.88 -13.87
CA PHE D 343 15.55 6.56 -14.44
C PHE D 343 14.61 5.85 -13.48
N GLN D 344 13.99 4.75 -13.92
CA GLN D 344 13.05 4.04 -13.06
C GLN D 344 13.71 3.42 -11.82
N HIS D 345 14.35 2.26 -11.97
CA HIS D 345 14.97 1.60 -10.82
C HIS D 345 16.41 2.13 -10.67
N LEU D 346 16.54 3.46 -10.59
CA LEU D 346 17.82 4.11 -10.32
C LEU D 346 17.69 5.16 -9.22
N THR D 347 18.48 5.01 -8.14
CA THR D 347 18.51 5.98 -7.06
C THR D 347 19.00 7.32 -7.62
N PRO D 348 18.29 8.44 -7.33
CA PRO D 348 18.69 9.71 -7.90
C PRO D 348 20.16 10.05 -7.61
N ILE D 349 20.89 10.43 -8.66
CA ILE D 349 22.26 10.87 -8.51
C ILE D 349 22.34 12.15 -7.62
N LYS D 350 23.33 12.18 -6.74
CA LYS D 350 23.62 13.37 -5.94
C LYS D 350 25.11 13.72 -5.96
N ALA D 351 25.39 15.01 -6.20
CA ALA D 351 26.75 15.57 -6.13
C ALA D 351 27.10 15.92 -4.70
N ALA D 352 28.35 15.67 -4.31
CA ALA D 352 28.77 15.95 -2.93
C ALA D 352 30.15 16.58 -2.88
N TRP D 353 30.44 17.25 -1.76
CA TRP D 353 31.75 17.89 -1.55
C TRP D 353 32.78 16.90 -1.03
N HIS D 354 34.04 17.14 -1.34
CA HIS D 354 35.09 16.42 -0.67
C HIS D 354 35.31 17.11 0.66
N PRO D 355 35.36 16.34 1.75
CA PRO D 355 35.33 16.93 3.09
C PRO D 355 36.46 17.92 3.35
N ARG D 356 37.53 17.85 2.56
CA ARG D 356 38.70 18.63 2.88
C ARG D 356 39.09 19.62 1.80
N TYR D 357 39.36 19.10 0.59
CA TYR D 357 39.77 19.92 -0.57
C TYR D 357 38.56 20.48 -1.27
N ASN D 358 38.77 21.46 -2.14
CA ASN D 358 37.65 22.08 -2.84
C ASN D 358 37.20 21.31 -4.11
N LEU D 359 36.53 20.17 -3.94
CA LEU D 359 36.18 19.29 -5.07
C LEU D 359 34.74 18.78 -5.06
N ILE D 360 34.26 18.39 -6.23
CA ILE D 360 32.92 17.85 -6.30
C ILE D 360 32.91 16.42 -6.89
N VAL D 361 32.25 15.49 -6.19
CA VAL D 361 32.07 14.16 -6.77
C VAL D 361 30.65 13.94 -7.31
N VAL D 362 30.56 13.25 -8.44
CA VAL D 362 29.25 12.82 -8.99
C VAL D 362 29.30 11.58 -9.90
N GLY D 363 28.20 10.85 -9.91
CA GLY D 363 28.06 9.82 -10.90
C GLY D 363 27.62 10.37 -12.24
N ARG D 364 28.40 10.15 -13.28
CA ARG D 364 27.99 10.50 -14.62
C ARG D 364 27.06 9.41 -15.12
N TYR D 365 26.01 9.81 -15.83
CA TYR D 365 25.06 8.91 -16.46
C TYR D 365 24.85 9.32 -17.93
N PRO D 366 25.75 8.85 -18.83
CA PRO D 366 25.75 9.25 -20.23
C PRO D 366 24.35 9.45 -20.80
N ASP D 367 24.18 10.57 -21.51
CA ASP D 367 22.92 10.87 -22.17
C ASP D 367 23.14 11.31 -23.61
N PRO D 368 22.58 10.56 -24.56
CA PRO D 368 22.73 10.86 -25.98
C PRO D 368 22.20 12.23 -26.35
N ASN D 369 21.46 12.86 -25.47
CA ASN D 369 20.89 14.17 -25.76
C ASN D 369 21.63 15.33 -25.11
N PHE D 370 22.40 15.02 -24.08
CA PHE D 370 23.18 16.00 -23.34
C PHE D 370 24.36 16.40 -24.18
N LYS D 371 24.59 17.71 -24.31
CA LYS D 371 25.67 18.27 -25.15
C LYS D 371 27.05 18.02 -24.54
N SER D 372 27.63 16.87 -24.89
CA SER D 372 28.89 16.43 -24.32
C SER D 372 30.02 17.28 -24.84
N CYS D 373 30.87 17.70 -23.91
CA CYS D 373 32.05 18.46 -24.24
C CYS D 373 33.13 17.48 -24.69
N THR D 374 33.28 16.40 -23.92
CA THR D 374 34.21 15.32 -24.22
C THR D 374 33.62 14.40 -25.27
N PRO D 375 34.47 13.85 -26.14
CA PRO D 375 33.97 12.88 -27.11
C PRO D 375 33.72 11.51 -26.48
N TYR D 376 34.26 11.25 -25.28
CA TYR D 376 34.13 9.94 -24.65
C TYR D 376 33.27 9.99 -23.39
N GLU D 377 32.12 9.33 -23.45
CA GLU D 377 31.11 9.43 -22.40
C GLU D 377 30.79 8.09 -21.77
N LEU D 378 31.43 7.78 -20.65
CA LEU D 378 31.24 6.49 -20.00
C LEU D 378 30.52 6.63 -18.66
N ARG D 379 30.21 5.52 -18.02
CA ARG D 379 29.58 5.57 -16.70
C ARG D 379 30.66 5.79 -15.65
N THR D 380 31.29 6.97 -15.75
CA THR D 380 32.43 7.36 -14.90
C THR D 380 31.99 8.09 -13.61
N ILE D 381 32.82 8.04 -12.57
CA ILE D 381 32.68 8.89 -11.40
C ILE D 381 33.44 10.19 -11.67
N ASP D 382 32.70 11.30 -11.75
CA ASP D 382 33.25 12.59 -12.13
C ASP D 382 33.71 13.36 -10.91
N VAL D 383 34.88 14.00 -11.02
CA VAL D 383 35.38 14.89 -9.97
C VAL D 383 35.65 16.26 -10.58
N PHE D 384 34.85 17.24 -10.17
CA PHE D 384 34.98 18.60 -10.69
C PHE D 384 35.76 19.46 -9.75
N ASP D 385 36.33 20.54 -10.29
CA ASP D 385 37.11 21.47 -9.51
C ASP D 385 36.29 22.04 -8.38
N GLY D 386 35.37 22.95 -8.69
CA GLY D 386 34.55 23.55 -7.63
C GLY D 386 34.77 25.03 -7.50
N ASN D 387 35.82 25.53 -8.12
CA ASN D 387 35.91 26.95 -8.40
C ASN D 387 35.90 27.15 -9.90
N SER D 388 36.67 26.37 -10.62
CA SER D 388 36.57 26.35 -12.04
C SER D 388 35.28 25.72 -12.49
N GLY D 389 35.13 24.46 -12.22
CA GLY D 389 33.94 23.76 -12.63
C GLY D 389 34.31 22.69 -13.62
N LYS D 390 35.44 22.04 -13.40
CA LYS D 390 36.30 21.68 -14.46
C LYS D 390 36.68 20.28 -14.25
N MET D 391 36.18 19.38 -15.04
CA MET D 391 36.52 18.03 -14.78
C MET D 391 37.95 17.96 -14.37
N MET D 392 38.22 17.30 -13.27
CA MET D 392 39.52 17.20 -12.65
C MET D 392 39.99 15.80 -12.79
N CYS D 393 39.03 14.90 -12.82
CA CYS D 393 39.25 13.54 -13.31
C CYS D 393 38.04 12.65 -13.15
N GLN D 394 38.18 11.47 -13.72
CA GLN D 394 37.13 10.52 -13.88
C GLN D 394 37.59 9.29 -13.15
N LEU D 395 36.65 8.55 -12.58
CA LEU D 395 36.94 7.28 -11.94
C LEU D 395 36.12 6.17 -12.57
N TYR D 396 36.80 5.16 -13.08
CA TYR D 396 36.13 4.16 -13.88
C TYR D 396 36.84 2.83 -13.81
N ASP D 397 36.11 1.81 -13.43
CA ASP D 397 36.67 0.49 -13.42
C ASP D 397 35.80 -0.33 -14.34
N PRO D 398 36.31 -0.64 -15.54
CA PRO D 398 35.51 -1.55 -16.36
C PRO D 398 35.42 -2.83 -15.58
N GLU D 399 34.38 -3.60 -15.81
CA GLU D 399 34.14 -4.83 -15.05
C GLU D 399 33.63 -4.57 -13.64
N SER D 400 33.40 -3.31 -13.29
CA SER D 400 32.85 -2.99 -11.99
C SER D 400 31.93 -1.76 -12.02
N SER D 401 32.19 -0.87 -12.97
CA SER D 401 31.43 0.36 -13.04
C SER D 401 30.07 0.12 -13.69
N GLY D 402 29.12 0.97 -13.28
CA GLY D 402 27.75 1.07 -13.76
C GLY D 402 27.36 2.47 -13.30
N ILE D 403 26.08 2.80 -13.21
CA ILE D 403 25.75 4.14 -12.76
C ILE D 403 25.91 4.22 -11.24
N SER D 404 26.81 5.10 -10.81
CA SER D 404 27.06 5.34 -9.42
C SER D 404 26.14 6.45 -8.88
N SER D 405 24.98 6.08 -8.34
CA SER D 405 24.06 7.07 -7.78
C SER D 405 24.72 8.00 -6.76
N LEU D 406 25.20 7.40 -5.66
CA LEU D 406 25.78 8.15 -4.55
C LEU D 406 27.30 7.99 -4.46
N ASN D 407 28.01 9.07 -4.11
CA ASN D 407 29.45 9.01 -3.87
C ASN D 407 29.81 9.97 -2.79
N GLU D 408 30.32 9.44 -1.69
CA GLU D 408 30.79 10.24 -0.58
C GLU D 408 32.24 9.93 -0.24
N PHE D 409 32.98 10.97 0.14
CA PHE D 409 34.31 10.76 0.67
C PHE D 409 34.27 10.52 2.18
N ASN D 410 35.36 9.95 2.68
CA ASN D 410 35.64 9.85 4.10
C ASN D 410 35.42 11.11 4.91
N PRO D 411 35.37 10.97 6.24
CA PRO D 411 35.77 12.15 7.00
C PRO D 411 37.13 12.66 6.47
N MET D 412 38.12 11.78 6.35
CA MET D 412 39.48 12.18 5.96
C MET D 412 39.64 12.46 4.49
N GLY D 413 38.67 12.04 3.68
CA GLY D 413 38.78 12.20 2.23
C GLY D 413 40.00 11.50 1.63
N ASP D 414 40.20 10.25 2.04
CA ASP D 414 41.23 9.45 1.44
C ASP D 414 40.66 8.10 1.10
N THR D 415 39.33 8.03 1.06
CA THR D 415 38.65 6.82 0.65
C THR D 415 37.30 7.25 0.08
N LEU D 416 36.91 6.63 -1.03
CA LEU D 416 35.64 6.96 -1.69
C LEU D 416 34.57 5.83 -1.62
N ALA D 417 33.46 6.07 -0.93
CA ALA D 417 32.37 5.11 -0.93
C ALA D 417 31.40 5.38 -2.09
N SER D 418 31.12 4.36 -2.90
CA SER D 418 30.18 4.51 -4.01
C SER D 418 28.97 3.57 -3.93
N ALA D 419 27.79 4.15 -3.76
CA ALA D 419 26.56 3.40 -3.95
C ALA D 419 26.32 3.28 -5.48
N MET D 420 26.72 2.13 -6.01
CA MET D 420 26.60 1.84 -7.43
C MET D 420 25.33 1.07 -7.69
N GLY D 421 24.21 1.77 -7.51
CA GLY D 421 22.88 1.21 -7.74
C GLY D 421 22.61 0.08 -6.77
N TYR D 422 23.16 -1.09 -7.08
CA TYR D 422 22.93 -2.31 -6.32
C TYR D 422 24.14 -2.62 -5.41
N HIS D 423 25.29 -2.04 -5.73
CA HIS D 423 26.56 -2.38 -5.11
C HIS D 423 27.14 -1.28 -4.25
N ILE D 424 28.05 -1.64 -3.36
CA ILE D 424 28.80 -0.66 -2.60
C ILE D 424 30.26 -0.84 -2.92
N LEU D 425 30.87 0.25 -3.37
CA LEU D 425 32.25 0.23 -3.80
C LEU D 425 33.13 1.12 -2.92
N ILE D 426 34.31 0.64 -2.62
CA ILE D 426 35.26 1.38 -1.81
C ILE D 426 36.56 1.63 -2.60
N TRP D 427 36.74 2.88 -3.01
CA TRP D 427 37.88 3.29 -3.83
C TRP D 427 38.97 3.82 -2.93
N SER D 428 40.15 3.25 -3.09
CA SER D 428 41.27 3.61 -2.27
C SER D 428 42.56 3.53 -3.05
N GLN D 429 43.57 4.26 -2.60
CA GLN D 429 44.84 4.21 -3.29
C GLN D 429 45.59 2.90 -3.00
N GLU D 430 46.09 2.29 -4.07
CA GLU D 430 46.90 1.06 -4.00
C GLU D 430 47.34 0.70 -2.57
N MET E 19 13.55 -28.45 -45.14
CA MET E 19 12.74 -29.08 -46.23
C MET E 19 11.29 -28.56 -46.30
N SER E 20 10.58 -29.01 -47.35
CA SER E 20 9.22 -28.58 -47.69
C SER E 20 9.16 -27.43 -48.72
N TYR E 21 9.62 -27.71 -49.93
CA TYR E 21 9.61 -26.70 -50.97
C TYR E 21 8.74 -27.13 -52.13
N ASN E 22 7.98 -26.17 -52.63
CA ASN E 22 6.92 -26.50 -53.54
C ASN E 22 6.96 -25.68 -54.83
N TYR E 23 6.40 -26.28 -55.87
CA TYR E 23 6.40 -25.69 -57.18
C TYR E 23 4.98 -25.76 -57.73
N VAL E 24 4.42 -24.60 -58.09
CA VAL E 24 3.08 -24.54 -58.70
C VAL E 24 3.18 -24.06 -60.14
N VAL E 25 2.69 -24.89 -61.05
CA VAL E 25 2.75 -24.55 -62.47
C VAL E 25 1.43 -24.89 -63.14
N THR E 26 0.93 -23.95 -63.93
CA THR E 26 -0.35 -24.10 -64.60
C THR E 26 -0.25 -25.08 -65.76
N ALA E 27 -0.71 -26.31 -65.57
CA ALA E 27 -1.12 -27.14 -66.71
C ALA E 27 -2.55 -26.70 -66.97
N GLN E 28 -2.93 -26.69 -68.25
CA GLN E 28 -4.15 -25.99 -68.67
C GLN E 28 -4.08 -24.48 -68.36
N LYS E 29 -5.21 -23.90 -67.97
CA LYS E 29 -5.36 -22.46 -67.82
C LYS E 29 -6.85 -22.33 -67.74
N PRO E 30 -7.34 -21.42 -66.90
CA PRO E 30 -8.79 -21.32 -66.73
C PRO E 30 -9.48 -21.26 -68.08
N THR E 31 -10.62 -21.94 -68.20
CA THR E 31 -11.35 -21.95 -69.46
C THR E 31 -12.70 -21.27 -69.35
N ALA E 32 -13.07 -20.94 -68.12
CA ALA E 32 -14.33 -20.25 -67.86
C ALA E 32 -14.25 -18.74 -68.17
N VAL E 33 -15.32 -18.19 -68.74
CA VAL E 33 -15.44 -16.75 -68.98
C VAL E 33 -16.03 -16.05 -67.76
N ASN E 34 -15.28 -15.11 -67.20
CA ASN E 34 -15.71 -14.40 -66.01
C ASN E 34 -16.26 -13.02 -66.35
N GLY E 35 -16.54 -12.85 -67.64
CA GLY E 35 -17.03 -11.57 -68.16
C GLY E 35 -16.40 -11.30 -69.51
N CYS E 36 -17.20 -10.79 -70.45
CA CYS E 36 -16.70 -10.39 -71.76
C CYS E 36 -17.27 -9.04 -72.18
N VAL E 37 -16.39 -8.18 -72.66
CA VAL E 37 -16.76 -6.84 -73.06
C VAL E 37 -16.40 -6.59 -74.52
N THR E 38 -17.17 -5.71 -75.16
CA THR E 38 -16.99 -5.39 -76.57
C THR E 38 -16.68 -3.90 -76.77
N GLY E 39 -16.00 -3.56 -77.86
CA GLY E 39 -15.63 -2.16 -78.14
C GLY E 39 -14.45 -2.01 -79.09
N HIS E 40 -13.82 -0.83 -79.08
CA HIS E 40 -12.76 -0.53 -80.04
C HIS E 40 -11.41 -0.32 -79.37
N PHE E 41 -10.91 -1.40 -78.79
CA PHE E 41 -9.68 -1.36 -78.00
C PHE E 41 -8.41 -1.28 -78.86
N THR E 42 -8.30 -2.20 -79.82
CA THR E 42 -7.14 -2.32 -80.70
C THR E 42 -7.01 -1.13 -81.65
N SER E 43 -8.04 -0.89 -82.45
CA SER E 43 -7.95 0.15 -83.46
C SER E 43 -8.93 1.29 -83.22
N ALA E 44 -10.06 1.23 -83.90
CA ALA E 44 -11.11 2.24 -83.87
C ALA E 44 -12.00 1.82 -85.01
N GLU E 45 -11.37 1.41 -86.11
CA GLU E 45 -12.04 0.78 -87.23
C GLU E 45 -12.32 -0.68 -86.88
N ASP E 46 -11.57 -1.20 -85.92
CA ASP E 46 -11.76 -2.56 -85.41
C ASP E 46 -12.92 -2.66 -84.45
N LEU E 47 -13.66 -3.77 -84.54
CA LEU E 47 -14.53 -4.18 -83.46
C LEU E 47 -13.80 -5.28 -82.70
N ASN E 48 -13.52 -5.02 -81.43
CA ASN E 48 -12.84 -5.98 -80.56
C ASN E 48 -13.77 -6.69 -79.63
N LEU E 49 -13.43 -7.94 -79.32
CA LEU E 49 -14.03 -8.63 -78.20
C LEU E 49 -12.94 -8.95 -77.18
N LEU E 50 -13.21 -8.63 -75.91
CA LEU E 50 -12.27 -8.93 -74.83
C LEU E 50 -12.88 -9.93 -73.87
N ILE E 51 -12.24 -11.08 -73.74
CA ILE E 51 -12.67 -12.10 -72.80
C ILE E 51 -11.77 -12.12 -71.57
N ALA E 52 -12.37 -12.14 -70.37
CA ALA E 52 -11.61 -12.36 -69.14
C ALA E 52 -11.74 -13.79 -68.67
N LYS E 53 -10.62 -14.48 -68.51
CA LYS E 53 -10.65 -15.87 -68.09
C LYS E 53 -10.50 -16.05 -66.58
N ASN E 54 -9.56 -15.33 -66.01
CA ASN E 54 -9.50 -15.18 -64.57
C ASN E 54 -8.36 -14.25 -64.32
N THR E 55 -7.18 -14.71 -64.69
CA THR E 55 -5.98 -13.91 -64.65
C THR E 55 -5.60 -13.59 -66.09
N ARG E 56 -6.41 -14.11 -67.02
CA ARG E 56 -6.12 -14.01 -68.45
C ARG E 56 -7.04 -13.06 -69.17
N LEU E 57 -6.43 -12.18 -69.97
CA LEU E 57 -7.15 -11.28 -70.87
C LEU E 57 -6.90 -11.63 -72.34
N GLU E 58 -7.97 -12.04 -73.03
CA GLU E 58 -7.89 -12.39 -74.44
C GLU E 58 -8.56 -11.34 -75.31
N ILE E 59 -7.76 -10.74 -76.19
CA ILE E 59 -8.25 -9.70 -77.10
C ILE E 59 -8.41 -10.29 -78.50
N TYR E 60 -9.55 -9.97 -79.12
CA TYR E 60 -9.88 -10.49 -80.44
C TYR E 60 -10.38 -9.39 -81.35
N VAL E 61 -10.35 -9.68 -82.65
CA VAL E 61 -11.01 -8.85 -83.65
C VAL E 61 -12.08 -9.69 -84.34
N VAL E 62 -13.24 -9.08 -84.56
CA VAL E 62 -14.36 -9.74 -85.19
C VAL E 62 -14.28 -9.66 -86.71
N THR E 63 -13.97 -10.78 -87.34
CA THR E 63 -13.96 -10.84 -88.79
C THR E 63 -15.33 -11.29 -89.27
N ALA E 64 -15.55 -11.14 -90.58
CA ALA E 64 -16.82 -11.54 -91.23
C ALA E 64 -17.31 -12.95 -90.83
N GLU E 65 -16.36 -13.86 -90.58
CA GLU E 65 -16.66 -15.27 -90.31
C GLU E 65 -16.52 -15.71 -88.84
N GLY E 66 -15.67 -15.03 -88.07
CA GLY E 66 -15.48 -15.36 -86.65
C GLY E 66 -14.64 -14.38 -85.85
N LEU E 67 -13.76 -14.92 -85.00
CA LEU E 67 -12.83 -14.13 -84.22
C LEU E 67 -11.40 -14.36 -84.69
N ARG E 68 -10.59 -13.30 -84.72
CA ARG E 68 -9.16 -13.42 -84.99
C ARG E 68 -8.37 -12.95 -83.77
N PRO E 69 -7.64 -13.88 -83.14
CA PRO E 69 -6.91 -13.63 -81.89
C PRO E 69 -5.68 -12.74 -82.11
N VAL E 70 -5.62 -11.60 -81.42
CA VAL E 70 -4.50 -10.69 -81.58
C VAL E 70 -3.50 -10.82 -80.42
N LYS E 71 -4.00 -10.87 -79.19
CA LYS E 71 -3.14 -10.95 -78.01
C LYS E 71 -3.86 -11.56 -76.78
N GLU E 72 -3.21 -12.51 -76.12
CA GLU E 72 -3.62 -12.96 -74.79
C GLU E 72 -2.58 -12.53 -73.77
N VAL E 73 -3.05 -11.86 -72.73
CA VAL E 73 -2.19 -11.36 -71.68
C VAL E 73 -2.55 -12.02 -70.37
N GLY E 74 -1.54 -12.27 -69.55
CA GLY E 74 -1.74 -12.74 -68.19
C GLY E 74 -1.52 -11.62 -67.21
N MET E 75 -2.39 -11.54 -66.22
CA MET E 75 -2.31 -10.47 -65.23
C MET E 75 -2.05 -11.04 -63.84
N TYR E 76 -1.27 -10.32 -63.04
CA TYR E 76 -1.04 -10.67 -61.65
C TYR E 76 -2.24 -10.26 -60.81
N GLY E 77 -3.38 -10.90 -61.04
CA GLY E 77 -4.62 -10.57 -60.35
C GLY E 77 -5.79 -11.31 -60.93
N LYS E 78 -6.87 -11.44 -60.16
CA LYS E 78 -8.13 -12.00 -60.67
C LYS E 78 -8.92 -10.82 -61.18
N ILE E 79 -9.29 -10.86 -62.45
CA ILE E 79 -9.90 -9.70 -63.08
C ILE E 79 -11.31 -9.61 -62.56
N ALA E 80 -11.61 -8.49 -61.91
CA ALA E 80 -12.91 -8.30 -61.27
C ALA E 80 -13.82 -7.39 -62.08
N VAL E 81 -13.30 -6.22 -62.47
CA VAL E 81 -14.00 -5.32 -63.38
C VAL E 81 -13.18 -5.09 -64.64
N MET E 82 -13.83 -5.25 -65.79
CA MET E 82 -13.17 -5.08 -67.08
C MET E 82 -14.08 -4.27 -67.97
N GLU E 83 -13.78 -2.98 -68.09
CA GLU E 83 -14.62 -2.08 -68.88
C GLU E 83 -13.84 -1.25 -69.89
N LEU E 84 -14.43 -1.12 -71.09
CA LEU E 84 -13.89 -0.25 -72.12
C LEU E 84 -14.55 1.12 -72.08
N PHE E 85 -13.76 2.16 -72.32
CA PHE E 85 -14.24 3.54 -72.28
C PHE E 85 -13.40 4.45 -73.16
N ARG E 86 -14.02 5.51 -73.67
CA ARG E 86 -13.34 6.43 -74.57
C ARG E 86 -13.37 7.84 -74.00
N PRO E 87 -12.23 8.32 -73.49
CA PRO E 87 -12.14 9.72 -73.06
C PRO E 87 -12.05 10.64 -74.28
N LYS E 88 -12.51 11.88 -74.15
CA LYS E 88 -12.38 12.84 -75.26
C LYS E 88 -10.92 13.08 -75.59
N GLY E 89 -10.61 13.12 -76.88
CA GLY E 89 -9.23 13.31 -77.34
C GLY E 89 -8.41 12.03 -77.27
N GLU E 90 -9.08 10.91 -77.49
CA GLU E 90 -8.42 9.61 -77.62
C GLU E 90 -8.95 8.95 -78.89
N SER E 91 -8.02 8.53 -79.75
CA SER E 91 -8.35 7.92 -81.04
C SER E 91 -8.96 6.52 -80.92
N LYS E 92 -8.86 5.90 -79.73
CA LYS E 92 -9.39 4.56 -79.48
C LYS E 92 -9.88 4.38 -78.05
N ASP E 93 -10.64 3.31 -77.82
CA ASP E 93 -11.10 2.92 -76.47
C ASP E 93 -9.95 2.44 -75.61
N LEU E 94 -9.93 2.90 -74.36
CA LEU E 94 -9.02 2.38 -73.34
C LEU E 94 -9.70 1.30 -72.47
N LEU E 95 -8.87 0.54 -71.76
CA LEU E 95 -9.36 -0.51 -70.90
C LEU E 95 -9.16 -0.15 -69.43
N PHE E 96 -10.18 -0.40 -68.61
CA PHE E 96 -10.06 -0.28 -67.16
C PHE E 96 -10.19 -1.65 -66.50
N ILE E 97 -9.18 -2.01 -65.71
CA ILE E 97 -9.19 -3.27 -64.99
C ILE E 97 -9.14 -3.07 -63.48
N LEU E 98 -9.98 -3.81 -62.75
CA LEU E 98 -9.86 -3.91 -61.32
C LEU E 98 -9.65 -5.37 -60.94
N THR E 99 -8.65 -5.61 -60.10
CA THR E 99 -8.35 -6.93 -59.58
C THR E 99 -9.19 -7.12 -58.35
N ALA E 100 -9.51 -8.38 -58.05
CA ALA E 100 -10.18 -8.76 -56.79
C ALA E 100 -9.33 -8.48 -55.55
N LYS E 101 -8.04 -8.19 -55.77
CA LYS E 101 -7.14 -7.70 -54.71
C LYS E 101 -7.05 -6.16 -54.75
N TYR E 102 -7.99 -5.59 -55.50
CA TYR E 102 -8.21 -4.15 -55.64
C TYR E 102 -7.08 -3.40 -56.38
N ASN E 103 -6.49 -4.06 -57.37
CA ASN E 103 -5.52 -3.40 -58.25
C ASN E 103 -6.26 -2.77 -59.41
N ALA E 104 -6.18 -1.46 -59.51
CA ALA E 104 -6.85 -0.75 -60.59
C ALA E 104 -5.81 -0.31 -61.60
N CYS E 105 -6.23 -0.22 -62.86
CA CYS E 105 -5.34 0.25 -63.91
C CYS E 105 -6.10 0.59 -65.18
N ILE E 106 -5.59 1.60 -65.89
CA ILE E 106 -6.03 1.91 -67.25
C ILE E 106 -5.02 1.36 -68.23
N LEU E 107 -5.49 0.65 -69.25
CA LEU E 107 -4.60 0.00 -70.20
C LEU E 107 -4.86 0.44 -71.64
N GLU E 108 -3.81 0.44 -72.46
CA GLU E 108 -3.87 0.88 -73.86
C GLU E 108 -3.13 -0.06 -74.81
N TYR E 109 -3.81 -0.41 -75.90
CA TYR E 109 -3.24 -1.24 -76.96
C TYR E 109 -2.26 -0.43 -77.77
N LYS E 110 -1.06 -0.94 -77.94
CA LYS E 110 -0.04 -0.31 -78.77
C LYS E 110 0.69 -1.34 -79.61
N GLN E 111 0.76 -1.10 -80.92
CA GLN E 111 1.52 -1.97 -81.82
C GLN E 111 2.68 -1.23 -82.49
N SER E 112 3.91 -1.58 -82.09
CA SER E 112 5.13 -0.97 -82.66
C SER E 112 5.54 -1.67 -83.95
N GLY E 113 4.78 -1.41 -85.00
CA GLY E 113 4.93 -2.12 -86.26
C GLY E 113 4.46 -3.55 -86.10
N GLU E 114 5.31 -4.38 -85.49
CA GLU E 114 5.02 -5.80 -85.31
C GLU E 114 5.00 -6.22 -83.83
N SER E 115 5.36 -5.32 -82.92
CA SER E 115 5.39 -5.60 -81.48
C SER E 115 4.09 -5.19 -80.80
N ILE E 116 3.40 -6.15 -80.19
CA ILE E 116 2.16 -5.87 -79.45
C ILE E 116 2.50 -5.51 -78.01
N ASP E 117 1.95 -4.41 -77.53
CA ASP E 117 2.23 -3.94 -76.18
C ASP E 117 1.00 -3.40 -75.51
N ILE E 118 0.77 -3.83 -74.27
CA ILE E 118 -0.26 -3.24 -73.46
C ILE E 118 0.47 -2.36 -72.45
N ILE E 119 0.19 -1.07 -72.49
CA ILE E 119 0.89 -0.12 -71.65
C ILE E 119 0.01 0.37 -70.49
N THR E 120 0.61 0.49 -69.32
CA THR E 120 -0.10 0.93 -68.11
C THR E 120 -0.20 2.45 -68.06
N ARG E 121 -1.33 2.99 -68.47
CA ARG E 121 -1.54 4.43 -68.45
C ARG E 121 -1.60 4.95 -67.01
N ALA E 122 -2.59 4.49 -66.26
CA ALA E 122 -2.71 4.83 -64.85
C ALA E 122 -2.90 3.54 -64.04
N HIS E 123 -2.37 3.51 -62.82
CA HIS E 123 -2.47 2.33 -61.98
C HIS E 123 -2.32 2.65 -60.49
N GLY E 124 -3.04 1.90 -59.67
CA GLY E 124 -2.95 2.00 -58.22
C GLY E 124 -3.80 0.93 -57.52
N ASN E 125 -3.57 0.76 -56.23
CA ASN E 125 -4.37 -0.17 -55.43
C ASN E 125 -5.42 0.60 -54.67
N VAL E 126 -6.65 0.55 -55.17
CA VAL E 126 -7.70 1.44 -54.72
C VAL E 126 -8.41 1.02 -53.44
N GLN E 127 -7.91 -0.02 -52.78
CA GLN E 127 -8.55 -0.56 -51.57
C GLN E 127 -8.60 0.44 -50.43
N ASP E 128 -9.67 0.39 -49.63
CA ASP E 128 -9.73 1.16 -48.41
C ASP E 128 -8.80 0.50 -47.43
N ARG E 129 -8.47 1.21 -46.35
CA ARG E 129 -7.60 0.63 -45.35
C ARG E 129 -8.38 -0.18 -44.29
N ILE E 130 -9.67 -0.38 -44.56
CA ILE E 130 -10.59 -1.12 -43.70
C ILE E 130 -11.81 -1.46 -44.54
N GLY E 131 -12.60 -2.42 -44.09
CA GLY E 131 -13.88 -2.64 -44.76
C GLY E 131 -14.08 -3.98 -45.41
N ARG E 132 -15.25 -4.55 -45.14
CA ARG E 132 -15.58 -5.89 -45.57
C ARG E 132 -16.30 -5.82 -46.90
N PRO E 133 -15.86 -6.66 -47.84
CA PRO E 133 -16.45 -6.76 -49.15
C PRO E 133 -17.93 -7.09 -49.06
N SER E 134 -18.72 -6.52 -49.97
CA SER E 134 -20.16 -6.75 -49.99
C SER E 134 -20.42 -8.15 -50.44
N GLU E 135 -21.50 -8.74 -49.92
CA GLU E 135 -21.86 -10.12 -50.26
C GLU E 135 -22.06 -10.26 -51.76
N THR E 136 -22.53 -9.19 -52.38
CA THR E 136 -22.86 -9.19 -53.80
C THR E 136 -21.61 -8.94 -54.67
N GLY E 137 -20.47 -8.71 -54.02
CA GLY E 137 -19.18 -8.59 -54.72
C GLY E 137 -18.92 -7.18 -55.22
N ILE E 138 -17.80 -7.01 -55.91
CA ILE E 138 -17.35 -5.71 -56.43
C ILE E 138 -18.22 -5.31 -57.59
N ILE E 139 -18.70 -4.07 -57.61
CA ILE E 139 -19.39 -3.54 -58.79
C ILE E 139 -18.65 -2.32 -59.33
N GLY E 140 -18.25 -2.40 -60.59
CA GLY E 140 -17.56 -1.31 -61.27
C GLY E 140 -18.38 -0.75 -62.42
N ILE E 141 -18.51 0.57 -62.47
CA ILE E 141 -19.20 1.25 -63.56
C ILE E 141 -18.42 2.49 -63.99
N ILE E 142 -18.50 2.80 -65.28
CA ILE E 142 -17.87 4.00 -65.82
C ILE E 142 -18.88 5.03 -66.34
N ASP E 143 -18.69 6.29 -65.96
CA ASP E 143 -19.52 7.38 -66.42
C ASP E 143 -19.68 7.31 -67.94
N PRO E 144 -20.92 7.47 -68.46
CA PRO E 144 -21.17 7.45 -69.90
C PRO E 144 -20.43 8.56 -70.66
N GLU E 145 -19.84 9.49 -69.91
CA GLU E 145 -19.05 10.57 -70.50
C GLU E 145 -17.61 10.49 -70.03
N CYS E 146 -17.22 9.31 -69.54
CA CYS E 146 -15.87 9.03 -69.03
C CYS E 146 -15.35 10.10 -68.08
N ARG E 147 -16.27 10.77 -67.39
CA ARG E 147 -15.87 11.79 -66.45
C ARG E 147 -15.22 11.13 -65.23
N MET E 148 -15.82 10.05 -64.71
CA MET E 148 -15.27 9.33 -63.54
C MET E 148 -15.55 7.83 -63.51
N ILE E 149 -14.81 7.13 -62.65
CA ILE E 149 -15.08 5.72 -62.31
C ILE E 149 -15.76 5.62 -60.95
N GLY E 150 -16.83 4.83 -60.90
CA GLY E 150 -17.54 4.58 -59.65
C GLY E 150 -17.54 3.11 -59.30
N LEU E 151 -17.16 2.78 -58.08
CA LEU E 151 -17.17 1.40 -57.59
C LEU E 151 -17.84 1.20 -56.25
N ARG E 152 -18.43 0.03 -56.10
CA ARG E 152 -18.99 -0.42 -54.83
C ARG E 152 -18.10 -1.54 -54.31
N LEU E 153 -17.26 -1.23 -53.34
CA LEU E 153 -16.36 -2.25 -52.79
C LEU E 153 -16.93 -2.83 -51.52
N TYR E 154 -17.45 -1.96 -50.67
CA TYR E 154 -17.95 -2.33 -49.37
C TYR E 154 -19.33 -1.75 -49.15
N ASP E 155 -20.05 -2.28 -48.18
CA ASP E 155 -21.41 -1.81 -47.95
C ASP E 155 -21.44 -0.43 -47.35
N GLY E 156 -22.31 0.41 -47.90
CA GLY E 156 -22.48 1.76 -47.38
C GLY E 156 -21.39 2.76 -47.76
N LEU E 157 -20.59 2.43 -48.76
CA LEU E 157 -19.66 3.39 -49.33
C LEU E 157 -19.71 3.28 -50.83
N PHE E 158 -19.67 4.43 -51.49
CA PHE E 158 -19.45 4.48 -52.93
C PHE E 158 -18.08 5.09 -53.22
N LYS E 159 -17.28 4.35 -53.98
CA LYS E 159 -15.90 4.73 -54.29
C LYS E 159 -15.89 5.46 -55.62
N VAL E 160 -15.24 6.62 -55.66
CA VAL E 160 -15.14 7.36 -56.91
C VAL E 160 -13.68 7.64 -57.20
N ILE E 161 -13.26 7.22 -58.39
CA ILE E 161 -11.96 7.62 -58.94
C ILE E 161 -12.17 8.79 -59.92
N PRO E 162 -11.64 9.97 -59.59
CA PRO E 162 -11.68 11.04 -60.55
C PRO E 162 -10.85 10.61 -61.76
N LEU E 163 -11.56 10.21 -62.82
CA LEU E 163 -10.93 9.79 -64.06
C LEU E 163 -10.57 11.00 -64.92
N ASP E 164 -11.45 12.00 -64.90
CA ASP E 164 -11.26 13.25 -65.63
C ASP E 164 -9.90 13.90 -65.32
N ARG E 165 -9.25 14.36 -66.39
CA ARG E 165 -7.91 14.98 -66.32
C ARG E 165 -6.82 14.03 -65.78
N ASP E 166 -5.61 14.54 -65.72
CA ASP E 166 -4.46 13.74 -65.37
C ASP E 166 -4.45 13.39 -63.88
N ASN E 167 -4.83 12.14 -63.61
CA ASN E 167 -4.73 11.52 -62.29
C ASN E 167 -4.17 10.12 -62.49
N LYS E 168 -2.87 9.96 -62.28
CA LYS E 168 -2.17 8.77 -62.75
C LYS E 168 -1.93 7.65 -61.74
N GLU E 169 -2.02 7.95 -60.44
CA GLU E 169 -1.95 6.89 -59.39
C GLU E 169 -3.34 6.37 -59.04
N LEU E 170 -4.35 6.93 -59.72
CA LEU E 170 -5.77 6.57 -59.56
C LEU E 170 -6.32 6.81 -58.15
N LYS E 171 -5.78 7.84 -57.49
CA LYS E 171 -6.25 8.30 -56.18
C LYS E 171 -7.76 8.38 -56.22
N ALA E 172 -8.42 8.01 -55.12
CA ALA E 172 -9.88 7.96 -55.10
C ALA E 172 -10.48 8.40 -53.78
N PHE E 173 -11.66 9.01 -53.84
CA PHE E 173 -12.40 9.36 -52.63
C PHE E 173 -13.65 8.49 -52.47
N ASN E 174 -14.26 8.57 -51.28
CA ASN E 174 -15.45 7.78 -50.95
C ASN E 174 -16.65 8.67 -50.63
N ILE E 175 -17.84 8.22 -51.00
CA ILE E 175 -19.06 8.89 -50.59
C ILE E 175 -19.87 7.96 -49.70
N ARG E 176 -20.40 8.49 -48.59
CA ARG E 176 -21.26 7.70 -47.72
C ARG E 176 -22.57 7.42 -48.43
N LEU E 177 -23.05 6.19 -48.30
CA LEU E 177 -24.18 5.69 -49.05
C LEU E 177 -25.25 5.12 -48.12
N GLU E 178 -26.09 5.98 -47.55
CA GLU E 178 -27.13 5.58 -46.62
C GLU E 178 -27.88 4.29 -47.01
N GLU E 179 -27.99 4.03 -48.31
CA GLU E 179 -28.52 2.75 -48.79
C GLU E 179 -27.43 1.69 -48.65
N LEU E 180 -27.48 0.97 -47.54
CA LEU E 180 -26.48 -0.03 -47.16
C LEU E 180 -26.38 -1.18 -48.17
N HIS E 181 -27.50 -1.87 -48.40
CA HIS E 181 -27.54 -3.06 -49.24
C HIS E 181 -27.92 -2.76 -50.69
N VAL E 182 -26.89 -2.57 -51.52
CA VAL E 182 -27.05 -2.24 -52.92
C VAL E 182 -27.05 -3.50 -53.78
N ILE E 183 -28.06 -3.65 -54.61
CA ILE E 183 -28.16 -4.82 -55.45
C ILE E 183 -27.44 -4.65 -56.78
N ASP E 184 -27.63 -3.51 -57.45
CA ASP E 184 -26.93 -3.22 -58.71
C ASP E 184 -26.89 -1.73 -59.06
N VAL E 185 -25.72 -1.22 -59.43
CA VAL E 185 -25.61 0.16 -59.90
C VAL E 185 -25.23 0.21 -61.35
N LYS E 186 -25.68 1.29 -61.99
CA LYS E 186 -25.27 1.66 -63.33
C LYS E 186 -25.43 3.17 -63.47
N PHE E 187 -24.55 3.78 -64.27
CA PHE E 187 -24.66 5.21 -64.60
C PHE E 187 -25.68 5.45 -65.69
N LEU E 188 -26.56 6.42 -65.45
CA LEU E 188 -27.61 6.75 -66.41
C LEU E 188 -27.05 7.57 -67.56
N TYR E 189 -27.71 7.45 -68.71
CA TYR E 189 -27.32 8.20 -69.89
C TYR E 189 -28.07 9.54 -69.99
N GLY E 190 -27.35 10.59 -70.37
CA GLY E 190 -27.97 11.86 -70.71
C GLY E 190 -28.61 12.59 -69.56
N CYS E 191 -27.78 13.01 -68.62
CA CYS E 191 -28.23 13.90 -67.54
C CYS E 191 -27.17 14.97 -67.34
N GLN E 192 -27.58 16.15 -66.90
CA GLN E 192 -26.67 17.28 -66.79
C GLN E 192 -25.55 17.12 -65.75
N ALA E 193 -25.57 16.00 -65.05
CA ALA E 193 -24.50 15.62 -64.12
C ALA E 193 -24.38 14.10 -64.13
N PRO E 194 -23.19 13.55 -63.75
CA PRO E 194 -23.10 12.11 -63.62
C PRO E 194 -24.22 11.64 -62.70
N THR E 195 -25.09 10.83 -63.25
CA THR E 195 -26.27 10.41 -62.52
C THR E 195 -26.30 8.88 -62.40
N ILE E 196 -26.25 8.44 -61.15
CA ILE E 196 -26.17 7.03 -60.81
C ILE E 196 -27.54 6.49 -60.41
N CYS E 197 -27.82 5.27 -60.86
CA CYS E 197 -29.09 4.62 -60.62
C CYS E 197 -28.88 3.21 -60.04
N PHE E 198 -29.59 2.89 -58.96
CA PHE E 198 -29.40 1.60 -58.31
C PHE E 198 -30.65 1.04 -57.68
N VAL E 199 -30.71 -0.29 -57.63
CA VAL E 199 -31.67 -1.01 -56.82
C VAL E 199 -30.97 -1.34 -55.52
N TYR E 200 -31.67 -1.12 -54.40
CA TYR E 200 -31.14 -1.43 -53.09
C TYR E 200 -32.11 -2.31 -52.29
N GLN E 201 -31.77 -2.63 -51.04
CA GLN E 201 -32.67 -3.37 -50.20
C GLN E 201 -32.67 -2.88 -48.75
N ASP E 202 -33.88 -2.74 -48.21
CA ASP E 202 -34.13 -2.35 -46.83
C ASP E 202 -35.24 -3.28 -46.28
N PRO E 203 -35.66 -3.07 -45.00
CA PRO E 203 -36.76 -3.87 -44.44
C PRO E 203 -38.07 -3.80 -45.25
N GLN E 204 -38.21 -2.76 -46.06
CA GLN E 204 -39.45 -2.55 -46.84
C GLN E 204 -39.51 -3.40 -48.12
N GLY E 205 -38.35 -3.86 -48.60
CA GLY E 205 -38.25 -4.63 -49.84
C GLY E 205 -37.09 -4.13 -50.67
N ARG E 206 -37.29 -4.06 -51.98
CA ARG E 206 -36.28 -3.52 -52.88
C ARG E 206 -36.83 -2.32 -53.61
N HIS E 207 -36.02 -1.28 -53.74
CA HIS E 207 -36.46 -0.05 -54.37
C HIS E 207 -35.37 0.47 -55.29
N VAL E 208 -35.76 1.19 -56.35
CA VAL E 208 -34.80 1.92 -57.18
C VAL E 208 -34.72 3.37 -56.72
N LYS E 209 -33.49 3.85 -56.54
CA LYS E 209 -33.22 5.21 -56.12
C LYS E 209 -32.10 5.75 -57.03
N THR E 210 -31.97 7.08 -57.09
CA THR E 210 -30.96 7.72 -57.93
C THR E 210 -30.29 8.91 -57.24
N TYR E 211 -29.00 9.13 -57.53
CA TYR E 211 -28.26 10.28 -57.00
C TYR E 211 -27.43 10.96 -58.08
N GLU E 212 -26.90 12.12 -57.76
CA GLU E 212 -25.94 12.75 -58.66
C GLU E 212 -24.60 12.84 -57.98
N VAL E 213 -23.57 12.50 -58.75
CA VAL E 213 -22.21 12.50 -58.26
C VAL E 213 -21.48 13.77 -58.70
N SER E 214 -21.06 14.58 -57.74
CA SER E 214 -20.26 15.76 -58.06
C SER E 214 -18.85 15.61 -57.51
N LEU E 215 -17.93 15.31 -58.42
CA LEU E 215 -16.49 15.32 -58.15
C LEU E 215 -16.09 16.64 -57.52
N ARG E 216 -16.87 17.67 -57.82
CA ARG E 216 -16.67 19.05 -57.36
C ARG E 216 -16.68 19.16 -55.83
N GLU E 217 -17.77 18.68 -55.23
CA GLU E 217 -17.97 18.77 -53.78
C GLU E 217 -17.76 17.42 -53.07
N LYS E 218 -17.74 16.33 -53.84
CA LYS E 218 -17.49 14.97 -53.33
C LYS E 218 -18.63 14.43 -52.46
N GLU E 219 -19.81 14.28 -53.06
CA GLU E 219 -20.99 13.80 -52.36
C GLU E 219 -22.10 13.58 -53.37
N PHE E 220 -23.16 12.88 -52.95
CA PHE E 220 -24.33 12.72 -53.80
C PHE E 220 -25.14 13.99 -53.78
N ASN E 221 -26.06 14.14 -54.72
CA ASN E 221 -26.88 15.35 -54.73
C ASN E 221 -28.39 15.13 -54.90
N LYS E 222 -28.76 14.08 -55.62
CA LYS E 222 -30.17 13.68 -55.82
C LYS E 222 -30.51 13.61 -57.29
N GLY E 223 -31.03 12.45 -57.69
CA GLY E 223 -31.31 12.18 -59.10
C GLY E 223 -32.55 12.86 -59.62
N PRO E 224 -32.93 12.52 -60.85
CA PRO E 224 -34.07 13.10 -61.56
C PRO E 224 -35.42 12.59 -61.06
N TRP E 225 -35.43 11.65 -60.11
CA TRP E 225 -36.66 11.23 -59.44
C TRP E 225 -36.42 10.55 -58.09
N LYS E 226 -37.28 10.85 -57.11
CA LYS E 226 -37.03 10.46 -55.72
C LYS E 226 -36.83 8.95 -55.50
N GLN E 227 -37.77 8.13 -55.96
CA GLN E 227 -37.66 6.66 -55.92
C GLN E 227 -38.95 5.91 -56.23
N GLU E 228 -38.81 4.61 -56.41
CA GLU E 228 -39.93 3.72 -56.74
C GLU E 228 -39.81 2.40 -55.98
N ASN E 229 -40.94 1.77 -55.68
CA ASN E 229 -40.95 0.38 -55.26
C ASN E 229 -40.60 -0.46 -56.45
N VAL E 230 -39.86 -1.53 -56.22
CA VAL E 230 -39.42 -2.36 -57.32
C VAL E 230 -39.75 -3.80 -57.07
N GLU E 231 -40.17 -4.48 -58.13
CA GLU E 231 -40.41 -5.91 -58.12
C GLU E 231 -39.52 -6.61 -57.09
N ALA E 232 -40.14 -7.40 -56.22
CA ALA E 232 -39.50 -8.03 -55.07
C ALA E 232 -38.09 -8.60 -55.25
N GLU E 233 -37.78 -9.08 -56.46
CA GLU E 233 -36.49 -9.75 -56.74
C GLU E 233 -35.72 -9.15 -57.91
N ALA E 234 -35.57 -7.83 -57.90
CA ALA E 234 -34.96 -7.08 -58.98
C ALA E 234 -33.43 -7.12 -58.93
N SER E 235 -32.81 -7.81 -59.87
CA SER E 235 -31.35 -8.00 -59.84
C SER E 235 -30.52 -7.16 -60.80
N MET E 236 -31.07 -6.84 -61.98
CA MET E 236 -30.34 -6.13 -63.05
C MET E 236 -30.75 -4.66 -63.16
N VAL E 237 -29.81 -3.81 -63.56
CA VAL E 237 -30.06 -2.39 -63.83
C VAL E 237 -29.42 -2.01 -65.17
N ILE E 238 -30.23 -1.88 -66.20
CA ILE E 238 -29.69 -1.57 -67.52
C ILE E 238 -29.85 -0.10 -67.86
N ALA E 239 -28.72 0.54 -68.16
CA ALA E 239 -28.71 1.92 -68.62
C ALA E 239 -29.08 1.96 -70.10
N VAL E 240 -30.18 2.62 -70.42
CA VAL E 240 -30.61 2.74 -71.82
C VAL E 240 -29.98 3.99 -72.42
N PRO E 241 -29.40 3.88 -73.64
CA PRO E 241 -28.72 4.97 -74.37
C PRO E 241 -29.59 6.17 -74.78
N GLU E 242 -28.98 7.09 -75.51
CA GLU E 242 -29.54 8.44 -75.73
C GLU E 242 -31.00 8.56 -76.23
N PRO E 243 -31.38 7.82 -77.29
CA PRO E 243 -32.73 7.98 -77.88
C PRO E 243 -33.89 7.76 -76.90
N PHE E 244 -33.65 7.01 -75.85
CA PHE E 244 -34.63 6.85 -74.80
C PHE E 244 -34.04 7.50 -73.56
N GLY E 245 -33.15 6.79 -72.88
CA GLY E 245 -32.40 7.37 -71.78
C GLY E 245 -32.77 6.87 -70.40
N GLY E 246 -33.71 5.92 -70.35
CA GLY E 246 -34.17 5.38 -69.08
C GLY E 246 -33.32 4.27 -68.50
N ALA E 247 -33.95 3.43 -67.69
CA ALA E 247 -33.31 2.25 -67.14
C ALA E 247 -34.25 1.06 -67.20
N ILE E 248 -33.69 -0.09 -67.56
CA ILE E 248 -34.45 -1.33 -67.50
C ILE E 248 -34.06 -2.03 -66.21
N ILE E 249 -35.06 -2.54 -65.49
CA ILE E 249 -34.86 -3.31 -64.26
C ILE E 249 -35.43 -4.72 -64.40
N ILE E 250 -34.55 -5.72 -64.42
CA ILE E 250 -35.01 -7.08 -64.62
C ILE E 250 -35.04 -7.82 -63.29
N GLY E 251 -35.98 -8.76 -63.17
CA GLY E 251 -36.03 -9.66 -62.01
C GLY E 251 -36.48 -11.04 -62.40
N GLN E 252 -37.20 -11.69 -61.49
CA GLN E 252 -37.95 -12.87 -61.85
C GLN E 252 -39.31 -12.33 -62.19
N GLU E 253 -40.00 -12.99 -63.11
CA GLU E 253 -41.38 -12.67 -63.49
C GLU E 253 -41.71 -11.23 -63.91
N SER E 254 -40.72 -10.35 -64.01
CA SER E 254 -41.03 -8.96 -64.36
C SER E 254 -39.86 -8.18 -64.95
N ILE E 255 -40.18 -7.37 -65.97
CA ILE E 255 -39.25 -6.40 -66.58
C ILE E 255 -39.93 -5.04 -66.60
N THR E 256 -39.20 -4.04 -66.13
CA THR E 256 -39.74 -2.69 -66.00
C THR E 256 -38.86 -1.65 -66.68
N TYR E 257 -39.47 -0.61 -67.20
CA TYR E 257 -38.76 0.55 -67.70
C TYR E 257 -39.03 1.72 -66.78
N HIS E 258 -37.96 2.39 -66.35
CA HIS E 258 -38.08 3.63 -65.59
C HIS E 258 -37.26 4.72 -66.28
N ASN E 259 -37.94 5.77 -66.77
CA ASN E 259 -37.25 6.92 -67.38
C ASN E 259 -37.14 8.07 -66.42
N GLY E 260 -38.05 8.12 -65.45
CA GLY E 260 -38.07 9.19 -64.47
C GLY E 260 -39.30 10.04 -64.71
N ASP E 261 -40.42 9.54 -64.19
CA ASP E 261 -41.76 10.05 -64.46
C ASP E 261 -42.44 8.96 -65.27
N LYS E 262 -41.76 8.48 -66.31
CA LYS E 262 -42.27 7.40 -67.13
C LYS E 262 -41.95 6.07 -66.50
N TYR E 263 -42.98 5.26 -66.34
CA TYR E 263 -42.88 3.90 -65.82
C TYR E 263 -43.77 2.99 -66.66
N LEU E 264 -43.21 1.86 -67.08
CA LEU E 264 -43.94 0.89 -67.88
C LEU E 264 -43.35 -0.47 -67.60
N ALA E 265 -44.20 -1.45 -67.32
CA ALA E 265 -43.73 -2.77 -66.92
C ALA E 265 -44.51 -3.91 -67.55
N ILE E 266 -43.85 -5.05 -67.73
CA ILE E 266 -44.52 -6.28 -68.16
C ILE E 266 -44.04 -7.48 -67.38
N ALA E 267 -44.87 -8.52 -67.35
CA ALA E 267 -44.56 -9.72 -66.61
C ALA E 267 -44.76 -10.98 -67.45
N PRO E 268 -44.03 -11.11 -68.57
CA PRO E 268 -44.26 -12.25 -69.47
C PRO E 268 -44.13 -13.58 -68.75
N PRO E 269 -45.04 -14.54 -69.06
CA PRO E 269 -45.10 -15.85 -68.40
C PRO E 269 -43.80 -16.64 -68.57
N ILE E 270 -43.12 -16.46 -69.70
CA ILE E 270 -41.91 -17.22 -69.99
C ILE E 270 -40.70 -16.54 -69.36
N ILE E 271 -40.75 -16.36 -68.04
CA ILE E 271 -39.59 -15.95 -67.26
C ILE E 271 -39.65 -16.75 -65.96
N LYS E 272 -40.87 -17.13 -65.59
CA LYS E 272 -41.15 -17.88 -64.38
C LYS E 272 -40.43 -19.23 -64.31
N GLN E 273 -39.71 -19.63 -65.34
CA GLN E 273 -38.99 -20.92 -65.30
C GLN E 273 -37.62 -20.79 -64.66
N SER E 274 -36.83 -19.82 -65.11
CA SER E 274 -35.62 -19.45 -64.36
C SER E 274 -35.26 -17.97 -64.40
N THR E 275 -34.41 -17.58 -63.46
CA THR E 275 -33.97 -16.20 -63.26
C THR E 275 -33.10 -15.75 -64.43
N ILE E 276 -33.14 -14.45 -64.70
CA ILE E 276 -32.32 -13.87 -65.74
C ILE E 276 -30.99 -13.44 -65.14
N VAL E 277 -29.93 -14.12 -65.57
CA VAL E 277 -28.59 -13.85 -65.08
C VAL E 277 -27.95 -12.65 -65.80
N CYS E 278 -28.05 -12.61 -67.13
CA CYS E 278 -27.32 -11.58 -67.91
C CYS E 278 -28.11 -10.95 -69.05
N HIS E 279 -27.77 -9.70 -69.31
CA HIS E 279 -28.35 -8.94 -70.38
C HIS E 279 -27.22 -8.47 -71.28
N ASN E 280 -27.58 -7.82 -72.39
CA ASN E 280 -26.64 -7.19 -73.31
C ASN E 280 -27.39 -6.41 -74.36
N ARG E 281 -26.94 -5.18 -74.60
CA ARG E 281 -27.50 -4.34 -75.66
C ARG E 281 -27.14 -4.81 -77.07
N VAL E 282 -28.13 -4.89 -77.94
CA VAL E 282 -27.88 -5.26 -79.34
C VAL E 282 -27.68 -4.03 -80.23
N ASP E 283 -28.46 -3.00 -80.04
CA ASP E 283 -28.40 -1.86 -80.92
C ASP E 283 -28.01 -0.58 -80.28
N PRO E 284 -27.07 0.06 -80.89
CA PRO E 284 -26.39 1.22 -80.27
C PRO E 284 -27.36 2.24 -79.71
N ASN E 285 -28.54 2.37 -80.32
CA ASN E 285 -29.57 3.28 -79.83
C ASN E 285 -30.26 2.75 -78.58
N GLY E 286 -30.32 1.43 -78.46
CA GLY E 286 -30.93 0.76 -77.33
C GLY E 286 -32.28 0.20 -77.69
N SER E 287 -32.44 -0.24 -78.92
CA SER E 287 -33.70 -0.77 -79.39
C SER E 287 -33.93 -2.14 -78.82
N ARG E 288 -32.91 -2.97 -78.81
CA ARG E 288 -33.11 -4.36 -78.47
C ARG E 288 -32.01 -4.92 -77.62
N TYR E 289 -32.40 -5.75 -76.68
CA TYR E 289 -31.47 -6.30 -75.69
C TYR E 289 -31.55 -7.79 -75.67
N LEU E 290 -30.40 -8.41 -75.43
CA LEU E 290 -30.30 -9.87 -75.31
C LEU E 290 -30.39 -10.32 -73.84
N LEU E 291 -31.18 -11.36 -73.58
CA LEU E 291 -31.36 -11.80 -72.23
C LEU E 291 -31.04 -13.27 -72.08
N GLY E 292 -29.94 -13.52 -71.37
CA GLY E 292 -29.51 -14.87 -71.07
C GLY E 292 -30.20 -15.32 -69.82
N ASP E 293 -30.47 -16.62 -69.74
CA ASP E 293 -31.32 -17.17 -68.71
C ASP E 293 -30.54 -17.70 -67.54
N MET E 294 -30.71 -18.98 -67.28
CA MET E 294 -30.05 -19.71 -66.20
C MET E 294 -30.31 -21.15 -66.56
N GLU E 295 -31.45 -21.37 -67.19
CA GLU E 295 -31.75 -22.64 -67.83
C GLU E 295 -30.91 -22.75 -69.10
N GLY E 296 -30.34 -21.64 -69.54
CA GLY E 296 -29.60 -21.60 -70.80
C GLY E 296 -30.49 -21.16 -71.95
N ARG E 297 -31.39 -20.23 -71.67
CA ARG E 297 -32.25 -19.67 -72.70
C ARG E 297 -31.68 -18.36 -73.21
N LEU E 298 -32.24 -17.92 -74.33
CA LEU E 298 -31.87 -16.64 -74.88
C LEU E 298 -33.13 -15.94 -75.36
N PHE E 299 -33.34 -14.74 -74.80
CA PHE E 299 -34.50 -13.94 -75.12
C PHE E 299 -34.07 -12.69 -75.85
N MET E 300 -34.95 -12.18 -76.69
CA MET E 300 -34.78 -10.84 -77.22
C MET E 300 -35.77 -9.89 -76.55
N LEU E 301 -35.22 -8.82 -75.98
CA LEU E 301 -36.02 -7.76 -75.42
C LEU E 301 -36.21 -6.72 -76.51
N LEU E 302 -37.45 -6.24 -76.64
CA LEU E 302 -37.80 -5.26 -77.67
C LEU E 302 -38.44 -4.03 -77.07
N LEU E 303 -37.83 -2.88 -77.30
CA LEU E 303 -38.38 -1.63 -76.82
C LEU E 303 -39.19 -0.95 -77.91
N GLU E 304 -40.51 -0.90 -77.73
CA GLU E 304 -41.42 -0.39 -78.74
C GLU E 304 -41.30 1.13 -78.92
N LYS E 305 -40.62 1.53 -79.99
CA LYS E 305 -40.52 2.93 -80.35
C LYS E 305 -41.86 3.46 -80.86
N GLU E 306 -42.31 4.57 -80.28
CA GLU E 306 -43.52 5.23 -80.70
C GLU E 306 -43.22 6.69 -81.05
N GLU E 307 -43.07 6.97 -82.34
CA GLU E 307 -42.90 8.34 -82.79
C GLU E 307 -44.27 8.98 -82.78
N GLN E 308 -44.41 10.09 -82.05
CA GLN E 308 -45.65 10.86 -82.12
C GLN E 308 -45.39 12.22 -82.76
N MET E 309 -46.48 12.90 -83.13
CA MET E 309 -46.45 14.05 -84.02
C MET E 309 -45.25 14.97 -83.84
N ASP E 310 -45.35 15.88 -82.88
CA ASP E 310 -44.28 16.82 -82.67
C ASP E 310 -43.38 16.32 -81.56
N GLY E 311 -43.99 16.00 -80.43
CA GLY E 311 -43.28 15.58 -79.21
C GLY E 311 -42.25 14.45 -79.29
N THR E 312 -41.97 14.00 -80.52
CA THR E 312 -40.87 13.05 -80.83
C THR E 312 -40.92 11.73 -80.02
N VAL E 313 -39.84 10.94 -80.11
CA VAL E 313 -39.80 9.54 -79.68
C VAL E 313 -40.20 9.27 -78.23
N THR E 314 -41.18 8.38 -78.06
CA THR E 314 -41.64 7.95 -76.74
C THR E 314 -41.77 6.43 -76.69
N LEU E 315 -41.57 5.83 -75.51
CA LEU E 315 -41.68 4.37 -75.41
C LEU E 315 -43.12 3.90 -75.28
N LYS E 316 -43.54 3.05 -76.21
CA LYS E 316 -44.89 2.53 -76.26
C LYS E 316 -45.06 1.31 -75.36
N ASP E 317 -44.15 0.37 -75.47
CA ASP E 317 -44.31 -0.92 -74.84
C ASP E 317 -43.01 -1.71 -74.77
N LEU E 318 -43.06 -2.85 -74.07
CA LEU E 318 -41.96 -3.80 -73.93
C LEU E 318 -42.50 -5.15 -74.38
N ARG E 319 -41.71 -5.88 -75.16
CA ARG E 319 -42.08 -7.25 -75.49
C ARG E 319 -40.85 -8.13 -75.57
N VAL E 320 -41.00 -9.37 -75.10
CA VAL E 320 -39.89 -10.32 -75.04
C VAL E 320 -40.25 -11.55 -75.85
N GLU E 321 -39.27 -12.10 -76.55
CA GLU E 321 -39.49 -13.30 -77.35
C GLU E 321 -38.33 -14.26 -77.22
N LEU E 322 -38.63 -15.51 -76.85
CA LEU E 322 -37.65 -16.57 -76.77
C LEU E 322 -37.05 -16.83 -78.14
N LEU E 323 -35.73 -16.80 -78.23
CA LEU E 323 -35.05 -17.06 -79.49
C LEU E 323 -34.59 -18.51 -79.57
N GLY E 324 -34.33 -19.10 -78.41
CA GLY E 324 -33.91 -20.49 -78.33
C GLY E 324 -32.90 -20.68 -77.22
N GLU E 325 -32.30 -21.87 -77.17
CA GLU E 325 -31.38 -22.20 -76.08
C GLU E 325 -29.91 -22.19 -76.45
N THR E 326 -29.16 -21.46 -75.66
CA THR E 326 -27.71 -21.42 -75.71
C THR E 326 -27.18 -22.34 -74.61
N SER E 327 -25.87 -22.32 -74.37
CA SER E 327 -25.32 -22.94 -73.17
C SER E 327 -25.39 -21.91 -72.05
N ILE E 328 -25.39 -22.40 -70.80
CA ILE E 328 -25.66 -21.56 -69.64
C ILE E 328 -24.69 -20.36 -69.55
N ALA E 329 -25.23 -19.17 -69.81
CA ALA E 329 -24.43 -17.95 -70.03
C ALA E 329 -24.08 -17.09 -68.81
N GLU E 330 -22.78 -16.89 -68.57
CA GLU E 330 -22.32 -16.03 -67.46
C GLU E 330 -22.37 -14.58 -67.85
N CYS E 331 -22.39 -14.36 -69.16
CA CYS E 331 -22.53 -13.05 -69.76
C CYS E 331 -22.54 -13.30 -71.25
N LEU E 332 -23.04 -12.33 -72.01
CA LEU E 332 -22.98 -12.42 -73.45
C LEU E 332 -22.86 -11.04 -74.04
N THR E 333 -22.20 -10.99 -75.20
CA THR E 333 -22.21 -9.82 -76.06
C THR E 333 -22.52 -10.22 -77.51
N TYR E 334 -23.47 -9.49 -78.09
CA TYR E 334 -23.75 -9.56 -79.49
C TYR E 334 -22.61 -8.87 -80.18
N LEU E 335 -22.21 -9.40 -81.33
CA LEU E 335 -21.07 -8.87 -82.06
C LEU E 335 -21.52 -8.04 -83.24
N ASP E 336 -21.85 -8.70 -84.36
CA ASP E 336 -22.59 -8.08 -85.45
C ASP E 336 -22.99 -9.14 -86.46
N ASN E 337 -23.94 -8.79 -87.33
CA ASN E 337 -24.51 -9.71 -88.32
C ASN E 337 -25.22 -10.92 -87.70
N GLY E 338 -25.77 -10.71 -86.50
CA GLY E 338 -26.50 -11.75 -85.80
C GLY E 338 -25.61 -12.79 -85.16
N VAL E 339 -24.34 -12.44 -84.99
CA VAL E 339 -23.37 -13.29 -84.32
C VAL E 339 -23.26 -12.86 -82.85
N VAL E 340 -23.37 -13.82 -81.94
CA VAL E 340 -23.28 -13.53 -80.50
C VAL E 340 -22.25 -14.39 -79.80
N PHE E 341 -21.52 -13.79 -78.87
CA PHE E 341 -20.61 -14.56 -78.06
C PHE E 341 -21.19 -14.88 -76.70
N VAL E 342 -21.24 -16.17 -76.38
CA VAL E 342 -21.80 -16.67 -75.13
C VAL E 342 -20.68 -17.00 -74.16
N GLY E 343 -20.55 -16.19 -73.11
CA GLY E 343 -19.52 -16.40 -72.10
C GLY E 343 -20.05 -17.31 -71.00
N SER E 344 -19.75 -18.59 -71.10
CA SER E 344 -20.24 -19.58 -70.16
C SER E 344 -19.17 -19.99 -69.17
N ARG E 345 -19.62 -20.25 -67.94
CA ARG E 345 -18.72 -20.67 -66.88
C ARG E 345 -19.07 -22.07 -66.42
N LEU E 346 -20.28 -22.49 -66.76
CA LEU E 346 -20.76 -23.80 -66.35
C LEU E 346 -20.58 -24.87 -67.42
N GLY E 347 -20.47 -24.41 -68.67
CA GLY E 347 -20.17 -25.30 -69.79
C GLY E 347 -19.35 -24.57 -70.84
N ASP E 348 -19.28 -25.17 -72.04
CA ASP E 348 -18.48 -24.61 -73.13
C ASP E 348 -19.05 -23.29 -73.54
N SER E 349 -18.20 -22.28 -73.58
CA SER E 349 -18.57 -20.99 -74.14
C SER E 349 -18.73 -21.20 -75.64
N GLN E 350 -19.42 -20.29 -76.31
CA GLN E 350 -19.69 -20.48 -77.72
C GLN E 350 -19.93 -19.20 -78.51
N LEU E 351 -20.10 -19.38 -79.82
CA LEU E 351 -20.35 -18.31 -80.75
C LEU E 351 -21.56 -18.75 -81.57
N VAL E 352 -22.60 -17.91 -81.60
CA VAL E 352 -23.87 -18.32 -82.22
C VAL E 352 -24.42 -17.35 -83.27
N LYS E 353 -25.18 -17.91 -84.21
CA LYS E 353 -25.91 -17.11 -85.20
C LYS E 353 -27.39 -17.01 -84.83
N LEU E 354 -27.95 -15.83 -85.01
CA LEU E 354 -29.36 -15.57 -84.76
C LEU E 354 -30.16 -15.46 -86.05
N ASN E 355 -31.45 -15.80 -85.99
CA ASN E 355 -32.29 -15.83 -87.19
C ASN E 355 -33.41 -14.79 -87.20
N VAL E 356 -33.75 -14.34 -88.41
CA VAL E 356 -34.96 -13.54 -88.65
C VAL E 356 -36.22 -14.42 -88.62
N ASP E 357 -36.16 -15.55 -89.33
CA ASP E 357 -37.23 -16.55 -89.36
C ASP E 357 -36.69 -17.87 -88.79
N SER E 358 -37.35 -18.39 -87.75
CA SER E 358 -36.90 -19.60 -87.07
C SER E 358 -37.27 -20.88 -87.82
N ASN E 359 -36.31 -21.80 -87.88
CA ASN E 359 -36.44 -23.05 -88.62
C ASN E 359 -37.25 -24.13 -87.88
N GLU E 360 -36.82 -25.39 -88.00
CA GLU E 360 -37.40 -26.52 -87.26
C GLU E 360 -37.20 -26.35 -85.74
N GLN E 361 -38.25 -26.68 -84.98
CA GLN E 361 -38.27 -26.57 -83.51
C GLN E 361 -38.13 -25.13 -82.99
N GLY E 362 -38.55 -24.16 -83.80
CA GLY E 362 -38.55 -22.73 -83.43
C GLY E 362 -37.22 -22.12 -82.98
N SER E 363 -36.13 -22.60 -83.58
CA SER E 363 -34.79 -22.17 -83.21
C SER E 363 -34.26 -21.04 -84.09
N TYR E 364 -34.10 -19.86 -83.49
CA TYR E 364 -33.42 -18.76 -84.16
C TYR E 364 -31.92 -18.87 -83.92
N VAL E 365 -31.52 -19.75 -83.01
CA VAL E 365 -30.13 -19.85 -82.55
C VAL E 365 -29.45 -21.08 -83.06
N VAL E 366 -28.28 -20.91 -83.64
CA VAL E 366 -27.46 -22.03 -84.09
C VAL E 366 -26.02 -21.83 -83.66
N ALA E 367 -25.46 -22.86 -83.02
CA ALA E 367 -24.07 -22.86 -82.59
C ALA E 367 -23.16 -22.84 -83.80
N MET E 368 -22.31 -21.82 -83.88
CA MET E 368 -21.31 -21.77 -84.95
C MET E 368 -20.04 -22.41 -84.44
N GLU E 369 -19.52 -21.86 -83.36
CA GLU E 369 -18.30 -22.37 -82.77
C GLU E 369 -18.45 -22.64 -81.29
N THR E 370 -17.89 -23.76 -80.86
CA THR E 370 -17.97 -24.18 -79.47
C THR E 370 -16.58 -24.10 -78.88
N PHE E 371 -16.37 -23.15 -77.97
CA PHE E 371 -15.08 -22.98 -77.30
C PHE E 371 -15.07 -23.73 -75.98
N THR E 372 -14.21 -24.74 -75.93
CA THR E 372 -14.26 -25.74 -74.88
C THR E 372 -13.89 -25.13 -73.52
N ASN E 373 -14.64 -25.53 -72.49
CA ASN E 373 -14.44 -25.10 -71.10
C ASN E 373 -14.60 -26.27 -70.14
N LEU E 374 -13.57 -26.49 -69.34
CA LEU E 374 -13.49 -27.64 -68.46
C LEU E 374 -14.21 -27.40 -67.17
N GLY E 375 -14.32 -26.14 -66.79
CA GLY E 375 -14.96 -25.73 -65.52
C GLY E 375 -16.44 -26.08 -65.42
N PRO E 376 -16.91 -26.35 -64.20
CA PRO E 376 -16.20 -26.29 -62.94
C PRO E 376 -15.12 -27.34 -62.72
N ILE E 377 -15.32 -28.61 -63.07
CA ILE E 377 -14.40 -29.70 -62.58
C ILE E 377 -14.65 -29.99 -61.10
N VAL E 378 -15.61 -30.86 -60.83
CA VAL E 378 -16.03 -31.11 -59.46
C VAL E 378 -15.16 -32.20 -58.88
N ASP E 379 -14.80 -33.12 -59.76
CA ASP E 379 -13.93 -34.21 -59.40
C ASP E 379 -13.13 -34.60 -60.64
N MET E 380 -12.03 -35.30 -60.42
CA MET E 380 -11.25 -35.80 -61.52
C MET E 380 -10.44 -36.99 -61.06
N CYS E 381 -10.11 -37.88 -61.98
CA CYS E 381 -9.14 -38.92 -61.69
C CYS E 381 -8.13 -39.10 -62.82
N VAL E 382 -7.00 -39.69 -62.47
CA VAL E 382 -5.92 -39.95 -63.41
C VAL E 382 -5.98 -41.41 -63.82
N VAL E 383 -5.73 -41.67 -65.09
CA VAL E 383 -5.84 -43.00 -65.65
C VAL E 383 -4.81 -43.24 -66.76
N ASP E 384 -4.25 -44.45 -66.80
CA ASP E 384 -3.37 -44.91 -67.87
C ASP E 384 -4.18 -45.74 -68.87
N LEU E 385 -4.50 -45.13 -70.00
CA LEU E 385 -5.41 -45.78 -70.93
C LEU E 385 -4.74 -46.12 -72.27
N GLU E 386 -4.11 -45.11 -72.88
CA GLU E 386 -3.45 -45.29 -74.18
C GLU E 386 -2.09 -46.00 -74.05
N ARG E 387 -2.07 -47.29 -74.41
CA ARG E 387 -0.88 -48.16 -74.35
C ARG E 387 -0.35 -48.51 -72.94
N GLN E 388 -0.99 -47.96 -71.91
CA GLN E 388 -0.67 -48.18 -70.49
C GLN E 388 0.72 -47.71 -70.04
N GLY E 389 1.65 -47.58 -70.98
CA GLY E 389 2.95 -46.96 -70.71
C GLY E 389 2.71 -45.57 -70.18
N GLN E 390 3.20 -45.31 -68.96
CA GLN E 390 2.94 -44.05 -68.23
C GLN E 390 2.93 -42.78 -69.09
N GLY E 391 1.78 -42.10 -69.14
CA GLY E 391 0.59 -42.47 -68.36
C GLY E 391 -0.65 -42.67 -69.21
N GLN E 392 -1.47 -41.62 -69.33
CA GLN E 392 -1.18 -40.29 -68.77
C GLN E 392 -2.43 -39.39 -68.68
N LEU E 393 -3.62 -39.96 -68.87
CA LEU E 393 -4.84 -39.16 -69.03
C LEU E 393 -5.63 -38.84 -67.77
N VAL E 394 -6.18 -37.62 -67.73
CA VAL E 394 -7.08 -37.18 -66.68
C VAL E 394 -8.51 -37.15 -67.23
N THR E 395 -9.43 -37.72 -66.44
CA THR E 395 -10.88 -37.61 -66.69
C THR E 395 -11.48 -36.74 -65.59
N CYS E 396 -12.30 -35.76 -65.96
CA CYS E 396 -12.82 -34.82 -64.97
C CYS E 396 -14.33 -34.63 -65.09
N SER E 397 -14.83 -33.44 -64.77
CA SER E 397 -16.26 -33.20 -64.78
C SER E 397 -16.65 -31.77 -65.13
N GLY E 398 -17.80 -31.27 -64.74
CA GLY E 398 -18.78 -30.79 -65.70
C GLY E 398 -19.85 -29.78 -65.34
N ALA E 399 -21.08 -30.22 -65.10
CA ALA E 399 -22.11 -29.50 -64.33
C ALA E 399 -23.16 -28.55 -64.91
N PHE E 400 -24.13 -29.05 -65.65
CA PHE E 400 -25.53 -29.14 -65.30
C PHE E 400 -26.13 -29.97 -66.39
N LYS E 401 -26.96 -29.35 -67.22
CA LYS E 401 -27.08 -29.73 -68.62
C LYS E 401 -25.83 -29.60 -69.41
N GLU E 402 -25.05 -28.56 -69.13
CA GLU E 402 -23.68 -28.48 -69.57
C GLU E 402 -22.82 -29.62 -69.03
N GLY E 403 -23.41 -30.43 -68.17
CA GLY E 403 -22.72 -31.54 -67.51
C GLY E 403 -22.02 -32.45 -68.48
N SER E 404 -20.74 -32.67 -68.23
CA SER E 404 -19.92 -33.41 -69.16
C SER E 404 -18.81 -34.11 -68.42
N LEU E 405 -18.30 -35.17 -69.06
CA LEU E 405 -17.02 -35.80 -68.74
C LEU E 405 -15.94 -35.30 -69.69
N ARG E 406 -14.85 -34.78 -69.14
CA ARG E 406 -13.73 -34.39 -70.01
C ARG E 406 -12.54 -35.34 -69.86
N ILE E 407 -12.11 -35.87 -71.00
CA ILE E 407 -10.93 -36.74 -71.05
C ILE E 407 -9.80 -35.93 -71.62
N ILE E 408 -8.79 -35.70 -70.78
CA ILE E 408 -7.67 -34.83 -71.12
C ILE E 408 -6.39 -35.64 -71.10
N ARG E 409 -5.77 -35.78 -72.25
CA ARG E 409 -4.48 -36.39 -72.28
C ARG E 409 -3.57 -35.62 -73.13
N ASN E 410 -2.51 -36.30 -73.42
CA ASN E 410 -1.48 -35.45 -73.79
C ASN E 410 -0.77 -35.93 -74.98
N GLY E 411 -0.58 -35.01 -75.92
CA GLY E 411 0.08 -35.34 -77.15
C GLY E 411 0.10 -34.25 -78.19
N ILE E 412 0.81 -34.51 -79.27
CA ILE E 412 0.89 -33.59 -80.38
C ILE E 412 -0.22 -33.91 -81.36
N GLY E 413 -1.19 -33.01 -81.49
CA GLY E 413 -2.33 -33.21 -82.40
C GLY E 413 -2.00 -32.82 -83.84
N ILE E 414 -2.70 -33.45 -84.77
CA ILE E 414 -2.61 -33.13 -86.19
C ILE E 414 -3.92 -32.49 -86.61
N HIS E 415 -3.85 -31.41 -87.39
CA HIS E 415 -5.06 -30.81 -87.95
C HIS E 415 -5.20 -31.19 -89.42
N GLU E 416 -6.13 -32.10 -89.71
CA GLU E 416 -6.36 -32.60 -91.08
C GLU E 416 -6.88 -31.53 -91.99
N HIS E 417 -6.31 -31.40 -93.18
CA HIS E 417 -6.90 -30.51 -94.16
C HIS E 417 -7.41 -31.23 -95.42
N ALA E 418 -6.95 -32.45 -95.61
CA ALA E 418 -7.52 -33.34 -96.60
C ALA E 418 -7.30 -34.76 -96.10
N SER E 419 -8.21 -35.65 -96.47
CA SER E 419 -8.16 -37.04 -96.01
C SER E 419 -8.87 -37.97 -96.98
N ILE E 420 -8.11 -38.88 -97.58
CA ILE E 420 -8.66 -39.75 -98.60
C ILE E 420 -8.68 -41.19 -98.12
N ASP E 421 -9.79 -41.87 -98.40
CA ASP E 421 -9.94 -43.28 -98.16
C ASP E 421 -9.18 -44.02 -99.23
N LEU E 422 -7.97 -44.42 -98.90
CA LEU E 422 -7.06 -44.99 -99.86
C LEU E 422 -6.24 -45.99 -99.06
N PRO E 423 -6.66 -47.25 -99.06
CA PRO E 423 -6.15 -48.22 -98.12
C PRO E 423 -4.92 -48.98 -98.60
N GLY E 424 -4.06 -49.36 -97.65
CA GLY E 424 -2.91 -50.22 -97.91
C GLY E 424 -1.68 -49.54 -98.48
N ILE E 425 -1.56 -48.24 -98.19
CA ILE E 425 -0.40 -47.45 -98.63
C ILE E 425 0.86 -48.12 -98.09
N LYS E 426 1.89 -48.19 -98.93
CA LYS E 426 3.15 -48.81 -98.53
C LYS E 426 4.33 -47.83 -98.62
N GLY E 427 4.03 -46.54 -98.75
CA GLY E 427 5.07 -45.50 -98.77
C GLY E 427 4.65 -44.22 -99.47
N LEU E 428 5.25 -43.10 -99.03
CA LEU E 428 4.91 -41.75 -99.45
C LEU E 428 6.13 -40.89 -99.75
N TRP E 429 6.07 -40.15 -100.84
CA TRP E 429 7.16 -39.27 -101.15
C TRP E 429 6.61 -37.97 -101.72
N PRO E 430 7.12 -36.85 -101.21
CA PRO E 430 6.85 -35.56 -101.78
C PRO E 430 7.69 -35.40 -103.02
N LEU E 431 7.36 -34.42 -103.85
CA LEU E 431 8.06 -34.26 -105.12
C LEU E 431 7.82 -32.88 -105.73
N ARG E 432 8.88 -32.30 -106.30
CA ARG E 432 8.73 -31.07 -107.08
C ARG E 432 8.90 -31.42 -108.55
N SER E 433 7.80 -31.54 -109.26
CA SER E 433 7.86 -31.90 -110.67
C SER E 433 8.48 -30.74 -111.47
N ASP E 434 8.10 -29.53 -111.07
CA ASP E 434 8.56 -28.30 -111.69
C ASP E 434 9.83 -27.84 -111.00
N PRO E 435 10.95 -27.80 -111.75
CA PRO E 435 12.24 -27.40 -111.19
C PRO E 435 12.27 -25.92 -110.79
N ASN E 436 11.56 -25.08 -111.56
CA ASN E 436 11.38 -23.66 -111.25
C ASN E 436 10.58 -23.39 -109.97
N ARG E 437 9.86 -24.40 -109.49
CA ARG E 437 9.08 -24.27 -108.27
C ARG E 437 9.85 -24.64 -106.99
N GLU E 438 9.65 -23.77 -105.98
CA GLU E 438 10.21 -23.95 -104.65
C GLU E 438 9.50 -25.11 -103.96
N THR E 439 8.16 -25.09 -104.03
CA THR E 439 7.28 -26.01 -103.31
C THR E 439 7.16 -27.40 -103.94
N TYR E 440 6.68 -28.36 -103.17
CA TYR E 440 6.25 -29.65 -103.69
C TYR E 440 4.99 -29.48 -104.51
N ASP E 441 4.82 -30.33 -105.52
CA ASP E 441 3.59 -30.33 -106.30
C ASP E 441 3.10 -31.73 -106.62
N THR E 442 3.88 -32.74 -106.26
CA THR E 442 3.45 -34.11 -106.51
C THR E 442 3.66 -34.98 -105.29
N LEU E 443 2.67 -35.81 -105.02
CA LEU E 443 2.75 -36.77 -103.94
C LEU E 443 2.69 -38.16 -104.55
N VAL E 444 3.70 -38.97 -104.28
CA VAL E 444 3.74 -40.31 -104.85
C VAL E 444 3.50 -41.32 -103.76
N LEU E 445 2.62 -42.29 -104.03
CA LEU E 445 2.32 -43.33 -103.04
C LEU E 445 2.51 -44.68 -103.67
N SER E 446 2.88 -45.66 -102.86
CA SER E 446 3.10 -47.00 -103.37
C SER E 446 2.22 -47.95 -102.64
N PHE E 447 1.72 -48.94 -103.37
CA PHE E 447 0.89 -50.01 -102.82
C PHE E 447 1.59 -51.31 -103.12
N VAL E 448 0.98 -52.42 -102.71
CA VAL E 448 1.58 -53.73 -102.95
C VAL E 448 1.80 -53.94 -104.45
N GLY E 449 0.70 -53.91 -105.21
CA GLY E 449 0.74 -53.89 -106.67
C GLY E 449 1.71 -52.88 -107.28
N GLN E 450 1.44 -51.59 -107.15
CA GLN E 450 2.29 -50.57 -107.77
C GLN E 450 2.35 -49.21 -107.09
N THR E 451 2.88 -48.26 -107.84
CA THR E 451 2.94 -46.87 -107.47
C THR E 451 1.81 -46.07 -108.16
N ARG E 452 1.20 -45.14 -107.45
CA ARG E 452 0.36 -44.15 -108.11
C ARG E 452 0.91 -42.77 -107.82
N VAL E 453 0.69 -41.86 -108.78
CA VAL E 453 1.20 -40.50 -108.68
C VAL E 453 0.06 -39.52 -108.44
N LEU E 454 0.20 -38.68 -107.40
CA LEU E 454 -0.80 -37.67 -107.14
C LEU E 454 -0.27 -36.25 -107.36
N MET E 455 -0.82 -35.59 -108.38
CA MET E 455 -0.51 -34.21 -108.72
C MET E 455 -1.32 -33.31 -107.80
N LEU E 456 -0.65 -32.41 -107.11
CA LEU E 456 -1.34 -31.45 -106.25
C LEU E 456 -1.51 -30.14 -106.99
N ASN E 457 -2.75 -29.82 -107.31
CA ASN E 457 -3.08 -28.53 -107.91
C ASN E 457 -3.30 -27.48 -106.85
N GLY E 458 -4.55 -27.10 -106.61
CA GLY E 458 -4.83 -26.20 -105.50
C GLY E 458 -4.67 -27.00 -104.23
N GLU E 459 -5.77 -27.09 -103.50
CA GLU E 459 -5.90 -28.06 -102.42
C GLU E 459 -6.38 -29.38 -103.04
N GLU E 460 -6.40 -29.42 -104.37
CA GLU E 460 -6.94 -30.54 -105.13
C GLU E 460 -5.85 -31.54 -105.46
N VAL E 461 -6.05 -32.79 -105.10
CA VAL E 461 -5.12 -33.87 -105.48
C VAL E 461 -5.67 -34.55 -106.75
N GLU E 462 -4.78 -35.14 -107.54
CA GLU E 462 -5.11 -35.60 -108.90
C GLU E 462 -4.24 -36.74 -109.37
N GLU E 463 -4.85 -37.87 -109.64
CA GLU E 463 -4.07 -39.02 -110.09
C GLU E 463 -3.63 -38.87 -111.54
N THR E 464 -2.35 -38.57 -111.73
CA THR E 464 -1.76 -38.53 -113.09
C THR E 464 -0.63 -39.54 -113.15
N GLU E 465 0.28 -39.31 -114.10
CA GLU E 465 1.55 -40.01 -114.14
C GLU E 465 2.58 -39.02 -114.59
N LEU E 466 3.82 -39.22 -114.14
CA LEU E 466 4.92 -38.51 -114.77
C LEU E 466 5.73 -39.47 -115.60
N MET E 467 6.16 -39.00 -116.76
CA MET E 467 6.91 -39.82 -117.66
C MET E 467 8.24 -40.18 -117.06
N GLY E 468 8.63 -41.43 -117.25
CA GLY E 468 9.88 -41.95 -116.73
C GLY E 468 9.66 -42.75 -115.47
N PHE E 469 8.49 -42.57 -114.86
CA PHE E 469 8.10 -43.34 -113.70
C PHE E 469 7.22 -44.51 -114.16
N VAL E 470 7.61 -45.72 -113.77
CA VAL E 470 6.76 -46.88 -114.00
C VAL E 470 5.79 -46.98 -112.86
N ASP E 471 4.65 -47.62 -113.11
CA ASP E 471 3.75 -48.03 -112.03
C ASP E 471 3.25 -49.46 -112.23
N ASP E 472 4.19 -50.35 -112.56
CA ASP E 472 3.93 -51.78 -112.65
C ASP E 472 4.05 -52.39 -111.27
N GLN E 473 5.13 -52.02 -110.58
CA GLN E 473 5.41 -52.54 -109.24
C GLN E 473 5.63 -51.46 -108.20
N GLN E 474 5.96 -51.88 -106.99
CA GLN E 474 6.06 -50.98 -105.87
C GLN E 474 7.30 -50.10 -105.94
N THR E 475 7.16 -48.84 -105.51
CA THR E 475 8.28 -47.92 -105.34
C THR E 475 8.82 -48.06 -103.91
N PHE E 476 10.15 -48.13 -103.79
CA PHE E 476 10.78 -48.14 -102.48
C PHE E 476 11.24 -46.74 -102.13
N PHE E 477 11.57 -45.94 -103.13
CA PHE E 477 11.88 -44.54 -102.90
C PHE E 477 11.75 -43.75 -104.19
N CYS E 478 11.28 -42.51 -104.08
CA CYS E 478 11.47 -41.54 -105.17
C CYS E 478 11.54 -40.12 -104.62
N GLY E 479 12.18 -39.24 -105.38
CA GLY E 479 12.38 -37.87 -104.90
C GLY E 479 13.19 -37.04 -105.87
N ASN E 480 13.20 -35.72 -105.63
CA ASN E 480 14.05 -34.82 -106.38
C ASN E 480 15.48 -35.23 -106.14
N VAL E 481 16.33 -35.01 -107.15
CA VAL E 481 17.69 -35.54 -107.10
C VAL E 481 18.70 -34.55 -107.71
N ALA E 482 19.98 -34.93 -107.67
CA ALA E 482 21.12 -34.08 -108.05
C ALA E 482 20.94 -33.15 -109.25
N HIS E 483 21.22 -33.63 -110.46
CA HIS E 483 21.43 -32.74 -111.58
C HIS E 483 20.12 -32.34 -112.27
N GLN E 484 19.28 -31.64 -111.50
CA GLN E 484 17.91 -31.31 -111.88
C GLN E 484 17.23 -32.53 -112.45
N GLN E 485 17.02 -33.52 -111.58
CA GLN E 485 16.49 -34.80 -111.97
C GLN E 485 15.58 -35.39 -110.92
N LEU E 486 14.77 -36.37 -111.34
CA LEU E 486 13.96 -37.18 -110.45
C LEU E 486 14.53 -38.60 -110.45
N ILE E 487 14.45 -39.26 -109.31
CA ILE E 487 14.84 -40.66 -109.22
C ILE E 487 13.65 -41.47 -108.79
N GLN E 488 13.53 -42.67 -109.33
CA GLN E 488 12.57 -43.63 -108.82
C GLN E 488 13.23 -44.99 -108.67
N ILE E 489 13.43 -45.37 -107.42
CA ILE E 489 13.94 -46.69 -107.11
C ILE E 489 12.73 -47.59 -106.89
N THR E 490 12.41 -48.38 -107.92
CA THR E 490 11.40 -49.40 -107.80
C THR E 490 12.02 -50.71 -107.28
N SER E 491 11.20 -51.75 -107.11
CA SER E 491 11.68 -53.08 -106.73
C SER E 491 12.51 -53.65 -107.87
N ALA E 492 12.03 -53.44 -109.10
CA ALA E 492 12.70 -53.97 -110.29
C ALA E 492 14.01 -53.26 -110.68
N SER E 493 14.05 -51.93 -110.55
CA SER E 493 15.19 -51.14 -111.07
C SER E 493 15.43 -49.82 -110.32
N VAL E 494 16.35 -49.01 -110.84
CA VAL E 494 16.53 -47.65 -110.38
C VAL E 494 16.37 -46.73 -111.58
N ARG E 495 15.29 -45.93 -111.58
CA ARG E 495 15.02 -45.06 -112.73
C ARG E 495 15.39 -43.61 -112.46
N LEU E 496 16.12 -43.00 -113.40
CA LEU E 496 16.53 -41.60 -113.28
C LEU E 496 15.86 -40.78 -114.37
N VAL E 497 14.97 -39.91 -113.95
CA VAL E 497 14.18 -39.09 -114.87
C VAL E 497 14.71 -37.66 -114.92
N SER E 498 14.50 -37.03 -116.06
CA SER E 498 14.98 -35.69 -116.32
C SER E 498 13.82 -34.74 -116.10
N GLN E 499 14.08 -33.69 -115.33
CA GLN E 499 13.10 -32.64 -115.00
C GLN E 499 12.48 -32.01 -116.25
N GLU E 500 13.29 -31.26 -116.99
CA GLU E 500 12.90 -30.77 -118.31
C GLU E 500 12.84 -31.96 -119.27
N PRO E 501 11.90 -31.92 -120.25
CA PRO E 501 11.31 -33.12 -120.79
C PRO E 501 11.38 -34.34 -119.86
N LYS E 502 10.31 -34.53 -119.09
CA LYS E 502 10.18 -35.74 -118.27
C LYS E 502 10.47 -36.95 -119.12
N ALA E 503 11.63 -37.55 -118.93
CA ALA E 503 12.02 -38.73 -119.70
C ALA E 503 12.93 -39.59 -118.85
N LEU E 504 12.83 -40.91 -119.00
CA LEU E 504 13.80 -41.81 -118.38
C LEU E 504 15.15 -41.54 -119.02
N VAL E 505 16.12 -41.16 -118.19
CA VAL E 505 17.38 -40.67 -118.69
C VAL E 505 18.53 -41.66 -118.46
N SER E 506 18.39 -42.50 -117.43
CA SER E 506 19.29 -43.63 -117.16
C SER E 506 18.61 -44.65 -116.25
N GLU E 507 18.92 -45.92 -116.46
CA GLU E 507 18.28 -46.96 -115.68
C GLU E 507 19.27 -48.02 -115.23
N TRP E 508 19.32 -48.26 -113.94
CA TRP E 508 20.18 -49.27 -113.37
C TRP E 508 19.34 -50.49 -113.00
N LYS E 509 19.85 -51.66 -113.32
CA LYS E 509 19.26 -52.91 -112.86
C LYS E 509 20.35 -53.76 -112.27
N GLU E 510 19.97 -54.70 -111.42
CA GLU E 510 20.93 -55.66 -110.89
C GLU E 510 21.41 -56.51 -112.07
N PRO E 511 22.73 -56.49 -112.35
CA PRO E 511 23.29 -57.08 -113.57
C PRO E 511 22.64 -58.43 -113.98
N GLN E 512 22.44 -59.32 -113.01
CA GLN E 512 21.84 -60.64 -113.29
C GLN E 512 20.30 -60.63 -113.17
N ALA E 513 19.70 -59.50 -113.51
CA ALA E 513 18.24 -59.34 -113.56
C ALA E 513 17.44 -59.65 -112.27
N LYS E 514 18.08 -59.49 -111.11
CA LYS E 514 17.40 -59.77 -109.83
C LYS E 514 16.69 -58.52 -109.29
N ASN E 515 15.75 -58.73 -108.38
CA ASN E 515 15.00 -57.63 -107.74
C ASN E 515 15.75 -56.95 -106.61
N ILE E 516 15.62 -55.63 -106.55
CA ILE E 516 16.08 -54.86 -105.40
C ILE E 516 15.16 -55.22 -104.23
N SER E 517 15.75 -55.44 -103.06
CA SER E 517 15.02 -55.78 -101.84
C SER E 517 15.00 -54.64 -100.82
N VAL E 518 15.99 -53.74 -100.88
CA VAL E 518 16.10 -52.57 -99.98
C VAL E 518 16.71 -51.39 -100.73
N ALA E 519 16.20 -50.18 -100.46
CA ALA E 519 16.74 -48.97 -101.10
C ALA E 519 17.22 -47.91 -100.09
N SER E 520 17.88 -46.87 -100.60
CA SER E 520 18.14 -45.63 -99.85
C SER E 520 18.79 -44.62 -100.77
N CYS E 521 18.59 -43.35 -100.47
CA CYS E 521 18.92 -42.31 -101.42
C CYS E 521 18.92 -40.93 -100.79
N ASN E 522 19.95 -40.15 -101.11
CA ASN E 522 19.97 -38.71 -100.82
C ASN E 522 19.93 -37.95 -102.14
N SER E 523 20.44 -36.73 -102.17
CA SER E 523 20.35 -35.94 -103.38
C SER E 523 21.25 -36.47 -104.48
N SER E 524 22.38 -37.07 -104.12
CA SER E 524 23.38 -37.44 -105.13
C SER E 524 23.94 -38.87 -105.07
N GLN E 525 23.55 -39.64 -104.06
CA GLN E 525 24.06 -41.00 -103.87
C GLN E 525 22.91 -41.97 -103.72
N VAL E 526 23.09 -43.20 -104.19
CA VAL E 526 22.10 -44.27 -104.02
C VAL E 526 22.77 -45.50 -103.44
N VAL E 527 22.08 -46.19 -102.53
CA VAL E 527 22.55 -47.49 -102.04
C VAL E 527 21.40 -48.47 -102.00
N VAL E 528 21.34 -49.32 -103.02
CA VAL E 528 20.32 -50.36 -103.05
C VAL E 528 20.93 -51.65 -102.53
N ALA E 529 20.08 -52.65 -102.33
CA ALA E 529 20.52 -53.92 -101.77
C ALA E 529 19.71 -55.08 -102.32
N VAL E 530 20.39 -56.09 -102.82
CA VAL E 530 19.73 -57.29 -103.33
C VAL E 530 20.15 -58.50 -102.49
N GLY E 531 19.20 -59.09 -101.77
CA GLY E 531 19.46 -60.20 -100.85
C GLY E 531 20.54 -59.87 -99.83
N ARG E 532 21.78 -60.19 -100.19
CA ARG E 532 22.96 -59.85 -99.41
C ARG E 532 23.73 -58.70 -100.04
N ALA E 533 23.56 -58.52 -101.35
CA ALA E 533 24.36 -57.59 -102.14
C ALA E 533 24.08 -56.13 -101.88
N LEU E 534 25.09 -55.29 -102.03
CA LEU E 534 24.93 -53.85 -101.92
C LEU E 534 25.61 -53.16 -103.06
N TYR E 535 24.89 -52.27 -103.73
CA TYR E 535 25.52 -51.48 -104.78
C TYR E 535 25.43 -50.02 -104.42
N TYR E 536 26.55 -49.32 -104.56
CA TYR E 536 26.56 -47.89 -104.35
C TYR E 536 26.63 -47.16 -105.68
N LEU E 537 25.54 -46.49 -106.03
CA LEU E 537 25.49 -45.75 -107.30
C LEU E 537 25.56 -44.26 -107.06
N GLN E 538 25.89 -43.53 -108.11
CA GLN E 538 26.02 -42.09 -108.03
C GLN E 538 25.20 -41.40 -109.08
N ILE E 539 24.60 -40.28 -108.70
CA ILE E 539 23.76 -39.53 -109.61
C ILE E 539 24.53 -38.41 -110.31
N HIS E 540 24.60 -38.53 -111.63
CA HIS E 540 25.26 -37.55 -112.48
C HIS E 540 24.33 -37.17 -113.63
N PRO E 541 24.62 -36.06 -114.35
CA PRO E 541 23.73 -35.73 -115.46
C PRO E 541 23.55 -36.94 -116.40
N GLN E 542 22.29 -37.33 -116.62
CA GLN E 542 21.93 -38.49 -117.44
C GLN E 542 22.56 -39.82 -117.00
N GLU E 543 23.20 -39.83 -115.83
CA GLU E 543 24.08 -40.96 -115.51
C GLU E 543 23.95 -41.54 -114.11
N LEU E 544 23.56 -42.81 -114.08
CA LEU E 544 23.42 -43.58 -112.86
C LEU E 544 24.66 -44.46 -112.73
N ARG E 545 25.79 -43.81 -112.43
CA ARG E 545 27.13 -44.42 -112.39
C ARG E 545 27.36 -45.33 -111.16
N GLN E 546 27.37 -46.64 -111.38
CA GLN E 546 27.63 -47.59 -110.30
C GLN E 546 29.10 -47.51 -109.92
N ILE E 547 29.38 -47.26 -108.65
CA ILE E 547 30.77 -47.08 -108.25
C ILE E 547 31.28 -48.07 -107.19
N SER E 548 30.44 -48.99 -106.74
CA SER E 548 30.82 -49.92 -105.67
C SER E 548 29.86 -51.10 -105.53
N HIS E 549 30.40 -52.28 -105.27
CA HIS E 549 29.58 -53.50 -105.13
C HIS E 549 30.18 -54.44 -104.10
N THR E 550 29.41 -54.73 -103.05
CA THR E 550 29.89 -55.60 -101.97
C THR E 550 28.87 -56.69 -101.67
N GLU E 551 29.20 -57.53 -100.70
CA GLU E 551 28.27 -58.49 -100.13
C GLU E 551 28.31 -58.38 -98.62
N MET E 552 27.18 -58.66 -97.98
CA MET E 552 27.06 -58.60 -96.52
C MET E 552 27.01 -59.98 -95.90
N GLU E 553 27.36 -60.05 -94.60
CA GLU E 553 27.33 -61.29 -93.82
C GLU E 553 25.96 -61.98 -93.88
N HIS E 554 24.89 -61.22 -93.64
CA HIS E 554 23.53 -61.72 -93.82
C HIS E 554 22.72 -60.77 -94.68
N GLU E 555 21.40 -60.99 -94.72
CA GLU E 555 20.48 -60.19 -95.54
C GLU E 555 20.42 -58.74 -95.09
N VAL E 556 20.12 -57.85 -96.02
CA VAL E 556 20.02 -56.44 -95.69
C VAL E 556 18.61 -56.13 -95.21
N ALA E 557 18.51 -55.64 -93.98
CA ALA E 557 17.23 -55.30 -93.36
C ALA E 557 16.76 -53.91 -93.78
N CYS E 558 17.66 -52.92 -93.69
CA CYS E 558 17.36 -51.52 -93.97
C CYS E 558 18.62 -50.69 -94.18
N LEU E 559 18.44 -49.52 -94.79
CA LEU E 559 19.57 -48.68 -95.17
C LEU E 559 19.31 -47.21 -94.89
N ASP E 560 20.39 -46.45 -94.71
CA ASP E 560 20.31 -45.00 -94.69
C ASP E 560 21.63 -44.43 -95.14
N ILE E 561 21.56 -43.36 -95.91
CA ILE E 561 22.77 -42.66 -96.34
C ILE E 561 22.60 -41.15 -96.19
N THR E 562 21.91 -40.72 -95.14
CA THR E 562 21.64 -39.31 -94.91
C THR E 562 22.93 -38.52 -94.66
N PRO E 563 23.19 -37.48 -95.47
CA PRO E 563 24.36 -36.61 -95.24
C PRO E 563 24.21 -35.86 -93.93
N LEU E 564 25.28 -35.81 -93.15
CA LEU E 564 25.22 -35.17 -91.85
C LEU E 564 26.07 -33.91 -91.82
N GLY E 565 25.46 -32.81 -91.39
CA GLY E 565 26.13 -31.52 -91.20
C GLY E 565 26.83 -30.89 -92.40
N ASP E 566 28.15 -30.71 -92.28
CA ASP E 566 29.00 -30.07 -93.30
C ASP E 566 29.22 -30.94 -94.55
N SER E 567 28.40 -31.98 -94.70
CA SER E 567 28.44 -32.86 -95.85
C SER E 567 27.73 -32.18 -97.03
N ASN E 568 28.42 -32.15 -98.18
CA ASN E 568 27.89 -31.53 -99.41
C ASN E 568 26.84 -32.39 -100.12
N GLY E 569 25.80 -32.78 -99.36
CA GLY E 569 24.78 -33.72 -99.82
C GLY E 569 25.37 -35.06 -100.19
N LEU E 570 26.64 -35.26 -99.81
CA LEU E 570 27.44 -36.42 -100.18
C LEU E 570 27.93 -37.08 -98.90
N SER E 571 27.29 -38.17 -98.50
CA SER E 571 27.55 -38.78 -97.20
C SER E 571 28.79 -39.66 -97.21
N PRO E 572 29.73 -39.41 -96.26
CA PRO E 572 30.96 -40.20 -96.13
C PRO E 572 30.67 -41.58 -95.57
N LEU E 573 29.49 -41.73 -94.96
CA LEU E 573 29.12 -42.95 -94.26
C LEU E 573 27.84 -43.56 -94.81
N CYS E 574 27.60 -44.80 -94.44
CA CYS E 574 26.38 -45.49 -94.81
C CYS E 574 25.94 -46.41 -93.68
N ALA E 575 24.73 -46.17 -93.17
CA ALA E 575 24.16 -46.95 -92.06
C ALA E 575 23.27 -48.05 -92.57
N ILE E 576 23.39 -49.23 -91.96
CA ILE E 576 22.71 -50.42 -92.45
C ILE E 576 22.40 -51.42 -91.34
N GLY E 577 21.23 -52.03 -91.42
CA GLY E 577 20.85 -53.11 -90.51
C GLY E 577 20.90 -54.46 -91.20
N LEU E 578 21.34 -55.49 -90.47
CA LEU E 578 21.49 -56.83 -91.05
C LEU E 578 20.51 -57.82 -90.48
N TRP E 579 20.18 -58.84 -91.28
CA TRP E 579 18.99 -59.65 -91.06
C TRP E 579 19.09 -60.70 -89.95
N THR E 580 19.95 -61.71 -90.12
CA THR E 580 19.97 -62.82 -89.17
C THR E 580 20.84 -62.54 -87.92
N ASP E 581 21.96 -61.85 -88.10
CA ASP E 581 22.83 -61.49 -86.97
C ASP E 581 22.27 -60.33 -86.15
N ILE E 582 21.31 -59.60 -86.74
CA ILE E 582 20.63 -58.48 -86.08
C ILE E 582 21.63 -57.45 -85.56
N SER E 583 22.19 -56.70 -86.51
CA SER E 583 23.20 -55.70 -86.19
C SER E 583 22.97 -54.42 -86.99
N ALA E 584 23.31 -53.30 -86.38
CA ALA E 584 23.24 -52.03 -87.05
C ALA E 584 24.66 -51.51 -87.18
N ARG E 585 25.20 -51.58 -88.39
CA ARG E 585 26.59 -51.22 -88.59
C ARG E 585 26.79 -50.02 -89.49
N ILE E 586 27.83 -49.27 -89.20
CA ILE E 586 28.19 -48.12 -90.00
C ILE E 586 29.25 -48.57 -91.00
N LEU E 587 29.02 -48.30 -92.28
CA LEU E 587 30.01 -48.57 -93.31
C LEU E 587 30.54 -47.27 -93.88
N LYS E 588 31.85 -47.22 -94.09
CA LYS E 588 32.50 -46.12 -94.79
C LYS E 588 31.94 -46.21 -96.20
N LEU E 589 31.24 -45.15 -96.62
CA LEU E 589 30.51 -45.24 -97.88
C LEU E 589 31.44 -45.52 -99.06
N PRO E 590 32.37 -44.60 -99.38
CA PRO E 590 33.18 -44.80 -100.60
C PRO E 590 33.48 -46.28 -100.89
N SER E 591 34.01 -46.97 -99.89
CA SER E 591 34.54 -48.34 -100.02
C SER E 591 33.67 -49.46 -99.45
N PHE E 592 32.78 -49.12 -98.52
CA PHE E 592 32.01 -50.11 -97.74
C PHE E 592 32.79 -50.67 -96.54
N GLU E 593 33.91 -50.03 -96.23
CA GLU E 593 34.77 -50.36 -95.07
C GLU E 593 33.98 -50.30 -93.75
N LEU E 594 33.70 -51.47 -93.18
CA LEU E 594 32.90 -51.59 -91.95
C LEU E 594 33.52 -50.85 -90.73
N LEU E 595 33.07 -49.61 -90.49
CA LEU E 595 33.68 -48.73 -89.47
C LEU E 595 33.26 -48.96 -88.01
N HIS E 596 32.29 -49.84 -87.78
CA HIS E 596 31.72 -50.07 -86.44
C HIS E 596 30.54 -51.03 -86.58
N LYS E 597 30.62 -52.17 -85.91
CA LYS E 597 29.50 -53.10 -85.80
C LYS E 597 28.85 -52.88 -84.45
N GLU E 598 27.55 -53.18 -84.37
CA GLU E 598 26.79 -53.04 -83.14
C GLU E 598 25.72 -54.11 -83.01
N MET E 599 25.88 -54.98 -82.03
CA MET E 599 24.89 -56.02 -81.76
C MET E 599 23.70 -55.40 -81.08
N LEU E 600 22.51 -55.75 -81.53
CA LEU E 600 21.29 -55.12 -81.03
C LEU E 600 20.54 -55.97 -80.00
N GLY E 601 19.80 -56.96 -80.48
CA GLY E 601 19.03 -57.86 -79.63
C GLY E 601 18.93 -59.20 -80.31
N GLY E 602 18.11 -60.08 -79.76
CA GLY E 602 17.94 -61.41 -80.34
C GLY E 602 16.70 -61.51 -81.20
N GLU E 603 16.74 -62.39 -82.20
CA GLU E 603 15.58 -62.78 -83.03
C GLU E 603 14.90 -61.73 -83.92
N ILE E 604 14.44 -60.63 -83.32
CA ILE E 604 13.64 -59.62 -84.04
C ILE E 604 14.44 -58.77 -85.04
N ILE E 605 14.02 -58.83 -86.30
CA ILE E 605 14.71 -58.19 -87.43
C ILE E 605 14.52 -56.68 -87.38
N PRO E 606 15.62 -55.90 -87.45
CA PRO E 606 15.56 -54.43 -87.53
C PRO E 606 14.73 -53.97 -88.74
N ARG E 607 13.92 -52.94 -88.56
CA ARG E 607 12.99 -52.53 -89.61
C ARG E 607 13.21 -51.13 -90.19
N SER E 608 13.88 -50.26 -89.44
CA SER E 608 14.18 -48.93 -89.93
C SER E 608 15.44 -48.39 -89.25
N ILE E 609 16.34 -47.84 -90.04
CA ILE E 609 17.58 -47.25 -89.52
C ILE E 609 17.77 -45.85 -90.10
N LEU E 610 18.15 -44.88 -89.27
CA LEU E 610 18.52 -43.58 -89.82
C LEU E 610 19.54 -42.79 -88.99
N MET E 611 20.44 -42.13 -89.70
CA MET E 611 21.39 -41.19 -89.10
C MET E 611 20.74 -39.82 -89.10
N THR E 612 21.08 -38.99 -88.12
CA THR E 612 20.51 -37.65 -88.07
C THR E 612 21.23 -36.70 -87.12
N THR E 613 21.07 -35.41 -87.38
CA THR E 613 21.70 -34.37 -86.59
C THR E 613 20.66 -33.70 -85.69
N PHE E 614 20.85 -33.80 -84.37
CA PHE E 614 20.04 -33.06 -83.41
C PHE E 614 20.87 -31.99 -82.73
N GLU E 615 20.50 -30.71 -82.94
CA GLU E 615 21.17 -29.57 -82.29
C GLU E 615 22.69 -29.67 -82.45
N SER E 616 23.10 -29.88 -83.72
CA SER E 616 24.50 -30.10 -84.15
C SER E 616 25.28 -31.28 -83.52
N SER E 617 24.56 -32.18 -82.85
CA SER E 617 25.12 -33.45 -82.38
C SER E 617 24.54 -34.56 -83.26
N HIS E 618 25.34 -35.56 -83.60
CA HIS E 618 24.93 -36.57 -84.58
C HIS E 618 24.55 -37.91 -83.95
N TYR E 619 23.44 -38.48 -84.40
CA TYR E 619 22.86 -39.70 -83.82
C TYR E 619 22.60 -40.77 -84.86
N LEU E 620 22.51 -42.02 -84.40
CA LEU E 620 22.07 -43.14 -85.23
C LEU E 620 20.91 -43.80 -84.52
N LEU E 621 19.71 -43.63 -85.06
CA LEU E 621 18.54 -44.27 -84.49
C LEU E 621 18.31 -45.57 -85.23
N CYS E 622 17.70 -46.54 -84.55
CA CYS E 622 17.50 -47.85 -85.13
C CYS E 622 16.34 -48.60 -84.50
N ALA E 623 15.31 -48.87 -85.30
CA ALA E 623 14.06 -49.49 -84.81
C ALA E 623 13.81 -50.90 -85.32
N LEU E 624 13.28 -51.75 -84.44
CA LEU E 624 13.07 -53.18 -84.71
C LEU E 624 11.59 -53.52 -84.90
N GLY E 625 11.34 -54.75 -85.38
CA GLY E 625 10.00 -55.24 -85.69
C GLY E 625 9.04 -55.44 -84.52
N ASP E 626 9.55 -55.31 -83.31
CA ASP E 626 8.71 -55.36 -82.10
C ASP E 626 8.46 -53.96 -81.55
N GLY E 627 9.01 -52.95 -82.22
CA GLY E 627 8.79 -51.55 -81.87
C GLY E 627 9.73 -51.05 -80.80
N ALA E 628 10.90 -51.64 -80.71
CA ALA E 628 11.93 -51.22 -79.78
C ALA E 628 12.94 -50.36 -80.52
N LEU E 629 13.18 -49.16 -80.03
CA LEU E 629 14.09 -48.24 -80.69
C LEU E 629 15.37 -48.03 -79.89
N PHE E 630 16.52 -48.24 -80.54
CA PHE E 630 17.81 -47.90 -79.97
C PHE E 630 18.30 -46.61 -80.59
N TYR E 631 19.22 -45.93 -79.92
CA TYR E 631 19.89 -44.79 -80.53
C TYR E 631 21.24 -44.51 -79.89
N PHE E 632 22.17 -44.07 -80.73
CA PHE E 632 23.55 -43.87 -80.32
C PHE E 632 24.07 -42.50 -80.74
N GLY E 633 25.13 -42.05 -80.08
CA GLY E 633 25.84 -40.85 -80.47
C GLY E 633 26.87 -41.23 -81.50
N LEU E 634 26.56 -40.95 -82.77
CA LEU E 634 27.44 -41.29 -83.86
C LEU E 634 28.48 -40.20 -84.10
N ASN E 635 29.75 -40.60 -84.09
CA ASN E 635 30.82 -39.73 -84.52
C ASN E 635 30.97 -39.79 -86.03
N ILE E 636 30.84 -38.63 -86.68
CA ILE E 636 30.98 -38.50 -88.15
C ILE E 636 32.35 -38.91 -88.67
N GLU E 637 33.40 -38.66 -87.87
CA GLU E 637 34.76 -39.01 -88.23
C GLU E 637 35.02 -40.52 -88.16
N THR E 638 34.96 -41.08 -86.97
CA THR E 638 35.33 -42.48 -86.74
C THR E 638 34.19 -43.46 -86.97
N GLY E 639 33.00 -42.95 -87.25
CA GLY E 639 31.81 -43.79 -87.40
C GLY E 639 31.54 -44.51 -86.10
N LEU E 640 31.83 -43.83 -85.00
CA LEU E 640 31.77 -44.42 -83.68
C LEU E 640 30.41 -44.21 -83.05
N LEU E 641 29.78 -45.32 -82.65
CA LEU E 641 28.52 -45.28 -81.90
C LEU E 641 28.81 -45.36 -80.40
N SER E 642 28.12 -44.52 -79.63
CA SER E 642 28.27 -44.50 -78.17
C SER E 642 26.95 -44.22 -77.46
N ASP E 643 26.85 -44.66 -76.20
CA ASP E 643 25.66 -44.46 -75.36
C ASP E 643 24.42 -45.18 -75.85
N ARG E 644 24.48 -46.50 -75.99
CA ARG E 644 23.30 -47.26 -76.39
C ARG E 644 22.16 -47.09 -75.40
N LYS E 645 21.18 -46.28 -75.79
CA LYS E 645 19.96 -46.09 -75.00
C LYS E 645 18.81 -46.79 -75.74
N LYS E 646 17.88 -47.38 -74.99
CA LYS E 646 16.76 -48.13 -75.59
C LYS E 646 15.38 -47.72 -75.06
N VAL E 647 14.45 -47.51 -76.00
CA VAL E 647 13.07 -47.15 -75.70
C VAL E 647 12.14 -48.12 -76.43
N THR E 648 11.06 -48.56 -75.77
CA THR E 648 9.96 -49.22 -76.47
C THR E 648 8.86 -48.20 -76.74
N LEU E 649 8.29 -48.26 -77.94
CA LEU E 649 7.18 -47.39 -78.31
C LEU E 649 6.26 -48.09 -79.31
N GLY E 650 5.33 -48.86 -78.76
CA GLY E 650 4.30 -49.53 -79.54
C GLY E 650 4.81 -50.74 -80.29
N THR E 651 3.97 -51.77 -80.39
CA THR E 651 4.41 -53.08 -80.88
C THR E 651 4.52 -53.20 -82.41
N GLN E 652 4.29 -52.10 -83.13
CA GLN E 652 4.52 -52.12 -84.58
C GLN E 652 5.96 -51.84 -84.92
N PRO E 653 6.46 -52.48 -85.98
CA PRO E 653 7.76 -52.11 -86.48
C PRO E 653 7.73 -50.60 -86.73
N THR E 654 8.54 -49.86 -85.99
CA THR E 654 8.57 -48.41 -86.14
C THR E 654 9.39 -48.02 -87.36
N VAL E 655 8.73 -47.33 -88.29
CA VAL E 655 9.35 -46.75 -89.48
C VAL E 655 9.79 -45.33 -89.13
N LEU E 656 11.01 -44.97 -89.53
CA LEU E 656 11.54 -43.66 -89.20
C LEU E 656 11.46 -42.68 -90.37
N ARG E 657 11.41 -41.39 -90.07
CA ARG E 657 11.26 -40.33 -91.07
C ARG E 657 11.63 -38.97 -90.51
N THR E 658 11.56 -37.92 -91.34
CA THR E 658 12.13 -36.62 -90.98
C THR E 658 11.18 -35.40 -91.12
N PHE E 659 11.22 -34.49 -90.15
CA PHE E 659 10.61 -33.16 -90.28
C PHE E 659 11.64 -32.09 -90.44
N ARG E 660 11.14 -30.88 -90.67
CA ARG E 660 11.80 -29.72 -90.11
C ARG E 660 10.73 -29.07 -89.26
N SER E 661 11.00 -28.93 -87.97
CA SER E 661 10.08 -28.23 -87.06
C SER E 661 10.08 -26.74 -87.39
N LEU E 662 11.07 -26.01 -86.86
CA LEU E 662 11.24 -24.59 -87.17
C LEU E 662 12.35 -24.46 -88.22
N SER E 663 13.57 -24.19 -87.77
CA SER E 663 14.75 -24.52 -88.56
C SER E 663 15.19 -25.92 -88.12
N THR E 664 14.96 -26.18 -86.83
CA THR E 664 15.23 -27.46 -86.16
C THR E 664 14.55 -28.63 -86.84
N THR E 665 15.22 -29.77 -86.88
CA THR E 665 14.71 -30.97 -87.56
C THR E 665 14.42 -32.15 -86.61
N ASN E 666 13.20 -32.67 -86.68
CA ASN E 666 12.76 -33.76 -85.80
C ASN E 666 12.55 -35.05 -86.56
N VAL E 667 12.27 -36.13 -85.84
CA VAL E 667 12.02 -37.44 -86.43
C VAL E 667 10.63 -37.96 -86.07
N PHE E 668 9.84 -38.31 -87.08
CA PHE E 668 8.55 -38.96 -86.88
C PHE E 668 8.68 -40.49 -86.81
N ALA E 669 8.18 -41.07 -85.72
CA ALA E 669 8.29 -42.51 -85.49
C ALA E 669 6.97 -43.21 -85.85
N CYS E 670 6.82 -43.60 -87.11
CA CYS E 670 5.58 -44.23 -87.59
C CYS E 670 5.36 -45.66 -87.08
N SER E 671 4.52 -45.80 -86.06
CA SER E 671 4.08 -47.12 -85.57
C SER E 671 2.62 -47.04 -85.09
N ASP E 672 2.11 -48.12 -84.49
CA ASP E 672 0.79 -48.09 -83.87
C ASP E 672 0.70 -47.03 -82.76
N ARG E 673 1.85 -46.71 -82.15
CA ARG E 673 1.95 -45.65 -81.15
C ARG E 673 2.92 -44.59 -81.65
N PRO E 674 2.44 -43.67 -82.51
CA PRO E 674 3.25 -42.69 -83.23
C PRO E 674 3.88 -41.70 -82.29
N THR E 675 5.13 -41.35 -82.57
CA THR E 675 5.91 -40.49 -81.69
C THR E 675 6.79 -39.55 -82.51
N VAL E 676 6.99 -38.33 -82.03
CA VAL E 676 7.91 -37.39 -82.66
C VAL E 676 9.07 -37.09 -81.71
N ILE E 677 10.28 -37.33 -82.18
CA ILE E 677 11.49 -37.16 -81.36
C ILE E 677 12.22 -35.87 -81.74
N TYR E 678 12.65 -35.13 -80.73
CA TYR E 678 13.48 -33.94 -80.93
C TYR E 678 14.43 -33.81 -79.74
N SER E 679 15.40 -32.90 -79.82
CA SER E 679 16.26 -32.58 -78.68
C SER E 679 15.93 -31.18 -78.13
N SER E 680 16.18 -30.97 -76.83
CA SER E 680 15.91 -29.67 -76.19
C SER E 680 17.19 -28.97 -75.72
N ASN E 681 18.01 -29.67 -74.94
CA ASN E 681 19.34 -29.19 -74.58
C ASN E 681 20.39 -29.95 -75.40
N HIS E 682 20.58 -31.23 -75.08
CA HIS E 682 21.44 -32.14 -75.81
C HIS E 682 20.97 -33.57 -75.58
N LYS E 683 19.87 -33.69 -74.83
CA LYS E 683 19.19 -34.97 -74.64
C LYS E 683 17.89 -34.93 -75.41
N LEU E 684 17.48 -36.07 -75.94
CA LEU E 684 16.31 -36.12 -76.81
C LEU E 684 15.01 -36.53 -76.13
N VAL E 685 13.94 -35.89 -76.58
CA VAL E 685 12.62 -35.92 -75.96
C VAL E 685 11.61 -36.56 -76.91
N PHE E 686 10.71 -37.36 -76.32
CA PHE E 686 9.72 -38.11 -77.09
C PHE E 686 8.31 -37.57 -76.84
N SER E 687 7.87 -36.64 -77.68
CA SER E 687 6.50 -36.15 -77.66
C SER E 687 5.57 -37.17 -78.33
N ASN E 688 4.56 -37.59 -77.60
CA ASN E 688 3.60 -38.56 -78.08
C ASN E 688 2.62 -37.96 -79.09
N VAL E 689 2.54 -38.53 -80.29
CA VAL E 689 1.66 -37.99 -81.35
C VAL E 689 0.23 -38.47 -81.16
N ASN E 690 -0.69 -37.52 -81.15
CA ASN E 690 -2.09 -37.78 -80.85
C ASN E 690 -2.85 -38.45 -81.99
N LEU E 691 -2.58 -39.73 -82.20
CA LEU E 691 -3.21 -40.47 -83.28
C LEU E 691 -3.32 -41.97 -83.09
N LYS E 692 -4.35 -42.52 -83.73
CA LYS E 692 -4.47 -43.91 -84.10
C LYS E 692 -3.13 -44.37 -84.72
N GLU E 693 -3.09 -45.55 -85.34
CA GLU E 693 -1.91 -45.98 -86.11
C GLU E 693 -1.46 -44.95 -87.15
N VAL E 694 -0.15 -44.84 -87.35
CA VAL E 694 0.39 -44.17 -88.53
C VAL E 694 1.44 -45.08 -89.11
N ASN E 695 1.21 -45.62 -90.31
CA ASN E 695 2.17 -46.55 -90.95
C ASN E 695 3.35 -45.84 -91.60
N TYR E 696 3.05 -44.84 -92.43
CA TYR E 696 4.07 -44.05 -93.12
C TYR E 696 3.75 -42.55 -93.10
N MET E 697 4.74 -41.74 -93.51
CA MET E 697 4.64 -40.31 -93.38
C MET E 697 5.70 -39.58 -94.18
N CYS E 698 5.40 -38.37 -94.63
CA CYS E 698 6.41 -37.49 -95.24
C CYS E 698 5.98 -36.05 -95.21
N PRO E 699 6.95 -35.14 -95.10
CA PRO E 699 6.59 -33.74 -95.14
C PRO E 699 6.13 -33.33 -96.52
N LEU E 700 5.02 -32.62 -96.58
CA LEU E 700 4.53 -32.12 -97.84
C LEU E 700 4.37 -30.62 -97.69
N ASN E 701 5.17 -29.87 -98.45
CA ASN E 701 5.03 -28.42 -98.57
C ASN E 701 4.51 -28.10 -99.96
N SER E 702 3.21 -28.26 -100.11
CA SER E 702 2.48 -27.96 -101.34
C SER E 702 2.06 -26.48 -101.37
N ASP E 703 1.72 -25.99 -102.56
CA ASP E 703 1.06 -24.70 -102.68
C ASP E 703 -0.19 -24.71 -101.79
N GLY E 704 -1.04 -25.69 -102.01
CA GLY E 704 -2.31 -25.80 -101.29
C GLY E 704 -2.16 -26.34 -99.89
N TYR E 705 -1.03 -26.99 -99.61
CA TYR E 705 -0.72 -27.52 -98.28
C TYR E 705 0.66 -27.08 -97.86
N PRO E 706 0.75 -25.93 -97.18
CA PRO E 706 2.06 -25.42 -96.82
C PRO E 706 2.54 -26.00 -95.52
N ASP E 707 3.82 -26.42 -95.47
CA ASP E 707 4.46 -26.95 -94.25
C ASP E 707 3.62 -28.05 -93.60
N SER E 708 3.14 -28.99 -94.41
CA SER E 708 2.19 -29.99 -93.96
C SER E 708 2.81 -31.37 -93.89
N LEU E 709 2.02 -32.33 -93.44
CA LEU E 709 2.43 -33.74 -93.35
C LEU E 709 1.50 -34.62 -94.14
N ALA E 710 2.08 -35.57 -94.88
CA ALA E 710 1.31 -36.67 -95.46
C ALA E 710 1.43 -37.86 -94.50
N LEU E 711 0.30 -38.37 -94.03
CA LEU E 711 0.29 -39.44 -93.05
C LEU E 711 -0.61 -40.55 -93.53
N ALA E 712 -0.05 -41.75 -93.67
CA ALA E 712 -0.86 -42.87 -94.12
C ALA E 712 -1.00 -43.98 -93.07
N ASN E 713 -2.24 -44.35 -92.77
CA ASN E 713 -2.52 -45.48 -91.93
C ASN E 713 -3.02 -46.55 -92.86
N ASN E 714 -3.61 -47.59 -92.27
CA ASN E 714 -4.01 -48.80 -92.99
C ASN E 714 -5.15 -48.60 -93.99
N SER E 715 -5.85 -47.48 -93.87
CA SER E 715 -7.04 -47.22 -94.67
C SER E 715 -7.05 -45.85 -95.33
N THR E 716 -6.23 -44.91 -94.84
CA THR E 716 -6.44 -43.51 -95.17
C THR E 716 -5.20 -42.63 -95.37
N LEU E 717 -5.13 -41.97 -96.52
CA LEU E 717 -4.16 -40.90 -96.67
C LEU E 717 -4.69 -39.65 -95.95
N THR E 718 -3.75 -38.87 -95.40
CA THR E 718 -4.11 -37.65 -94.69
C THR E 718 -3.08 -36.55 -94.92
N ILE E 719 -3.53 -35.40 -95.39
CA ILE E 719 -2.67 -34.24 -95.43
C ILE E 719 -3.10 -33.35 -94.28
N GLY E 720 -2.12 -32.77 -93.58
CA GLY E 720 -2.43 -31.96 -92.43
C GLY E 720 -1.27 -31.19 -91.87
N THR E 721 -1.54 -30.44 -90.82
CA THR E 721 -0.52 -29.64 -90.18
C THR E 721 -0.29 -30.20 -88.79
N ILE E 722 0.98 -30.26 -88.40
CA ILE E 722 1.37 -30.77 -87.08
C ILE E 722 1.55 -29.68 -86.00
N ASP E 723 0.94 -29.90 -84.84
CA ASP E 723 1.09 -29.02 -83.68
C ASP E 723 2.54 -28.68 -83.46
N GLU E 724 2.79 -27.41 -83.10
CA GLU E 724 4.15 -26.97 -82.85
C GLU E 724 4.75 -27.62 -81.58
N ILE E 725 3.91 -27.79 -80.55
CA ILE E 725 4.34 -28.30 -79.25
C ILE E 725 3.28 -29.27 -78.72
N GLN E 726 3.69 -30.17 -77.83
CA GLN E 726 2.75 -31.06 -77.16
C GLN E 726 1.68 -30.24 -76.41
N LYS E 727 0.41 -30.66 -76.50
CA LYS E 727 -0.71 -29.75 -76.21
C LYS E 727 -1.72 -30.14 -75.11
N LEU E 728 -2.04 -31.42 -75.00
CA LEU E 728 -3.07 -31.82 -74.03
C LEU E 728 -4.37 -31.51 -74.65
N HIS E 729 -4.75 -32.49 -75.30
CA HIS E 729 -5.90 -32.27 -75.99
C HIS E 729 -7.02 -32.86 -75.15
N ILE E 730 -8.15 -32.16 -75.19
CA ILE E 730 -9.35 -32.52 -74.47
C ILE E 730 -10.23 -33.45 -75.30
N ARG E 731 -11.16 -34.14 -74.65
CA ARG E 731 -12.23 -34.84 -75.34
C ARG E 731 -13.48 -34.71 -74.46
N THR E 732 -14.62 -34.45 -75.09
CA THR E 732 -15.87 -34.21 -74.34
C THR E 732 -16.83 -35.41 -74.41
N VAL E 733 -17.49 -35.69 -73.30
CA VAL E 733 -18.55 -36.69 -73.26
C VAL E 733 -19.74 -36.07 -72.55
N PRO E 734 -20.75 -35.60 -73.30
CA PRO E 734 -21.82 -34.87 -72.67
C PRO E 734 -22.83 -35.78 -71.97
N LEU E 735 -23.32 -35.30 -70.84
CA LEU E 735 -24.25 -36.06 -70.00
C LEU E 735 -25.61 -35.38 -69.84
N TYR E 736 -25.61 -34.04 -69.91
CA TYR E 736 -26.79 -33.24 -69.62
C TYR E 736 -27.26 -33.52 -68.21
N GLU E 737 -26.28 -33.86 -67.37
CA GLU E 737 -26.50 -34.08 -65.96
C GLU E 737 -25.33 -33.48 -65.21
N SER E 738 -25.56 -33.03 -63.99
CA SER E 738 -24.45 -32.60 -63.17
C SER E 738 -23.68 -33.86 -62.75
N PRO E 739 -22.34 -33.84 -62.93
CA PRO E 739 -21.54 -35.06 -62.89
C PRO E 739 -20.91 -35.44 -61.52
N ARG E 740 -20.57 -34.48 -60.66
CA ARG E 740 -20.39 -34.74 -59.20
C ARG E 740 -19.18 -35.50 -58.65
N LYS E 741 -19.11 -36.82 -58.84
CA LYS E 741 -17.92 -37.61 -58.42
C LYS E 741 -17.63 -38.70 -59.42
N ILE E 742 -16.33 -39.03 -59.58
CA ILE E 742 -15.94 -40.02 -60.61
C ILE E 742 -14.75 -40.90 -60.19
N CYS E 743 -14.77 -42.17 -60.60
CA CYS E 743 -13.66 -43.11 -60.32
C CYS E 743 -13.57 -44.30 -61.29
N TYR E 744 -12.35 -44.81 -61.46
CA TYR E 744 -12.08 -45.84 -62.47
C TYR E 744 -11.91 -47.23 -61.88
N GLN E 745 -12.77 -48.15 -62.31
CA GLN E 745 -12.69 -49.54 -61.89
C GLN E 745 -11.99 -50.35 -62.98
N GLU E 746 -10.67 -50.42 -62.86
CA GLU E 746 -9.80 -50.91 -63.92
C GLU E 746 -10.09 -52.35 -64.27
N VAL E 747 -10.58 -53.11 -63.30
CA VAL E 747 -10.83 -54.55 -63.44
C VAL E 747 -11.97 -54.82 -64.40
N SER E 748 -13.11 -54.18 -64.15
CA SER E 748 -14.29 -54.36 -64.99
C SER E 748 -14.26 -53.41 -66.18
N GLN E 749 -13.07 -52.87 -66.46
CA GLN E 749 -12.83 -51.97 -67.60
C GLN E 749 -13.93 -50.91 -67.71
N CYS E 750 -13.97 -50.03 -66.72
CA CYS E 750 -15.16 -49.27 -66.47
C CYS E 750 -14.95 -48.05 -65.57
N PHE E 751 -15.63 -46.96 -65.90
CA PHE E 751 -15.71 -45.82 -65.01
C PHE E 751 -17.04 -45.81 -64.28
N GLY E 752 -17.03 -45.31 -63.04
CA GLY E 752 -18.24 -45.09 -62.26
C GLY E 752 -18.38 -43.61 -61.93
N VAL E 753 -19.55 -43.05 -62.27
CA VAL E 753 -19.80 -41.62 -62.11
C VAL E 753 -21.08 -41.36 -61.32
N LEU E 754 -21.03 -40.43 -60.37
CA LEU E 754 -22.24 -40.03 -59.68
C LEU E 754 -22.85 -38.83 -60.37
N SER E 755 -23.96 -39.00 -61.08
CA SER E 755 -24.61 -37.90 -61.73
C SER E 755 -25.71 -37.40 -60.80
N SER E 756 -26.52 -36.46 -61.29
CA SER E 756 -27.69 -35.93 -60.57
C SER E 756 -28.47 -34.97 -61.44
N ARG E 757 -29.77 -35.20 -61.55
CA ARG E 757 -30.61 -34.42 -62.47
C ARG E 757 -31.75 -33.67 -61.81
N ILE E 758 -31.93 -32.43 -62.24
CA ILE E 758 -33.04 -31.60 -61.85
C ILE E 758 -34.34 -32.18 -62.41
N GLU E 759 -35.30 -32.46 -61.53
CA GLU E 759 -36.67 -32.80 -61.94
C GLU E 759 -37.63 -31.82 -61.25
N VAL E 760 -38.81 -31.61 -61.84
CA VAL E 760 -39.80 -30.69 -61.26
C VAL E 760 -40.94 -31.38 -60.53
N GLN E 761 -41.19 -30.96 -59.28
CA GLN E 761 -42.27 -31.50 -58.45
C GLN E 761 -43.61 -31.40 -59.16
N ASP E 762 -44.25 -32.54 -59.36
CA ASP E 762 -45.51 -32.61 -60.08
C ASP E 762 -46.71 -32.34 -59.16
N THR E 763 -47.88 -32.09 -59.74
CA THR E 763 -49.13 -31.95 -58.99
C THR E 763 -49.37 -33.15 -58.07
N SER E 764 -49.23 -34.36 -58.61
CA SER E 764 -49.26 -35.59 -57.82
C SER E 764 -47.92 -35.78 -57.13
N GLY E 765 -47.43 -37.01 -57.08
CA GLY E 765 -46.05 -37.28 -56.66
C GLY E 765 -45.08 -36.52 -57.54
N GLY E 766 -43.95 -36.10 -56.97
CA GLY E 766 -43.01 -35.21 -57.64
C GLY E 766 -42.24 -35.71 -58.85
N THR E 767 -40.92 -35.88 -58.69
CA THR E 767 -40.01 -36.32 -59.76
C THR E 767 -40.30 -35.68 -61.13
N THR E 768 -40.27 -36.46 -62.23
CA THR E 768 -40.41 -35.95 -63.62
C THR E 768 -39.27 -35.03 -64.09
N ALA E 769 -38.40 -35.52 -64.95
CA ALA E 769 -37.30 -34.68 -65.44
C ALA E 769 -37.79 -33.70 -66.50
N LEU E 770 -37.00 -32.67 -66.74
CA LEU E 770 -37.14 -31.89 -67.93
C LEU E 770 -35.93 -32.26 -68.77
N ARG E 771 -36.14 -32.52 -70.06
CA ARG E 771 -35.05 -32.91 -70.98
C ARG E 771 -34.32 -34.21 -70.59
N PRO E 772 -34.17 -35.14 -71.55
CA PRO E 772 -33.52 -36.42 -71.28
C PRO E 772 -32.03 -36.24 -71.08
N SER E 773 -31.47 -37.03 -70.18
CA SER E 773 -30.08 -36.92 -69.86
C SER E 773 -29.53 -38.31 -69.79
N ALA E 774 -28.27 -38.41 -69.38
CA ALA E 774 -27.53 -39.68 -69.41
C ALA E 774 -28.17 -40.84 -68.65
N SER E 775 -29.04 -40.55 -67.69
CA SER E 775 -29.68 -41.60 -66.94
C SER E 775 -31.11 -41.88 -67.40
N THR E 776 -31.64 -41.01 -68.26
CA THR E 776 -32.95 -41.20 -68.86
C THR E 776 -32.83 -42.06 -70.10
N GLN E 777 -31.91 -41.67 -70.97
CA GLN E 777 -31.46 -42.55 -72.04
C GLN E 777 -30.50 -43.58 -71.43
N ALA E 778 -31.08 -44.70 -70.98
CA ALA E 778 -30.35 -45.70 -70.21
C ALA E 778 -31.04 -47.03 -70.35
N LEU E 779 -30.71 -47.76 -71.41
CA LEU E 779 -31.06 -49.16 -71.51
C LEU E 779 -30.22 -49.87 -70.46
N SER E 780 -30.84 -50.80 -69.72
CA SER E 780 -30.25 -51.38 -68.49
C SER E 780 -30.00 -50.32 -67.41
N SER E 781 -31.03 -50.09 -66.60
CA SER E 781 -30.95 -49.17 -65.48
C SER E 781 -31.71 -49.79 -64.31
N SER E 782 -31.42 -49.34 -63.10
CA SER E 782 -32.05 -49.91 -61.91
C SER E 782 -32.43 -48.84 -60.89
N VAL E 783 -33.26 -49.19 -59.91
CA VAL E 783 -33.58 -48.33 -58.76
C VAL E 783 -33.64 -49.15 -57.47
N SER E 784 -32.67 -49.03 -56.57
CA SER E 784 -32.74 -49.77 -55.30
C SER E 784 -33.87 -49.16 -54.49
N SER E 785 -34.80 -50.01 -54.09
CA SER E 785 -35.95 -49.60 -53.29
C SER E 785 -35.79 -50.10 -51.86
N SER E 786 -34.54 -50.29 -51.45
CA SER E 786 -34.17 -50.62 -50.08
C SER E 786 -35.10 -49.92 -49.06
N LYS E 787 -35.68 -50.70 -48.16
CA LYS E 787 -36.81 -50.22 -47.38
C LYS E 787 -36.43 -49.62 -46.02
N LEU E 788 -35.15 -49.37 -45.79
CA LEU E 788 -34.68 -49.00 -44.43
C LEU E 788 -35.12 -47.66 -43.84
N PHE E 789 -35.67 -46.77 -44.67
CA PHE E 789 -36.16 -45.49 -44.17
C PHE E 789 -37.69 -45.44 -44.08
N SER E 790 -38.22 -44.65 -43.15
CA SER E 790 -39.67 -44.48 -43.02
C SER E 790 -40.05 -43.02 -43.19
N SER E 791 -40.88 -42.76 -44.20
CA SER E 791 -41.25 -41.40 -44.59
C SER E 791 -42.28 -40.75 -43.66
N SER E 792 -42.49 -39.45 -43.82
CA SER E 792 -43.52 -38.72 -43.08
C SER E 792 -44.89 -39.06 -43.65
N THR E 793 -45.88 -39.07 -42.77
CA THR E 793 -47.27 -39.42 -43.12
C THR E 793 -47.93 -38.37 -44.03
N ALA E 794 -47.61 -37.10 -43.79
CA ALA E 794 -48.07 -35.98 -44.60
C ALA E 794 -46.90 -35.44 -45.40
N PRO E 795 -46.98 -35.51 -46.74
CA PRO E 795 -45.91 -35.10 -47.65
C PRO E 795 -45.32 -33.72 -47.33
N HIS E 796 -44.12 -33.70 -46.73
CA HIS E 796 -43.48 -32.44 -46.32
C HIS E 796 -42.80 -31.69 -47.47
N GLU E 797 -43.54 -31.51 -48.57
CA GLU E 797 -43.00 -30.88 -49.77
C GLU E 797 -42.60 -29.41 -49.57
N THR E 798 -41.30 -29.20 -49.36
CA THR E 798 -40.68 -27.86 -49.35
C THR E 798 -39.81 -27.63 -50.61
N SER E 799 -39.50 -26.36 -50.90
CA SER E 799 -39.12 -25.89 -52.25
C SER E 799 -40.35 -26.06 -53.17
N PHE E 800 -41.43 -25.38 -52.79
CA PHE E 800 -42.79 -25.48 -53.40
C PHE E 800 -43.47 -26.85 -53.28
N GLY E 801 -44.60 -26.86 -52.57
CA GLY E 801 -45.34 -28.09 -52.28
C GLY E 801 -46.01 -28.75 -53.50
N GLU E 802 -45.71 -28.23 -54.70
CA GLU E 802 -46.26 -28.75 -55.95
C GLU E 802 -45.64 -28.13 -57.22
N GLU E 803 -44.56 -27.36 -57.07
CA GLU E 803 -44.01 -26.62 -58.22
C GLU E 803 -42.52 -26.80 -58.55
N VAL E 804 -41.64 -26.33 -57.66
CA VAL E 804 -40.22 -26.16 -58.01
C VAL E 804 -39.37 -27.46 -57.89
N GLU E 805 -38.08 -27.36 -58.20
CA GLU E 805 -37.18 -28.48 -58.52
C GLU E 805 -36.74 -29.39 -57.39
N VAL E 806 -36.27 -30.58 -57.76
CA VAL E 806 -35.78 -31.58 -56.84
C VAL E 806 -34.49 -32.19 -57.42
N HIS E 807 -33.51 -32.46 -56.56
CA HIS E 807 -32.37 -33.29 -56.92
C HIS E 807 -32.84 -34.73 -57.14
N ASN E 808 -31.99 -35.53 -57.77
CA ASN E 808 -32.36 -36.87 -58.16
C ASN E 808 -31.08 -37.50 -58.65
N LEU E 809 -30.51 -38.43 -57.87
CA LEU E 809 -29.06 -38.61 -57.98
C LEU E 809 -28.94 -40.13 -58.30
N LEU E 810 -28.21 -40.48 -59.35
CA LEU E 810 -27.97 -41.88 -59.63
C LEU E 810 -26.54 -42.11 -59.86
N ILE E 811 -26.10 -43.35 -59.81
CA ILE E 811 -24.74 -43.74 -60.24
C ILE E 811 -24.83 -44.19 -61.69
N ILE E 812 -23.79 -43.94 -62.46
CA ILE E 812 -23.69 -44.41 -63.82
C ILE E 812 -22.44 -45.26 -64.08
N ASP E 813 -22.40 -45.93 -65.22
CA ASP E 813 -21.19 -46.68 -65.62
C ASP E 813 -20.74 -46.38 -67.04
N GLN E 814 -19.65 -45.64 -67.20
CA GLN E 814 -19.16 -45.43 -68.53
C GLN E 814 -18.13 -46.46 -68.83
N HIS E 815 -18.12 -46.89 -70.09
CA HIS E 815 -17.31 -48.01 -70.56
C HIS E 815 -15.81 -47.80 -70.29
N THR E 816 -15.05 -47.46 -71.33
CA THR E 816 -13.64 -47.06 -71.17
C THR E 816 -13.31 -46.32 -72.46
N PHE E 817 -12.85 -47.08 -73.45
CA PHE E 817 -12.81 -46.61 -74.83
C PHE E 817 -14.26 -46.52 -75.32
N GLU E 818 -14.60 -45.40 -75.97
CA GLU E 818 -15.95 -45.13 -76.49
C GLU E 818 -16.95 -44.50 -75.50
N VAL E 819 -16.69 -44.66 -74.20
CA VAL E 819 -17.50 -44.08 -73.11
C VAL E 819 -19.04 -44.02 -73.36
N LEU E 820 -19.59 -45.00 -74.10
CA LEU E 820 -21.06 -45.25 -74.11
C LEU E 820 -21.44 -45.55 -72.68
N HIS E 821 -22.63 -45.12 -72.28
CA HIS E 821 -23.04 -45.32 -70.90
C HIS E 821 -23.63 -46.73 -70.71
N ALA E 822 -22.98 -47.55 -69.89
CA ALA E 822 -23.39 -48.94 -69.71
C ALA E 822 -24.65 -49.04 -68.84
N HIS E 823 -24.56 -48.72 -67.55
CA HIS E 823 -25.69 -48.89 -66.62
C HIS E 823 -25.96 -47.65 -65.77
N GLN E 824 -27.24 -47.29 -65.62
CA GLN E 824 -27.65 -46.16 -64.78
C GLN E 824 -28.45 -46.64 -63.58
N PHE E 825 -28.24 -46.03 -62.43
CA PHE E 825 -28.93 -46.49 -61.24
C PHE E 825 -29.35 -45.36 -60.31
N LEU E 826 -30.65 -45.29 -60.08
CA LEU E 826 -31.27 -44.25 -59.24
C LEU E 826 -31.16 -44.60 -57.76
N GLN E 827 -30.55 -43.69 -57.00
CA GLN E 827 -30.38 -43.83 -55.56
C GLN E 827 -31.69 -43.68 -54.78
N ASN E 828 -31.58 -43.50 -53.46
CA ASN E 828 -32.68 -43.72 -52.51
C ASN E 828 -33.93 -42.90 -52.75
N GLU E 829 -33.88 -42.02 -53.77
CA GLU E 829 -34.94 -41.08 -54.16
C GLU E 829 -34.76 -39.70 -53.52
N TYR E 830 -34.40 -39.66 -52.25
CA TYR E 830 -33.99 -38.41 -51.64
C TYR E 830 -32.56 -38.38 -51.19
N ALA E 831 -31.81 -39.38 -51.60
CA ALA E 831 -30.43 -39.49 -51.19
C ALA E 831 -29.61 -38.59 -52.08
N LEU E 832 -28.75 -37.78 -51.50
CA LEU E 832 -27.95 -36.93 -52.34
C LEU E 832 -26.70 -37.65 -52.81
N SER E 833 -26.13 -38.55 -52.01
CA SER E 833 -24.98 -39.39 -52.45
C SER E 833 -23.69 -38.62 -52.83
N LEU E 834 -22.70 -38.68 -51.95
CA LEU E 834 -21.60 -37.71 -51.98
C LEU E 834 -20.21 -38.30 -52.28
N VAL E 835 -20.10 -39.63 -52.31
CA VAL E 835 -18.81 -40.28 -52.53
C VAL E 835 -18.83 -41.59 -53.31
N SER E 836 -17.74 -41.85 -54.02
CA SER E 836 -17.64 -42.99 -54.94
C SER E 836 -16.31 -43.72 -54.78
N CYS E 837 -16.34 -45.04 -54.99
CA CYS E 837 -15.23 -45.94 -54.66
C CYS E 837 -15.12 -47.23 -55.44
N LYS E 838 -13.91 -47.55 -55.93
CA LYS E 838 -13.67 -48.89 -56.50
C LYS E 838 -12.70 -49.69 -55.59
N LEU E 839 -13.11 -50.89 -55.16
CA LEU E 839 -12.42 -51.54 -54.05
C LEU E 839 -12.29 -53.06 -54.01
N GLY E 840 -11.62 -53.53 -52.96
CA GLY E 840 -11.59 -54.94 -52.57
C GLY E 840 -11.28 -55.04 -51.08
N LYS E 841 -11.74 -56.13 -50.46
CA LYS E 841 -11.34 -56.50 -49.09
C LYS E 841 -11.19 -58.00 -48.97
N ASP E 842 -11.86 -58.71 -49.89
CA ASP E 842 -11.68 -60.16 -50.17
C ASP E 842 -12.21 -60.61 -51.54
N PRO E 843 -13.50 -60.35 -51.83
CA PRO E 843 -14.08 -60.99 -53.02
C PRO E 843 -13.73 -60.34 -54.38
N ASN E 844 -14.69 -59.58 -54.93
CA ASN E 844 -14.57 -58.90 -56.22
C ASN E 844 -14.38 -57.40 -56.04
N THR E 845 -14.39 -56.67 -57.16
CA THR E 845 -14.20 -55.25 -57.16
C THR E 845 -15.55 -54.51 -57.13
N TYR E 846 -15.81 -53.82 -56.02
CA TYR E 846 -17.10 -53.21 -55.78
C TYR E 846 -17.09 -51.71 -56.08
N PHE E 847 -18.28 -51.17 -56.35
CA PHE E 847 -18.52 -49.73 -56.41
C PHE E 847 -19.27 -49.34 -55.15
N ILE E 848 -18.63 -48.57 -54.27
CA ILE E 848 -19.27 -48.16 -53.01
C ILE E 848 -19.68 -46.69 -53.04
N VAL E 849 -20.94 -46.42 -52.67
CA VAL E 849 -21.53 -45.07 -52.76
C VAL E 849 -21.98 -44.59 -51.40
N GLY E 850 -21.41 -43.47 -50.96
CA GLY E 850 -21.78 -42.90 -49.67
C GLY E 850 -22.90 -41.89 -49.79
N THR E 851 -24.11 -42.28 -49.37
CA THR E 851 -25.32 -41.46 -49.60
C THR E 851 -25.52 -40.34 -48.57
N ALA E 852 -26.29 -39.33 -48.97
CA ALA E 852 -26.56 -38.20 -48.10
C ALA E 852 -27.89 -38.34 -47.36
N MET E 853 -28.99 -38.15 -48.07
CA MET E 853 -30.35 -38.10 -47.47
C MET E 853 -30.73 -36.71 -47.03
N VAL E 854 -30.78 -35.82 -48.02
CA VAL E 854 -31.10 -34.42 -47.84
C VAL E 854 -32.60 -34.21 -48.01
N TYR E 855 -33.24 -33.70 -46.96
CA TYR E 855 -34.63 -33.26 -47.04
C TYR E 855 -34.60 -31.76 -47.16
N PRO E 856 -35.33 -31.20 -48.15
CA PRO E 856 -35.22 -29.81 -48.65
C PRO E 856 -34.31 -28.84 -47.85
N GLU E 857 -34.55 -28.43 -46.59
CA GLU E 857 -35.74 -28.48 -45.66
C GLU E 857 -35.26 -28.56 -44.22
N GLU E 858 -34.30 -29.45 -43.96
CA GLU E 858 -33.46 -29.38 -42.76
C GLU E 858 -32.05 -29.04 -43.20
N ALA E 859 -31.41 -28.16 -42.44
CA ALA E 859 -30.08 -27.70 -42.80
C ALA E 859 -29.06 -28.78 -42.55
N GLU E 860 -29.20 -29.44 -41.41
CA GLU E 860 -28.28 -30.49 -41.02
C GLU E 860 -28.82 -31.84 -41.48
N PRO E 861 -27.94 -32.68 -42.04
CA PRO E 861 -28.36 -33.99 -42.47
C PRO E 861 -28.01 -35.02 -41.40
N LYS E 862 -28.94 -35.93 -41.12
CA LYS E 862 -28.75 -36.89 -40.03
C LYS E 862 -29.25 -38.30 -40.35
N GLN E 863 -28.88 -38.82 -41.52
CA GLN E 863 -29.33 -40.14 -41.97
C GLN E 863 -28.53 -40.64 -43.19
N GLY E 864 -27.37 -41.22 -42.93
CA GLY E 864 -26.54 -41.74 -44.01
C GLY E 864 -26.98 -43.06 -44.63
N ARG E 865 -26.12 -43.58 -45.50
CA ARG E 865 -26.26 -44.89 -46.11
C ARG E 865 -25.01 -45.13 -46.93
N ILE E 866 -24.34 -46.25 -46.65
CA ILE E 866 -23.22 -46.65 -47.48
C ILE E 866 -23.69 -47.88 -48.22
N VAL E 867 -23.71 -47.79 -49.55
CA VAL E 867 -24.20 -48.91 -50.36
C VAL E 867 -23.11 -49.47 -51.24
N VAL E 868 -22.93 -50.79 -51.16
CA VAL E 868 -21.88 -51.51 -51.88
C VAL E 868 -22.47 -52.14 -53.13
N PHE E 869 -21.81 -51.94 -54.26
CA PHE E 869 -22.32 -52.44 -55.52
C PHE E 869 -21.32 -53.39 -56.18
N GLN E 870 -21.83 -54.26 -57.04
CA GLN E 870 -21.00 -55.14 -57.85
C GLN E 870 -21.55 -55.10 -59.26
N TYR E 871 -20.71 -54.70 -60.21
CA TYR E 871 -21.12 -54.58 -61.60
C TYR E 871 -20.52 -55.61 -62.55
N SER E 872 -21.36 -56.12 -63.45
CA SER E 872 -20.94 -56.90 -64.61
C SER E 872 -22.07 -57.03 -65.63
N ASP E 873 -21.71 -57.01 -66.92
CA ASP E 873 -22.66 -57.26 -68.01
C ASP E 873 -23.93 -56.40 -67.91
N GLY E 874 -23.75 -55.11 -67.61
CA GLY E 874 -24.88 -54.19 -67.50
C GLY E 874 -25.77 -54.44 -66.30
N LYS E 875 -25.49 -55.55 -65.60
CA LYS E 875 -26.17 -55.87 -64.36
C LYS E 875 -25.39 -55.23 -63.23
N LEU E 876 -26.06 -54.35 -62.49
CA LEU E 876 -25.47 -53.65 -61.36
C LEU E 876 -26.27 -54.03 -60.11
N GLN E 877 -25.62 -54.71 -59.18
CA GLN E 877 -26.31 -55.37 -58.09
C GLN E 877 -26.00 -54.75 -56.73
N THR E 878 -27.05 -54.31 -56.03
CA THR E 878 -26.92 -53.83 -54.66
C THR E 878 -26.46 -54.98 -53.76
N VAL E 879 -25.17 -54.99 -53.42
CA VAL E 879 -24.58 -56.12 -52.68
C VAL E 879 -24.91 -56.02 -51.20
N ALA E 880 -24.24 -55.10 -50.52
CA ALA E 880 -24.45 -54.88 -49.09
C ALA E 880 -24.95 -53.45 -48.84
N GLU E 881 -24.98 -53.06 -47.57
CA GLU E 881 -25.60 -51.83 -47.15
C GLU E 881 -25.28 -51.62 -45.69
N LYS E 882 -25.14 -50.35 -45.30
CA LYS E 882 -25.12 -49.99 -43.88
C LYS E 882 -25.75 -48.62 -43.76
N GLU E 883 -26.77 -48.52 -42.92
CA GLU E 883 -27.37 -47.24 -42.59
C GLU E 883 -26.46 -46.51 -41.63
N VAL E 884 -26.18 -45.25 -41.96
CA VAL E 884 -25.50 -44.38 -41.01
C VAL E 884 -26.48 -43.35 -40.49
N LYS E 885 -26.08 -42.64 -39.44
CA LYS E 885 -26.93 -41.66 -38.78
C LYS E 885 -26.57 -40.22 -39.19
N GLY E 886 -25.90 -40.08 -40.33
CA GLY E 886 -25.43 -38.76 -40.78
C GLY E 886 -25.36 -38.58 -42.30
N ALA E 887 -24.22 -38.09 -42.80
CA ALA E 887 -24.03 -37.80 -44.24
C ALA E 887 -22.62 -38.11 -44.73
N VAL E 888 -22.43 -39.30 -45.30
CA VAL E 888 -21.10 -39.81 -45.69
C VAL E 888 -20.35 -38.88 -46.66
N TYR E 889 -19.56 -37.95 -46.14
CA TYR E 889 -18.93 -36.92 -46.98
C TYR E 889 -17.84 -37.41 -47.89
N SER E 890 -17.02 -38.34 -47.40
CA SER E 890 -16.04 -39.05 -48.24
C SER E 890 -15.70 -40.46 -47.73
N MET E 891 -15.06 -41.23 -48.59
CA MET E 891 -14.65 -42.61 -48.31
C MET E 891 -13.32 -42.92 -48.99
N VAL E 892 -12.54 -43.81 -48.39
CA VAL E 892 -11.27 -44.23 -48.99
C VAL E 892 -11.01 -45.73 -48.74
N GLU E 893 -10.43 -46.40 -49.77
CA GLU E 893 -9.87 -47.74 -49.63
C GLU E 893 -8.68 -47.59 -48.71
N PHE E 894 -8.74 -48.24 -47.55
CA PHE E 894 -7.67 -48.04 -46.56
C PHE E 894 -7.15 -49.37 -46.04
N ASN E 895 -5.97 -49.77 -46.52
CA ASN E 895 -5.34 -51.05 -46.12
C ASN E 895 -6.25 -52.27 -46.15
N GLY E 896 -7.25 -52.27 -47.04
CA GLY E 896 -8.23 -53.34 -47.11
C GLY E 896 -9.58 -52.98 -46.52
N LYS E 897 -9.62 -51.96 -45.67
CA LYS E 897 -10.87 -51.49 -45.07
C LYS E 897 -11.47 -50.27 -45.80
N LEU E 898 -12.72 -49.93 -45.47
CA LEU E 898 -13.38 -48.77 -46.06
C LEU E 898 -13.55 -47.63 -45.05
N LEU E 899 -12.60 -46.69 -45.03
CA LEU E 899 -12.65 -45.52 -44.13
C LEU E 899 -13.67 -44.49 -44.61
N ALA E 900 -14.47 -43.97 -43.67
CA ALA E 900 -15.53 -43.02 -44.02
C ALA E 900 -15.75 -41.91 -43.02
N SER E 901 -15.77 -40.67 -43.50
CA SER E 901 -16.26 -39.56 -42.70
C SER E 901 -17.77 -39.53 -42.79
N ILE E 902 -18.46 -39.50 -41.65
CA ILE E 902 -19.92 -39.43 -41.67
C ILE E 902 -20.50 -38.02 -41.38
N ASN E 903 -20.27 -37.47 -40.21
CA ASN E 903 -20.53 -36.05 -40.02
C ASN E 903 -19.37 -35.54 -39.24
N SER E 904 -19.60 -35.27 -37.96
CA SER E 904 -18.50 -34.96 -37.05
C SER E 904 -17.50 -36.13 -36.94
N THR E 905 -18.02 -37.34 -37.17
CA THR E 905 -17.33 -38.61 -36.86
C THR E 905 -16.51 -39.17 -38.04
N VAL E 906 -15.39 -39.82 -37.74
CA VAL E 906 -14.59 -40.54 -38.74
C VAL E 906 -14.61 -42.03 -38.43
N ARG E 907 -15.30 -42.82 -39.24
CA ARG E 907 -15.48 -44.26 -38.97
C ARG E 907 -14.54 -45.11 -39.82
N LEU E 908 -14.19 -46.30 -39.33
CA LEU E 908 -13.23 -47.15 -40.03
C LEU E 908 -13.86 -48.21 -40.93
N TYR E 909 -14.90 -48.88 -40.44
CA TYR E 909 -15.65 -49.89 -41.21
C TYR E 909 -14.83 -51.07 -41.77
N GLU E 910 -15.26 -52.30 -41.48
CA GLU E 910 -14.59 -53.51 -41.93
C GLU E 910 -15.56 -54.43 -42.67
N TRP E 911 -15.01 -55.31 -43.50
CA TRP E 911 -15.80 -56.14 -44.42
C TRP E 911 -15.45 -57.59 -44.16
N THR E 912 -16.36 -58.34 -43.54
CA THR E 912 -16.11 -59.73 -43.21
C THR E 912 -16.95 -60.63 -44.09
N THR E 913 -16.66 -61.93 -44.03
CA THR E 913 -17.46 -62.96 -44.69
C THR E 913 -18.92 -62.72 -44.33
N GLU E 914 -19.82 -63.16 -45.20
CA GLU E 914 -21.25 -62.77 -45.20
C GLU E 914 -21.41 -61.40 -45.84
N LYS E 915 -20.28 -60.85 -46.25
CA LYS E 915 -20.23 -59.67 -47.09
C LYS E 915 -21.14 -58.55 -46.56
N ASP E 916 -20.86 -58.15 -45.33
CA ASP E 916 -21.47 -56.96 -44.74
C ASP E 916 -20.39 -56.01 -44.22
N VAL E 917 -20.69 -54.71 -44.26
CA VAL E 917 -19.74 -53.70 -43.82
C VAL E 917 -19.98 -53.39 -42.32
N ARG E 918 -18.99 -53.74 -41.50
CA ARG E 918 -19.14 -53.88 -40.05
C ARG E 918 -18.26 -52.91 -39.27
N THR E 919 -18.88 -52.24 -38.30
CA THR E 919 -18.33 -51.05 -37.66
C THR E 919 -17.08 -51.29 -36.81
N GLU E 920 -15.90 -50.99 -37.35
CA GLU E 920 -14.68 -51.00 -36.52
C GLU E 920 -14.51 -49.65 -35.80
N CYS E 921 -13.30 -49.35 -35.34
CA CYS E 921 -12.99 -48.16 -34.50
C CYS E 921 -13.39 -46.76 -35.05
N ASN E 922 -13.48 -45.79 -34.14
CA ASN E 922 -13.93 -44.43 -34.48
C ASN E 922 -13.03 -43.28 -34.03
N HIS E 923 -13.19 -42.15 -34.72
CA HIS E 923 -12.66 -40.86 -34.27
C HIS E 923 -13.78 -39.84 -34.28
N TYR E 924 -13.90 -39.08 -33.20
CA TYR E 924 -15.10 -38.32 -32.98
C TYR E 924 -14.91 -36.82 -33.05
N ASN E 925 -13.68 -36.38 -32.84
CA ASN E 925 -13.41 -34.97 -32.61
C ASN E 925 -13.26 -34.12 -33.87
N ASN E 926 -14.38 -33.87 -34.54
CA ASN E 926 -14.41 -32.99 -35.70
C ASN E 926 -15.74 -32.29 -35.78
N ILE E 927 -15.78 -31.21 -36.54
CA ILE E 927 -17.02 -30.50 -36.78
C ILE E 927 -17.64 -30.89 -38.14
N MET E 928 -16.86 -30.74 -39.21
CA MET E 928 -17.35 -31.16 -40.53
C MET E 928 -16.73 -32.45 -41.06
N ALA E 929 -15.41 -32.52 -41.21
CA ALA E 929 -14.77 -33.76 -41.68
C ALA E 929 -15.21 -34.13 -43.10
N LEU E 930 -15.07 -33.16 -44.01
CA LEU E 930 -15.53 -33.31 -45.40
C LEU E 930 -14.56 -34.06 -46.31
N TYR E 931 -13.28 -33.98 -45.99
CA TYR E 931 -12.26 -34.53 -46.86
C TYR E 931 -11.35 -35.49 -46.14
N LEU E 932 -11.05 -36.59 -46.83
CA LEU E 932 -10.17 -37.63 -46.30
C LEU E 932 -9.08 -37.91 -47.31
N LYS E 933 -7.88 -38.18 -46.83
CA LYS E 933 -6.81 -38.64 -47.69
C LYS E 933 -5.81 -39.43 -46.85
N THR E 934 -5.59 -40.68 -47.27
CA THR E 934 -4.72 -41.59 -46.51
C THR E 934 -3.40 -41.77 -47.22
N LYS E 935 -2.38 -42.11 -46.45
CA LYS E 935 -1.10 -42.56 -46.98
C LYS E 935 -0.60 -43.58 -45.97
N GLY E 936 -0.55 -44.83 -46.39
CA GLY E 936 -0.18 -45.93 -45.50
C GLY E 936 -1.19 -46.03 -44.37
N ASP E 937 -0.71 -45.92 -43.13
CA ASP E 937 -1.57 -45.97 -41.96
C ASP E 937 -1.96 -44.57 -41.47
N PHE E 938 -1.46 -43.53 -42.16
CA PHE E 938 -1.77 -42.13 -41.82
C PHE E 938 -3.04 -41.66 -42.51
N ILE E 939 -3.79 -40.80 -41.82
CA ILE E 939 -5.06 -40.30 -42.33
C ILE E 939 -5.17 -38.80 -42.15
N LEU E 940 -5.24 -38.11 -43.28
CA LEU E 940 -5.47 -36.66 -43.32
C LEU E 940 -6.96 -36.33 -43.31
N VAL E 941 -7.33 -35.33 -42.51
CA VAL E 941 -8.72 -34.97 -42.36
C VAL E 941 -8.84 -33.47 -42.54
N GLY E 942 -9.57 -33.09 -43.59
CA GLY E 942 -10.00 -31.71 -43.78
C GLY E 942 -11.31 -31.54 -43.04
N ASP E 943 -11.27 -30.86 -41.90
CA ASP E 943 -12.49 -30.56 -41.15
C ASP E 943 -12.86 -29.15 -41.54
N LEU E 944 -13.97 -29.00 -42.27
CA LEU E 944 -14.28 -27.71 -42.92
C LEU E 944 -14.32 -26.57 -41.93
N MET E 945 -14.85 -26.87 -40.74
CA MET E 945 -15.03 -25.87 -39.71
C MET E 945 -13.90 -25.88 -38.67
N ARG E 946 -12.65 -25.84 -39.16
CA ARG E 946 -11.41 -25.83 -38.38
C ARG E 946 -10.40 -26.71 -39.10
N SER E 947 -9.18 -26.21 -39.31
CA SER E 947 -8.31 -26.76 -40.39
C SER E 947 -7.97 -28.26 -40.35
N VAL E 948 -6.86 -28.63 -40.97
CA VAL E 948 -6.55 -30.05 -41.17
C VAL E 948 -6.06 -30.74 -39.90
N LEU E 949 -6.13 -32.07 -39.91
CA LEU E 949 -5.63 -32.87 -38.79
C LEU E 949 -5.14 -34.24 -39.25
N LEU E 950 -4.19 -34.80 -38.51
CA LEU E 950 -3.57 -36.09 -38.85
C LEU E 950 -3.96 -37.15 -37.85
N LEU E 951 -4.43 -38.28 -38.36
CA LEU E 951 -4.77 -39.41 -37.54
C LEU E 951 -3.90 -40.58 -37.96
N ALA E 952 -3.61 -41.47 -37.02
CA ALA E 952 -3.02 -42.75 -37.36
C ALA E 952 -3.95 -43.87 -36.94
N TYR E 953 -4.03 -44.89 -37.80
CA TYR E 953 -4.47 -46.20 -37.38
C TYR E 953 -3.22 -46.86 -36.87
N LYS E 954 -3.27 -47.29 -35.63
CA LYS E 954 -2.21 -48.13 -35.11
C LYS E 954 -2.74 -49.56 -35.11
N PRO E 955 -2.08 -50.46 -35.87
CA PRO E 955 -2.31 -51.89 -35.65
C PRO E 955 -1.53 -52.29 -34.39
N MET E 956 -1.51 -53.60 -34.10
CA MET E 956 -1.04 -54.12 -32.81
C MET E 956 -1.92 -53.51 -31.71
N GLU E 957 -2.98 -52.83 -32.15
CA GLU E 957 -3.69 -51.86 -31.33
C GLU E 957 -5.18 -51.80 -31.68
N GLY E 958 -5.47 -51.55 -32.95
CA GLY E 958 -6.84 -51.57 -33.47
C GLY E 958 -7.71 -50.34 -33.20
N ASN E 959 -7.13 -49.14 -33.29
CA ASN E 959 -7.88 -47.88 -33.10
C ASN E 959 -7.17 -46.65 -33.65
N PHE E 960 -7.90 -45.52 -33.62
CA PHE E 960 -7.43 -44.20 -34.06
C PHE E 960 -6.70 -43.44 -32.96
N GLU E 961 -5.70 -42.68 -33.36
CA GLU E 961 -4.96 -41.83 -32.44
C GLU E 961 -4.63 -40.52 -33.14
N GLU E 962 -5.17 -39.42 -32.60
CA GLU E 962 -4.82 -38.08 -33.07
C GLU E 962 -3.32 -37.92 -32.96
N ILE E 963 -2.69 -37.45 -34.03
CA ILE E 963 -1.25 -37.24 -34.02
C ILE E 963 -0.95 -35.75 -33.97
N ALA E 964 -1.62 -34.99 -34.84
CA ALA E 964 -1.44 -33.55 -34.91
C ALA E 964 -2.62 -32.83 -35.54
N ARG E 965 -2.91 -31.66 -35.01
CA ARG E 965 -3.93 -30.77 -35.54
C ARG E 965 -3.19 -29.54 -36.02
N ASP E 966 -3.60 -28.96 -37.14
CA ASP E 966 -3.11 -27.65 -37.54
C ASP E 966 -3.86 -26.65 -36.70
N PHE E 967 -3.16 -25.68 -36.12
CA PHE E 967 -3.85 -24.56 -35.49
C PHE E 967 -4.09 -23.54 -36.60
N ASN E 968 -4.82 -22.48 -36.29
CA ASN E 968 -5.35 -21.54 -37.32
C ASN E 968 -6.28 -22.19 -38.38
N PRO E 969 -7.48 -21.63 -38.52
CA PRO E 969 -8.58 -22.55 -38.74
C PRO E 969 -9.03 -22.86 -40.17
N ASN E 970 -8.34 -22.35 -41.18
CA ASN E 970 -8.63 -22.68 -42.61
C ASN E 970 -10.00 -23.26 -43.04
N TRP E 971 -10.71 -22.57 -43.93
CA TRP E 971 -11.94 -23.13 -44.51
C TRP E 971 -11.64 -23.90 -45.77
N MET E 972 -10.97 -25.04 -45.65
CA MET E 972 -10.37 -25.74 -46.81
C MET E 972 -11.37 -26.19 -47.86
N SER E 973 -10.89 -26.15 -49.11
CA SER E 973 -11.62 -26.44 -50.32
C SER E 973 -11.41 -27.92 -50.66
N ALA E 974 -10.15 -28.35 -50.64
CA ALA E 974 -9.78 -29.76 -50.67
C ALA E 974 -8.42 -29.97 -50.00
N VAL E 975 -8.09 -31.23 -49.75
CA VAL E 975 -6.90 -31.54 -49.00
C VAL E 975 -6.07 -32.61 -49.72
N GLU E 976 -4.77 -32.68 -49.43
CA GLU E 976 -3.87 -33.65 -50.04
C GLU E 976 -2.58 -33.90 -49.26
N ILE E 977 -2.17 -35.17 -49.23
CA ILE E 977 -0.88 -35.59 -48.67
C ILE E 977 0.20 -35.51 -49.73
N LEU E 978 1.36 -35.00 -49.36
CA LEU E 978 2.49 -34.92 -50.30
C LEU E 978 3.54 -35.94 -49.91
N ASP E 979 3.64 -36.17 -48.59
CA ASP E 979 4.43 -37.24 -47.99
C ASP E 979 4.00 -37.29 -46.53
N ASP E 980 4.45 -38.31 -45.81
CA ASP E 980 4.03 -38.49 -44.43
C ASP E 980 4.47 -37.37 -43.47
N ASP E 981 4.96 -36.27 -44.03
CA ASP E 981 5.37 -35.10 -43.24
C ASP E 981 4.74 -33.77 -43.69
N ASN E 982 4.41 -33.68 -44.98
CA ASN E 982 3.83 -32.46 -45.56
C ASN E 982 2.42 -32.65 -46.05
N PHE E 983 1.56 -31.67 -45.74
CA PHE E 983 0.16 -31.75 -46.09
C PHE E 983 -0.32 -30.49 -46.77
N LEU E 984 -1.03 -30.65 -47.88
CA LEU E 984 -1.44 -29.50 -48.70
C LEU E 984 -2.92 -29.16 -48.55
N GLY E 985 -3.19 -27.87 -48.35
CA GLY E 985 -4.55 -27.37 -48.29
C GLY E 985 -4.79 -26.16 -49.19
N ALA E 986 -6.00 -26.11 -49.73
CA ALA E 986 -6.48 -24.96 -50.47
C ALA E 986 -7.75 -24.55 -49.77
N GLU E 987 -7.91 -23.27 -49.44
CA GLU E 987 -9.12 -22.81 -48.78
C GLU E 987 -9.92 -21.77 -49.60
N ASN E 988 -11.10 -21.41 -49.10
CA ASN E 988 -12.03 -20.44 -49.71
C ASN E 988 -11.41 -19.09 -50.10
N ALA E 989 -10.19 -18.85 -49.64
CA ALA E 989 -9.45 -17.65 -49.95
C ALA E 989 -8.57 -17.75 -51.22
N PHE E 990 -8.70 -18.85 -51.96
CA PHE E 990 -7.83 -19.12 -53.13
C PHE E 990 -6.33 -19.17 -52.74
N ASN E 991 -6.06 -19.67 -51.54
CA ASN E 991 -4.69 -19.84 -51.09
C ASN E 991 -4.37 -21.31 -50.98
N LEU E 992 -3.09 -21.56 -50.78
CA LEU E 992 -2.62 -22.89 -50.50
C LEU E 992 -1.81 -22.82 -49.22
N PHE E 993 -1.92 -23.86 -48.41
CA PHE E 993 -1.09 -23.94 -47.24
C PHE E 993 -0.47 -25.32 -47.12
N VAL E 994 0.68 -25.38 -46.45
CA VAL E 994 1.36 -26.64 -46.22
C VAL E 994 1.64 -26.87 -44.74
N CYS E 995 1.28 -28.05 -44.24
CA CYS E 995 1.50 -28.43 -42.84
C CYS E 995 2.76 -29.29 -42.63
N GLN E 996 3.14 -29.50 -41.37
CA GLN E 996 4.39 -30.19 -41.04
C GLN E 996 4.29 -31.15 -39.85
N LYS E 997 4.98 -32.27 -39.96
CA LYS E 997 5.18 -33.21 -38.84
C LYS E 997 6.39 -32.78 -37.98
N ASP E 998 6.88 -33.69 -37.13
CA ASP E 998 8.03 -33.46 -36.25
C ASP E 998 8.08 -34.48 -35.08
N SER E 999 9.03 -34.26 -34.17
CA SER E 999 9.01 -34.81 -32.80
C SER E 999 9.84 -33.89 -31.88
N ALA E 1000 9.31 -33.58 -30.67
CA ALA E 1000 9.92 -32.56 -29.82
C ALA E 1000 10.32 -33.14 -28.47
N ALA E 1001 11.48 -32.62 -27.97
CA ALA E 1001 12.14 -33.13 -26.78
C ALA E 1001 11.33 -33.05 -25.47
N THR E 1002 11.78 -33.82 -24.47
CA THR E 1002 11.25 -33.86 -23.08
C THR E 1002 9.72 -33.90 -22.90
N THR E 1003 9.11 -35.05 -23.20
CA THR E 1003 7.67 -35.36 -22.96
C THR E 1003 6.64 -34.41 -23.61
N ASP E 1004 6.94 -33.11 -23.66
CA ASP E 1004 6.04 -32.11 -24.25
C ASP E 1004 6.17 -32.08 -25.78
N GLU E 1005 5.05 -32.25 -26.45
CA GLU E 1005 5.03 -32.31 -27.90
C GLU E 1005 4.46 -31.09 -28.59
N GLU E 1006 5.32 -30.45 -29.37
CA GLU E 1006 4.88 -29.61 -30.46
C GLU E 1006 4.80 -30.51 -31.68
N ARG E 1007 5.22 -31.77 -31.52
CA ARG E 1007 4.97 -32.83 -32.49
C ARG E 1007 3.46 -33.06 -32.65
N GLN E 1008 2.69 -32.52 -31.69
CA GLN E 1008 1.23 -32.55 -31.73
C GLN E 1008 0.67 -31.38 -32.52
N HIS E 1009 1.54 -30.44 -32.86
CA HIS E 1009 1.18 -29.23 -33.58
C HIS E 1009 1.59 -29.42 -35.03
N LEU E 1010 0.60 -29.51 -35.92
CA LEU E 1010 0.86 -29.50 -37.36
C LEU E 1010 1.21 -28.10 -37.75
N GLN E 1011 2.50 -27.79 -37.75
CA GLN E 1011 3.00 -26.48 -38.09
C GLN E 1011 2.67 -26.21 -39.54
N GLU E 1012 2.25 -24.99 -39.87
CA GLU E 1012 2.08 -24.75 -41.29
C GLU E 1012 3.22 -23.92 -41.86
N VAL E 1013 3.86 -24.47 -42.88
CA VAL E 1013 5.17 -24.00 -43.33
C VAL E 1013 5.22 -23.46 -44.77
N GLY E 1014 4.11 -23.52 -45.50
CA GLY E 1014 4.05 -22.96 -46.85
C GLY E 1014 2.76 -22.21 -47.10
N LEU E 1015 2.87 -20.95 -47.54
CA LEU E 1015 1.71 -20.16 -47.96
C LEU E 1015 1.87 -19.72 -49.40
N PHE E 1016 0.75 -19.57 -50.13
CA PHE E 1016 0.75 -19.13 -51.52
C PHE E 1016 -0.65 -18.77 -51.98
N HIS E 1017 -0.81 -17.55 -52.49
CA HIS E 1017 -2.11 -17.18 -53.06
C HIS E 1017 -2.20 -17.69 -54.49
N LEU E 1018 -3.03 -18.71 -54.69
CA LEU E 1018 -3.18 -19.32 -56.01
C LEU E 1018 -3.96 -18.39 -56.94
N GLY E 1019 -5.20 -18.07 -56.55
CA GLY E 1019 -6.10 -17.26 -57.36
C GLY E 1019 -7.22 -18.12 -57.92
N GLU E 1020 -7.15 -19.41 -57.63
CA GLU E 1020 -8.15 -20.35 -58.09
C GLU E 1020 -8.77 -21.08 -56.89
N PHE E 1021 -9.86 -21.79 -57.13
CA PHE E 1021 -10.56 -22.50 -56.06
C PHE E 1021 -10.43 -24.01 -56.35
N VAL E 1022 -9.90 -24.77 -55.39
CA VAL E 1022 -9.54 -26.16 -55.70
C VAL E 1022 -10.49 -27.22 -55.13
N ASN E 1023 -11.33 -27.82 -55.97
CA ASN E 1023 -11.92 -29.09 -55.60
C ASN E 1023 -10.92 -30.10 -56.09
N VAL E 1024 -10.79 -31.19 -55.37
CA VAL E 1024 -9.89 -32.32 -55.75
C VAL E 1024 -8.42 -32.03 -56.08
N PHE E 1025 -7.56 -32.66 -55.28
CA PHE E 1025 -6.18 -32.90 -55.63
C PHE E 1025 -6.13 -34.37 -55.95
N CYS E 1026 -5.17 -34.76 -56.78
CA CYS E 1026 -4.83 -36.17 -56.91
C CYS E 1026 -3.51 -36.39 -57.60
N HIS E 1027 -2.88 -37.50 -57.24
CA HIS E 1027 -1.56 -37.83 -57.72
C HIS E 1027 -1.65 -38.35 -59.13
N GLY E 1028 -0.51 -38.57 -59.77
CA GLY E 1028 -0.44 -39.02 -61.16
C GLY E 1028 0.05 -37.88 -62.02
N SER E 1029 0.45 -38.18 -63.25
CA SER E 1029 0.94 -37.12 -64.13
C SER E 1029 0.49 -37.30 -65.57
N LEU E 1030 0.83 -36.32 -66.40
CA LEU E 1030 0.42 -36.29 -67.79
C LEU E 1030 1.59 -36.52 -68.72
N VAL E 1031 2.80 -36.44 -68.18
CA VAL E 1031 4.02 -36.71 -68.93
C VAL E 1031 4.56 -38.07 -68.52
N MET E 1032 5.37 -38.66 -69.39
CA MET E 1032 6.10 -39.88 -69.05
C MET E 1032 7.39 -39.50 -68.34
N GLN E 1033 7.75 -40.24 -67.29
CA GLN E 1033 8.96 -39.93 -66.53
C GLN E 1033 10.13 -40.82 -66.87
N ASN E 1034 11.34 -40.27 -66.83
CA ASN E 1034 12.54 -40.98 -67.25
C ASN E 1034 13.53 -41.28 -66.11
N LEU E 1035 13.98 -42.53 -66.06
CA LEU E 1035 14.96 -43.01 -65.06
C LEU E 1035 16.40 -42.67 -65.45
N GLY E 1036 17.25 -42.53 -64.44
CA GLY E 1036 18.66 -42.10 -64.58
C GLY E 1036 18.86 -40.67 -65.13
N GLU E 1037 18.37 -40.41 -66.34
CA GLU E 1037 18.47 -39.10 -66.99
C GLU E 1037 17.30 -38.15 -66.60
N THR E 1038 16.99 -37.18 -67.48
CA THR E 1038 16.10 -36.05 -67.17
C THR E 1038 16.69 -35.20 -66.03
N SER E 1039 15.87 -34.62 -65.16
CA SER E 1039 16.38 -33.97 -63.94
C SER E 1039 15.37 -33.87 -62.78
N THR E 1040 15.91 -33.84 -61.56
CA THR E 1040 15.12 -33.96 -60.33
C THR E 1040 14.80 -32.63 -59.60
N PRO E 1041 14.65 -31.50 -60.34
CA PRO E 1041 13.98 -30.38 -59.67
C PRO E 1041 12.52 -30.73 -59.37
N THR E 1042 11.99 -31.69 -60.12
CA THR E 1042 10.69 -32.27 -59.86
C THR E 1042 10.90 -33.43 -58.90
N GLN E 1043 10.01 -33.58 -57.94
CA GLN E 1043 10.00 -34.81 -57.13
C GLN E 1043 8.64 -35.47 -57.13
N GLY E 1044 7.62 -34.77 -56.65
CA GLY E 1044 6.26 -35.31 -56.63
C GLY E 1044 5.47 -34.89 -57.85
N SER E 1045 4.24 -35.40 -57.96
CA SER E 1045 3.28 -34.89 -58.94
C SER E 1045 1.85 -34.93 -58.40
N VAL E 1046 1.33 -33.76 -58.04
CA VAL E 1046 -0.06 -33.67 -57.63
C VAL E 1046 -0.80 -32.71 -58.53
N LEU E 1047 -1.77 -33.22 -59.28
CA LEU E 1047 -2.60 -32.41 -60.16
C LEU E 1047 -3.84 -31.99 -59.41
N PHE E 1048 -4.40 -30.85 -59.80
CA PHE E 1048 -5.56 -30.33 -59.12
C PHE E 1048 -6.54 -29.61 -60.03
N GLY E 1049 -7.84 -29.80 -59.74
CA GLY E 1049 -8.94 -29.22 -60.50
C GLY E 1049 -9.43 -27.87 -59.98
N THR E 1050 -9.65 -26.94 -60.91
CA THR E 1050 -10.16 -25.60 -60.53
C THR E 1050 -11.61 -25.42 -60.90
N VAL E 1051 -12.31 -24.54 -60.21
CA VAL E 1051 -13.68 -24.17 -60.52
C VAL E 1051 -13.76 -23.39 -61.86
N ASN E 1052 -12.63 -22.85 -62.30
CA ASN E 1052 -12.56 -22.12 -63.57
C ASN E 1052 -12.01 -22.99 -64.66
N GLY E 1053 -11.71 -24.23 -64.29
CA GLY E 1053 -11.20 -25.21 -65.24
C GLY E 1053 -9.69 -25.16 -65.45
N MET E 1054 -9.01 -24.36 -64.63
CA MET E 1054 -7.56 -24.33 -64.62
C MET E 1054 -7.17 -25.58 -63.88
N ILE E 1055 -6.12 -26.26 -64.35
CA ILE E 1055 -5.67 -27.46 -63.64
C ILE E 1055 -4.19 -27.58 -63.43
N GLY E 1056 -3.68 -26.81 -62.47
CA GLY E 1056 -2.27 -26.84 -62.13
C GLY E 1056 -1.77 -28.11 -61.47
N LEU E 1057 -0.44 -28.19 -61.42
CA LEU E 1057 0.29 -29.25 -60.77
C LEU E 1057 1.26 -28.63 -59.76
N VAL E 1058 1.46 -29.35 -58.66
CA VAL E 1058 2.43 -29.02 -57.62
C VAL E 1058 3.47 -30.11 -57.51
N THR E 1059 4.70 -29.71 -57.18
CA THR E 1059 5.86 -30.57 -57.18
C THR E 1059 6.81 -30.28 -56.03
N SER E 1060 7.46 -31.33 -55.53
CA SER E 1060 8.42 -31.21 -54.43
C SER E 1060 9.77 -30.81 -55.00
N LEU E 1061 10.30 -29.69 -54.50
CA LEU E 1061 11.57 -29.15 -54.98
C LEU E 1061 12.73 -29.47 -54.03
N SER E 1062 13.94 -29.43 -54.58
CA SER E 1062 15.16 -29.50 -53.79
C SER E 1062 15.39 -28.22 -52.98
N GLU E 1063 15.99 -28.38 -51.82
CA GLU E 1063 16.43 -27.26 -50.99
C GLU E 1063 17.32 -26.33 -51.82
N SER E 1064 18.35 -26.92 -52.44
CA SER E 1064 19.24 -26.27 -53.39
C SER E 1064 18.48 -25.54 -54.50
N TRP E 1065 17.54 -26.25 -55.14
CA TRP E 1065 16.75 -25.74 -56.26
C TRP E 1065 15.85 -24.58 -55.90
N TYR E 1066 15.14 -24.74 -54.79
CA TYR E 1066 14.23 -23.74 -54.29
C TYR E 1066 14.91 -22.38 -54.26
N ASN E 1067 16.06 -22.31 -53.61
CA ASN E 1067 16.80 -21.06 -53.46
C ASN E 1067 17.09 -20.39 -54.79
N LEU E 1068 17.65 -21.17 -55.71
CA LEU E 1068 17.96 -20.69 -57.05
C LEU E 1068 16.74 -20.05 -57.69
N LEU E 1069 15.63 -20.76 -57.68
CA LEU E 1069 14.42 -20.25 -58.27
C LEU E 1069 13.86 -19.07 -57.51
N LEU E 1070 13.91 -19.12 -56.18
CA LEU E 1070 13.48 -18.00 -55.35
C LEU E 1070 14.20 -16.75 -55.81
N ASP E 1071 15.50 -16.89 -55.99
CA ASP E 1071 16.37 -15.85 -56.53
C ASP E 1071 15.92 -15.45 -57.95
N MET E 1072 15.76 -16.44 -58.82
CA MET E 1072 15.29 -16.22 -60.19
C MET E 1072 14.11 -15.26 -60.23
N GLN E 1073 13.09 -15.59 -59.47
CA GLN E 1073 11.87 -14.81 -59.39
C GLN E 1073 12.22 -13.35 -59.19
N ASN E 1074 13.00 -13.06 -58.16
CA ASN E 1074 13.31 -11.67 -57.83
C ASN E 1074 13.97 -10.88 -58.94
N ARG E 1075 14.82 -11.54 -59.72
CA ARG E 1075 15.46 -10.90 -60.85
C ARG E 1075 14.49 -10.80 -62.01
N LEU E 1076 13.71 -11.85 -62.21
CA LEU E 1076 12.69 -11.89 -63.23
C LEU E 1076 11.69 -10.79 -62.97
N ASN E 1077 11.47 -10.49 -61.69
CA ASN E 1077 10.53 -9.46 -61.26
C ASN E 1077 11.01 -8.08 -61.60
N LYS E 1078 12.34 -7.91 -61.58
CA LYS E 1078 12.96 -6.63 -61.93
C LYS E 1078 12.77 -6.32 -63.42
N VAL E 1079 12.87 -7.36 -64.25
CA VAL E 1079 12.41 -7.29 -65.65
C VAL E 1079 10.93 -7.65 -65.69
N ILE E 1080 10.35 -7.77 -66.88
CA ILE E 1080 8.94 -8.16 -67.03
C ILE E 1080 8.01 -6.99 -66.69
N LYS E 1081 7.57 -6.28 -67.73
CA LYS E 1081 6.58 -5.23 -67.56
C LYS E 1081 5.30 -5.89 -67.07
N SER E 1082 5.03 -5.75 -65.77
CA SER E 1082 3.77 -6.23 -65.19
C SER E 1082 2.61 -5.53 -65.86
N VAL E 1083 1.50 -6.21 -66.02
CA VAL E 1083 0.43 -5.70 -66.88
C VAL E 1083 -0.57 -4.79 -66.16
N GLY E 1084 -0.04 -3.86 -65.38
CA GLY E 1084 -0.84 -2.93 -64.60
C GLY E 1084 0.00 -2.54 -63.42
N LYS E 1085 1.31 -2.66 -63.61
CA LYS E 1085 2.31 -2.45 -62.56
C LYS E 1085 1.86 -3.04 -61.23
N ILE E 1086 1.23 -4.20 -61.30
CA ILE E 1086 0.94 -4.99 -60.12
C ILE E 1086 2.21 -5.75 -59.78
N GLU E 1087 2.71 -5.56 -58.56
CA GLU E 1087 3.91 -6.25 -58.11
C GLU E 1087 3.61 -7.71 -57.82
N HIS E 1088 4.36 -8.60 -58.48
CA HIS E 1088 4.13 -10.05 -58.41
C HIS E 1088 4.09 -10.57 -56.97
N SER E 1089 5.14 -10.29 -56.21
CA SER E 1089 5.18 -10.64 -54.80
C SER E 1089 3.87 -10.30 -54.05
N PHE E 1090 3.30 -9.13 -54.34
CA PHE E 1090 1.98 -8.78 -53.80
C PHE E 1090 0.92 -9.80 -54.28
N TRP E 1091 0.74 -9.86 -55.60
CA TRP E 1091 -0.22 -10.75 -56.23
C TRP E 1091 -0.28 -12.13 -55.59
N ARG E 1092 0.90 -12.71 -55.34
CA ARG E 1092 1.01 -14.06 -54.79
C ARG E 1092 0.85 -14.11 -53.29
N SER E 1093 1.17 -13.00 -52.63
CA SER E 1093 1.21 -13.03 -51.16
C SER E 1093 -0.15 -13.43 -50.60
N PHE E 1094 -0.11 -14.30 -49.59
CA PHE E 1094 -1.27 -14.98 -49.04
C PHE E 1094 -2.28 -13.98 -48.52
N HIS E 1095 -3.53 -14.12 -48.92
CA HIS E 1095 -4.55 -13.13 -48.61
C HIS E 1095 -5.87 -13.72 -48.08
N THR E 1096 -6.30 -13.20 -46.94
CA THR E 1096 -7.62 -13.43 -46.39
C THR E 1096 -8.23 -12.07 -46.18
N GLU E 1097 -9.51 -12.05 -45.82
CA GLU E 1097 -10.15 -10.83 -45.38
C GLU E 1097 -9.50 -10.25 -44.13
N ARG E 1098 -8.76 -11.09 -43.38
CA ARG E 1098 -8.12 -10.67 -42.14
C ARG E 1098 -6.59 -10.67 -42.24
N LYS E 1099 -6.03 -11.61 -43.00
CA LYS E 1099 -4.58 -11.78 -43.08
C LYS E 1099 -4.04 -11.43 -44.47
N THR E 1100 -2.81 -10.93 -44.50
CA THR E 1100 -2.04 -10.83 -45.75
C THR E 1100 -0.57 -11.09 -45.42
N GLU E 1101 -0.03 -12.22 -45.89
CA GLU E 1101 1.38 -12.54 -45.65
C GLU E 1101 2.16 -12.91 -46.92
N PRO E 1102 3.47 -12.59 -46.96
CA PRO E 1102 4.37 -12.67 -48.11
C PRO E 1102 4.24 -13.90 -49.01
N ALA E 1103 4.08 -15.09 -48.43
CA ALA E 1103 4.04 -16.34 -49.19
C ALA E 1103 5.41 -16.98 -49.30
N THR E 1104 5.53 -18.15 -48.68
CA THR E 1104 6.80 -18.88 -48.62
C THR E 1104 6.61 -20.35 -48.99
N GLY E 1105 7.70 -20.97 -49.42
CA GLY E 1105 7.74 -22.41 -49.64
C GLY E 1105 7.26 -22.81 -51.01
N PHE E 1106 6.77 -21.82 -51.75
CA PHE E 1106 6.21 -22.02 -53.08
C PHE E 1106 6.93 -21.21 -54.15
N ILE E 1107 6.84 -21.68 -55.38
CA ILE E 1107 7.42 -21.01 -56.53
C ILE E 1107 6.44 -21.22 -57.67
N ASP E 1108 6.06 -20.16 -58.38
CA ASP E 1108 5.16 -20.38 -59.53
C ASP E 1108 5.90 -20.50 -60.86
N GLY E 1109 5.76 -21.68 -61.46
CA GLY E 1109 6.39 -21.99 -62.72
C GLY E 1109 6.00 -20.99 -63.77
N ASP E 1110 4.80 -20.43 -63.60
CA ASP E 1110 4.30 -19.43 -64.50
C ASP E 1110 5.20 -18.19 -64.60
N LEU E 1111 5.93 -17.89 -63.53
CA LEU E 1111 6.94 -16.83 -63.55
C LEU E 1111 8.22 -17.40 -64.11
N ILE E 1112 8.57 -18.61 -63.67
CA ILE E 1112 9.78 -19.33 -64.13
C ILE E 1112 9.69 -19.61 -65.63
N GLU E 1113 8.52 -20.03 -66.10
CA GLU E 1113 8.36 -20.35 -67.51
C GLU E 1113 8.36 -19.10 -68.40
N SER E 1114 7.86 -17.98 -67.89
CA SER E 1114 7.85 -16.75 -68.67
C SER E 1114 9.29 -16.22 -68.86
N PHE E 1115 10.26 -17.00 -68.39
CA PHE E 1115 11.70 -16.74 -68.63
C PHE E 1115 12.05 -16.99 -70.08
N LEU E 1116 11.44 -18.02 -70.66
CA LEU E 1116 11.71 -18.38 -72.04
C LEU E 1116 11.06 -17.42 -73.03
N ASP E 1117 10.53 -16.30 -72.52
CA ASP E 1117 9.84 -15.34 -73.39
C ASP E 1117 10.39 -13.90 -73.27
N ILE E 1118 11.70 -13.78 -72.99
CA ILE E 1118 12.38 -12.48 -72.93
C ILE E 1118 13.62 -12.42 -73.85
N SER E 1119 14.14 -11.21 -74.09
CA SER E 1119 15.32 -11.04 -74.96
C SER E 1119 16.59 -11.56 -74.29
N ARG E 1120 17.55 -11.98 -75.12
CA ARG E 1120 18.83 -12.51 -74.62
C ARG E 1120 19.69 -11.54 -73.79
N PRO E 1121 19.57 -10.21 -74.01
CA PRO E 1121 20.18 -9.26 -73.08
C PRO E 1121 19.55 -9.30 -71.69
N LYS E 1122 18.22 -9.17 -71.65
CA LYS E 1122 17.45 -9.21 -70.41
C LYS E 1122 17.63 -10.56 -69.72
N MET E 1123 17.77 -11.60 -70.55
CA MET E 1123 18.08 -12.93 -70.09
C MET E 1123 19.43 -12.97 -69.38
N GLN E 1124 20.46 -12.41 -70.02
CA GLN E 1124 21.80 -12.36 -69.41
C GLN E 1124 21.86 -11.47 -68.17
N GLU E 1125 20.97 -10.48 -68.12
CA GLU E 1125 20.85 -9.58 -66.97
C GLU E 1125 20.42 -10.33 -65.72
N VAL E 1126 19.47 -11.25 -65.89
CA VAL E 1126 18.97 -12.07 -64.80
C VAL E 1126 20.03 -13.08 -64.35
N VAL E 1127 20.87 -13.52 -65.28
CA VAL E 1127 21.89 -14.53 -64.97
C VAL E 1127 23.19 -13.89 -64.46
N ALA E 1128 23.34 -12.59 -64.68
CA ALA E 1128 24.49 -11.84 -64.21
C ALA E 1128 24.72 -12.04 -62.71
N ASN E 1129 25.97 -12.34 -62.36
CA ASN E 1129 26.39 -12.46 -60.96
C ASN E 1129 25.87 -13.70 -60.27
N LEU E 1130 25.18 -14.57 -61.01
CA LEU E 1130 24.59 -15.75 -60.42
C LEU E 1130 25.58 -16.88 -60.30
N GLN E 1131 25.81 -17.31 -59.07
CA GLN E 1131 26.63 -18.48 -58.80
C GLN E 1131 25.76 -19.72 -58.90
N TYR E 1132 26.06 -20.54 -59.89
CA TYR E 1132 25.23 -21.69 -60.23
C TYR E 1132 25.98 -23.01 -60.01
N ASP E 1133 25.27 -23.97 -59.42
CA ASP E 1133 25.76 -25.34 -59.29
C ASP E 1133 25.08 -26.20 -60.35
N ASP E 1134 25.87 -26.67 -61.32
CA ASP E 1134 25.35 -27.50 -62.40
C ASP E 1134 25.43 -29.00 -62.08
N GLY E 1135 25.45 -29.32 -60.79
CA GLY E 1135 25.55 -30.70 -60.33
C GLY E 1135 26.98 -31.14 -60.12
N SER E 1136 27.93 -30.38 -60.67
CA SER E 1136 29.36 -30.68 -60.54
C SER E 1136 29.90 -30.36 -59.16
N GLY E 1137 29.12 -29.63 -58.36
CA GLY E 1137 29.54 -29.24 -57.02
C GLY E 1137 30.53 -28.10 -57.03
N MET E 1138 31.35 -28.02 -58.08
CA MET E 1138 32.26 -26.91 -58.28
C MET E 1138 31.52 -25.74 -58.93
N LYS E 1139 31.37 -24.66 -58.18
CA LYS E 1139 30.63 -23.47 -58.60
C LYS E 1139 31.25 -22.81 -59.82
N ARG E 1140 30.42 -22.11 -60.59
CA ARG E 1140 30.85 -21.45 -61.82
C ARG E 1140 29.90 -20.29 -62.08
N GLU E 1141 30.31 -19.32 -62.89
CA GLU E 1141 29.42 -18.26 -63.34
C GLU E 1141 28.37 -18.86 -64.28
N ALA E 1142 27.11 -18.63 -63.96
CA ALA E 1142 26.00 -19.16 -64.77
C ALA E 1142 25.85 -18.35 -66.05
N THR E 1143 25.49 -19.02 -67.13
CA THR E 1143 25.22 -18.36 -68.41
C THR E 1143 23.73 -18.41 -68.70
N ALA E 1144 23.27 -17.54 -69.60
CA ALA E 1144 21.88 -17.54 -70.01
C ALA E 1144 21.40 -18.92 -70.48
N ASP E 1145 22.30 -19.68 -71.10
CA ASP E 1145 21.98 -21.01 -71.62
C ASP E 1145 21.76 -22.06 -70.54
N ASP E 1146 22.52 -21.96 -69.44
CA ASP E 1146 22.39 -22.88 -68.32
C ASP E 1146 20.97 -22.88 -67.74
N LEU E 1147 20.38 -21.69 -67.69
CA LEU E 1147 19.03 -21.51 -67.15
C LEU E 1147 17.95 -21.87 -68.16
N ILE E 1148 18.22 -21.63 -69.44
CA ILE E 1148 17.28 -22.02 -70.50
C ILE E 1148 17.08 -23.53 -70.50
N LYS E 1149 18.15 -24.31 -70.37
CA LYS E 1149 18.03 -25.77 -70.31
C LYS E 1149 17.52 -26.27 -68.95
N VAL E 1150 17.50 -25.38 -67.96
CA VAL E 1150 16.89 -25.67 -66.66
C VAL E 1150 15.37 -25.42 -66.70
N VAL E 1151 14.96 -24.26 -67.21
CA VAL E 1151 13.54 -23.94 -67.35
C VAL E 1151 12.90 -24.81 -68.43
N GLU E 1152 13.60 -24.96 -69.55
CA GLU E 1152 13.23 -25.90 -70.60
C GLU E 1152 12.79 -27.23 -69.99
N GLU E 1153 13.63 -27.78 -69.11
CA GLU E 1153 13.34 -29.03 -68.43
C GLU E 1153 12.04 -28.92 -67.64
N LEU E 1154 11.92 -27.86 -66.83
CA LEU E 1154 10.80 -27.71 -65.92
C LEU E 1154 9.43 -27.61 -66.61
N THR E 1155 9.41 -27.31 -67.91
CA THR E 1155 8.15 -27.24 -68.66
C THR E 1155 7.70 -28.64 -69.06
N ARG E 1156 8.68 -29.51 -69.33
CA ARG E 1156 8.37 -30.89 -69.67
C ARG E 1156 8.12 -31.82 -68.47
N ILE E 1157 7.33 -31.30 -67.53
CA ILE E 1157 6.69 -32.11 -66.49
C ILE E 1157 5.19 -31.81 -66.41
N HIS E 1158 4.66 -31.16 -67.45
CA HIS E 1158 3.20 -31.05 -67.64
C HIS E 1158 2.79 -31.02 -69.11
N TRP F 63 -30.09 -0.32 -39.25
CA TRP F 63 -29.86 -1.30 -38.16
C TRP F 63 -29.16 -2.57 -38.68
N VAL F 64 -29.78 -3.20 -39.67
CA VAL F 64 -29.29 -4.46 -40.24
C VAL F 64 -28.16 -4.15 -41.24
N GLY F 65 -27.00 -4.82 -41.08
CA GLY F 65 -25.89 -4.70 -42.02
C GLY F 65 -26.24 -5.39 -43.33
N LEU F 66 -27.00 -4.69 -44.18
CA LEU F 66 -27.74 -5.24 -45.33
C LEU F 66 -28.79 -6.28 -44.90
N ALA F 67 -30.05 -6.08 -45.32
CA ALA F 67 -31.21 -6.87 -44.83
C ALA F 67 -31.02 -8.40 -44.86
N GLY F 68 -30.15 -8.89 -43.97
CA GLY F 68 -29.79 -10.31 -43.87
C GLY F 68 -28.84 -10.84 -44.93
N PRO F 69 -27.72 -11.46 -44.49
CA PRO F 69 -26.90 -12.33 -45.37
C PRO F 69 -27.53 -13.69 -45.61
N GLN F 70 -28.79 -13.70 -46.04
CA GLN F 70 -29.57 -14.93 -46.33
C GLN F 70 -28.78 -16.02 -47.06
N ILE F 71 -28.85 -17.24 -46.52
CA ILE F 71 -27.95 -18.33 -46.94
C ILE F 71 -28.48 -19.28 -48.04
N LEU F 72 -28.03 -19.03 -49.25
CA LEU F 72 -28.06 -19.98 -50.38
C LEU F 72 -29.33 -20.75 -50.81
N PRO F 73 -29.21 -22.07 -51.16
CA PRO F 73 -30.23 -22.80 -51.97
C PRO F 73 -31.46 -23.34 -51.20
N PRO F 74 -32.65 -23.45 -51.87
CA PRO F 74 -33.93 -23.71 -51.22
C PRO F 74 -33.82 -24.46 -49.91
N CYS F 75 -34.30 -23.79 -48.85
CA CYS F 75 -34.29 -24.21 -47.42
C CYS F 75 -32.88 -24.45 -46.82
N ARG F 76 -31.87 -24.31 -47.68
CA ARG F 76 -30.47 -24.37 -47.32
C ARG F 76 -30.14 -25.51 -46.35
N SER F 77 -30.01 -26.70 -46.92
CA SER F 77 -29.31 -27.79 -46.27
C SER F 77 -27.83 -27.60 -46.51
N ILE F 78 -27.01 -27.74 -45.46
CA ILE F 78 -25.57 -27.46 -45.61
C ILE F 78 -25.00 -28.16 -46.85
N VAL F 79 -25.41 -29.40 -47.09
CA VAL F 79 -24.90 -30.13 -48.24
C VAL F 79 -25.19 -29.37 -49.53
N ARG F 80 -26.44 -28.90 -49.65
CA ARG F 80 -26.91 -28.16 -50.81
C ARG F 80 -26.10 -26.89 -50.97
N THR F 81 -25.77 -26.26 -49.85
CA THR F 81 -25.00 -25.02 -49.82
C THR F 81 -23.55 -25.27 -50.19
N LEU F 82 -22.96 -26.32 -49.62
CA LEU F 82 -21.54 -26.69 -49.87
C LEU F 82 -21.29 -27.05 -51.31
N HIS F 83 -22.20 -27.82 -51.87
CA HIS F 83 -22.03 -28.20 -53.25
C HIS F 83 -22.17 -26.97 -54.14
N GLN F 84 -23.15 -26.12 -53.83
CA GLN F 84 -23.31 -24.88 -54.55
C GLN F 84 -21.99 -24.08 -54.59
N HIS F 85 -21.38 -23.92 -53.43
CA HIS F 85 -20.08 -23.26 -53.32
C HIS F 85 -19.07 -23.92 -54.24
N LYS F 86 -19.14 -25.26 -54.33
CA LYS F 86 -18.23 -26.08 -55.14
C LYS F 86 -18.34 -25.74 -56.62
N LEU F 87 -19.58 -25.52 -57.08
CA LEU F 87 -19.92 -25.28 -58.49
C LEU F 87 -19.58 -23.90 -58.98
N GLY F 88 -19.26 -23.00 -58.06
CA GLY F 88 -18.91 -21.62 -58.42
C GLY F 88 -20.12 -20.75 -58.24
N ARG F 89 -21.28 -21.39 -58.09
CA ARG F 89 -22.57 -20.71 -58.06
C ARG F 89 -22.89 -20.06 -56.70
N ALA F 90 -21.97 -20.10 -55.74
CA ALA F 90 -22.33 -19.60 -54.41
C ALA F 90 -21.32 -18.63 -53.78
N SER F 91 -21.79 -17.39 -53.59
CA SER F 91 -21.05 -16.34 -52.91
C SER F 91 -20.44 -16.91 -51.63
N TRP F 92 -19.16 -16.68 -51.38
CA TRP F 92 -18.57 -17.17 -50.15
C TRP F 92 -19.32 -16.63 -48.92
N PRO F 93 -19.51 -15.30 -48.87
CA PRO F 93 -20.37 -14.76 -47.81
C PRO F 93 -21.66 -15.57 -47.56
N SER F 94 -22.17 -16.27 -48.57
CA SER F 94 -23.38 -17.06 -48.40
C SER F 94 -23.03 -18.33 -47.68
N VAL F 95 -22.08 -19.07 -48.26
CA VAL F 95 -21.54 -20.29 -47.66
C VAL F 95 -21.18 -20.03 -46.20
N GLN F 96 -20.49 -18.90 -46.00
CA GLN F 96 -20.18 -18.40 -44.67
C GLN F 96 -21.40 -18.49 -43.75
N GLN F 97 -22.49 -17.85 -44.15
CA GLN F 97 -23.67 -17.80 -43.33
C GLN F 97 -24.18 -19.20 -43.05
N GLY F 98 -24.07 -20.07 -44.04
CA GLY F 98 -24.48 -21.47 -43.88
C GLY F 98 -23.70 -22.18 -42.78
N LEU F 99 -22.37 -22.02 -42.85
CA LEU F 99 -21.51 -22.52 -41.80
C LEU F 99 -21.90 -21.89 -40.47
N GLN F 100 -22.10 -20.58 -40.45
CA GLN F 100 -22.48 -19.87 -39.22
C GLN F 100 -23.70 -20.50 -38.57
N GLN F 101 -24.64 -20.88 -39.42
CA GLN F 101 -25.84 -21.54 -38.95
C GLN F 101 -25.49 -22.91 -38.41
N SER F 102 -24.68 -23.63 -39.18
CA SER F 102 -24.24 -24.95 -38.78
C SER F 102 -23.54 -24.89 -37.40
N PHE F 103 -22.71 -23.87 -37.21
CA PHE F 103 -22.09 -23.61 -35.94
C PHE F 103 -23.16 -23.34 -34.88
N LEU F 104 -24.02 -22.37 -35.12
CA LEU F 104 -25.02 -21.97 -34.15
C LEU F 104 -25.75 -23.18 -33.66
N HIS F 105 -25.94 -24.18 -34.52
CA HIS F 105 -26.62 -25.42 -34.15
C HIS F 105 -25.79 -26.27 -33.16
N THR F 106 -24.51 -26.44 -33.48
CA THR F 106 -23.58 -27.18 -32.62
C THR F 106 -23.48 -26.47 -31.27
N LEU F 107 -23.69 -25.16 -31.28
CA LEU F 107 -23.61 -24.32 -30.06
C LEU F 107 -24.73 -24.63 -29.06
N ASP F 108 -25.82 -25.17 -29.55
CA ASP F 108 -26.89 -25.63 -28.67
C ASP F 108 -26.48 -26.86 -27.86
N SER F 109 -25.61 -27.69 -28.43
CA SER F 109 -25.04 -28.84 -27.73
C SER F 109 -23.68 -28.54 -27.06
N TYR F 110 -23.11 -27.33 -27.29
CA TYR F 110 -21.96 -26.77 -26.53
C TYR F 110 -22.36 -26.72 -25.09
N ARG F 111 -23.66 -26.77 -24.87
CA ARG F 111 -24.28 -26.70 -23.56
C ARG F 111 -23.45 -27.31 -22.42
N ILE F 112 -22.49 -28.18 -22.76
CA ILE F 112 -21.67 -28.80 -21.75
C ILE F 112 -20.42 -27.95 -21.43
N LEU F 113 -20.25 -27.67 -20.14
CA LEU F 113 -19.03 -27.12 -19.60
C LEU F 113 -18.06 -28.27 -19.39
N GLN F 114 -17.18 -28.49 -20.35
CA GLN F 114 -16.20 -29.56 -20.21
C GLN F 114 -14.90 -28.97 -19.71
N LYS F 115 -14.83 -28.78 -18.39
CA LYS F 115 -13.71 -28.16 -17.63
C LYS F 115 -14.15 -26.82 -16.98
N ALA F 116 -14.08 -26.79 -15.64
CA ALA F 116 -14.35 -25.61 -14.81
C ALA F 116 -13.21 -25.45 -13.84
N ALA F 117 -12.99 -24.24 -13.34
CA ALA F 117 -11.90 -24.00 -12.39
C ALA F 117 -12.01 -22.62 -11.75
N PRO F 118 -11.35 -22.41 -10.59
CA PRO F 118 -11.18 -21.07 -10.03
C PRO F 118 -9.70 -20.65 -9.93
N PHE F 119 -9.45 -19.71 -9.03
CA PHE F 119 -8.18 -19.60 -8.34
C PHE F 119 -8.45 -18.92 -7.01
N ASP F 120 -8.84 -17.65 -7.05
CA ASP F 120 -9.29 -16.90 -5.87
C ASP F 120 -9.62 -15.45 -6.20
N ARG F 121 -10.21 -14.76 -5.21
CA ARG F 121 -10.46 -13.31 -5.25
C ARG F 121 -11.60 -12.94 -6.24
N ARG F 122 -11.32 -13.08 -7.55
CA ARG F 122 -12.25 -12.74 -8.61
C ARG F 122 -11.51 -12.63 -9.95
N ALA F 123 -12.15 -13.07 -11.03
CA ALA F 123 -11.59 -12.97 -12.39
C ALA F 123 -11.79 -11.57 -12.93
N THR F 124 -10.77 -11.04 -13.59
CA THR F 124 -10.85 -9.67 -14.09
C THR F 124 -10.32 -9.48 -15.50
N SER F 125 -9.52 -10.42 -15.99
CA SER F 125 -8.93 -10.32 -17.34
C SER F 125 -8.79 -11.68 -18.01
N LEU F 126 -9.19 -11.77 -19.28
CA LEU F 126 -9.15 -13.04 -19.97
C LEU F 126 -8.39 -12.91 -21.29
N ALA F 127 -7.49 -13.84 -21.56
CA ALA F 127 -6.76 -13.86 -22.84
C ALA F 127 -6.63 -15.27 -23.36
N TRP F 128 -6.93 -15.45 -24.63
CA TRP F 128 -6.75 -16.75 -25.23
C TRP F 128 -5.37 -16.78 -25.84
N HIS F 129 -4.65 -17.89 -25.65
CA HIS F 129 -3.39 -18.02 -26.35
C HIS F 129 -3.66 -17.87 -27.85
N PRO F 130 -2.88 -17.01 -28.54
CA PRO F 130 -3.10 -16.70 -29.95
C PRO F 130 -3.10 -17.91 -30.90
N THR F 131 -2.50 -19.02 -30.50
CA THR F 131 -2.32 -20.15 -31.39
C THR F 131 -2.88 -21.44 -30.84
N HIS F 132 -2.44 -21.85 -29.65
CA HIS F 132 -2.95 -23.09 -29.06
C HIS F 132 -4.41 -22.89 -28.72
N PRO F 133 -5.25 -23.81 -29.20
CA PRO F 133 -6.68 -23.75 -28.96
C PRO F 133 -7.06 -24.35 -27.60
N SER F 134 -6.06 -24.48 -26.70
CA SER F 134 -6.25 -24.97 -25.34
C SER F 134 -5.72 -24.03 -24.28
N THR F 135 -4.72 -23.25 -24.65
CA THR F 135 -4.09 -22.36 -23.70
C THR F 135 -4.90 -21.07 -23.48
N VAL F 136 -5.12 -20.77 -22.20
CA VAL F 136 -5.87 -19.59 -21.75
C VAL F 136 -5.14 -18.90 -20.58
N ALA F 137 -5.03 -17.57 -20.64
CA ALA F 137 -4.53 -16.78 -19.52
C ALA F 137 -5.71 -16.10 -18.83
N VAL F 138 -5.64 -16.01 -17.50
CA VAL F 138 -6.70 -15.39 -16.72
C VAL F 138 -6.12 -14.51 -15.64
N GLY F 139 -6.70 -13.31 -15.49
CA GLY F 139 -6.22 -12.31 -14.52
C GLY F 139 -7.14 -12.18 -13.34
N SER F 140 -6.60 -11.69 -12.24
CA SER F 140 -7.36 -11.58 -11.00
C SER F 140 -7.34 -10.18 -10.35
N LYS F 141 -8.46 -9.83 -9.72
CA LYS F 141 -8.55 -8.62 -8.89
C LYS F 141 -7.43 -8.57 -7.87
N GLY F 142 -6.97 -9.76 -7.47
CA GLY F 142 -5.87 -9.90 -6.52
C GLY F 142 -4.53 -9.58 -7.13
N GLY F 143 -4.30 -10.08 -8.33
CA GLY F 143 -3.01 -9.91 -8.99
C GLY F 143 -2.56 -11.22 -9.57
N ASP F 144 -3.45 -12.21 -9.50
CA ASP F 144 -3.15 -13.56 -9.94
C ASP F 144 -3.15 -13.68 -11.46
N ILE F 145 -2.23 -14.49 -11.96
CA ILE F 145 -2.19 -14.88 -13.35
C ILE F 145 -2.17 -16.39 -13.44
N MET F 146 -3.15 -16.96 -14.14
CA MET F 146 -3.18 -18.38 -14.41
C MET F 146 -2.96 -18.60 -15.90
N LEU F 147 -1.96 -19.41 -16.22
CA LEU F 147 -1.75 -19.87 -17.59
C LEU F 147 -2.25 -21.30 -17.67
N TRP F 148 -3.46 -21.47 -18.17
CA TRP F 148 -4.12 -22.75 -18.11
C TRP F 148 -4.37 -23.34 -19.48
N ASN F 149 -3.65 -24.42 -19.74
CA ASN F 149 -3.95 -25.29 -20.85
C ASN F 149 -4.81 -26.42 -20.32
N PHE F 150 -6.12 -26.36 -20.60
CA PHE F 150 -7.01 -27.47 -20.30
C PHE F 150 -6.71 -28.50 -21.36
N GLY F 151 -7.31 -29.68 -21.22
CA GLY F 151 -7.01 -30.79 -22.11
C GLY F 151 -5.55 -31.19 -21.98
N ILE F 152 -5.01 -31.04 -20.77
CA ILE F 152 -3.66 -31.47 -20.47
C ILE F 152 -3.51 -31.96 -19.02
N LYS F 153 -4.38 -31.49 -18.12
CA LYS F 153 -4.43 -31.97 -16.71
C LYS F 153 -3.07 -31.81 -15.99
N ASP F 154 -2.51 -30.62 -16.07
CA ASP F 154 -1.09 -30.45 -15.81
C ASP F 154 -0.77 -29.34 -14.81
N LYS F 155 -1.76 -28.90 -14.06
CA LYS F 155 -1.57 -27.88 -13.01
C LYS F 155 -1.10 -26.55 -13.60
N PRO F 156 -2.05 -25.67 -13.96
CA PRO F 156 -1.75 -24.40 -14.64
C PRO F 156 -0.59 -23.63 -14.01
N THR F 157 0.26 -23.06 -14.85
CA THR F 157 1.30 -22.14 -14.38
C THR F 157 0.62 -20.98 -13.67
N PHE F 158 1.20 -20.58 -12.54
CA PHE F 158 0.56 -19.63 -11.67
C PHE F 158 1.52 -18.54 -11.23
N ILE F 159 1.00 -17.32 -11.17
CA ILE F 159 1.67 -16.19 -10.54
C ILE F 159 0.71 -15.63 -9.50
N LYS F 160 1.13 -15.56 -8.24
CA LYS F 160 0.30 -14.91 -7.24
C LYS F 160 0.68 -13.45 -7.15
N GLY F 161 -0.32 -12.59 -7.13
CA GLY F 161 -0.10 -11.16 -7.09
C GLY F 161 -0.29 -10.57 -5.70
N ILE F 162 -0.19 -9.25 -5.64
CA ILE F 162 -0.35 -8.49 -4.39
C ILE F 162 -1.55 -8.97 -3.58
N GLY F 163 -2.73 -8.92 -4.18
CA GLY F 163 -3.96 -9.29 -3.50
C GLY F 163 -4.65 -8.07 -2.94
N ALA F 164 -3.85 -7.12 -2.47
CA ALA F 164 -4.35 -5.87 -1.91
C ALA F 164 -4.90 -5.02 -3.05
N GLY F 165 -4.08 -4.16 -3.63
CA GLY F 165 -4.43 -3.53 -4.92
C GLY F 165 -4.17 -4.58 -5.96
N GLY F 166 -3.34 -4.25 -6.95
CA GLY F 166 -2.78 -5.22 -7.88
C GLY F 166 -3.70 -6.01 -8.82
N SER F 167 -5.00 -5.66 -8.88
CA SER F 167 -5.91 -6.24 -9.85
C SER F 167 -5.28 -6.23 -11.25
N ILE F 168 -5.45 -7.31 -12.01
CA ILE F 168 -5.07 -7.27 -13.41
C ILE F 168 -6.26 -6.73 -14.17
N THR F 169 -6.14 -5.50 -14.66
CA THR F 169 -7.22 -4.82 -15.35
C THR F 169 -7.10 -5.06 -16.84
N GLY F 170 -5.99 -5.65 -17.26
CA GLY F 170 -5.90 -6.07 -18.64
C GLY F 170 -4.73 -6.98 -18.91
N LEU F 171 -4.95 -8.03 -19.71
CA LEU F 171 -3.86 -8.89 -20.19
C LEU F 171 -4.00 -9.45 -21.61
N LYS F 172 -3.00 -9.15 -22.46
CA LYS F 172 -2.85 -9.77 -23.78
C LYS F 172 -1.54 -10.55 -23.79
N PHE F 173 -1.51 -11.69 -24.48
CA PHE F 173 -0.26 -12.45 -24.66
C PHE F 173 0.71 -11.63 -25.47
N ASN F 174 2.00 -11.83 -25.22
CA ASN F 174 3.02 -11.16 -26.03
C ASN F 174 3.08 -11.78 -27.40
N PRO F 175 2.58 -11.06 -28.42
CA PRO F 175 2.43 -11.65 -29.73
C PRO F 175 3.76 -12.17 -30.25
N LEU F 176 4.83 -11.42 -30.00
CA LEU F 176 6.14 -11.82 -30.47
C LEU F 176 6.74 -13.01 -29.71
N ASN F 177 6.28 -13.22 -28.47
CA ASN F 177 6.71 -14.36 -27.65
C ASN F 177 5.68 -14.76 -26.62
N THR F 178 4.99 -15.88 -26.91
CA THR F 178 3.86 -16.31 -26.10
C THR F 178 4.23 -16.95 -24.74
N ASN F 179 5.52 -17.00 -24.42
CA ASN F 179 5.93 -17.35 -23.06
C ASN F 179 5.81 -16.15 -22.12
N GLN F 180 5.49 -15.00 -22.73
CA GLN F 180 5.35 -13.73 -22.03
C GLN F 180 3.98 -13.12 -22.28
N PHE F 181 3.56 -12.27 -21.36
CA PHE F 181 2.32 -11.53 -21.50
C PHE F 181 2.51 -10.06 -21.11
N TYR F 182 1.56 -9.23 -21.50
CA TYR F 182 1.49 -7.85 -21.03
C TYR F 182 0.39 -7.78 -19.97
N ALA F 183 0.45 -6.77 -19.10
CA ALA F 183 -0.56 -6.61 -18.05
C ALA F 183 -0.83 -5.14 -17.66
N SER F 184 -2.11 -4.84 -17.48
CA SER F 184 -2.54 -3.56 -16.94
C SER F 184 -2.87 -3.77 -15.49
N SER F 185 -2.01 -3.29 -14.60
CA SER F 185 -2.17 -3.55 -13.18
C SER F 185 -2.66 -2.35 -12.39
N MET F 186 -3.47 -2.63 -11.38
CA MET F 186 -3.91 -1.63 -10.44
C MET F 186 -2.77 -1.18 -9.52
N GLU F 187 -1.64 -1.88 -9.58
CA GLU F 187 -0.43 -1.40 -8.91
C GLU F 187 0.12 -0.16 -9.60
N GLY F 188 -0.38 0.10 -10.81
CA GLY F 188 0.03 1.26 -11.58
C GLY F 188 1.12 0.96 -12.58
N THR F 189 1.18 -0.29 -13.04
CA THR F 189 2.21 -0.67 -14.00
C THR F 189 1.60 -1.48 -15.12
N THR F 190 2.16 -1.28 -16.30
CA THR F 190 1.92 -2.15 -17.45
C THR F 190 3.20 -2.95 -17.66
N ARG F 191 3.19 -4.17 -17.13
CA ARG F 191 4.37 -5.01 -17.12
C ARG F 191 4.39 -5.76 -18.43
N LEU F 192 5.59 -6.10 -18.89
CA LEU F 192 5.76 -7.18 -19.85
C LEU F 192 6.47 -8.24 -19.03
N GLN F 193 5.85 -9.41 -18.92
CA GLN F 193 6.23 -10.40 -17.91
C GLN F 193 6.12 -11.82 -18.44
N ASP F 194 7.01 -12.67 -17.98
CA ASP F 194 6.98 -14.08 -18.29
C ASP F 194 6.00 -14.78 -17.37
N PHE F 195 5.37 -15.86 -17.86
CA PHE F 195 4.40 -16.64 -17.06
C PHE F 195 5.07 -17.37 -15.91
N LYS F 196 6.36 -17.64 -16.08
CA LYS F 196 7.22 -18.08 -14.98
C LYS F 196 7.57 -16.83 -14.17
N GLY F 197 6.53 -16.23 -13.60
CA GLY F 197 6.56 -14.98 -12.80
C GLY F 197 7.78 -14.10 -12.62
N ASN F 198 8.24 -13.48 -13.71
CA ASN F 198 9.33 -12.51 -13.63
C ASN F 198 9.30 -11.47 -14.75
N ILE F 199 9.35 -10.20 -14.36
CA ILE F 199 9.23 -9.08 -15.29
C ILE F 199 10.41 -9.04 -16.28
N LEU F 200 10.21 -8.39 -17.42
CA LEU F 200 11.27 -8.11 -18.36
C LEU F 200 11.50 -6.61 -18.53
N ARG F 201 10.42 -5.84 -18.69
CA ARG F 201 10.48 -4.37 -18.55
C ARG F 201 9.10 -3.76 -18.27
N VAL F 202 9.01 -2.94 -17.23
CA VAL F 202 7.80 -2.22 -16.91
C VAL F 202 7.63 -1.15 -17.98
N PHE F 203 6.63 -1.35 -18.84
CA PHE F 203 6.42 -0.42 -19.95
C PHE F 203 5.92 0.94 -19.51
N ALA F 204 5.18 0.97 -18.42
CA ALA F 204 4.76 2.22 -17.81
C ALA F 204 4.48 2.04 -16.33
N SER F 205 4.91 3.00 -15.53
CA SER F 205 4.53 3.08 -14.12
C SER F 205 3.91 4.45 -13.81
N SER F 206 3.17 4.52 -12.71
CA SER F 206 2.19 5.59 -12.46
C SER F 206 2.78 6.97 -12.21
N ASP F 207 3.65 7.04 -11.18
CA ASP F 207 4.30 8.27 -10.67
C ASP F 207 3.48 9.07 -9.62
N THR F 208 2.16 8.88 -9.61
CA THR F 208 1.30 9.30 -8.50
C THR F 208 0.51 8.08 -8.05
N ILE F 209 0.38 7.90 -6.74
CA ILE F 209 -0.53 6.87 -6.27
C ILE F 209 -1.98 7.31 -6.57
N ASN F 210 -2.89 6.34 -6.65
CA ASN F 210 -4.27 6.57 -7.05
C ASN F 210 -4.41 6.66 -8.56
N ILE F 211 -3.29 6.82 -9.25
CA ILE F 211 -3.28 6.67 -10.70
C ILE F 211 -2.70 5.31 -11.04
N TRP F 212 -3.53 4.45 -11.65
CA TRP F 212 -3.07 3.16 -12.17
C TRP F 212 -3.64 2.91 -13.57
N PHE F 213 -3.30 1.78 -14.18
CA PHE F 213 -3.69 1.49 -15.55
C PHE F 213 -4.85 0.53 -15.65
N CYS F 214 -5.75 0.80 -16.58
CA CYS F 214 -7.01 0.09 -16.62
C CYS F 214 -7.20 -0.81 -17.82
N SER F 215 -6.46 -0.54 -18.89
CA SER F 215 -6.78 -1.10 -20.20
C SER F 215 -5.52 -1.23 -21.06
N LEU F 216 -5.39 -2.36 -21.74
CA LEU F 216 -4.20 -2.63 -22.54
C LEU F 216 -4.58 -3.11 -23.94
N ASP F 217 -3.65 -2.94 -24.88
CA ASP F 217 -3.65 -3.74 -26.11
C ASP F 217 -2.31 -3.64 -26.83
N VAL F 218 -1.96 -4.69 -27.57
CA VAL F 218 -0.68 -4.75 -28.28
C VAL F 218 -0.87 -5.16 -29.73
N SER F 219 -0.03 -4.63 -30.62
CA SER F 219 -0.09 -5.04 -32.01
C SER F 219 1.29 -5.50 -32.48
N ALA F 220 1.39 -6.81 -32.73
CA ALA F 220 2.63 -7.39 -33.23
C ALA F 220 3.09 -6.67 -34.48
N SER F 221 2.13 -6.37 -35.34
CA SER F 221 2.34 -5.83 -36.67
C SER F 221 3.00 -4.44 -36.73
N SER F 222 2.47 -3.51 -35.95
CA SER F 222 3.03 -2.16 -35.85
C SER F 222 4.01 -2.03 -34.68
N ARG F 223 4.12 -3.13 -33.91
CA ARG F 223 5.00 -3.25 -32.73
C ARG F 223 4.75 -2.18 -31.66
N MET F 224 3.47 -1.98 -31.36
CA MET F 224 3.01 -0.94 -30.47
C MET F 224 2.44 -1.52 -29.17
N VAL F 225 2.37 -0.68 -28.15
CA VAL F 225 1.71 -1.01 -26.88
C VAL F 225 0.93 0.22 -26.40
N VAL F 226 -0.37 0.09 -26.19
CA VAL F 226 -1.20 1.19 -25.66
C VAL F 226 -1.81 0.84 -24.31
N THR F 227 -1.72 1.75 -23.35
CA THR F 227 -2.36 1.57 -22.05
C THR F 227 -3.20 2.77 -21.70
N GLY F 228 -4.37 2.50 -21.14
CA GLY F 228 -5.22 3.56 -20.60
C GLY F 228 -5.13 3.55 -19.08
N ASP F 229 -4.86 4.73 -18.49
CA ASP F 229 -4.90 4.87 -17.04
C ASP F 229 -6.30 5.20 -16.55
N ASN F 230 -6.49 5.21 -15.24
CA ASN F 230 -7.83 5.37 -14.68
C ASN F 230 -8.30 6.82 -14.62
N VAL F 231 -7.48 7.74 -15.12
CA VAL F 231 -7.79 9.16 -15.07
C VAL F 231 -8.27 9.63 -16.43
N GLY F 232 -7.75 9.01 -17.48
CA GLY F 232 -8.13 9.35 -18.84
C GLY F 232 -6.94 9.42 -19.76
N ASN F 233 -5.74 9.35 -19.20
CA ASN F 233 -4.55 9.35 -20.01
C ASN F 233 -4.36 8.05 -20.76
N VAL F 234 -3.79 8.17 -21.96
CA VAL F 234 -3.44 7.02 -22.77
C VAL F 234 -1.97 7.18 -23.16
N ILE F 235 -1.14 6.21 -22.79
CA ILE F 235 0.24 6.17 -23.25
C ILE F 235 0.38 5.19 -24.41
N LEU F 236 1.24 5.54 -25.37
CA LEU F 236 1.52 4.68 -26.51
C LEU F 236 3.02 4.43 -26.54
N LEU F 237 3.39 3.16 -26.55
CA LEU F 237 4.77 2.76 -26.53
C LEU F 237 5.10 1.83 -27.69
N ASN F 238 6.35 1.89 -28.15
CA ASN F 238 6.89 0.90 -29.05
C ASN F 238 7.45 -0.22 -28.19
N MET F 239 7.56 -1.42 -28.75
CA MET F 239 7.86 -2.60 -27.95
C MET F 239 9.25 -2.66 -27.31
N ASP F 240 10.06 -1.63 -27.54
CA ASP F 240 11.30 -1.45 -26.79
C ASP F 240 10.98 -0.75 -25.47
N GLY F 241 10.04 0.19 -25.52
CA GLY F 241 9.54 0.85 -24.34
C GLY F 241 9.54 2.35 -24.43
N LYS F 242 9.82 2.89 -25.61
CA LYS F 242 9.88 4.33 -25.79
C LYS F 242 8.49 4.95 -25.92
N GLU F 243 8.27 6.01 -25.15
CA GLU F 243 6.98 6.70 -25.17
C GLU F 243 6.83 7.55 -26.39
N LEU F 244 5.65 7.50 -26.99
CA LEU F 244 5.33 8.33 -28.13
C LEU F 244 4.14 9.22 -27.78
N TRP F 245 3.38 8.79 -26.79
CA TRP F 245 2.14 9.42 -26.38
C TRP F 245 2.21 9.81 -24.93
N ASN F 246 1.21 10.57 -24.50
CA ASN F 246 0.76 10.60 -23.12
C ASN F 246 -0.51 11.42 -22.95
N LEU F 247 -0.82 12.21 -23.97
CA LEU F 247 -1.99 13.10 -23.93
C LEU F 247 -3.23 12.47 -23.30
N ARG F 248 -3.89 13.26 -22.46
CA ARG F 248 -5.08 12.82 -21.74
C ARG F 248 -6.25 12.79 -22.71
N MET F 249 -6.43 11.65 -23.35
CA MET F 249 -7.41 11.49 -24.41
C MET F 249 -8.83 11.51 -23.91
N HIS F 250 -9.01 11.07 -22.66
CA HIS F 250 -10.33 10.99 -22.03
C HIS F 250 -10.32 11.73 -20.69
N LYS F 251 -11.51 12.13 -20.24
CA LYS F 251 -11.62 12.91 -19.01
C LYS F 251 -11.72 12.00 -17.78
N LYS F 252 -12.08 10.74 -17.99
CA LYS F 252 -12.19 9.79 -16.88
C LYS F 252 -11.54 8.45 -17.23
N LYS F 253 -11.63 7.47 -16.32
CA LYS F 253 -11.02 6.16 -16.49
C LYS F 253 -11.17 5.63 -17.90
N VAL F 254 -10.05 5.27 -18.52
CA VAL F 254 -10.07 4.61 -19.84
C VAL F 254 -10.30 3.12 -19.65
N THR F 255 -11.55 2.68 -19.82
CA THR F 255 -11.91 1.30 -19.58
C THR F 255 -11.28 0.30 -20.56
N HIS F 256 -11.26 0.67 -21.84
CA HIS F 256 -10.87 -0.25 -22.88
C HIS F 256 -10.12 0.42 -24.03
N VAL F 257 -8.99 -0.17 -24.38
CA VAL F 257 -8.16 0.32 -25.47
C VAL F 257 -7.98 -0.82 -26.47
N ALA F 258 -8.18 -0.54 -27.75
CA ALA F 258 -8.06 -1.57 -28.76
C ALA F 258 -7.66 -0.97 -30.07
N LEU F 259 -6.52 -1.40 -30.62
CA LEU F 259 -6.10 -0.91 -31.92
C LEU F 259 -6.42 -1.92 -33.05
N ASN F 260 -6.88 -1.39 -34.16
CA ASN F 260 -7.44 -2.13 -35.31
C ASN F 260 -6.62 -3.28 -35.87
N PRO F 261 -7.23 -4.47 -35.99
CA PRO F 261 -6.53 -5.64 -36.49
C PRO F 261 -6.03 -5.48 -37.91
N CYS F 262 -6.71 -4.68 -38.73
CA CYS F 262 -6.39 -4.60 -40.17
C CYS F 262 -5.81 -3.29 -40.62
N CYS F 263 -5.65 -2.36 -39.68
CA CYS F 263 -5.14 -1.03 -39.99
C CYS F 263 -4.24 -0.49 -38.87
N ASP F 264 -2.96 -0.85 -38.95
CA ASP F 264 -1.99 -0.68 -37.86
C ASP F 264 -2.18 0.48 -36.90
N TRP F 265 -2.54 1.63 -37.47
CA TRP F 265 -2.52 2.90 -36.75
C TRP F 265 -3.91 3.45 -36.40
N PHE F 266 -4.88 2.57 -36.23
CA PHE F 266 -6.27 2.97 -36.11
C PHE F 266 -6.79 2.55 -34.74
N LEU F 267 -6.71 3.46 -33.77
CA LEU F 267 -6.96 3.15 -32.35
C LEU F 267 -8.35 3.52 -31.87
N ALA F 268 -9.02 2.59 -31.20
CA ALA F 268 -10.28 2.86 -30.52
C ALA F 268 -10.13 2.88 -29.00
N THR F 269 -10.59 3.95 -28.38
CA THR F 269 -10.48 4.10 -26.95
C THR F 269 -11.84 4.37 -26.37
N ALA F 270 -12.21 3.57 -25.38
CA ALA F 270 -13.48 3.72 -24.67
C ALA F 270 -13.23 4.12 -23.22
N SER F 271 -14.08 5.01 -22.70
CA SER F 271 -13.92 5.52 -21.33
C SER F 271 -15.22 5.70 -20.54
N VAL F 272 -15.05 5.84 -19.23
CA VAL F 272 -16.11 6.12 -18.27
C VAL F 272 -16.76 7.49 -18.59
N ASP F 273 -16.04 8.33 -19.32
CA ASP F 273 -16.53 9.65 -19.76
C ASP F 273 -17.67 9.53 -20.78
N GLN F 274 -18.18 8.31 -20.94
CA GLN F 274 -19.32 7.99 -21.76
C GLN F 274 -19.08 8.22 -23.24
N THR F 275 -17.81 8.19 -23.65
CA THR F 275 -17.46 8.25 -25.07
C THR F 275 -16.58 7.08 -25.52
N VAL F 276 -16.57 6.83 -26.83
CA VAL F 276 -15.57 5.99 -27.46
C VAL F 276 -14.90 6.86 -28.50
N LYS F 277 -13.59 6.90 -28.47
CA LYS F 277 -12.84 7.75 -29.36
C LYS F 277 -12.07 6.91 -30.37
N ILE F 278 -11.91 7.45 -31.56
CA ILE F 278 -11.18 6.77 -32.61
C ILE F 278 -10.05 7.67 -33.08
N TRP F 279 -8.85 7.12 -33.18
CA TRP F 279 -7.65 7.91 -33.38
C TRP F 279 -6.82 7.37 -34.52
N ASP F 280 -5.90 8.21 -35.00
CA ASP F 280 -4.88 7.79 -35.96
C ASP F 280 -3.54 8.10 -35.31
N LEU F 281 -2.74 7.10 -35.02
CA LEU F 281 -1.49 7.37 -34.30
C LEU F 281 -0.42 8.01 -35.17
N ARG F 282 -0.17 7.43 -36.34
CA ARG F 282 0.83 7.98 -37.25
C ARG F 282 0.52 9.40 -37.71
N GLN F 283 -0.76 9.74 -37.84
CA GLN F 283 -1.19 11.05 -38.38
C GLN F 283 -1.44 12.10 -37.31
N VAL F 284 -2.29 11.76 -36.35
CA VAL F 284 -2.70 12.71 -35.31
C VAL F 284 -2.13 12.34 -33.94
N ARG F 285 -0.82 12.58 -33.79
CA ARG F 285 -0.19 12.62 -32.49
C ARG F 285 -0.62 13.92 -31.82
N GLY F 286 -0.65 14.99 -32.63
CA GLY F 286 -0.95 16.37 -32.22
C GLY F 286 -2.08 16.57 -31.23
N LYS F 287 -1.69 16.52 -29.94
CA LYS F 287 -2.50 16.84 -28.74
C LYS F 287 -4.03 16.58 -28.77
N ALA F 288 -4.44 15.48 -28.14
CA ALA F 288 -5.87 15.14 -27.89
C ALA F 288 -6.91 15.62 -28.95
N SER F 289 -6.65 15.31 -30.23
CA SER F 289 -7.51 15.73 -31.34
C SER F 289 -7.76 14.61 -32.37
N PHE F 290 -8.35 13.52 -31.88
CA PHE F 290 -8.83 12.34 -32.60
C PHE F 290 -9.47 12.48 -33.99
N LEU F 291 -10.32 11.50 -34.32
CA LEU F 291 -11.00 11.37 -35.62
C LEU F 291 -12.51 11.26 -35.46
N TYR F 292 -12.96 10.50 -34.47
CA TYR F 292 -14.36 10.40 -34.13
C TYR F 292 -14.50 10.20 -32.64
N SER F 293 -15.59 10.70 -32.09
CA SER F 293 -15.94 10.45 -30.70
C SER F 293 -17.41 10.06 -30.66
N LEU F 294 -17.68 8.87 -30.11
CA LEU F 294 -19.03 8.34 -30.12
C LEU F 294 -19.67 8.52 -28.73
N PRO F 295 -20.82 9.23 -28.69
CA PRO F 295 -21.48 9.47 -27.40
C PRO F 295 -22.33 8.29 -26.96
N HIS F 296 -22.38 8.02 -25.66
CA HIS F 296 -23.17 6.89 -25.10
C HIS F 296 -24.11 7.27 -23.97
N ARG F 297 -25.21 6.52 -23.84
CA ARG F 297 -26.19 6.71 -22.77
C ARG F 297 -25.49 6.66 -21.41
N HIS F 298 -24.50 5.78 -21.25
CA HIS F 298 -23.80 5.66 -19.97
C HIS F 298 -22.29 5.52 -20.15
N PRO F 299 -21.54 5.19 -19.08
CA PRO F 299 -20.10 4.89 -19.20
C PRO F 299 -19.86 3.68 -20.11
N VAL F 300 -18.73 3.66 -20.81
CA VAL F 300 -18.49 2.55 -21.72
C VAL F 300 -17.56 1.51 -21.11
N ASN F 301 -18.02 0.26 -21.10
CA ASN F 301 -17.25 -0.82 -20.48
C ASN F 301 -16.20 -1.37 -21.41
N ALA F 302 -16.51 -1.40 -22.70
CA ALA F 302 -15.59 -1.94 -23.68
C ALA F 302 -16.00 -1.60 -25.10
N ALA F 303 -15.00 -1.39 -25.95
CA ALA F 303 -15.24 -1.16 -27.35
C ALA F 303 -14.16 -1.87 -28.11
N CYS F 304 -14.51 -3.00 -28.72
CA CYS F 304 -13.49 -3.75 -29.44
C CYS F 304 -13.87 -4.13 -30.88
N PHE F 305 -12.85 -4.13 -31.74
CA PHE F 305 -13.01 -4.32 -33.17
C PHE F 305 -13.40 -5.75 -33.56
N SER F 306 -14.14 -5.87 -34.65
CA SER F 306 -14.37 -7.16 -35.25
C SER F 306 -13.08 -7.61 -35.96
N PRO F 307 -12.84 -8.95 -36.01
CA PRO F 307 -11.69 -9.44 -36.80
C PRO F 307 -11.91 -8.95 -38.22
N ASP F 308 -10.92 -8.32 -38.82
CA ASP F 308 -11.07 -7.70 -40.15
C ASP F 308 -11.20 -6.20 -40.05
N GLY F 309 -11.42 -5.70 -38.83
CA GLY F 309 -11.29 -4.26 -38.58
C GLY F 309 -12.46 -3.36 -38.93
N ALA F 310 -13.32 -3.77 -39.86
CA ALA F 310 -14.57 -3.06 -40.06
C ALA F 310 -15.40 -3.37 -38.83
N ARG F 311 -16.27 -2.46 -38.43
CA ARG F 311 -17.15 -2.68 -37.26
C ARG F 311 -16.49 -2.74 -35.86
N LEU F 312 -17.12 -2.01 -34.95
CA LEU F 312 -16.64 -1.91 -33.61
C LEU F 312 -17.81 -2.27 -32.71
N LEU F 313 -17.48 -3.02 -31.65
CA LEU F 313 -18.49 -3.54 -30.73
C LEU F 313 -18.42 -2.80 -29.40
N THR F 314 -19.34 -1.85 -29.25
CA THR F 314 -19.46 -1.07 -28.04
C THR F 314 -20.39 -1.75 -27.03
N THR F 315 -19.86 -1.93 -25.81
CA THR F 315 -20.64 -2.41 -24.67
C THR F 315 -20.72 -1.35 -23.57
N ASP F 316 -21.89 -0.73 -23.38
CA ASP F 316 -22.00 0.31 -22.35
C ASP F 316 -22.18 -0.28 -20.95
N GLN F 317 -22.32 0.59 -19.96
CA GLN F 317 -22.33 0.15 -18.58
C GLN F 317 -23.69 -0.36 -18.08
N LYS F 318 -24.79 0.01 -18.73
CA LYS F 318 -26.11 -0.44 -18.25
C LYS F 318 -26.79 -1.52 -19.11
N SER F 319 -27.44 -1.14 -20.21
CA SER F 319 -28.14 -2.14 -21.03
C SER F 319 -28.16 -1.87 -22.53
N GLU F 320 -27.00 -1.47 -23.04
CA GLU F 320 -26.86 -1.17 -24.44
C GLU F 320 -25.52 -1.66 -25.04
N ILE F 321 -25.61 -2.46 -26.10
CA ILE F 321 -24.45 -2.84 -26.91
C ILE F 321 -24.65 -2.20 -28.29
N ARG F 322 -23.56 -1.73 -28.90
CA ARG F 322 -23.65 -1.10 -30.21
C ARG F 322 -22.64 -1.63 -31.21
N VAL F 323 -23.04 -1.67 -32.48
CA VAL F 323 -22.09 -1.93 -33.56
C VAL F 323 -21.88 -0.64 -34.35
N TYR F 324 -20.63 -0.33 -34.65
CA TYR F 324 -20.33 0.83 -35.42
C TYR F 324 -19.61 0.35 -36.64
N SER F 325 -20.09 0.69 -37.84
CA SER F 325 -19.49 0.24 -39.10
C SER F 325 -18.26 1.04 -39.51
N ALA F 326 -17.35 0.41 -40.22
CA ALA F 326 -16.18 1.12 -40.73
C ALA F 326 -16.51 2.19 -41.78
N SER F 327 -17.51 1.93 -42.61
CA SER F 327 -18.05 2.90 -43.58
C SER F 327 -18.78 4.09 -42.92
N GLN F 328 -18.99 3.99 -41.61
CA GLN F 328 -19.37 5.14 -40.81
C GLN F 328 -18.33 5.38 -39.73
N TRP F 329 -18.53 4.71 -38.58
CA TRP F 329 -17.76 4.90 -37.33
C TRP F 329 -18.46 5.91 -36.45
N ASP F 330 -18.93 6.99 -37.09
CA ASP F 330 -19.47 8.14 -36.39
C ASP F 330 -20.76 7.77 -35.72
N CYS F 331 -21.72 7.32 -36.51
CA CYS F 331 -22.99 6.87 -35.96
C CYS F 331 -23.05 5.34 -35.94
N PRO F 332 -23.88 4.79 -35.04
CA PRO F 332 -23.99 3.35 -34.86
C PRO F 332 -24.74 2.70 -36.01
N LEU F 333 -24.34 1.48 -36.31
CA LEU F 333 -25.06 0.65 -37.27
C LEU F 333 -26.38 0.18 -36.66
N GLY F 334 -26.32 -0.44 -35.51
CA GLY F 334 -27.53 -0.86 -34.83
C GLY F 334 -27.37 -0.59 -33.35
N LEU F 335 -28.40 -0.89 -32.58
CA LEU F 335 -28.23 -0.96 -31.14
C LEU F 335 -28.91 -2.24 -30.66
N ILE F 336 -28.16 -3.03 -29.88
CA ILE F 336 -28.71 -4.22 -29.27
C ILE F 336 -28.95 -3.89 -27.81
N PRO F 337 -30.22 -3.89 -27.39
CA PRO F 337 -30.54 -3.69 -25.98
C PRO F 337 -30.31 -4.99 -25.22
N HIS F 338 -29.55 -4.90 -24.13
CA HIS F 338 -29.10 -6.09 -23.40
C HIS F 338 -28.58 -5.81 -22.00
N PRO F 339 -29.26 -6.32 -20.96
CA PRO F 339 -28.89 -5.94 -19.59
C PRO F 339 -27.51 -6.45 -19.20
N HIS F 340 -26.71 -5.58 -18.58
CA HIS F 340 -25.42 -5.95 -18.04
C HIS F 340 -24.95 -5.08 -16.88
N ARG F 341 -25.65 -3.98 -16.63
CA ARG F 341 -25.57 -3.21 -15.37
C ARG F 341 -24.20 -3.11 -14.66
N HIS F 342 -24.13 -2.27 -13.64
CA HIS F 342 -22.95 -2.18 -12.79
C HIS F 342 -23.31 -2.79 -11.44
N PHE F 343 -22.43 -3.61 -10.88
CA PHE F 343 -22.63 -4.11 -9.53
C PHE F 343 -21.35 -3.92 -8.75
N GLN F 344 -21.39 -4.07 -7.42
CA GLN F 344 -20.20 -3.86 -6.61
C GLN F 344 -19.06 -4.86 -6.89
N HIS F 345 -19.15 -6.06 -6.32
CA HIS F 345 -18.09 -7.04 -6.54
C HIS F 345 -18.43 -7.87 -7.78
N LEU F 346 -18.63 -7.16 -8.91
CA LEU F 346 -18.83 -7.78 -10.22
C LEU F 346 -17.95 -7.12 -11.28
N THR F 347 -17.12 -7.91 -11.95
CA THR F 347 -16.28 -7.43 -13.05
C THR F 347 -17.19 -6.97 -14.18
N PRO F 348 -16.94 -5.75 -14.74
CA PRO F 348 -17.84 -5.21 -15.75
C PRO F 348 -18.01 -6.16 -16.94
N ILE F 349 -19.26 -6.42 -17.31
CA ILE F 349 -19.56 -7.23 -18.45
C ILE F 349 -19.02 -6.61 -19.74
N LYS F 350 -18.45 -7.45 -20.60
CA LYS F 350 -17.99 -7.00 -21.91
C LYS F 350 -18.49 -7.93 -23.02
N ALA F 351 -19.02 -7.34 -24.10
CA ALA F 351 -19.41 -8.07 -25.31
C ALA F 351 -18.18 -8.28 -26.23
N ALA F 352 -18.08 -9.44 -26.86
CA ALA F 352 -16.96 -9.71 -27.74
C ALA F 352 -17.40 -10.40 -29.02
N TRP F 353 -16.56 -10.31 -30.05
CA TRP F 353 -16.82 -10.96 -31.33
C TRP F 353 -16.40 -12.43 -31.32
N HIS F 354 -17.08 -13.23 -32.11
CA HIS F 354 -16.57 -14.56 -32.39
C HIS F 354 -15.49 -14.41 -33.44
N PRO F 355 -14.32 -15.04 -33.23
CA PRO F 355 -13.16 -14.78 -34.07
C PRO F 355 -13.37 -15.07 -35.56
N ARG F 356 -14.38 -15.89 -35.86
CA ARG F 356 -14.57 -16.37 -37.24
C ARG F 356 -15.89 -15.97 -37.87
N TYR F 357 -17.00 -16.39 -37.24
CA TYR F 357 -18.36 -16.10 -37.73
C TYR F 357 -18.82 -14.73 -37.26
N ASN F 358 -19.88 -14.21 -37.88
CA ASN F 358 -20.36 -12.89 -37.50
C ASN F 358 -21.29 -12.92 -36.25
N LEU F 359 -20.72 -13.13 -35.06
CA LEU F 359 -21.55 -13.26 -33.85
C LEU F 359 -21.05 -12.44 -32.64
N ILE F 360 -21.96 -12.18 -31.70
CA ILE F 360 -21.59 -11.48 -30.49
C ILE F 360 -21.90 -12.31 -29.21
N VAL F 361 -20.91 -12.42 -28.33
CA VAL F 361 -21.13 -13.04 -27.05
C VAL F 361 -21.20 -12.03 -25.92
N VAL F 362 -22.13 -12.26 -24.99
CA VAL F 362 -22.25 -11.47 -23.75
C VAL F 362 -22.89 -12.19 -22.59
N GLY F 363 -22.46 -11.80 -21.38
CA GLY F 363 -23.15 -12.26 -20.19
C GLY F 363 -24.41 -11.42 -19.95
N ARG F 364 -25.55 -12.08 -19.91
CA ARG F 364 -26.78 -11.40 -19.54
C ARG F 364 -26.82 -11.31 -18.01
N TYR F 365 -27.30 -10.17 -17.52
CA TYR F 365 -27.47 -9.92 -16.10
C TYR F 365 -28.88 -9.38 -15.84
N PRO F 366 -29.88 -10.29 -15.70
CA PRO F 366 -31.28 -9.92 -15.58
C PRO F 366 -31.49 -8.65 -14.75
N ASP F 367 -32.34 -7.76 -15.26
CA ASP F 367 -32.68 -6.53 -14.57
C ASP F 367 -34.18 -6.32 -14.61
N PRO F 368 -34.80 -6.28 -13.43
CA PRO F 368 -36.24 -6.06 -13.30
C PRO F 368 -36.72 -4.77 -13.94
N ASN F 369 -35.80 -3.87 -14.26
CA ASN F 369 -36.18 -2.59 -14.85
C ASN F 369 -35.96 -2.51 -16.35
N PHE F 370 -35.12 -3.40 -16.87
CA PHE F 370 -34.82 -3.48 -18.29
C PHE F 370 -36.01 -4.07 -19.01
N LYS F 371 -36.44 -3.42 -20.11
CA LYS F 371 -37.62 -3.87 -20.89
C LYS F 371 -37.35 -5.14 -21.67
N SER F 372 -37.61 -6.28 -21.01
CA SER F 372 -37.32 -7.60 -21.56
C SER F 372 -38.27 -7.91 -22.69
N CYS F 373 -37.69 -8.40 -23.77
CA CYS F 373 -38.46 -8.82 -24.91
C CYS F 373 -38.98 -10.24 -24.66
N THR F 374 -38.08 -11.08 -24.15
CA THR F 374 -38.38 -12.46 -23.76
C THR F 374 -39.04 -12.48 -22.39
N PRO F 375 -39.98 -13.42 -22.19
CA PRO F 375 -40.59 -13.52 -20.89
C PRO F 375 -39.66 -14.23 -19.88
N TYR F 376 -38.63 -14.91 -20.38
CA TYR F 376 -37.74 -15.68 -19.50
C TYR F 376 -36.34 -15.08 -19.45
N GLU F 377 -35.97 -14.58 -18.27
CA GLU F 377 -34.73 -13.81 -18.08
C GLU F 377 -33.81 -14.45 -17.06
N LEU F 378 -32.86 -15.25 -17.54
CA LEU F 378 -31.94 -15.95 -16.65
C LEU F 378 -30.54 -15.39 -16.76
N ARG F 379 -29.63 -15.90 -15.92
CA ARG F 379 -28.22 -15.53 -16.00
C ARG F 379 -27.54 -16.31 -17.13
N THR F 380 -28.00 -16.04 -18.35
CA THR F 380 -27.59 -16.78 -19.53
C THR F 380 -26.41 -16.10 -20.26
N ILE F 381 -25.64 -16.89 -21.01
CA ILE F 381 -24.65 -16.36 -21.95
C ILE F 381 -25.35 -16.13 -23.30
N ASP F 382 -25.44 -14.87 -23.71
CA ASP F 382 -26.21 -14.46 -24.88
C ASP F 382 -25.29 -14.47 -26.09
N VAL F 383 -25.82 -14.98 -27.20
CA VAL F 383 -25.13 -14.91 -28.50
C VAL F 383 -26.05 -14.22 -29.49
N PHE F 384 -25.65 -13.01 -29.90
CA PHE F 384 -26.42 -12.22 -30.87
C PHE F 384 -25.90 -12.39 -32.28
N ASP F 385 -26.79 -12.13 -33.25
CA ASP F 385 -26.42 -12.23 -34.66
C ASP F 385 -25.25 -11.35 -35.00
N GLY F 386 -25.47 -10.04 -35.06
CA GLY F 386 -24.36 -9.15 -35.38
C GLY F 386 -24.60 -8.39 -36.66
N ASN F 387 -25.55 -8.85 -37.47
CA ASN F 387 -26.11 -8.02 -38.52
C ASN F 387 -27.57 -7.76 -38.20
N SER F 388 -28.25 -8.80 -37.81
CA SER F 388 -29.63 -8.74 -37.42
C SER F 388 -29.68 -8.00 -36.12
N GLY F 389 -29.02 -8.55 -35.12
CA GLY F 389 -28.90 -7.88 -33.85
C GLY F 389 -29.75 -8.58 -32.83
N LYS F 390 -29.88 -9.88 -32.97
CA LYS F 390 -31.10 -10.52 -32.63
C LYS F 390 -30.66 -11.87 -32.40
N MET F 391 -31.31 -12.56 -31.52
CA MET F 391 -30.57 -13.27 -30.56
C MET F 391 -30.56 -14.63 -31.07
N MET F 392 -29.46 -15.32 -30.95
CA MET F 392 -29.19 -16.46 -31.79
C MET F 392 -29.17 -17.70 -30.95
N CYS F 393 -28.74 -17.51 -29.70
CA CYS F 393 -29.02 -18.47 -28.64
C CYS F 393 -28.39 -18.06 -27.32
N GLN F 394 -28.76 -18.85 -26.32
CA GLN F 394 -28.46 -18.62 -24.94
C GLN F 394 -27.66 -19.81 -24.49
N LEU F 395 -26.73 -19.59 -23.56
CA LEU F 395 -25.95 -20.67 -22.97
C LEU F 395 -26.14 -20.65 -21.47
N TYR F 396 -26.58 -21.76 -20.93
CA TYR F 396 -26.97 -21.77 -19.53
C TYR F 396 -26.84 -23.16 -18.96
N ASP F 397 -26.10 -23.24 -17.87
CA ASP F 397 -25.95 -24.47 -17.15
C ASP F 397 -26.46 -24.21 -15.75
N PRO F 398 -27.68 -24.65 -15.44
CA PRO F 398 -28.07 -24.55 -14.04
C PRO F 398 -27.05 -25.34 -13.25
N GLU F 399 -26.84 -24.96 -12.01
CA GLU F 399 -25.86 -25.62 -11.16
C GLU F 399 -24.44 -25.19 -11.49
N SER F 400 -24.29 -24.29 -12.46
CA SER F 400 -22.97 -23.76 -12.80
C SER F 400 -22.99 -22.29 -13.18
N SER F 401 -24.10 -21.84 -13.75
CA SER F 401 -24.22 -20.48 -14.24
C SER F 401 -24.47 -19.50 -13.09
N GLY F 402 -24.00 -18.28 -13.33
CA GLY F 402 -24.14 -17.10 -12.46
C GLY F 402 -23.83 -16.00 -13.45
N ILE F 403 -23.50 -14.80 -13.00
CA ILE F 403 -23.21 -13.74 -13.98
C ILE F 403 -21.83 -13.93 -14.62
N SER F 404 -21.84 -14.09 -15.93
CA SER F 404 -20.62 -14.29 -16.67
C SER F 404 -20.09 -12.95 -17.18
N SER F 405 -19.21 -12.31 -16.41
CA SER F 405 -18.62 -11.02 -16.83
C SER F 405 -18.03 -11.08 -18.22
N LEU F 406 -17.00 -11.92 -18.37
CA LEU F 406 -16.22 -12.03 -19.62
C LEU F 406 -16.50 -13.33 -20.38
N ASN F 407 -16.54 -13.25 -21.71
CA ASN F 407 -16.69 -14.45 -22.55
C ASN F 407 -15.94 -14.25 -23.83
N GLU F 408 -14.94 -15.08 -24.05
CA GLU F 408 -14.18 -15.01 -25.27
C GLU F 408 -14.15 -16.35 -25.97
N PHE F 409 -14.19 -16.34 -27.29
CA PHE F 409 -14.01 -17.57 -28.03
C PHE F 409 -12.53 -17.82 -28.30
N ASN F 410 -12.23 -19.06 -28.66
CA ASN F 410 -10.93 -19.48 -29.16
C ASN F 410 -10.35 -18.60 -30.25
N PRO F 411 -9.04 -18.77 -30.53
CA PRO F 411 -8.65 -18.41 -31.91
C PRO F 411 -9.59 -19.12 -32.90
N MET F 412 -9.79 -20.44 -32.75
CA MET F 412 -10.62 -21.23 -33.67
C MET F 412 -12.11 -21.03 -33.54
N GLY F 413 -12.54 -20.46 -32.42
CA GLY F 413 -13.97 -20.31 -32.14
C GLY F 413 -14.72 -21.64 -32.11
N ASP F 414 -14.16 -22.61 -31.42
CA ASP F 414 -14.83 -23.86 -31.22
C ASP F 414 -14.75 -24.20 -29.74
N THR F 415 -14.45 -23.21 -28.92
CA THR F 415 -14.41 -23.39 -27.48
C THR F 415 -14.70 -22.02 -26.87
N LEU F 416 -15.52 -21.99 -25.82
CA LEU F 416 -15.86 -20.71 -25.16
C LEU F 416 -15.31 -20.58 -23.73
N ALA F 417 -14.43 -19.62 -23.49
CA ALA F 417 -13.94 -19.40 -22.13
C ALA F 417 -14.80 -18.37 -21.43
N SER F 418 -15.27 -18.68 -20.22
CA SER F 418 -16.14 -17.75 -19.48
C SER F 418 -15.57 -17.39 -18.14
N ALA F 419 -15.26 -16.12 -17.95
CA ALA F 419 -14.98 -15.62 -16.62
C ALA F 419 -16.30 -15.39 -15.89
N MET F 420 -16.67 -16.34 -15.05
CA MET F 420 -17.93 -16.30 -14.37
C MET F 420 -17.71 -15.75 -12.99
N GLY F 421 -17.38 -14.46 -12.94
CA GLY F 421 -17.15 -13.75 -11.68
C GLY F 421 -15.95 -14.32 -10.94
N TYR F 422 -16.16 -15.43 -10.26
CA TYR F 422 -15.13 -16.08 -9.46
C TYR F 422 -14.53 -17.28 -10.19
N HIS F 423 -15.27 -17.81 -11.16
CA HIS F 423 -14.93 -19.07 -11.83
C HIS F 423 -14.48 -18.93 -13.28
N ILE F 424 -13.79 -19.94 -13.79
CA ILE F 424 -13.46 -19.98 -15.20
C ILE F 424 -14.11 -21.22 -15.80
N LEU F 425 -14.91 -20.98 -16.82
CA LEU F 425 -15.68 -22.03 -17.45
C LEU F 425 -15.25 -22.23 -18.91
N ILE F 426 -15.17 -23.51 -19.31
CA ILE F 426 -14.79 -23.85 -20.67
C ILE F 426 -15.91 -24.64 -21.33
N TRP F 427 -16.59 -23.98 -22.26
CA TRP F 427 -17.74 -24.55 -22.95
C TRP F 427 -17.28 -25.16 -24.26
N SER F 428 -17.64 -26.43 -24.44
CA SER F 428 -17.22 -27.17 -25.60
C SER F 428 -18.29 -28.14 -26.04
N GLN F 429 -18.28 -28.52 -27.30
CA GLN F 429 -19.24 -29.50 -27.79
C GLN F 429 -18.91 -30.91 -27.31
N GLU F 430 -19.93 -31.60 -26.79
CA GLU F 430 -19.83 -32.99 -26.34
C GLU F 430 -18.51 -33.67 -26.76
#